data_2MQB
#
_entry.id   2MQB
#
_entity_poly.entity_id   1
_entity_poly.type   'polypeptide(L)'
_entity_poly.pdbx_seq_one_letter_code
;GEEKMTNGQLWKKVKDSLIDSNIISGNENEEITVTYVNKTGYSSSVSAYGNNNDDFSSTPSNFSKLKEIDLKKDNVPSDD
FNTTVSGEDSWKTLTSKLKEKGLVTDGQTVTIHCNDKSDNTKSSVSGKVGADLTSGNGTTFKKRFIDKITID
;
_entity_poly.pdbx_strand_id   A
#
# COMPACT_ATOMS: atom_id res chain seq x y z
N GLY A 1 -18.30 9.09 15.39
CA GLY A 1 -17.04 9.03 14.66
C GLY A 1 -15.91 8.69 15.61
N GLU A 2 -15.46 7.43 15.57
CA GLU A 2 -14.44 6.87 16.44
C GLU A 2 -13.28 6.37 15.58
N GLU A 3 -12.94 7.14 14.55
CA GLU A 3 -11.80 6.95 13.67
C GLU A 3 -10.44 7.19 14.37
N LYS A 4 -10.25 6.62 15.55
CA LYS A 4 -9.00 6.62 16.29
C LYS A 4 -8.55 5.18 16.47
N MET A 5 -7.23 4.95 16.37
CA MET A 5 -6.64 3.61 16.34
C MET A 5 -5.13 3.70 16.58
N THR A 6 -4.51 2.55 16.88
CA THR A 6 -3.09 2.34 17.10
C THR A 6 -2.35 2.16 15.78
N ASN A 7 -1.02 1.95 15.82
CA ASN A 7 -0.24 1.39 14.71
C ASN A 7 -0.93 0.17 14.13
N GLY A 8 -1.10 -0.90 14.91
CA GLY A 8 -1.64 -2.16 14.42
C GLY A 8 -2.99 -1.99 13.75
N GLN A 9 -3.91 -1.34 14.47
CA GLN A 9 -5.27 -1.19 13.97
C GLN A 9 -5.32 -0.29 12.74
N LEU A 10 -4.48 0.75 12.61
CA LEU A 10 -4.31 1.54 11.42
C LEU A 10 -3.78 0.65 10.31
N TRP A 11 -2.60 0.07 10.49
CA TRP A 11 -1.87 -0.62 9.44
C TRP A 11 -2.75 -1.73 8.85
N LYS A 12 -3.54 -2.44 9.66
CA LYS A 12 -4.53 -3.42 9.19
C LYS A 12 -5.46 -2.85 8.13
N LYS A 13 -6.05 -1.68 8.38
CA LYS A 13 -6.92 -0.96 7.45
C LYS A 13 -6.16 -0.52 6.18
N VAL A 14 -4.83 -0.44 6.22
CA VAL A 14 -3.95 -0.15 5.10
C VAL A 14 -3.40 -1.46 4.49
N LYS A 15 -3.64 -2.62 5.10
CA LYS A 15 -3.26 -3.94 4.61
C LYS A 15 -4.40 -4.54 3.82
N ASP A 16 -5.60 -4.53 4.40
CA ASP A 16 -6.77 -5.26 3.89
C ASP A 16 -7.28 -4.69 2.55
N SER A 17 -6.88 -3.47 2.25
CA SER A 17 -6.98 -2.85 0.94
C SER A 17 -6.32 -3.72 -0.14
N LEU A 18 -5.05 -4.04 0.07
CA LEU A 18 -4.23 -4.83 -0.84
C LEU A 18 -4.69 -6.28 -0.93
N ILE A 19 -5.47 -6.76 0.04
CA ILE A 19 -6.12 -8.07 0.04
C ILE A 19 -7.28 -8.08 -0.97
N ASP A 20 -8.04 -6.98 -1.02
CA ASP A 20 -9.11 -6.81 -2.01
C ASP A 20 -8.47 -6.79 -3.40
N SER A 21 -7.43 -5.98 -3.56
CA SER A 21 -6.60 -5.97 -4.75
C SER A 21 -5.82 -7.28 -4.89
N ASN A 22 -5.09 -7.43 -6.00
CA ASN A 22 -4.34 -8.63 -6.34
C ASN A 22 -2.82 -8.43 -6.15
N ILE A 23 -2.44 -7.55 -5.23
CA ILE A 23 -1.06 -7.05 -5.10
C ILE A 23 -0.27 -7.92 -4.11
N ILE A 24 -0.91 -8.55 -3.14
CA ILE A 24 -0.27 -9.36 -2.12
C ILE A 24 -1.11 -10.63 -1.92
N SER A 25 -0.47 -11.71 -1.48
CA SER A 25 -1.15 -12.94 -1.09
C SER A 25 -1.80 -12.75 0.29
N GLY A 26 -1.08 -12.11 1.22
CA GLY A 26 -1.47 -12.08 2.62
C GLY A 26 -0.88 -13.28 3.37
N ASN A 27 0.29 -13.76 2.94
CA ASN A 27 1.01 -14.86 3.60
C ASN A 27 2.03 -14.29 4.58
N GLU A 28 2.70 -15.19 5.29
CA GLU A 28 3.82 -14.97 6.20
C GLU A 28 5.11 -14.65 5.44
N ASN A 29 5.05 -14.39 4.13
CA ASN A 29 6.21 -14.18 3.27
C ASN A 29 6.19 -12.81 2.59
N GLU A 30 5.37 -11.87 3.07
CA GLU A 30 5.31 -10.48 2.60
C GLU A 30 5.24 -9.60 3.84
N GLU A 31 5.96 -8.46 3.85
CA GLU A 31 6.00 -7.47 4.92
C GLU A 31 5.73 -6.10 4.29
N ILE A 32 5.10 -5.19 5.04
CA ILE A 32 4.84 -3.83 4.59
C ILE A 32 5.15 -2.90 5.75
N THR A 33 6.08 -1.98 5.53
CA THR A 33 6.45 -0.89 6.40
C THR A 33 5.67 0.35 5.98
N VAL A 34 4.55 0.68 6.62
CA VAL A 34 3.75 1.86 6.29
C VAL A 34 4.24 2.99 7.18
N THR A 35 4.69 4.10 6.60
CA THR A 35 4.98 5.29 7.37
C THR A 35 3.80 6.27 7.28
N TYR A 36 3.39 6.82 8.42
CA TYR A 36 2.34 7.84 8.49
C TYR A 36 2.76 8.96 9.44
N VAL A 37 1.97 10.04 9.51
CA VAL A 37 2.23 11.15 10.43
C VAL A 37 0.92 11.63 11.06
N ASN A 38 1.02 12.16 12.29
CA ASN A 38 -0.13 12.67 13.04
C ASN A 38 -0.31 14.17 12.81
N LYS A 39 -1.19 14.79 13.61
CA LYS A 39 -1.35 16.24 13.65
C LYS A 39 0.00 16.92 13.84
N THR A 40 0.77 16.40 14.79
CA THR A 40 2.11 16.85 15.11
C THR A 40 3.08 16.36 14.03
N GLY A 41 4.29 16.92 14.00
CA GLY A 41 5.27 16.61 12.96
C GLY A 41 6.00 15.28 13.18
N TYR A 42 5.38 14.27 13.80
CA TYR A 42 6.04 13.03 14.18
C TYR A 42 5.65 11.92 13.21
N SER A 43 6.58 11.52 12.35
CA SER A 43 6.41 10.34 11.53
C SER A 43 6.45 9.09 12.40
N SER A 44 5.96 7.97 11.86
CA SER A 44 5.97 6.66 12.52
C SER A 44 5.84 5.59 11.44
N SER A 45 6.86 4.74 11.27
CA SER A 45 6.75 3.53 10.46
C SER A 45 6.16 2.40 11.29
N VAL A 46 5.43 1.50 10.64
CA VAL A 46 4.90 0.28 11.23
C VAL A 46 5.06 -0.84 10.19
N SER A 47 5.78 -1.91 10.56
CA SER A 47 6.27 -2.97 9.67
C SER A 47 5.77 -4.32 10.15
N ALA A 48 4.99 -5.04 9.33
CA ALA A 48 4.30 -6.25 9.77
C ALA A 48 4.00 -7.13 8.56
N TYR A 49 3.70 -8.41 8.80
CA TYR A 49 3.63 -9.42 7.75
C TYR A 49 2.17 -9.75 7.43
N GLY A 50 1.95 -10.37 6.27
CA GLY A 50 0.61 -10.44 5.70
C GLY A 50 -0.25 -11.56 6.18
N ASN A 51 0.32 -12.57 6.84
CA ASN A 51 -0.49 -13.41 7.71
C ASN A 51 -0.94 -12.59 8.92
N ASN A 52 -2.10 -12.94 9.47
CA ASN A 52 -2.65 -12.50 10.76
C ASN A 52 -3.08 -11.02 10.77
N ASN A 53 -3.48 -10.48 11.92
CA ASN A 53 -3.55 -9.03 12.11
C ASN A 53 -2.22 -8.51 12.60
N ASP A 54 -2.16 -7.19 12.72
CA ASP A 54 -1.03 -6.52 13.36
C ASP A 54 -1.48 -5.88 14.66
N ASP A 55 -0.65 -6.05 15.68
CA ASP A 55 -0.75 -5.48 17.00
C ASP A 55 0.53 -5.82 17.75
N PHE A 56 1.51 -4.92 17.74
CA PHE A 56 2.80 -5.08 18.42
C PHE A 56 3.30 -3.76 19.02
N SER A 57 2.40 -2.78 19.17
CA SER A 57 2.71 -1.41 19.56
C SER A 57 1.50 -0.84 20.30
N SER A 58 1.71 0.01 21.31
CA SER A 58 0.64 0.74 21.99
C SER A 58 0.81 2.25 21.73
N THR A 59 0.80 2.62 20.46
CA THR A 59 1.06 3.95 19.91
C THR A 59 -0.19 4.85 20.00
N PRO A 60 -0.02 6.19 20.00
CA PRO A 60 -1.13 7.12 20.15
C PRO A 60 -1.99 7.18 18.89
N SER A 61 -3.17 7.79 19.01
CA SER A 61 -4.20 7.86 17.99
C SER A 61 -4.43 9.32 17.61
N ASN A 62 -3.34 10.03 17.34
CA ASN A 62 -3.36 11.38 16.79
C ASN A 62 -3.37 11.34 15.26
N PHE A 63 -3.69 10.20 14.60
CA PHE A 63 -3.59 10.08 13.14
C PHE A 63 -4.22 11.29 12.44
N SER A 64 -3.57 11.75 11.38
CA SER A 64 -4.09 12.83 10.55
C SER A 64 -3.67 12.69 9.09
N LYS A 65 -2.50 12.12 8.79
CA LYS A 65 -1.88 12.20 7.48
C LYS A 65 -1.07 10.95 7.21
N LEU A 66 -0.58 10.83 5.98
CA LEU A 66 0.19 9.70 5.51
C LEU A 66 1.59 10.16 5.16
N LYS A 67 2.46 9.17 4.96
CA LYS A 67 3.80 9.28 4.41
C LYS A 67 3.98 8.03 3.54
N GLU A 68 5.19 7.76 3.07
CA GLU A 68 5.48 6.66 2.16
C GLU A 68 5.19 5.26 2.74
N ILE A 69 5.45 4.24 1.92
CA ILE A 69 5.32 2.83 2.27
C ILE A 69 6.54 2.15 1.66
N ASP A 70 7.11 1.23 2.39
CA ASP A 70 8.12 0.32 1.91
C ASP A 70 7.47 -1.06 1.94
N LEU A 71 7.72 -1.82 0.87
CA LEU A 71 7.03 -3.05 0.54
C LEU A 71 8.09 -4.14 0.34
N LYS A 72 7.81 -5.36 0.79
CA LYS A 72 8.70 -6.52 0.67
C LYS A 72 7.88 -7.79 0.44
N LYS A 73 8.35 -8.65 -0.45
CA LYS A 73 7.74 -9.92 -0.80
C LYS A 73 8.86 -10.93 -1.00
N ASP A 74 8.70 -12.14 -0.48
CA ASP A 74 9.57 -13.28 -0.73
C ASP A 74 9.29 -13.93 -2.09
N ASN A 75 9.93 -15.07 -2.33
CA ASN A 75 9.73 -15.94 -3.47
C ASN A 75 8.44 -16.70 -3.28
N VAL A 76 7.37 -16.21 -3.90
CA VAL A 76 6.02 -16.65 -3.64
C VAL A 76 5.80 -18.07 -4.21
N PRO A 77 4.97 -18.89 -3.54
CA PRO A 77 4.56 -20.23 -3.95
C PRO A 77 3.49 -20.18 -5.05
N SER A 78 3.11 -21.36 -5.54
CA SER A 78 2.31 -21.57 -6.75
C SER A 78 1.04 -20.71 -6.82
N ASP A 79 0.38 -20.48 -5.68
CA ASP A 79 -0.94 -19.86 -5.59
C ASP A 79 -1.01 -18.55 -6.33
N ASP A 80 0.05 -17.76 -6.17
CA ASP A 80 0.10 -16.35 -6.53
C ASP A 80 1.39 -16.06 -7.32
N PHE A 81 2.06 -17.12 -7.75
CA PHE A 81 3.35 -17.15 -8.43
C PHE A 81 3.29 -16.51 -9.81
N ASN A 82 2.14 -16.63 -10.48
CA ASN A 82 1.91 -16.11 -11.82
C ASN A 82 1.36 -14.70 -11.76
N THR A 83 1.06 -14.19 -10.56
CA THR A 83 0.26 -13.00 -10.41
C THR A 83 0.99 -11.77 -10.93
N THR A 84 0.26 -11.01 -11.73
CA THR A 84 0.65 -9.71 -12.22
C THR A 84 -0.54 -8.78 -11.99
N VAL A 85 -0.33 -7.49 -12.16
CA VAL A 85 -1.35 -6.49 -11.87
C VAL A 85 -1.31 -5.42 -12.95
N SER A 86 -2.48 -5.03 -13.45
CA SER A 86 -2.66 -4.16 -14.59
C SER A 86 -2.47 -2.69 -14.24
N GLY A 87 -1.40 -2.38 -13.48
CA GLY A 87 -0.77 -1.11 -13.13
C GLY A 87 -1.71 -0.10 -12.50
N GLU A 88 -2.60 0.42 -13.33
CA GLU A 88 -3.80 1.14 -12.97
C GLU A 88 -4.53 0.34 -11.90
N ASP A 89 -4.86 -0.92 -12.20
CA ASP A 89 -5.58 -1.84 -11.32
C ASP A 89 -4.94 -1.88 -9.92
N SER A 90 -3.61 -1.91 -9.88
CA SER A 90 -2.85 -1.97 -8.63
C SER A 90 -2.72 -0.62 -7.89
N TRP A 91 -3.34 0.43 -8.40
CA TRP A 91 -3.57 1.71 -7.74
C TRP A 91 -5.06 1.86 -7.41
N LYS A 92 -5.95 1.36 -8.27
CA LYS A 92 -7.40 1.46 -8.20
C LYS A 92 -7.94 0.87 -6.89
N THR A 93 -7.98 -0.46 -6.73
CA THR A 93 -8.61 -1.09 -5.58
C THR A 93 -8.00 -0.57 -4.28
N LEU A 94 -6.67 -0.46 -4.24
CA LEU A 94 -5.87 0.08 -3.15
C LEU A 94 -6.45 1.40 -2.70
N THR A 95 -6.49 2.41 -3.58
CA THR A 95 -7.01 3.71 -3.21
C THR A 95 -8.50 3.63 -2.86
N SER A 96 -9.27 2.84 -3.61
CA SER A 96 -10.71 2.60 -3.44
C SER A 96 -11.04 1.92 -2.11
N LYS A 97 -10.05 1.39 -1.38
CA LYS A 97 -10.25 0.75 -0.09
C LYS A 97 -9.84 1.62 1.09
N LEU A 98 -9.12 2.73 0.88
CA LEU A 98 -8.53 3.51 1.98
C LEU A 98 -9.45 4.63 2.48
N LYS A 99 -10.16 5.34 1.59
CA LYS A 99 -11.05 6.42 1.98
C LYS A 99 -12.20 5.84 2.83
N GLU A 100 -12.55 4.57 2.66
CA GLU A 100 -13.49 3.83 3.49
C GLU A 100 -13.22 4.02 4.98
N LYS A 101 -11.95 4.12 5.36
CA LYS A 101 -11.50 4.25 6.74
C LYS A 101 -10.91 5.63 6.98
N GLY A 102 -11.12 6.57 6.05
CA GLY A 102 -10.61 7.94 6.08
C GLY A 102 -9.08 8.00 6.07
N LEU A 103 -8.43 7.05 5.38
CA LEU A 103 -6.98 6.88 5.36
C LEU A 103 -6.37 7.36 4.03
N VAL A 104 -7.07 8.25 3.32
CA VAL A 104 -6.50 9.20 2.37
C VAL A 104 -7.27 10.51 2.48
N THR A 105 -6.68 11.60 1.99
CA THR A 105 -7.33 12.91 1.89
C THR A 105 -7.58 13.24 0.41
N ASP A 106 -8.56 14.11 0.17
CA ASP A 106 -9.26 14.25 -1.11
C ASP A 106 -8.44 15.08 -2.11
N GLY A 107 -7.43 14.45 -2.64
CA GLY A 107 -6.49 14.97 -3.63
C GLY A 107 -5.06 14.47 -3.47
N GLN A 108 -4.76 13.56 -2.53
CA GLN A 108 -3.41 13.03 -2.39
C GLN A 108 -2.97 12.33 -3.68
N THR A 109 -1.70 12.52 -4.01
CA THR A 109 -1.02 11.95 -5.16
C THR A 109 -0.25 10.72 -4.66
N VAL A 110 -0.88 9.55 -4.68
CA VAL A 110 -0.30 8.24 -4.35
C VAL A 110 0.45 7.69 -5.57
N THR A 111 1.77 7.52 -5.48
CA THR A 111 2.62 7.12 -6.61
C THR A 111 3.22 5.73 -6.36
N ILE A 112 3.13 4.81 -7.33
CA ILE A 112 3.50 3.40 -7.17
C ILE A 112 4.54 3.07 -8.24
N HIS A 113 5.73 2.61 -7.88
CA HIS A 113 6.72 2.17 -8.87
C HIS A 113 6.56 0.67 -9.12
N CYS A 114 7.18 0.17 -10.19
CA CYS A 114 7.48 -1.23 -10.42
C CYS A 114 8.96 -1.34 -10.78
N ASN A 115 9.63 -2.39 -10.29
CA ASN A 115 11.09 -2.48 -10.28
C ASN A 115 11.52 -3.75 -11.03
N ASP A 116 10.94 -4.04 -12.20
CA ASP A 116 10.98 -5.38 -12.76
C ASP A 116 12.41 -5.74 -13.09
N LYS A 117 12.92 -6.83 -12.52
CA LYS A 117 14.29 -7.30 -12.74
C LYS A 117 14.21 -8.60 -13.53
N SER A 118 13.64 -8.51 -14.73
CA SER A 118 13.49 -9.64 -15.64
C SER A 118 14.08 -9.24 -16.98
N ASP A 119 13.55 -8.19 -17.61
CA ASP A 119 13.81 -7.85 -19.01
C ASP A 119 14.21 -6.38 -19.14
N ASN A 120 14.70 -5.81 -18.03
CA ASN A 120 15.21 -4.48 -17.86
C ASN A 120 14.10 -3.47 -18.09
N THR A 121 13.11 -3.45 -17.20
CA THR A 121 11.95 -2.57 -17.28
C THR A 121 11.61 -2.06 -15.88
N LYS A 122 11.28 -0.78 -15.73
CA LYS A 122 10.74 -0.19 -14.51
C LYS A 122 9.77 0.90 -14.95
N SER A 123 8.82 1.28 -14.10
CA SER A 123 7.87 2.35 -14.38
C SER A 123 7.30 2.88 -13.06
N SER A 124 6.29 3.74 -13.15
CA SER A 124 5.45 4.15 -12.05
C SER A 124 4.02 4.43 -12.53
N VAL A 125 3.03 4.53 -11.62
CA VAL A 125 1.71 5.06 -11.95
C VAL A 125 1.36 6.14 -10.92
N SER A 126 0.51 7.09 -11.32
CA SER A 126 0.07 8.16 -10.42
C SER A 126 -1.21 8.87 -10.90
N GLY A 127 -1.98 9.33 -9.91
CA GLY A 127 -3.31 9.92 -10.04
C GLY A 127 -3.58 10.96 -8.93
N LYS A 128 -4.85 11.20 -8.58
CA LYS A 128 -5.32 11.81 -7.34
C LYS A 128 -6.44 10.96 -6.77
N VAL A 129 -6.69 11.09 -5.47
CA VAL A 129 -7.85 10.53 -4.82
C VAL A 129 -9.13 11.07 -5.46
N GLY A 130 -9.79 10.21 -6.23
CA GLY A 130 -11.09 10.41 -6.83
C GLY A 130 -11.05 10.40 -8.34
N ALA A 131 -9.94 10.82 -8.94
CA ALA A 131 -9.82 10.85 -10.39
C ALA A 131 -9.36 9.50 -10.92
N ASP A 132 -9.21 9.38 -12.23
CA ASP A 132 -8.43 8.32 -12.84
C ASP A 132 -7.04 8.81 -13.19
N LEU A 133 -6.20 7.90 -13.65
CA LEU A 133 -4.74 8.07 -13.63
C LEU A 133 -4.31 8.94 -14.79
N THR A 134 -3.68 10.08 -14.51
CA THR A 134 -3.10 10.94 -15.53
C THR A 134 -1.66 10.50 -15.89
N SER A 135 -1.09 9.54 -15.15
CA SER A 135 0.23 8.98 -15.39
C SER A 135 0.15 7.48 -15.09
N GLY A 136 0.67 6.64 -15.97
CA GLY A 136 0.90 5.23 -15.68
C GLY A 136 0.02 4.24 -16.42
N ASN A 137 -1.27 4.55 -16.60
CA ASN A 137 -2.27 3.54 -16.96
C ASN A 137 -2.05 2.88 -18.33
N GLY A 138 -2.82 1.82 -18.61
CA GLY A 138 -2.82 1.14 -19.90
C GLY A 138 -1.75 0.06 -20.01
N THR A 139 -1.13 -0.32 -18.88
CA THR A 139 0.07 -1.16 -18.83
C THR A 139 -0.10 -2.20 -17.69
N THR A 140 0.77 -3.21 -17.59
CA THR A 140 0.72 -4.23 -16.55
C THR A 140 2.13 -4.57 -16.07
N PHE A 141 2.27 -4.94 -14.80
CA PHE A 141 3.55 -5.16 -14.10
C PHE A 141 3.43 -6.39 -13.21
N LYS A 142 4.55 -7.05 -12.85
CA LYS A 142 4.43 -8.24 -12.02
C LYS A 142 4.37 -7.90 -10.54
N LYS A 143 3.56 -8.70 -9.84
CA LYS A 143 3.34 -8.64 -8.40
C LYS A 143 4.66 -8.63 -7.65
N ARG A 144 5.52 -9.63 -7.90
CA ARG A 144 6.76 -9.77 -7.14
C ARG A 144 7.70 -8.57 -7.25
N PHE A 145 7.61 -7.74 -8.29
CA PHE A 145 8.55 -6.63 -8.52
C PHE A 145 8.02 -5.25 -8.11
N ILE A 146 6.78 -5.12 -7.63
CA ILE A 146 6.28 -3.85 -7.10
C ILE A 146 6.80 -3.74 -5.68
N ASP A 147 7.81 -2.91 -5.44
CA ASP A 147 8.35 -2.62 -4.11
C ASP A 147 8.95 -1.21 -4.05
N LYS A 148 8.07 -0.20 -4.04
CA LYS A 148 8.33 1.22 -3.68
C LYS A 148 7.08 2.06 -3.94
N ILE A 149 6.53 2.67 -2.90
CA ILE A 149 5.32 3.50 -2.98
C ILE A 149 5.59 4.76 -2.16
N THR A 150 5.31 5.93 -2.71
CA THR A 150 5.42 7.20 -2.01
C THR A 150 4.11 7.96 -2.21
N ILE A 151 3.89 8.99 -1.43
CA ILE A 151 2.81 9.93 -1.63
C ILE A 151 3.46 11.31 -1.74
N ASP A 152 2.85 12.19 -2.54
CA ASP A 152 3.19 13.61 -2.62
C ASP A 152 2.90 14.26 -1.28
N GLY A 1 -17.50 5.02 24.18
CA GLY A 1 -16.19 4.63 24.73
C GLY A 1 -15.13 5.59 24.24
N GLU A 2 -13.90 5.11 24.11
CA GLU A 2 -12.75 5.80 23.55
C GLU A 2 -12.20 4.92 22.43
N GLU A 3 -13.03 4.58 21.44
CA GLU A 3 -12.55 3.93 20.23
C GLU A 3 -11.70 4.94 19.47
N LYS A 4 -10.38 4.84 19.61
CA LYS A 4 -9.41 5.48 18.74
C LYS A 4 -8.57 4.42 18.05
N MET A 5 -7.84 4.87 17.02
CA MET A 5 -6.98 4.03 16.23
C MET A 5 -5.55 4.09 16.73
N THR A 6 -4.86 2.96 16.63
CA THR A 6 -3.46 2.73 16.94
C THR A 6 -2.70 2.38 15.66
N ASN A 7 -1.39 2.17 15.76
CA ASN A 7 -0.53 1.68 14.69
C ASN A 7 -1.08 0.40 14.08
N GLY A 8 -1.29 -0.63 14.91
CA GLY A 8 -1.80 -1.91 14.47
C GLY A 8 -3.12 -1.75 13.71
N GLN A 9 -4.04 -0.91 14.22
CA GLN A 9 -5.30 -0.63 13.56
C GLN A 9 -5.08 0.02 12.18
N LEU A 10 -4.29 1.10 12.10
CA LEU A 10 -4.05 1.83 10.87
C LEU A 10 -3.41 0.92 9.82
N TRP A 11 -2.33 0.24 10.20
CA TRP A 11 -1.62 -0.66 9.33
C TRP A 11 -2.59 -1.69 8.74
N LYS A 12 -3.44 -2.34 9.53
CA LYS A 12 -4.38 -3.32 9.00
C LYS A 12 -5.46 -2.65 8.13
N LYS A 13 -5.91 -1.46 8.49
CA LYS A 13 -6.77 -0.61 7.64
C LYS A 13 -6.07 -0.12 6.36
N VAL A 14 -4.79 -0.41 6.16
CA VAL A 14 -4.11 -0.31 4.87
C VAL A 14 -3.90 -1.70 4.26
N LYS A 15 -3.61 -2.73 5.07
CA LYS A 15 -3.17 -4.04 4.55
C LYS A 15 -4.30 -4.65 3.72
N ASP A 16 -5.52 -4.50 4.21
CA ASP A 16 -6.75 -5.05 3.64
C ASP A 16 -7.08 -4.41 2.28
N SER A 17 -6.38 -3.35 1.88
CA SER A 17 -6.48 -2.78 0.55
C SER A 17 -5.92 -3.78 -0.45
N LEU A 18 -4.64 -4.14 -0.30
CA LEU A 18 -3.89 -4.97 -1.23
C LEU A 18 -4.37 -6.42 -1.25
N ILE A 19 -5.17 -6.82 -0.26
CA ILE A 19 -5.92 -8.08 -0.26
C ILE A 19 -6.79 -8.16 -1.52
N ASP A 20 -7.45 -7.07 -1.90
CA ASP A 20 -8.49 -7.15 -2.92
C ASP A 20 -7.91 -7.44 -4.30
N SER A 21 -6.70 -6.94 -4.54
CA SER A 21 -6.02 -7.00 -5.81
C SER A 21 -4.95 -8.12 -5.78
N ASN A 22 -4.31 -8.31 -6.92
CA ASN A 22 -3.24 -9.27 -7.16
C ASN A 22 -1.88 -8.61 -6.90
N ILE A 23 -1.68 -8.12 -5.67
CA ILE A 23 -0.49 -7.35 -5.30
C ILE A 23 0.25 -8.07 -4.17
N ILE A 24 -0.45 -8.73 -3.24
CA ILE A 24 0.12 -9.53 -2.16
C ILE A 24 -0.69 -10.82 -2.05
N SER A 25 -0.08 -11.90 -1.55
CA SER A 25 -0.73 -13.14 -1.15
C SER A 25 -1.25 -13.08 0.29
N GLY A 26 -0.73 -12.18 1.14
CA GLY A 26 -1.19 -12.05 2.52
C GLY A 26 -0.82 -13.25 3.39
N ASN A 27 0.34 -13.87 3.13
CA ASN A 27 0.85 -15.01 3.90
C ASN A 27 1.94 -14.54 4.86
N GLU A 28 2.50 -15.47 5.64
CA GLU A 28 3.50 -15.21 6.69
C GLU A 28 4.89 -14.89 6.13
N ASN A 29 4.99 -14.61 4.83
CA ASN A 29 6.24 -14.40 4.13
C ASN A 29 6.23 -13.12 3.30
N GLU A 30 5.21 -12.27 3.45
CA GLU A 30 5.19 -10.90 2.94
C GLU A 30 5.10 -9.99 4.16
N GLU A 31 5.80 -8.87 4.15
CA GLU A 31 5.81 -7.85 5.22
C GLU A 31 5.49 -6.50 4.57
N ILE A 32 4.91 -5.58 5.34
CA ILE A 32 4.34 -4.35 4.85
C ILE A 32 4.72 -3.27 5.85
N THR A 33 5.38 -2.22 5.38
CA THR A 33 5.93 -1.15 6.20
C THR A 33 5.22 0.16 5.85
N VAL A 34 4.23 0.56 6.66
CA VAL A 34 3.37 1.72 6.42
C VAL A 34 3.90 2.90 7.22
N THR A 35 4.48 3.90 6.57
CA THR A 35 4.80 5.17 7.21
C THR A 35 3.54 6.06 7.19
N TYR A 36 3.34 6.87 8.23
CA TYR A 36 2.29 7.89 8.30
C TYR A 36 2.77 9.06 9.17
N VAL A 37 1.97 10.11 9.31
CA VAL A 37 2.34 11.38 9.93
C VAL A 37 1.27 11.80 10.96
N ASN A 38 1.71 12.34 12.09
CA ASN A 38 0.87 12.83 13.18
C ASN A 38 0.64 14.34 13.07
N LYS A 39 -0.26 14.93 13.87
CA LYS A 39 -0.59 16.37 13.83
C LYS A 39 0.60 17.24 14.22
N THR A 40 1.58 16.66 14.91
CA THR A 40 2.86 17.23 15.27
C THR A 40 3.80 17.37 14.08
N GLY A 41 3.51 16.72 12.95
CA GLY A 41 4.44 16.61 11.85
C GLY A 41 5.45 15.47 12.04
N TYR A 42 5.40 14.72 13.14
CA TYR A 42 6.28 13.57 13.32
C TYR A 42 5.70 12.38 12.57
N SER A 43 6.56 11.50 12.06
CA SER A 43 6.15 10.25 11.41
C SER A 43 6.71 9.04 12.14
N SER A 44 6.15 7.87 11.87
CA SER A 44 6.61 6.54 12.30
C SER A 44 6.20 5.54 11.22
N SER A 45 6.77 4.33 11.21
CA SER A 45 6.45 3.26 10.29
C SER A 45 5.98 2.04 11.08
N VAL A 46 4.73 1.61 10.87
CA VAL A 46 4.29 0.33 11.40
C VAL A 46 4.92 -0.74 10.49
N SER A 47 5.23 -1.91 11.04
CA SER A 47 5.56 -3.10 10.27
C SER A 47 4.66 -4.23 10.74
N ALA A 48 4.48 -5.27 9.91
CA ALA A 48 3.82 -6.53 10.24
C ALA A 48 3.74 -7.36 8.96
N TYR A 49 3.39 -8.63 9.11
CA TYR A 49 3.40 -9.61 8.05
C TYR A 49 1.99 -9.70 7.49
N GLY A 50 1.86 -9.96 6.19
CA GLY A 50 0.59 -9.91 5.50
C GLY A 50 -0.39 -10.98 5.97
N ASN A 51 0.08 -11.99 6.71
CA ASN A 51 -0.73 -12.94 7.45
C ASN A 51 -1.50 -12.22 8.57
N ASN A 52 -2.83 -12.30 8.51
CA ASN A 52 -3.74 -11.90 9.59
C ASN A 52 -3.66 -10.41 9.95
N ASN A 53 -4.01 -10.07 11.20
CA ASN A 53 -3.70 -8.80 11.82
C ASN A 53 -2.47 -8.94 12.73
N ASP A 54 -2.08 -7.80 13.26
CA ASP A 54 -1.14 -7.67 14.37
C ASP A 54 -1.42 -6.37 15.13
N ASP A 55 -0.91 -6.25 16.36
CA ASP A 55 -0.91 -5.06 17.18
C ASP A 55 0.20 -5.18 18.22
N PHE A 56 1.19 -4.28 18.17
CA PHE A 56 2.35 -4.30 19.07
C PHE A 56 2.90 -2.89 19.35
N SER A 57 2.11 -1.83 19.15
CA SER A 57 2.58 -0.44 19.26
C SER A 57 1.63 0.37 20.15
N SER A 58 2.18 1.41 20.79
CA SER A 58 1.57 2.29 21.77
C SER A 58 1.55 3.75 21.27
N THR A 59 1.62 3.94 19.96
CA THR A 59 1.66 5.22 19.26
C THR A 59 0.41 6.06 19.58
N PRO A 60 0.52 7.40 19.51
CA PRO A 60 -0.60 8.29 19.74
C PRO A 60 -1.51 8.27 18.50
N SER A 61 -2.80 8.53 18.70
CA SER A 61 -3.84 8.55 17.70
C SER A 61 -3.83 9.90 16.96
N ASN A 62 -2.68 10.57 16.94
CA ASN A 62 -2.47 11.90 16.41
C ASN A 62 -2.47 11.92 14.88
N PHE A 63 -2.85 10.82 14.21
CA PHE A 63 -2.83 10.73 12.74
C PHE A 63 -3.41 12.00 12.11
N SER A 64 -2.74 12.49 11.06
CA SER A 64 -3.22 13.60 10.27
C SER A 64 -2.87 13.32 8.81
N LYS A 65 -1.58 13.29 8.48
CA LYS A 65 -1.15 12.99 7.12
C LYS A 65 -0.78 11.52 7.01
N LEU A 66 -0.78 11.04 5.78
CA LEU A 66 -0.22 9.76 5.40
C LEU A 66 1.23 10.03 5.00
N LYS A 67 1.99 8.95 4.84
CA LYS A 67 3.23 9.00 4.10
C LYS A 67 3.33 7.74 3.23
N GLU A 68 4.51 7.55 2.65
CA GLU A 68 4.88 6.45 1.79
C GLU A 68 4.72 5.08 2.47
N ILE A 69 4.85 4.02 1.68
CA ILE A 69 4.78 2.64 2.11
C ILE A 69 5.96 1.93 1.44
N ASP A 70 6.50 0.92 2.11
CA ASP A 70 7.60 0.08 1.65
C ASP A 70 7.10 -1.35 1.80
N LEU A 71 7.11 -2.12 0.70
CA LEU A 71 6.55 -3.47 0.63
C LEU A 71 7.69 -4.47 0.56
N LYS A 72 7.45 -5.69 1.07
CA LYS A 72 8.41 -6.79 1.04
C LYS A 72 7.71 -8.06 0.59
N LYS A 73 8.48 -9.08 0.20
CA LYS A 73 7.92 -10.40 -0.09
C LYS A 73 9.02 -11.45 -0.01
N ASP A 74 8.60 -12.69 -0.12
CA ASP A 74 9.43 -13.85 -0.36
C ASP A 74 8.93 -14.52 -1.64
N ASN A 75 9.52 -15.65 -2.00
CA ASN A 75 9.00 -16.49 -3.06
C ASN A 75 7.80 -17.25 -2.53
N VAL A 76 6.71 -17.15 -3.28
CA VAL A 76 5.40 -17.72 -2.98
C VAL A 76 5.17 -18.97 -3.84
N PRO A 77 4.24 -19.86 -3.47
CA PRO A 77 3.97 -21.09 -4.21
C PRO A 77 3.15 -20.81 -5.46
N SER A 78 2.84 -21.86 -6.23
CA SER A 78 2.28 -21.81 -7.57
C SER A 78 0.98 -21.02 -7.69
N ASP A 79 0.24 -20.84 -6.59
CA ASP A 79 -0.99 -20.05 -6.52
C ASP A 79 -0.74 -18.68 -7.12
N ASP A 80 0.37 -18.06 -6.74
CA ASP A 80 0.59 -16.62 -6.95
C ASP A 80 2.01 -16.34 -7.49
N PHE A 81 2.74 -17.40 -7.81
CA PHE A 81 4.12 -17.37 -8.25
C PHE A 81 4.30 -16.57 -9.55
N ASN A 82 3.29 -16.55 -10.42
CA ASN A 82 3.36 -15.97 -11.75
C ASN A 82 2.41 -14.78 -11.93
N THR A 83 1.75 -14.35 -10.85
CA THR A 83 0.74 -13.30 -10.89
C THR A 83 1.29 -11.95 -11.35
N THR A 84 0.56 -11.29 -12.25
CA THR A 84 0.81 -9.95 -12.77
C THR A 84 -0.51 -9.18 -12.85
N VAL A 85 -0.46 -7.86 -13.02
CA VAL A 85 -1.60 -6.96 -13.12
C VAL A 85 -1.33 -5.87 -14.15
N SER A 86 -2.39 -5.22 -14.64
CA SER A 86 -2.29 -3.89 -15.21
C SER A 86 -1.87 -2.93 -14.10
N GLY A 87 -0.94 -2.01 -14.39
CA GLY A 87 -0.50 -0.97 -13.48
C GLY A 87 -1.64 -0.02 -13.13
N GLU A 88 -2.56 0.18 -14.08
CA GLU A 88 -3.78 0.96 -13.89
C GLU A 88 -4.63 0.29 -12.81
N ASP A 89 -4.97 -0.98 -13.02
CA ASP A 89 -5.88 -1.74 -12.17
C ASP A 89 -5.35 -1.87 -10.75
N SER A 90 -4.05 -2.08 -10.62
CA SER A 90 -3.38 -2.22 -9.32
C SER A 90 -3.30 -0.88 -8.55
N TRP A 91 -3.51 0.25 -9.22
CA TRP A 91 -3.70 1.56 -8.60
C TRP A 91 -5.19 1.75 -8.27
N LYS A 92 -6.09 1.43 -9.20
CA LYS A 92 -7.54 1.56 -9.05
C LYS A 92 -8.03 0.82 -7.81
N THR A 93 -7.74 -0.45 -7.64
CA THR A 93 -8.28 -1.23 -6.53
C THR A 93 -7.73 -0.70 -5.19
N LEU A 94 -6.43 -0.38 -5.11
CA LEU A 94 -5.80 0.10 -3.88
C LEU A 94 -6.45 1.41 -3.43
N THR A 95 -6.59 2.37 -4.35
CA THR A 95 -7.05 3.70 -4.00
C THR A 95 -8.50 3.67 -3.52
N SER A 96 -9.33 2.85 -4.16
CA SER A 96 -10.71 2.60 -3.77
C SER A 96 -10.75 2.25 -2.28
N LYS A 97 -9.98 1.23 -1.91
CA LYS A 97 -10.05 0.64 -0.57
C LYS A 97 -9.55 1.55 0.55
N LEU A 98 -8.99 2.73 0.27
CA LEU A 98 -8.36 3.61 1.24
C LEU A 98 -9.14 4.90 1.45
N LYS A 99 -10.01 5.31 0.52
CA LYS A 99 -10.98 6.37 0.81
C LYS A 99 -11.91 5.88 1.93
N GLU A 100 -12.19 4.58 1.95
CA GLU A 100 -13.13 3.91 2.84
C GLU A 100 -13.07 4.34 4.31
N LYS A 101 -11.86 4.54 4.85
CA LYS A 101 -11.68 4.93 6.25
C LYS A 101 -10.98 6.28 6.38
N GLY A 102 -11.12 7.13 5.37
CA GLY A 102 -10.60 8.48 5.36
C GLY A 102 -9.09 8.47 5.54
N LEU A 103 -8.39 7.74 4.65
CA LEU A 103 -6.94 7.64 4.60
C LEU A 103 -6.38 8.32 3.35
N VAL A 104 -7.17 9.16 2.68
CA VAL A 104 -6.78 10.04 1.59
C VAL A 104 -7.54 11.36 1.67
N THR A 105 -7.30 12.29 0.75
CA THR A 105 -8.15 13.45 0.48
C THR A 105 -8.33 13.48 -1.04
N ASP A 106 -9.40 14.09 -1.54
CA ASP A 106 -9.60 14.31 -2.95
C ASP A 106 -8.51 15.25 -3.47
N GLY A 107 -7.95 14.91 -4.63
CA GLY A 107 -6.83 15.59 -5.27
C GLY A 107 -5.46 15.05 -4.87
N GLN A 108 -5.36 14.18 -3.86
CA GLN A 108 -4.08 13.55 -3.49
C GLN A 108 -3.52 12.73 -4.65
N THR A 109 -2.21 12.51 -4.66
CA THR A 109 -1.49 11.89 -5.77
C THR A 109 -0.70 10.71 -5.20
N VAL A 110 -1.15 9.48 -5.49
CA VAL A 110 -0.70 8.24 -4.87
C VAL A 110 0.09 7.50 -5.95
N THR A 111 1.42 7.44 -5.79
CA THR A 111 2.35 6.92 -6.78
C THR A 111 2.85 5.53 -6.36
N ILE A 112 2.99 4.62 -7.33
CA ILE A 112 3.39 3.22 -7.12
C ILE A 112 4.54 2.90 -8.04
N HIS A 113 5.54 2.17 -7.55
CA HIS A 113 6.78 1.87 -8.26
C HIS A 113 6.98 0.37 -8.39
N CYS A 114 6.84 -0.14 -9.62
CA CYS A 114 7.23 -1.50 -9.97
C CYS A 114 8.70 -1.45 -10.40
N ASN A 115 9.58 -2.08 -9.61
CA ASN A 115 11.00 -2.10 -9.86
C ASN A 115 11.41 -3.55 -10.12
N ASP A 116 11.46 -3.90 -11.40
CA ASP A 116 11.59 -5.25 -11.93
C ASP A 116 13.07 -5.69 -11.90
N LYS A 117 13.35 -6.96 -12.19
CA LYS A 117 14.73 -7.44 -12.42
C LYS A 117 14.75 -8.66 -13.36
N SER A 118 13.71 -8.83 -14.17
CA SER A 118 13.72 -9.74 -15.31
C SER A 118 14.50 -9.07 -16.43
N ASP A 119 13.99 -7.95 -16.96
CA ASP A 119 14.34 -7.44 -18.28
C ASP A 119 14.81 -5.98 -18.23
N ASN A 120 15.30 -5.56 -17.05
CA ASN A 120 15.97 -4.28 -16.78
C ASN A 120 14.97 -3.12 -16.72
N THR A 121 13.69 -3.41 -16.50
CA THR A 121 12.60 -2.47 -16.62
C THR A 121 12.29 -1.89 -15.24
N LYS A 122 11.74 -0.69 -15.25
CA LYS A 122 10.87 -0.16 -14.19
C LYS A 122 9.80 0.65 -14.89
N SER A 123 8.67 0.86 -14.23
CA SER A 123 7.82 2.01 -14.45
C SER A 123 7.05 2.28 -13.16
N SER A 124 6.38 3.42 -13.10
CA SER A 124 5.56 3.82 -11.97
C SER A 124 4.24 4.36 -12.49
N VAL A 125 3.23 4.45 -11.63
CA VAL A 125 1.93 5.00 -11.99
C VAL A 125 1.53 5.97 -10.88
N SER A 126 0.71 6.96 -11.20
CA SER A 126 0.19 7.94 -10.28
C SER A 126 -1.08 8.55 -10.88
N GLY A 127 -2.17 8.55 -10.10
CA GLY A 127 -3.43 9.17 -10.44
C GLY A 127 -3.90 9.99 -9.25
N LYS A 128 -5.11 10.54 -9.35
CA LYS A 128 -5.69 11.44 -8.34
C LYS A 128 -6.86 10.76 -7.67
N VAL A 129 -7.03 11.03 -6.39
CA VAL A 129 -7.97 10.30 -5.55
C VAL A 129 -9.39 10.47 -6.11
N GLY A 130 -9.98 9.35 -6.50
CA GLY A 130 -11.33 9.25 -7.03
C GLY A 130 -11.40 9.48 -8.53
N ALA A 131 -10.32 9.97 -9.15
CA ALA A 131 -10.17 10.26 -10.56
C ALA A 131 -9.46 9.08 -11.25
N ASP A 132 -9.11 9.28 -12.53
CA ASP A 132 -8.29 8.35 -13.29
C ASP A 132 -6.80 8.73 -13.15
N LEU A 133 -5.93 8.08 -13.93
CA LEU A 133 -4.47 8.19 -13.88
C LEU A 133 -3.96 9.28 -14.82
N THR A 134 -3.43 10.37 -14.26
CA THR A 134 -2.66 11.35 -15.02
C THR A 134 -1.34 10.76 -15.52
N SER A 135 -0.74 9.81 -14.79
CA SER A 135 0.59 9.27 -15.05
C SER A 135 0.49 7.75 -15.04
N GLY A 136 0.40 7.12 -16.21
CA GLY A 136 0.59 5.69 -16.38
C GLY A 136 -0.41 5.20 -17.39
N ASN A 137 -1.62 4.95 -16.88
CA ASN A 137 -2.85 4.69 -17.60
C ASN A 137 -2.69 3.72 -18.77
N GLY A 138 -2.15 2.55 -18.45
CA GLY A 138 -2.03 1.41 -19.37
C GLY A 138 -0.80 0.53 -19.17
N THR A 139 -0.01 0.77 -18.13
CA THR A 139 1.16 -0.04 -17.78
C THR A 139 0.72 -1.47 -17.40
N THR A 140 1.67 -2.40 -17.33
CA THR A 140 1.51 -3.75 -16.83
C THR A 140 2.71 -4.02 -15.91
N PHE A 141 2.50 -4.73 -14.80
CA PHE A 141 3.47 -4.91 -13.72
C PHE A 141 3.30 -6.30 -13.11
N LYS A 142 4.28 -6.73 -12.30
CA LYS A 142 4.25 -8.03 -11.66
C LYS A 142 4.20 -7.84 -10.16
N LYS A 143 3.33 -8.60 -9.49
CA LYS A 143 3.20 -8.57 -8.03
C LYS A 143 4.57 -8.71 -7.35
N ARG A 144 5.41 -9.62 -7.84
CA ARG A 144 6.74 -9.88 -7.30
C ARG A 144 7.75 -8.73 -7.50
N PHE A 145 7.36 -7.59 -8.09
CA PHE A 145 8.21 -6.42 -8.30
C PHE A 145 7.52 -5.09 -7.96
N ILE A 146 6.22 -5.09 -7.61
CA ILE A 146 5.53 -3.91 -7.09
C ILE A 146 5.91 -3.83 -5.61
N ASP A 147 6.93 -3.05 -5.24
CA ASP A 147 7.43 -3.03 -3.87
C ASP A 147 7.71 -1.63 -3.29
N LYS A 148 7.50 -0.53 -4.04
CA LYS A 148 7.71 0.81 -3.49
C LYS A 148 6.52 1.70 -3.81
N ILE A 149 6.27 2.69 -2.96
CA ILE A 149 5.17 3.65 -3.03
C ILE A 149 5.71 4.98 -2.54
N THR A 150 5.13 6.09 -3.00
CA THR A 150 5.05 7.33 -2.21
C THR A 150 3.63 7.90 -2.35
N ILE A 151 3.32 8.90 -1.52
CA ILE A 151 2.18 9.78 -1.72
C ILE A 151 2.77 11.19 -1.80
N ASP A 152 2.10 12.04 -2.57
CA ASP A 152 2.44 13.43 -2.82
C ASP A 152 2.55 14.23 -1.54
N GLY A 1 -15.70 7.73 6.62
CA GLY A 1 -15.99 7.58 8.05
C GLY A 1 -14.69 7.48 8.82
N GLU A 2 -14.07 8.63 9.08
CA GLU A 2 -12.74 8.74 9.66
C GLU A 2 -12.84 8.61 11.17
N GLU A 3 -12.10 7.67 11.76
CA GLU A 3 -12.08 7.43 13.20
C GLU A 3 -10.66 6.99 13.55
N LYS A 4 -10.17 7.34 14.74
CA LYS A 4 -8.79 7.08 15.13
C LYS A 4 -8.59 5.60 15.46
N MET A 5 -7.41 5.06 15.16
CA MET A 5 -7.02 3.68 15.44
C MET A 5 -5.54 3.63 15.83
N THR A 6 -5.08 2.55 16.45
CA THR A 6 -3.68 2.39 16.88
C THR A 6 -2.81 1.99 15.69
N ASN A 7 -1.51 1.76 15.92
CA ASN A 7 -0.56 1.21 14.94
C ASN A 7 -1.11 -0.07 14.31
N GLY A 8 -1.38 -1.10 15.12
CA GLY A 8 -1.76 -2.40 14.59
C GLY A 8 -3.05 -2.32 13.79
N GLN A 9 -4.05 -1.60 14.32
CA GLN A 9 -5.32 -1.43 13.64
C GLN A 9 -5.09 -0.69 12.31
N LEU A 10 -4.34 0.42 12.29
CA LEU A 10 -4.05 1.17 11.08
C LEU A 10 -3.36 0.28 10.06
N TRP A 11 -2.34 -0.43 10.51
CA TRP A 11 -1.64 -1.40 9.68
C TRP A 11 -2.63 -2.36 9.07
N LYS A 12 -3.51 -3.00 9.85
CA LYS A 12 -4.52 -3.92 9.30
C LYS A 12 -5.41 -3.22 8.27
N LYS A 13 -5.97 -2.04 8.58
CA LYS A 13 -6.76 -1.26 7.62
C LYS A 13 -6.01 -1.06 6.31
N VAL A 14 -4.81 -0.49 6.35
CA VAL A 14 -4.01 -0.22 5.16
C VAL A 14 -3.56 -1.55 4.50
N LYS A 15 -3.37 -2.62 5.26
CA LYS A 15 -2.99 -3.94 4.77
C LYS A 15 -4.12 -4.51 3.93
N ASP A 16 -5.34 -4.45 4.46
CA ASP A 16 -6.57 -4.95 3.89
C ASP A 16 -6.86 -4.28 2.54
N SER A 17 -6.46 -3.03 2.38
CA SER A 17 -6.55 -2.30 1.12
C SER A 17 -5.87 -3.02 -0.06
N LEU A 18 -4.97 -3.97 0.22
CA LEU A 18 -4.30 -4.76 -0.80
C LEU A 18 -4.84 -6.18 -0.88
N ILE A 19 -5.68 -6.63 0.06
CA ILE A 19 -6.28 -7.96 0.05
C ILE A 19 -7.24 -8.11 -1.11
N ASP A 20 -8.01 -7.05 -1.38
CA ASP A 20 -9.03 -7.06 -2.43
C ASP A 20 -8.40 -6.87 -3.81
N SER A 21 -7.11 -6.55 -3.91
CA SER A 21 -6.42 -6.34 -5.17
C SER A 21 -5.36 -7.42 -5.34
N ASN A 22 -4.90 -7.64 -6.57
CA ASN A 22 -4.03 -8.75 -6.94
C ASN A 22 -2.56 -8.49 -6.54
N ILE A 23 -2.33 -7.64 -5.53
CA ILE A 23 -1.06 -7.05 -5.17
C ILE A 23 -0.37 -7.90 -4.11
N ILE A 24 -1.11 -8.45 -3.14
CA ILE A 24 -0.58 -9.32 -2.10
C ILE A 24 -1.55 -10.47 -1.88
N SER A 25 -1.04 -11.60 -1.41
CA SER A 25 -1.88 -12.69 -0.95
C SER A 25 -2.01 -12.59 0.57
N GLY A 26 -1.00 -12.11 1.30
CA GLY A 26 -1.01 -12.10 2.75
C GLY A 26 -0.31 -13.34 3.27
N ASN A 27 0.99 -13.48 2.97
CA ASN A 27 1.82 -14.60 3.45
C ASN A 27 3.01 -14.04 4.23
N GLU A 28 3.74 -14.90 4.93
CA GLU A 28 4.92 -14.58 5.75
C GLU A 28 6.13 -14.20 4.89
N ASN A 29 5.99 -14.19 3.56
CA ASN A 29 7.02 -13.80 2.62
C ASN A 29 6.72 -12.46 1.96
N GLU A 30 5.69 -11.74 2.43
CA GLU A 30 5.38 -10.37 2.07
C GLU A 30 5.53 -9.55 3.37
N GLU A 31 6.02 -8.32 3.33
CA GLU A 31 6.05 -7.40 4.48
C GLU A 31 5.52 -6.05 4.02
N ILE A 32 4.92 -5.28 4.93
CA ILE A 32 4.29 -4.00 4.68
C ILE A 32 4.64 -3.05 5.83
N THR A 33 5.42 -2.02 5.54
CA THR A 33 5.77 -0.95 6.45
C THR A 33 5.03 0.32 6.04
N VAL A 34 4.01 0.69 6.81
CA VAL A 34 3.21 1.90 6.57
C VAL A 34 3.77 3.02 7.42
N THR A 35 4.13 4.15 6.80
CA THR A 35 4.50 5.34 7.55
C THR A 35 3.34 6.34 7.50
N TYR A 36 3.09 7.01 8.62
CA TYR A 36 2.10 8.09 8.72
C TYR A 36 2.56 9.14 9.72
N VAL A 37 1.88 10.29 9.79
CA VAL A 37 2.23 11.35 10.72
C VAL A 37 1.00 11.90 11.43
N ASN A 38 1.19 12.24 12.70
CA ASN A 38 0.17 12.69 13.63
C ASN A 38 0.10 14.22 13.62
N LYS A 39 -0.97 14.81 14.18
CA LYS A 39 -1.10 16.28 14.27
C LYS A 39 0.12 16.94 14.92
N THR A 40 0.64 16.34 15.97
CA THR A 40 1.87 16.76 16.64
C THR A 40 3.11 16.81 15.72
N GLY A 41 3.07 16.41 14.45
CA GLY A 41 4.20 16.40 13.53
C GLY A 41 5.14 15.19 13.69
N TYR A 42 4.84 14.28 14.60
CA TYR A 42 5.60 13.06 14.85
C TYR A 42 5.08 11.98 13.92
N SER A 43 5.98 11.44 13.09
CA SER A 43 5.74 10.30 12.23
C SER A 43 6.13 9.01 12.95
N SER A 44 5.61 7.88 12.49
CA SER A 44 6.16 6.55 12.77
C SER A 44 5.85 5.63 11.59
N SER A 45 6.59 4.52 11.53
CA SER A 45 6.40 3.42 10.59
C SER A 45 5.93 2.19 11.37
N VAL A 46 4.89 1.51 10.87
CA VAL A 46 4.40 0.25 11.42
C VAL A 46 4.70 -0.83 10.37
N SER A 47 5.69 -1.69 10.64
CA SER A 47 5.96 -2.89 9.84
C SER A 47 4.92 -3.97 10.15
N ALA A 48 4.89 -5.05 9.36
CA ALA A 48 4.52 -6.40 9.78
C ALA A 48 4.47 -7.31 8.54
N TYR A 49 4.66 -8.61 8.77
CA TYR A 49 4.59 -9.60 7.71
C TYR A 49 3.13 -9.79 7.29
N GLY A 50 2.94 -10.23 6.05
CA GLY A 50 1.65 -10.24 5.37
C GLY A 50 0.72 -11.33 5.85
N ASN A 51 1.25 -12.40 6.43
CA ASN A 51 0.46 -13.39 7.11
C ASN A 51 -0.23 -12.71 8.29
N ASN A 52 -1.55 -12.91 8.38
CA ASN A 52 -2.33 -12.74 9.60
C ASN A 52 -2.47 -11.27 10.00
N ASN A 53 -2.69 -11.04 11.29
CA ASN A 53 -2.85 -9.73 11.90
C ASN A 53 -1.55 -9.21 12.47
N ASP A 54 -1.62 -7.93 12.85
CA ASP A 54 -0.56 -7.22 13.57
C ASP A 54 -1.15 -6.58 14.82
N ASP A 55 -0.35 -6.58 15.88
CA ASP A 55 -0.52 -5.87 17.13
C ASP A 55 0.76 -6.06 17.95
N PHE A 56 1.64 -5.07 17.91
CA PHE A 56 2.95 -5.08 18.57
C PHE A 56 3.41 -3.71 19.07
N SER A 57 2.55 -2.69 19.06
CA SER A 57 2.94 -1.30 19.23
C SER A 57 1.99 -0.55 20.18
N SER A 58 2.52 0.36 20.99
CA SER A 58 1.79 1.19 21.96
C SER A 58 1.89 2.69 21.61
N THR A 59 2.01 2.98 20.32
CA THR A 59 1.93 4.31 19.73
C THR A 59 0.50 4.86 19.88
N PRO A 60 0.33 6.19 19.84
CA PRO A 60 -0.97 6.85 19.95
C PRO A 60 -1.77 6.72 18.64
N SER A 61 -3.00 7.23 18.65
CA SER A 61 -3.97 7.17 17.57
C SER A 61 -4.19 8.58 17.00
N ASN A 62 -3.19 9.47 17.14
CA ASN A 62 -3.31 10.90 16.84
C ASN A 62 -3.23 11.22 15.34
N PHE A 63 -3.52 10.25 14.46
CA PHE A 63 -3.22 10.38 13.03
C PHE A 63 -3.81 11.67 12.42
N SER A 64 -3.11 12.27 11.46
CA SER A 64 -3.65 13.41 10.72
C SER A 64 -3.14 13.44 9.27
N LYS A 65 -2.06 12.74 8.93
CA LYS A 65 -1.45 12.76 7.61
C LYS A 65 -0.79 11.41 7.36
N LEU A 66 -0.44 11.10 6.12
CA LEU A 66 0.26 9.89 5.74
C LEU A 66 1.68 10.25 5.34
N LYS A 67 2.53 9.23 5.28
CA LYS A 67 3.80 9.25 4.56
C LYS A 67 3.77 8.07 3.58
N GLU A 68 4.91 7.78 2.97
CA GLU A 68 5.12 6.63 2.09
C GLU A 68 4.89 5.28 2.77
N ILE A 69 4.94 4.21 1.97
CA ILE A 69 4.87 2.81 2.37
C ILE A 69 6.08 2.13 1.75
N ASP A 70 6.66 1.19 2.49
CA ASP A 70 7.73 0.32 2.05
C ASP A 70 7.19 -1.10 2.13
N LEU A 71 6.95 -1.73 0.99
CA LEU A 71 6.53 -3.11 0.90
C LEU A 71 7.77 -3.97 0.66
N LYS A 72 7.66 -5.28 0.87
CA LYS A 72 8.61 -6.27 0.39
C LYS A 72 7.87 -7.43 -0.26
N LYS A 73 8.56 -8.30 -0.99
CA LYS A 73 8.05 -9.53 -1.60
C LYS A 73 9.22 -10.49 -1.84
N ASP A 74 8.92 -11.72 -2.23
CA ASP A 74 9.83 -12.87 -2.18
C ASP A 74 9.39 -13.94 -3.18
N ASN A 75 9.97 -15.14 -3.12
CA ASN A 75 9.67 -16.24 -4.02
C ASN A 75 8.45 -17.02 -3.52
N VAL A 76 7.26 -16.47 -3.76
CA VAL A 76 6.00 -17.13 -3.44
C VAL A 76 5.85 -18.42 -4.25
N PRO A 77 5.09 -19.42 -3.77
CA PRO A 77 4.78 -20.65 -4.47
C PRO A 77 3.73 -20.43 -5.57
N SER A 78 3.31 -21.53 -6.20
CA SER A 78 2.37 -21.60 -7.31
C SER A 78 1.12 -20.74 -7.14
N ASP A 79 0.63 -20.61 -5.91
CA ASP A 79 -0.68 -20.02 -5.62
C ASP A 79 -0.74 -18.60 -6.16
N ASP A 80 0.34 -17.84 -6.00
CA ASP A 80 0.41 -16.45 -6.49
C ASP A 80 1.73 -16.19 -7.23
N PHE A 81 2.36 -17.27 -7.73
CA PHE A 81 3.54 -17.15 -8.58
C PHE A 81 3.17 -16.34 -9.82
N ASN A 82 2.05 -16.71 -10.45
CA ASN A 82 1.64 -16.25 -11.77
C ASN A 82 0.66 -15.11 -11.63
N THR A 83 1.03 -14.14 -10.80
CA THR A 83 0.17 -13.02 -10.41
C THR A 83 0.79 -11.73 -10.92
N THR A 84 -0.01 -11.00 -11.68
CA THR A 84 0.31 -9.68 -12.20
C THR A 84 -0.88 -8.77 -11.90
N VAL A 85 -0.67 -7.47 -11.96
CA VAL A 85 -1.69 -6.47 -11.71
C VAL A 85 -1.83 -5.66 -12.99
N SER A 86 -3.06 -5.28 -13.32
CA SER A 86 -3.36 -4.54 -14.53
C SER A 86 -3.08 -3.04 -14.37
N GLY A 87 -1.94 -2.67 -13.75
CA GLY A 87 -1.36 -1.34 -13.55
C GLY A 87 -2.28 -0.47 -12.74
N GLU A 88 -3.34 -0.03 -13.40
CA GLU A 88 -4.47 0.70 -12.89
C GLU A 88 -5.04 0.00 -11.68
N ASP A 89 -5.33 -1.28 -11.83
CA ASP A 89 -6.09 -2.07 -10.88
C ASP A 89 -5.37 -2.22 -9.55
N SER A 90 -4.05 -2.06 -9.60
CA SER A 90 -3.17 -2.05 -8.44
C SER A 90 -3.24 -0.72 -7.63
N TRP A 91 -3.97 0.28 -8.11
CA TRP A 91 -4.08 1.61 -7.51
C TRP A 91 -5.55 1.87 -7.21
N LYS A 92 -6.44 1.55 -8.14
CA LYS A 92 -7.88 1.72 -8.02
C LYS A 92 -8.41 1.11 -6.73
N THR A 93 -8.27 -0.20 -6.56
CA THR A 93 -8.80 -0.93 -5.42
C THR A 93 -8.21 -0.34 -4.12
N LEU A 94 -6.87 -0.23 -4.02
CA LEU A 94 -6.16 0.37 -2.89
C LEU A 94 -6.78 1.71 -2.50
N THR A 95 -6.87 2.66 -3.43
CA THR A 95 -7.37 4.00 -3.10
C THR A 95 -8.86 3.97 -2.69
N SER A 96 -9.65 3.06 -3.24
CA SER A 96 -11.07 2.89 -2.92
C SER A 96 -11.28 2.32 -1.52
N LYS A 97 -10.23 1.79 -0.92
CA LYS A 97 -10.26 1.06 0.34
C LYS A 97 -9.56 1.82 1.47
N LEU A 98 -9.31 3.13 1.29
CA LEU A 98 -8.52 3.97 2.19
C LEU A 98 -9.22 5.29 2.56
N LYS A 99 -9.99 5.92 1.68
CA LYS A 99 -10.76 7.13 2.04
C LYS A 99 -11.74 6.80 3.19
N GLU A 100 -12.10 5.52 3.32
CA GLU A 100 -12.95 4.93 4.34
C GLU A 100 -12.58 5.44 5.74
N LYS A 101 -11.51 4.92 6.34
CA LYS A 101 -11.05 5.34 7.65
C LYS A 101 -10.28 6.67 7.60
N GLY A 102 -10.05 7.21 6.40
CA GLY A 102 -9.50 8.55 6.21
C GLY A 102 -8.02 8.51 5.87
N LEU A 103 -7.50 7.34 5.50
CA LEU A 103 -6.10 7.06 5.29
C LEU A 103 -5.54 7.62 3.97
N VAL A 104 -6.26 8.52 3.31
CA VAL A 104 -5.80 9.33 2.19
C VAL A 104 -6.51 10.67 2.25
N THR A 105 -5.92 11.69 1.64
CA THR A 105 -6.58 12.97 1.48
C THR A 105 -7.25 13.04 0.11
N ASP A 106 -8.34 13.76 0.03
CA ASP A 106 -8.98 14.13 -1.22
C ASP A 106 -8.00 14.94 -2.07
N GLY A 107 -7.63 14.42 -3.24
CA GLY A 107 -6.65 15.03 -4.13
C GLY A 107 -5.22 14.49 -4.01
N GLN A 108 -4.91 13.59 -3.06
CA GLN A 108 -3.57 13.03 -2.94
C GLN A 108 -3.14 12.25 -4.17
N THR A 109 -1.83 12.02 -4.29
CA THR A 109 -1.17 11.42 -5.41
C THR A 109 -0.36 10.24 -4.87
N VAL A 110 -0.91 9.03 -4.96
CA VAL A 110 -0.29 7.77 -4.59
C VAL A 110 0.47 7.23 -5.81
N THR A 111 1.80 7.31 -5.84
CA THR A 111 2.59 6.87 -7.00
C THR A 111 3.27 5.53 -6.69
N ILE A 112 2.78 4.46 -7.32
CA ILE A 112 3.27 3.09 -7.14
C ILE A 112 4.46 2.92 -8.08
N HIS A 113 5.67 2.71 -7.53
CA HIS A 113 6.88 2.48 -8.30
C HIS A 113 7.09 0.99 -8.45
N CYS A 114 7.16 0.51 -9.68
CA CYS A 114 7.62 -0.84 -9.97
C CYS A 114 9.10 -0.77 -10.29
N ASN A 115 9.86 -1.79 -9.89
CA ASN A 115 11.27 -1.95 -10.17
C ASN A 115 11.57 -3.43 -10.27
N ASP A 116 11.46 -3.95 -11.51
CA ASP A 116 11.62 -5.36 -11.81
C ASP A 116 13.10 -5.70 -11.91
N LYS A 117 13.42 -7.00 -11.94
CA LYS A 117 14.76 -7.52 -12.19
C LYS A 117 14.70 -8.64 -13.24
N SER A 118 13.77 -8.52 -14.19
CA SER A 118 13.48 -9.51 -15.21
C SER A 118 14.23 -9.15 -16.50
N ASP A 119 14.14 -7.91 -16.99
CA ASP A 119 14.90 -7.41 -18.15
C ASP A 119 15.13 -5.91 -18.10
N ASN A 120 15.59 -5.42 -16.94
CA ASN A 120 16.01 -4.05 -16.71
C ASN A 120 14.87 -3.06 -16.99
N THR A 121 13.70 -3.34 -16.42
CA THR A 121 12.44 -2.66 -16.72
C THR A 121 11.92 -1.91 -15.48
N LYS A 122 11.58 -0.64 -15.64
CA LYS A 122 11.04 0.24 -14.60
C LYS A 122 9.95 1.12 -15.16
N SER A 123 8.77 1.04 -14.53
CA SER A 123 7.63 1.89 -14.80
C SER A 123 6.93 2.15 -13.45
N SER A 124 6.09 3.18 -13.35
CA SER A 124 5.32 3.53 -12.17
C SER A 124 3.92 3.98 -12.62
N VAL A 125 2.94 4.10 -11.72
CA VAL A 125 1.59 4.55 -12.07
C VAL A 125 1.12 5.57 -11.03
N SER A 126 0.28 6.53 -11.45
CA SER A 126 0.01 7.77 -10.70
C SER A 126 -1.36 8.35 -11.11
N GLY A 127 -2.32 8.33 -10.20
CA GLY A 127 -3.71 8.83 -10.36
C GLY A 127 -3.98 10.01 -9.42
N LYS A 128 -5.20 10.20 -8.92
CA LYS A 128 -5.53 11.14 -7.82
C LYS A 128 -6.70 10.63 -7.01
N VAL A 129 -6.72 10.83 -5.69
CA VAL A 129 -7.79 10.36 -4.82
C VAL A 129 -9.08 11.06 -5.25
N GLY A 130 -10.00 10.32 -5.85
CA GLY A 130 -11.27 10.82 -6.36
C GLY A 130 -11.32 10.92 -7.88
N ALA A 131 -10.27 10.48 -8.60
CA ALA A 131 -10.16 10.51 -10.04
C ALA A 131 -9.42 9.27 -10.53
N ASP A 132 -9.09 9.24 -11.81
CA ASP A 132 -8.44 8.14 -12.52
C ASP A 132 -6.97 8.50 -12.81
N LEU A 133 -6.34 7.74 -13.70
CA LEU A 133 -4.91 7.54 -13.83
C LEU A 133 -4.38 8.21 -15.09
N THR A 134 -4.40 9.54 -15.04
CA THR A 134 -3.78 10.46 -15.97
C THR A 134 -2.33 10.08 -16.29
N SER A 135 -1.65 9.32 -15.43
CA SER A 135 -0.21 9.05 -15.54
C SER A 135 0.07 7.58 -15.22
N GLY A 136 -0.74 6.66 -15.75
CA GLY A 136 -0.36 5.27 -15.73
C GLY A 136 -1.35 4.30 -16.35
N ASN A 137 -2.56 4.72 -16.73
CA ASN A 137 -3.58 3.75 -17.08
C ASN A 137 -3.17 2.99 -18.36
N GLY A 138 -3.53 1.71 -18.46
CA GLY A 138 -3.28 0.86 -19.62
C GLY A 138 -2.13 -0.12 -19.44
N THR A 139 -1.27 0.03 -18.42
CA THR A 139 -0.09 -0.82 -18.26
C THR A 139 -0.44 -2.08 -17.46
N THR A 140 0.49 -3.02 -17.36
CA THR A 140 0.41 -4.20 -16.50
C THR A 140 1.78 -4.40 -15.84
N PHE A 141 1.83 -4.75 -14.55
CA PHE A 141 3.07 -4.98 -13.78
C PHE A 141 2.97 -6.31 -13.03
N LYS A 142 4.08 -6.85 -12.52
CA LYS A 142 4.06 -8.10 -11.76
C LYS A 142 4.07 -7.78 -10.28
N LYS A 143 3.16 -8.36 -9.48
CA LYS A 143 3.04 -8.01 -8.06
C LYS A 143 4.39 -8.13 -7.34
N ARG A 144 5.12 -9.21 -7.64
CA ARG A 144 6.37 -9.58 -6.98
C ARG A 144 7.43 -8.49 -7.07
N PHE A 145 7.38 -7.61 -8.07
CA PHE A 145 8.38 -6.58 -8.31
C PHE A 145 7.94 -5.17 -7.86
N ILE A 146 6.80 -5.06 -7.17
CA ILE A 146 6.30 -3.80 -6.65
C ILE A 146 6.58 -3.80 -5.14
N ASP A 147 7.31 -2.79 -4.67
CA ASP A 147 7.78 -2.67 -3.29
C ASP A 147 7.88 -1.22 -2.80
N LYS A 148 7.69 -0.21 -3.65
CA LYS A 148 7.89 1.19 -3.30
C LYS A 148 6.67 2.01 -3.68
N ILE A 149 6.05 2.69 -2.71
CA ILE A 149 4.85 3.48 -2.91
C ILE A 149 5.04 4.76 -2.11
N THR A 150 5.02 5.91 -2.78
CA THR A 150 5.18 7.21 -2.15
C THR A 150 3.95 8.04 -2.44
N ILE A 151 3.53 8.83 -1.45
CA ILE A 151 2.35 9.67 -1.48
C ILE A 151 2.85 11.11 -1.45
N ASP A 152 2.39 11.93 -2.40
CA ASP A 152 2.86 13.31 -2.55
C ASP A 152 2.09 14.25 -1.63
N GLY A 1 -17.83 8.56 19.45
CA GLY A 1 -17.47 9.49 20.53
C GLY A 1 -15.97 9.65 20.53
N GLU A 2 -15.33 9.49 21.70
CA GLU A 2 -13.89 9.29 21.79
C GLU A 2 -13.55 8.03 21.00
N GLU A 3 -13.04 8.17 19.79
CA GLU A 3 -12.54 7.09 18.97
C GLU A 3 -11.04 7.27 18.88
N LYS A 4 -10.34 6.14 18.88
CA LYS A 4 -8.90 6.05 18.79
C LYS A 4 -8.51 4.87 17.92
N MET A 5 -7.31 4.97 17.35
CA MET A 5 -6.72 4.00 16.44
C MET A 5 -5.22 4.01 16.68
N THR A 6 -4.59 2.86 16.83
CA THR A 6 -3.15 2.69 17.05
C THR A 6 -2.53 1.96 15.84
N ASN A 7 -1.23 1.63 15.85
CA ASN A 7 -0.56 0.87 14.77
C ASN A 7 -1.40 -0.33 14.34
N GLY A 8 -1.78 -1.16 15.32
CA GLY A 8 -2.44 -2.42 15.06
C GLY A 8 -3.83 -2.25 14.46
N GLN A 9 -4.45 -1.09 14.66
CA GLN A 9 -5.64 -0.76 13.92
C GLN A 9 -5.23 -0.19 12.55
N LEU A 10 -4.45 0.89 12.51
CA LEU A 10 -4.14 1.73 11.38
C LEU A 10 -3.56 0.88 10.26
N TRP A 11 -2.42 0.21 10.50
CA TRP A 11 -1.74 -0.49 9.44
C TRP A 11 -2.61 -1.63 8.94
N LYS A 12 -3.37 -2.28 9.84
CA LYS A 12 -4.22 -3.40 9.47
C LYS A 12 -5.28 -2.95 8.48
N LYS A 13 -5.86 -1.77 8.67
CA LYS A 13 -6.74 -1.17 7.64
C LYS A 13 -6.03 -1.09 6.27
N VAL A 14 -4.73 -0.76 6.20
CA VAL A 14 -3.95 -0.78 4.95
C VAL A 14 -3.77 -2.21 4.45
N LYS A 15 -3.40 -3.18 5.31
CA LYS A 15 -3.28 -4.58 4.94
C LYS A 15 -4.55 -5.04 4.23
N ASP A 16 -5.68 -4.81 4.88
CA ASP A 16 -7.03 -5.17 4.44
C ASP A 16 -7.37 -4.51 3.09
N SER A 17 -6.86 -3.30 2.85
CA SER A 17 -7.04 -2.53 1.62
C SER A 17 -6.56 -3.30 0.38
N LEU A 18 -5.43 -4.01 0.52
CA LEU A 18 -4.77 -4.71 -0.57
C LEU A 18 -5.39 -6.08 -0.82
N ILE A 19 -6.19 -6.60 0.11
CA ILE A 19 -6.82 -7.91 0.01
C ILE A 19 -7.78 -7.93 -1.17
N ASP A 20 -8.53 -6.85 -1.36
CA ASP A 20 -9.48 -6.71 -2.45
C ASP A 20 -8.79 -6.60 -3.81
N SER A 21 -7.44 -6.57 -3.86
CA SER A 21 -6.65 -6.36 -5.05
C SER A 21 -5.69 -7.54 -5.26
N ASN A 22 -5.28 -7.77 -6.50
CA ASN A 22 -4.33 -8.83 -6.88
C ASN A 22 -2.88 -8.48 -6.51
N ILE A 23 -2.69 -7.57 -5.53
CA ILE A 23 -1.37 -7.03 -5.20
C ILE A 23 -0.61 -7.99 -4.29
N ILE A 24 -1.31 -8.66 -3.37
CA ILE A 24 -0.72 -9.47 -2.32
C ILE A 24 -1.51 -10.78 -2.23
N SER A 25 -0.91 -11.80 -1.63
CA SER A 25 -1.61 -13.06 -1.37
C SER A 25 -2.13 -13.12 0.08
N GLY A 26 -1.59 -12.30 0.99
CA GLY A 26 -1.94 -12.36 2.40
C GLY A 26 -1.14 -13.43 3.14
N ASN A 27 0.05 -13.79 2.64
CA ASN A 27 0.86 -14.82 3.26
C ASN A 27 1.86 -14.18 4.23
N GLU A 28 2.66 -15.03 4.86
CA GLU A 28 3.82 -14.66 5.67
C GLU A 28 5.11 -14.51 4.81
N ASN A 29 4.99 -14.25 3.50
CA ASN A 29 6.07 -14.08 2.55
C ASN A 29 6.01 -12.71 1.83
N GLU A 30 5.42 -11.72 2.50
CA GLU A 30 5.27 -10.33 2.10
C GLU A 30 5.46 -9.49 3.37
N GLU A 31 5.90 -8.23 3.25
CA GLU A 31 5.98 -7.28 4.36
C GLU A 31 5.69 -5.89 3.81
N ILE A 32 5.05 -5.07 4.65
CA ILE A 32 4.47 -3.78 4.29
C ILE A 32 4.83 -2.83 5.41
N THR A 33 5.63 -1.81 5.09
CA THR A 33 6.14 -0.81 6.01
C THR A 33 5.53 0.54 5.65
N VAL A 34 4.47 0.93 6.37
CA VAL A 34 3.70 2.12 6.02
C VAL A 34 4.16 3.23 6.95
N THR A 35 4.57 4.38 6.42
CA THR A 35 4.87 5.54 7.25
C THR A 35 3.68 6.49 7.21
N TYR A 36 3.25 7.00 8.37
CA TYR A 36 2.18 7.97 8.50
C TYR A 36 2.60 9.06 9.48
N VAL A 37 1.77 10.10 9.64
CA VAL A 37 2.09 11.29 10.43
C VAL A 37 0.92 11.66 11.34
N ASN A 38 1.23 12.37 12.43
CA ASN A 38 0.32 12.68 13.53
C ASN A 38 -0.12 14.14 13.49
N LYS A 39 -1.05 14.56 14.36
CA LYS A 39 -1.36 15.97 14.64
C LYS A 39 -0.14 16.71 15.20
N THR A 40 0.65 16.09 16.08
CA THR A 40 1.94 16.64 16.51
C THR A 40 2.93 16.77 15.32
N GLY A 41 2.67 16.16 14.16
CA GLY A 41 3.48 16.31 12.97
C GLY A 41 4.70 15.38 12.90
N TYR A 42 4.96 14.61 13.97
CA TYR A 42 5.91 13.50 13.91
C TYR A 42 5.37 12.39 13.02
N SER A 43 6.28 11.59 12.48
CA SER A 43 6.00 10.48 11.60
C SER A 43 6.45 9.17 12.28
N SER A 44 5.80 8.05 11.98
CA SER A 44 6.21 6.71 12.39
C SER A 44 5.97 5.76 11.24
N SER A 45 6.95 4.92 10.92
CA SER A 45 6.70 3.70 10.15
C SER A 45 5.99 2.68 11.04
N VAL A 46 5.30 1.75 10.38
CA VAL A 46 4.75 0.54 10.93
C VAL A 46 4.95 -0.56 9.90
N SER A 47 5.87 -1.49 10.19
CA SER A 47 6.12 -2.69 9.42
C SER A 47 5.16 -3.81 9.87
N ALA A 48 4.85 -4.78 9.01
CA ALA A 48 4.33 -6.11 9.39
C ALA A 48 4.20 -6.96 8.13
N TYR A 49 4.11 -8.28 8.30
CA TYR A 49 4.00 -9.26 7.23
C TYR A 49 2.58 -9.23 6.62
N GLY A 50 2.18 -10.19 5.80
CA GLY A 50 0.79 -10.26 5.32
C GLY A 50 -0.12 -11.31 5.94
N ASN A 51 0.32 -12.08 6.93
CA ASN A 51 -0.46 -13.20 7.46
C ASN A 51 -1.10 -12.79 8.79
N ASN A 52 -2.43 -12.82 8.82
CA ASN A 52 -3.29 -12.50 9.95
C ASN A 52 -3.41 -11.00 10.19
N ASN A 53 -3.76 -10.61 11.41
CA ASN A 53 -3.80 -9.23 11.88
C ASN A 53 -2.70 -9.01 12.90
N ASP A 54 -2.62 -7.77 13.36
CA ASP A 54 -1.42 -7.22 13.97
C ASP A 54 -1.87 -6.32 15.11
N ASP A 55 -1.64 -6.64 16.39
CA ASP A 55 -2.00 -5.72 17.48
C ASP A 55 -1.09 -5.91 18.67
N PHE A 56 0.00 -5.14 18.70
CA PHE A 56 1.07 -5.29 19.67
C PHE A 56 1.89 -4.01 19.86
N SER A 57 1.27 -2.84 19.75
CA SER A 57 1.98 -1.57 19.70
C SER A 57 1.23 -0.53 20.52
N SER A 58 1.92 0.09 21.47
CA SER A 58 1.40 1.11 22.37
C SER A 58 1.38 2.51 21.73
N THR A 59 1.37 2.62 20.41
CA THR A 59 1.49 3.85 19.65
C THR A 59 0.34 4.83 19.97
N PRO A 60 0.52 6.12 19.66
CA PRO A 60 -0.49 7.14 19.93
C PRO A 60 -1.67 6.98 18.98
N SER A 61 -2.75 7.70 19.25
CA SER A 61 -3.97 7.71 18.48
C SER A 61 -4.22 9.15 18.05
N ASN A 62 -3.24 9.69 17.34
CA ASN A 62 -3.21 11.07 16.89
C ASN A 62 -2.84 11.13 15.43
N PHE A 63 -3.12 10.08 14.66
CA PHE A 63 -3.06 10.09 13.20
C PHE A 63 -3.71 11.37 12.66
N SER A 64 -3.10 11.99 11.65
CA SER A 64 -3.74 13.08 10.92
C SER A 64 -3.15 13.36 9.54
N LYS A 65 -2.06 12.74 9.12
CA LYS A 65 -1.58 12.82 7.75
C LYS A 65 -0.93 11.49 7.39
N LEU A 66 -0.59 11.31 6.12
CA LEU A 66 0.05 10.10 5.63
C LEU A 66 1.47 10.47 5.20
N LYS A 67 2.24 9.43 4.94
CA LYS A 67 3.53 9.49 4.26
C LYS A 67 3.64 8.25 3.36
N GLU A 68 4.81 8.01 2.79
CA GLU A 68 5.08 6.89 1.88
C GLU A 68 4.88 5.49 2.51
N ILE A 69 5.12 4.47 1.70
CA ILE A 69 5.13 3.06 2.06
C ILE A 69 6.38 2.44 1.43
N ASP A 70 7.14 1.68 2.21
CA ASP A 70 8.17 0.76 1.73
C ASP A 70 7.53 -0.61 1.69
N LEU A 71 7.70 -1.34 0.59
CA LEU A 71 7.09 -2.65 0.40
C LEU A 71 8.18 -3.66 0.15
N LYS A 72 7.85 -4.92 0.44
CA LYS A 72 8.71 -6.06 0.20
C LYS A 72 7.87 -7.26 -0.18
N LYS A 73 8.52 -8.19 -0.86
CA LYS A 73 8.03 -9.52 -1.16
C LYS A 73 9.23 -10.45 -1.08
N ASP A 74 8.99 -11.66 -0.60
CA ASP A 74 9.93 -12.76 -0.72
C ASP A 74 9.76 -13.44 -2.08
N ASN A 75 10.36 -14.62 -2.24
CA ASN A 75 9.86 -15.58 -3.20
C ASN A 75 8.50 -16.06 -2.73
N VAL A 76 7.77 -16.60 -3.67
CA VAL A 76 6.42 -17.04 -3.48
C VAL A 76 6.39 -18.45 -4.07
N PRO A 77 5.68 -19.40 -3.47
CA PRO A 77 5.52 -20.73 -4.02
C PRO A 77 4.58 -20.69 -5.21
N SER A 78 4.39 -21.87 -5.80
CA SER A 78 3.58 -22.08 -6.99
C SER A 78 2.12 -21.65 -6.79
N ASP A 79 1.64 -21.55 -5.54
CA ASP A 79 0.33 -21.01 -5.19
C ASP A 79 0.02 -19.70 -5.93
N ASP A 80 0.98 -18.79 -6.04
CA ASP A 80 0.74 -17.42 -6.52
C ASP A 80 1.94 -16.86 -7.28
N PHE A 81 2.72 -17.74 -7.91
CA PHE A 81 3.98 -17.40 -8.56
C PHE A 81 3.75 -16.70 -9.89
N ASN A 82 2.69 -17.07 -10.60
CA ASN A 82 2.36 -16.56 -11.93
C ASN A 82 1.57 -15.26 -11.87
N THR A 83 1.21 -14.80 -10.68
CA THR A 83 0.33 -13.67 -10.45
C THR A 83 1.03 -12.36 -10.85
N THR A 84 0.35 -11.52 -11.62
CA THR A 84 0.85 -10.25 -12.16
C THR A 84 -0.32 -9.24 -12.16
N VAL A 85 -0.04 -7.96 -12.39
CA VAL A 85 -1.04 -6.90 -12.27
C VAL A 85 -1.02 -5.97 -13.48
N SER A 86 -2.21 -5.57 -13.92
CA SER A 86 -2.57 -4.63 -14.98
C SER A 86 -2.08 -3.18 -14.81
N GLY A 87 -1.15 -2.89 -13.89
CA GLY A 87 -0.71 -1.58 -13.42
C GLY A 87 -1.84 -0.73 -12.84
N GLU A 88 -2.83 -0.40 -13.66
CA GLU A 88 -4.01 0.40 -13.30
C GLU A 88 -4.78 -0.21 -12.12
N ASP A 89 -5.24 -1.46 -12.25
CA ASP A 89 -6.08 -2.13 -11.26
C ASP A 89 -5.42 -2.06 -9.88
N SER A 90 -4.10 -2.22 -9.85
CA SER A 90 -3.26 -2.23 -8.65
C SER A 90 -3.00 -0.82 -8.04
N TRP A 91 -3.68 0.20 -8.54
CA TRP A 91 -3.79 1.54 -7.97
C TRP A 91 -5.28 1.83 -7.65
N LYS A 92 -6.17 1.42 -8.54
CA LYS A 92 -7.61 1.66 -8.47
C LYS A 92 -8.25 1.08 -7.21
N THR A 93 -8.15 -0.23 -6.96
CA THR A 93 -8.76 -0.84 -5.79
C THR A 93 -8.19 -0.18 -4.54
N LEU A 94 -6.86 -0.11 -4.43
CA LEU A 94 -6.09 0.50 -3.34
C LEU A 94 -6.69 1.86 -2.96
N THR A 95 -6.80 2.78 -3.90
CA THR A 95 -7.21 4.15 -3.61
C THR A 95 -8.68 4.17 -3.14
N SER A 96 -9.54 3.32 -3.71
CA SER A 96 -10.91 3.21 -3.24
C SER A 96 -10.95 2.63 -1.83
N LYS A 97 -10.17 1.59 -1.52
CA LYS A 97 -10.13 0.95 -0.21
C LYS A 97 -9.34 1.79 0.83
N LEU A 98 -9.13 3.09 0.59
CA LEU A 98 -8.55 4.03 1.55
C LEU A 98 -9.54 5.15 1.89
N LYS A 99 -10.22 5.75 0.90
CA LYS A 99 -11.13 6.88 1.14
C LYS A 99 -12.21 6.49 2.15
N GLU A 100 -12.60 5.22 2.16
CA GLU A 100 -13.55 4.59 3.06
C GLU A 100 -13.34 5.00 4.52
N LYS A 101 -12.10 4.88 4.98
CA LYS A 101 -11.75 4.90 6.40
C LYS A 101 -11.13 6.22 6.82
N GLY A 102 -11.14 7.24 5.96
CA GLY A 102 -10.56 8.54 6.27
C GLY A 102 -9.03 8.44 6.28
N LEU A 103 -8.45 7.97 5.18
CA LEU A 103 -7.02 7.66 5.06
C LEU A 103 -6.35 8.30 3.83
N VAL A 104 -7.05 9.17 3.09
CA VAL A 104 -6.50 9.92 1.96
C VAL A 104 -7.21 11.29 1.85
N THR A 105 -6.72 12.20 0.98
CA THR A 105 -7.33 13.49 0.70
C THR A 105 -7.45 13.68 -0.81
N ASP A 106 -8.56 14.25 -1.28
CA ASP A 106 -8.82 14.60 -2.68
C ASP A 106 -7.67 15.44 -3.21
N GLY A 107 -6.82 14.85 -4.05
CA GLY A 107 -5.69 15.51 -4.70
C GLY A 107 -4.32 14.99 -4.27
N GLN A 108 -4.21 14.11 -3.27
CA GLN A 108 -2.98 13.35 -3.04
C GLN A 108 -2.69 12.53 -4.30
N THR A 109 -1.42 12.42 -4.70
CA THR A 109 -1.05 11.70 -5.92
C THR A 109 -0.27 10.45 -5.50
N VAL A 110 -0.95 9.31 -5.41
CA VAL A 110 -0.32 8.04 -5.06
C VAL A 110 0.45 7.59 -6.31
N THR A 111 1.75 7.31 -6.15
CA THR A 111 2.64 6.89 -7.24
C THR A 111 3.24 5.53 -6.88
N ILE A 112 3.13 4.57 -7.80
CA ILE A 112 3.47 3.16 -7.53
C ILE A 112 4.63 2.78 -8.44
N HIS A 113 5.84 2.71 -7.89
CA HIS A 113 7.04 2.42 -8.64
C HIS A 113 7.13 0.92 -8.88
N CYS A 114 7.08 0.54 -10.16
CA CYS A 114 7.49 -0.78 -10.61
C CYS A 114 9.02 -0.84 -10.59
N ASN A 115 9.59 -1.90 -10.02
CA ASN A 115 11.02 -2.11 -9.84
C ASN A 115 11.34 -3.50 -10.38
N ASP A 116 11.32 -3.65 -11.71
CA ASP A 116 11.41 -4.97 -12.33
C ASP A 116 12.83 -5.50 -12.32
N LYS A 117 12.97 -6.79 -12.61
CA LYS A 117 14.24 -7.40 -12.96
C LYS A 117 14.05 -8.58 -13.92
N SER A 118 12.95 -8.60 -14.68
CA SER A 118 12.89 -9.41 -15.89
C SER A 118 13.78 -8.72 -16.91
N ASP A 119 13.27 -7.72 -17.64
CA ASP A 119 13.97 -7.12 -18.77
C ASP A 119 14.55 -5.77 -18.42
N ASN A 120 14.92 -5.59 -17.14
CA ASN A 120 15.66 -4.45 -16.63
C ASN A 120 14.83 -3.17 -16.71
N THR A 121 13.51 -3.32 -16.57
CA THR A 121 12.54 -2.25 -16.71
C THR A 121 12.27 -1.63 -15.34
N LYS A 122 11.81 -0.38 -15.37
CA LYS A 122 11.26 0.39 -14.25
C LYS A 122 10.27 1.36 -14.89
N SER A 123 9.07 1.44 -14.33
CA SER A 123 8.00 2.34 -14.71
C SER A 123 7.21 2.67 -13.46
N SER A 124 6.17 3.51 -13.52
CA SER A 124 5.32 3.77 -12.35
C SER A 124 3.89 4.12 -12.84
N VAL A 125 2.88 4.13 -11.95
CA VAL A 125 1.55 4.63 -12.30
C VAL A 125 1.19 5.71 -11.28
N SER A 126 0.39 6.71 -11.67
CA SER A 126 0.03 7.79 -10.77
C SER A 126 -1.28 8.50 -11.16
N GLY A 127 -2.10 8.81 -10.16
CA GLY A 127 -3.39 9.46 -10.31
C GLY A 127 -3.75 10.16 -8.99
N LYS A 128 -4.89 10.85 -8.94
CA LYS A 128 -5.29 11.65 -7.77
C LYS A 128 -6.46 10.98 -7.07
N VAL A 129 -6.55 11.14 -5.76
CA VAL A 129 -7.61 10.58 -4.93
C VAL A 129 -8.95 11.10 -5.43
N GLY A 130 -9.77 10.23 -6.01
CA GLY A 130 -11.11 10.50 -6.49
C GLY A 130 -11.19 10.50 -8.02
N ALA A 131 -10.07 10.69 -8.70
CA ALA A 131 -9.99 10.78 -10.16
C ALA A 131 -9.30 9.55 -10.72
N ASP A 132 -9.29 9.42 -12.06
CA ASP A 132 -8.58 8.33 -12.72
C ASP A 132 -7.07 8.58 -12.72
N LEU A 133 -6.37 7.57 -13.21
CA LEU A 133 -4.98 7.60 -13.64
C LEU A 133 -4.91 8.28 -15.00
N THR A 134 -4.27 9.43 -15.09
CA THR A 134 -3.81 10.01 -16.35
C THR A 134 -2.37 9.57 -16.66
N SER A 135 -1.65 9.02 -15.68
CA SER A 135 -0.30 8.55 -15.81
C SER A 135 -0.27 7.09 -15.41
N GLY A 136 0.32 6.26 -16.25
CA GLY A 136 0.50 4.85 -15.96
C GLY A 136 -0.62 3.96 -16.45
N ASN A 137 -1.80 4.50 -16.75
CA ASN A 137 -2.98 3.73 -17.12
C ASN A 137 -2.76 3.03 -18.45
N GLY A 138 -2.89 1.70 -18.49
CA GLY A 138 -2.79 0.88 -19.69
C GLY A 138 -1.63 -0.11 -19.69
N THR A 139 -1.04 -0.49 -18.54
CA THR A 139 0.29 -1.10 -18.50
C THR A 139 0.23 -2.48 -17.82
N THR A 140 1.36 -3.12 -17.50
CA THR A 140 1.39 -4.32 -16.65
C THR A 140 2.69 -4.39 -15.85
N PHE A 141 2.67 -5.00 -14.66
CA PHE A 141 3.80 -5.26 -13.77
C PHE A 141 3.66 -6.68 -13.16
N LYS A 142 4.61 -7.20 -12.37
CA LYS A 142 4.54 -8.53 -11.77
C LYS A 142 4.54 -8.45 -10.25
N LYS A 143 3.80 -9.34 -9.60
CA LYS A 143 3.66 -9.41 -8.14
C LYS A 143 5.01 -9.35 -7.44
N ARG A 144 5.95 -10.21 -7.83
CA ARG A 144 7.30 -10.33 -7.27
C ARG A 144 8.27 -9.22 -7.69
N PHE A 145 7.82 -8.09 -8.24
CA PHE A 145 8.68 -7.03 -8.77
C PHE A 145 8.14 -5.61 -8.51
N ILE A 146 7.38 -5.42 -7.43
CA ILE A 146 6.84 -4.11 -7.06
C ILE A 146 7.05 -3.92 -5.56
N ASP A 147 7.82 -2.90 -5.18
CA ASP A 147 8.41 -2.74 -3.85
C ASP A 147 8.60 -1.26 -3.42
N LYS A 148 8.10 -0.25 -4.15
CA LYS A 148 8.14 1.16 -3.71
C LYS A 148 6.84 1.92 -4.04
N ILE A 149 6.26 2.62 -3.04
CA ILE A 149 5.12 3.51 -3.22
C ILE A 149 5.34 4.80 -2.41
N THR A 150 5.23 5.94 -3.08
CA THR A 150 5.23 7.27 -2.46
C THR A 150 3.86 7.92 -2.70
N ILE A 151 3.59 9.00 -1.97
CA ILE A 151 2.44 9.86 -2.18
C ILE A 151 3.03 11.26 -2.36
N ASP A 152 2.57 11.95 -3.39
CA ASP A 152 2.75 13.38 -3.57
C ASP A 152 1.76 14.06 -2.64
N GLY A 1 -18.56 11.95 14.31
CA GLY A 1 -17.99 10.64 14.00
C GLY A 1 -16.54 10.62 14.37
N GLU A 2 -16.10 9.56 15.04
CA GLU A 2 -14.74 9.41 15.52
C GLU A 2 -14.34 7.94 15.38
N GLU A 3 -13.07 7.72 15.05
CA GLU A 3 -12.51 6.41 14.76
C GLU A 3 -11.11 6.39 15.37
N LYS A 4 -11.06 6.40 16.70
CA LYS A 4 -9.82 6.32 17.44
C LYS A 4 -9.27 4.92 17.23
N MET A 5 -8.00 4.82 16.87
CA MET A 5 -7.31 3.56 16.63
C MET A 5 -5.84 3.70 17.05
N THR A 6 -5.09 2.60 17.01
CA THR A 6 -3.66 2.56 17.30
C THR A 6 -2.88 2.19 16.02
N ASN A 7 -1.54 2.07 16.07
CA ASN A 7 -0.74 1.65 14.92
C ASN A 7 -1.17 0.28 14.42
N GLY A 8 -1.35 -0.70 15.31
CA GLY A 8 -1.74 -2.05 14.94
C GLY A 8 -3.06 -2.08 14.18
N GLN A 9 -3.99 -1.18 14.53
CA GLN A 9 -5.16 -0.96 13.71
C GLN A 9 -4.73 -0.34 12.38
N LEU A 10 -4.14 0.86 12.39
CA LEU A 10 -3.75 1.66 11.23
C LEU A 10 -3.05 0.84 10.15
N TRP A 11 -1.92 0.24 10.49
CA TRP A 11 -1.13 -0.61 9.60
C TRP A 11 -2.04 -1.66 8.99
N LYS A 12 -2.76 -2.42 9.82
CA LYS A 12 -3.56 -3.51 9.32
C LYS A 12 -4.72 -3.01 8.45
N LYS A 13 -5.29 -1.83 8.71
CA LYS A 13 -6.29 -1.26 7.80
C LYS A 13 -5.70 -1.04 6.41
N VAL A 14 -4.43 -0.61 6.31
CA VAL A 14 -3.73 -0.53 5.02
C VAL A 14 -3.54 -1.93 4.46
N LYS A 15 -2.97 -2.87 5.22
CA LYS A 15 -2.71 -4.24 4.77
C LYS A 15 -3.98 -4.90 4.22
N ASP A 16 -5.07 -4.85 4.96
CA ASP A 16 -6.36 -5.43 4.60
C ASP A 16 -7.02 -4.70 3.41
N SER A 17 -6.55 -3.50 3.07
CA SER A 17 -6.87 -2.89 1.78
C SER A 17 -6.29 -3.81 0.72
N LEU A 18 -4.97 -4.04 0.73
CA LEU A 18 -4.27 -4.75 -0.34
C LEU A 18 -4.68 -6.21 -0.49
N ILE A 19 -5.29 -6.80 0.53
CA ILE A 19 -5.96 -8.10 0.45
C ILE A 19 -7.03 -8.10 -0.67
N ASP A 20 -7.71 -6.97 -0.88
CA ASP A 20 -8.69 -6.83 -1.96
C ASP A 20 -8.06 -6.96 -3.34
N SER A 21 -6.73 -6.84 -3.48
CA SER A 21 -6.08 -6.73 -4.77
C SER A 21 -4.99 -7.81 -4.91
N ASN A 22 -4.50 -8.02 -6.13
CA ASN A 22 -3.41 -8.93 -6.47
C ASN A 22 -2.03 -8.42 -6.00
N ILE A 23 -1.97 -7.49 -5.03
CA ILE A 23 -0.78 -6.72 -4.71
C ILE A 23 0.01 -7.38 -3.57
N ILE A 24 -0.65 -7.91 -2.54
CA ILE A 24 0.00 -8.71 -1.51
C ILE A 24 -0.72 -10.04 -1.41
N SER A 25 0.01 -11.12 -1.10
CA SER A 25 -0.54 -12.43 -0.80
C SER A 25 -1.24 -12.40 0.55
N GLY A 26 -0.58 -11.80 1.55
CA GLY A 26 -1.04 -11.81 2.93
C GLY A 26 -0.49 -13.04 3.65
N ASN A 27 0.80 -13.34 3.47
CA ASN A 27 1.47 -14.51 4.02
C ASN A 27 2.75 -14.10 4.75
N GLU A 28 3.37 -15.05 5.43
CA GLU A 28 4.64 -14.94 6.16
C GLU A 28 5.86 -14.72 5.25
N ASN A 29 5.67 -14.63 3.94
CA ASN A 29 6.71 -14.38 2.95
C ASN A 29 6.61 -12.96 2.36
N GLU A 30 5.96 -12.03 3.07
CA GLU A 30 5.91 -10.60 2.77
C GLU A 30 6.09 -9.80 4.08
N GLU A 31 6.49 -8.54 4.00
CA GLU A 31 6.45 -7.54 5.06
C GLU A 31 5.93 -6.25 4.41
N ILE A 32 5.34 -5.36 5.20
CA ILE A 32 4.94 -4.01 4.83
C ILE A 32 5.37 -3.11 5.96
N THR A 33 6.09 -2.03 5.63
CA THR A 33 6.41 -0.93 6.52
C THR A 33 5.50 0.23 6.13
N VAL A 34 4.47 0.57 6.92
CA VAL A 34 3.68 1.77 6.65
C VAL A 34 4.31 2.91 7.43
N THR A 35 4.85 3.89 6.72
CA THR A 35 5.27 5.14 7.31
C THR A 35 4.06 6.08 7.20
N TYR A 36 3.71 6.77 8.28
CA TYR A 36 2.70 7.82 8.27
C TYR A 36 3.23 9.01 9.06
N VAL A 37 2.46 10.10 9.15
CA VAL A 37 2.78 11.22 10.02
C VAL A 37 1.54 11.56 10.83
N ASN A 38 1.73 11.82 12.13
CA ASN A 38 0.65 12.24 13.01
C ASN A 38 0.26 13.71 12.74
N LYS A 39 -0.63 14.27 13.56
CA LYS A 39 -1.06 15.68 13.61
C LYS A 39 0.04 16.72 13.82
N THR A 40 1.31 16.32 13.86
CA THR A 40 2.46 17.21 14.00
C THR A 40 3.52 16.80 12.95
N GLY A 41 4.74 17.34 13.01
CA GLY A 41 5.82 16.96 12.11
C GLY A 41 6.49 15.65 12.52
N TYR A 42 5.74 14.65 13.01
CA TYR A 42 6.31 13.43 13.57
C TYR A 42 5.80 12.21 12.84
N SER A 43 6.70 11.69 12.03
CA SER A 43 6.60 10.46 11.30
C SER A 43 6.71 9.28 12.29
N SER A 44 6.16 8.14 11.91
CA SER A 44 6.57 6.85 12.43
C SER A 44 6.46 5.82 11.30
N SER A 45 7.08 4.65 11.45
CA SER A 45 7.01 3.51 10.55
C SER A 45 6.62 2.30 11.39
N VAL A 46 5.70 1.50 10.88
CA VAL A 46 5.19 0.30 11.53
C VAL A 46 5.32 -0.86 10.55
N SER A 47 5.97 -1.94 10.98
CA SER A 47 6.35 -3.09 10.17
C SER A 47 5.72 -4.35 10.73
N ALA A 48 5.19 -5.21 9.85
CA ALA A 48 4.61 -6.49 10.20
C ALA A 48 4.57 -7.38 8.97
N TYR A 49 4.42 -8.69 9.17
CA TYR A 49 4.45 -9.67 8.08
C TYR A 49 3.04 -9.84 7.55
N GLY A 50 2.93 -10.40 6.34
CA GLY A 50 1.65 -10.41 5.65
C GLY A 50 0.68 -11.42 6.24
N ASN A 51 1.15 -12.38 7.03
CA ASN A 51 0.28 -13.29 7.73
C ASN A 51 -0.45 -12.54 8.83
N ASN A 52 -1.77 -12.75 8.87
CA ASN A 52 -2.68 -12.42 9.95
C ASN A 52 -2.69 -10.90 10.27
N ASN A 53 -3.22 -10.54 11.44
CA ASN A 53 -3.22 -9.17 11.91
C ASN A 53 -1.79 -8.77 12.31
N ASP A 54 -1.61 -7.49 12.67
CA ASP A 54 -0.64 -7.10 13.68
C ASP A 54 -1.41 -6.45 14.81
N ASP A 55 -0.92 -6.65 16.02
CA ASP A 55 -1.19 -5.80 17.16
C ASP A 55 -0.12 -6.01 18.21
N PHE A 56 0.53 -4.95 18.66
CA PHE A 56 1.35 -4.94 19.87
C PHE A 56 1.57 -3.53 20.41
N SER A 57 1.76 -2.56 19.52
CA SER A 57 1.98 -1.17 19.86
C SER A 57 0.76 -0.61 20.61
N SER A 58 0.92 0.54 21.27
CA SER A 58 -0.12 1.24 22.02
C SER A 58 0.12 2.71 21.76
N THR A 59 -0.22 3.17 20.56
CA THR A 59 0.16 4.45 20.02
C THR A 59 -1.10 5.31 19.82
N PRO A 60 -0.98 6.64 19.91
CA PRO A 60 -2.12 7.55 19.90
C PRO A 60 -2.82 7.60 18.54
N SER A 61 -4.02 8.17 18.52
CA SER A 61 -4.99 8.17 17.43
C SER A 61 -4.92 9.48 16.64
N ASN A 62 -3.77 10.16 16.68
CA ASN A 62 -3.53 11.41 15.99
C ASN A 62 -3.17 11.17 14.52
N PHE A 63 -3.59 10.05 13.91
CA PHE A 63 -3.44 9.90 12.44
C PHE A 63 -4.02 11.13 11.76
N SER A 64 -3.19 11.85 10.99
CA SER A 64 -3.61 13.09 10.34
C SER A 64 -2.94 13.26 8.97
N LYS A 65 -2.09 12.32 8.54
CA LYS A 65 -1.26 12.45 7.37
C LYS A 65 -0.67 11.09 7.05
N LEU A 66 -0.12 10.93 5.85
CA LEU A 66 0.54 9.73 5.41
C LEU A 66 1.98 10.04 5.04
N LYS A 67 2.77 8.99 4.86
CA LYS A 67 4.09 9.04 4.23
C LYS A 67 4.23 7.73 3.45
N GLU A 68 5.44 7.37 3.07
CA GLU A 68 5.72 6.31 2.12
C GLU A 68 5.62 4.92 2.73
N ILE A 69 5.62 3.89 1.89
CA ILE A 69 5.45 2.51 2.28
C ILE A 69 6.52 1.68 1.57
N ASP A 70 7.15 0.80 2.34
CA ASP A 70 8.15 -0.16 1.87
C ASP A 70 7.44 -1.51 1.83
N LEU A 71 7.39 -2.16 0.67
CA LEU A 71 6.74 -3.45 0.48
C LEU A 71 7.80 -4.49 0.13
N LYS A 72 7.97 -5.48 1.00
CA LYS A 72 8.98 -6.53 0.86
C LYS A 72 8.27 -7.84 0.56
N LYS A 73 8.85 -8.72 -0.24
CA LYS A 73 8.21 -9.95 -0.68
C LYS A 73 9.27 -10.99 -0.99
N ASP A 74 8.91 -12.25 -0.86
CA ASP A 74 9.74 -13.39 -1.16
C ASP A 74 9.14 -14.20 -2.31
N ASN A 75 9.70 -15.38 -2.59
CA ASN A 75 9.22 -16.27 -3.62
C ASN A 75 7.97 -17.01 -3.14
N VAL A 76 6.84 -16.53 -3.62
CA VAL A 76 5.55 -17.17 -3.39
C VAL A 76 5.45 -18.45 -4.26
N PRO A 77 4.57 -19.40 -3.90
CA PRO A 77 4.33 -20.62 -4.66
C PRO A 77 3.41 -20.36 -5.85
N SER A 78 3.07 -21.43 -6.56
CA SER A 78 2.32 -21.53 -7.80
C SER A 78 0.97 -20.79 -7.82
N ASP A 79 0.43 -20.45 -6.65
CA ASP A 79 -0.82 -19.73 -6.49
C ASP A 79 -0.69 -18.38 -7.18
N ASP A 80 0.44 -17.71 -6.94
CA ASP A 80 0.65 -16.31 -7.33
C ASP A 80 2.00 -16.08 -7.99
N PHE A 81 2.78 -17.17 -8.17
CA PHE A 81 4.12 -17.18 -8.73
C PHE A 81 4.22 -16.32 -9.99
N ASN A 82 3.23 -16.43 -10.88
CA ASN A 82 3.20 -15.82 -12.18
C ASN A 82 2.01 -14.88 -12.37
N THR A 83 1.30 -14.49 -11.31
CA THR A 83 0.28 -13.45 -11.39
C THR A 83 0.92 -12.14 -11.89
N THR A 84 0.28 -11.48 -12.83
CA THR A 84 0.61 -10.14 -13.31
C THR A 84 -0.69 -9.35 -13.39
N VAL A 85 -0.61 -8.02 -13.34
CA VAL A 85 -1.77 -7.18 -13.18
C VAL A 85 -1.52 -5.86 -13.90
N SER A 86 -2.58 -5.19 -14.36
CA SER A 86 -2.50 -3.85 -14.91
C SER A 86 -2.00 -2.92 -13.80
N GLY A 87 -1.11 -1.98 -14.13
CA GLY A 87 -0.47 -1.11 -13.15
C GLY A 87 -1.51 -0.19 -12.53
N GLU A 88 -2.28 0.46 -13.38
CA GLU A 88 -3.51 1.18 -13.08
C GLU A 88 -4.47 0.39 -12.22
N ASP A 89 -4.86 -0.79 -12.65
CA ASP A 89 -5.73 -1.68 -11.89
C ASP A 89 -5.15 -1.88 -10.47
N SER A 90 -3.84 -2.04 -10.40
CA SER A 90 -3.04 -2.18 -9.17
C SER A 90 -2.89 -0.87 -8.36
N TRP A 91 -3.63 0.18 -8.70
CA TRP A 91 -3.77 1.45 -7.99
C TRP A 91 -5.25 1.72 -7.70
N LYS A 92 -6.16 1.28 -8.58
CA LYS A 92 -7.58 1.54 -8.49
C LYS A 92 -8.20 0.86 -7.27
N THR A 93 -8.05 -0.46 -7.09
CA THR A 93 -8.63 -1.16 -5.93
C THR A 93 -8.05 -0.56 -4.64
N LEU A 94 -6.74 -0.30 -4.61
CA LEU A 94 -6.08 0.34 -3.46
C LEU A 94 -6.76 1.65 -3.09
N THR A 95 -6.84 2.59 -4.02
CA THR A 95 -7.34 3.92 -3.71
C THR A 95 -8.83 3.88 -3.36
N SER A 96 -9.56 2.88 -3.87
CA SER A 96 -10.96 2.68 -3.54
C SER A 96 -11.19 2.11 -2.14
N LYS A 97 -10.17 1.55 -1.50
CA LYS A 97 -10.31 0.83 -0.24
C LYS A 97 -9.66 1.58 0.93
N LEU A 98 -8.98 2.70 0.70
CA LEU A 98 -8.32 3.44 1.77
C LEU A 98 -9.26 4.47 2.38
N LYS A 99 -9.98 5.27 1.56
CA LYS A 99 -10.80 6.35 2.10
C LYS A 99 -11.99 5.82 2.91
N GLU A 100 -12.32 4.54 2.72
CA GLU A 100 -13.28 3.79 3.52
C GLU A 100 -13.10 4.04 5.02
N LYS A 101 -11.82 4.13 5.44
CA LYS A 101 -11.40 4.28 6.82
C LYS A 101 -10.55 5.55 6.96
N GLY A 102 -10.82 6.54 6.10
CA GLY A 102 -10.20 7.86 6.12
C GLY A 102 -8.72 7.86 5.77
N LEU A 103 -8.17 6.79 5.18
CA LEU A 103 -6.73 6.60 5.03
C LEU A 103 -6.13 7.24 3.78
N VAL A 104 -6.85 8.12 3.12
CA VAL A 104 -6.29 9.07 2.17
C VAL A 104 -6.99 10.41 2.38
N THR A 105 -6.37 11.49 1.91
CA THR A 105 -6.99 12.80 1.91
C THR A 105 -7.61 13.07 0.54
N ASP A 106 -8.59 13.95 0.50
CA ASP A 106 -9.22 14.33 -0.76
C ASP A 106 -8.19 15.10 -1.59
N GLY A 107 -7.91 14.61 -2.81
CA GLY A 107 -6.91 15.16 -3.72
C GLY A 107 -5.49 14.60 -3.53
N GLN A 108 -5.22 13.71 -2.55
CA GLN A 108 -3.89 13.17 -2.31
C GLN A 108 -3.29 12.50 -3.55
N THR A 109 -1.96 12.39 -3.58
CA THR A 109 -1.26 11.85 -4.74
C THR A 109 -0.51 10.58 -4.31
N VAL A 110 -1.19 9.42 -4.35
CA VAL A 110 -0.63 8.10 -4.07
C VAL A 110 0.09 7.63 -5.33
N THR A 111 1.38 7.29 -5.28
CA THR A 111 2.11 6.78 -6.44
C THR A 111 2.69 5.39 -6.09
N ILE A 112 2.80 4.47 -7.07
CA ILE A 112 3.17 3.06 -6.88
C ILE A 112 4.18 2.64 -7.94
N HIS A 113 5.47 2.63 -7.61
CA HIS A 113 6.51 2.28 -8.55
C HIS A 113 6.59 0.76 -8.71
N CYS A 114 6.90 0.28 -9.91
CA CYS A 114 7.30 -1.09 -10.15
C CYS A 114 8.79 -1.14 -10.44
N ASN A 115 9.42 -2.28 -10.13
CA ASN A 115 10.85 -2.50 -10.25
C ASN A 115 11.03 -3.93 -10.74
N ASP A 116 10.88 -4.16 -12.04
CA ASP A 116 10.99 -5.48 -12.64
C ASP A 116 12.43 -5.70 -13.09
N LYS A 117 12.92 -6.93 -12.90
CA LYS A 117 14.28 -7.32 -13.26
C LYS A 117 14.28 -8.60 -14.10
N SER A 118 13.13 -9.05 -14.57
CA SER A 118 13.04 -10.05 -15.62
C SER A 118 13.62 -9.39 -16.87
N ASP A 119 12.88 -8.46 -17.47
CA ASP A 119 13.24 -7.86 -18.76
C ASP A 119 13.79 -6.43 -18.60
N ASN A 120 14.09 -6.04 -17.35
CA ASN A 120 14.62 -4.76 -16.92
C ASN A 120 13.62 -3.63 -17.18
N THR A 121 12.41 -3.77 -16.65
CA THR A 121 11.31 -2.84 -16.90
C THR A 121 10.91 -2.14 -15.60
N LYS A 122 10.60 -0.85 -15.69
CA LYS A 122 10.29 0.02 -14.57
C LYS A 122 9.27 1.05 -15.01
N SER A 123 8.30 1.33 -14.18
CA SER A 123 7.19 2.25 -14.39
C SER A 123 6.66 2.67 -13.02
N SER A 124 5.60 3.48 -12.96
CA SER A 124 4.84 3.71 -11.75
C SER A 124 3.43 4.13 -12.12
N VAL A 125 2.50 4.19 -11.16
CA VAL A 125 1.12 4.62 -11.40
C VAL A 125 0.74 5.64 -10.33
N SER A 126 0.10 6.73 -10.76
CA SER A 126 -0.32 7.85 -9.93
C SER A 126 -1.58 8.47 -10.54
N GLY A 127 -2.45 8.94 -9.66
CA GLY A 127 -3.68 9.66 -9.99
C GLY A 127 -3.84 10.91 -9.12
N LYS A 128 -5.04 11.11 -8.57
CA LYS A 128 -5.42 11.87 -7.38
C LYS A 128 -6.63 11.15 -6.76
N VAL A 129 -6.89 11.39 -5.47
CA VAL A 129 -7.96 10.68 -4.78
C VAL A 129 -9.33 11.09 -5.34
N GLY A 130 -9.93 10.15 -6.07
CA GLY A 130 -11.28 10.19 -6.62
C GLY A 130 -11.27 10.07 -8.15
N ALA A 131 -10.21 10.51 -8.83
CA ALA A 131 -10.17 10.52 -10.28
C ALA A 131 -9.64 9.18 -10.82
N ASP A 132 -9.65 8.99 -12.15
CA ASP A 132 -8.80 7.96 -12.78
C ASP A 132 -7.41 8.53 -13.01
N LEU A 133 -6.51 7.67 -13.47
CA LEU A 133 -5.08 7.99 -13.41
C LEU A 133 -4.68 9.11 -14.36
N THR A 134 -3.88 10.05 -13.87
CA THR A 134 -3.29 11.10 -14.70
C THR A 134 -1.91 10.65 -15.22
N SER A 135 -1.21 9.77 -14.49
CA SER A 135 0.14 9.34 -14.83
C SER A 135 0.33 7.91 -14.36
N GLY A 136 -0.23 6.96 -15.11
CA GLY A 136 -0.03 5.54 -14.81
C GLY A 136 -0.88 4.59 -15.64
N ASN A 137 -2.06 5.01 -16.12
CA ASN A 137 -2.87 4.15 -16.97
C ASN A 137 -2.13 3.90 -18.29
N GLY A 138 -2.32 2.68 -18.81
CA GLY A 138 -1.73 2.21 -20.05
C GLY A 138 -0.49 1.33 -19.85
N THR A 139 -0.32 0.65 -18.71
CA THR A 139 0.81 -0.28 -18.51
C THR A 139 0.38 -1.46 -17.62
N THR A 140 1.15 -2.55 -17.62
CA THR A 140 0.89 -3.74 -16.82
C THR A 140 2.21 -4.29 -16.28
N PHE A 141 2.16 -4.70 -15.01
CA PHE A 141 3.29 -5.04 -14.15
C PHE A 141 3.09 -6.42 -13.50
N LYS A 142 4.02 -6.86 -12.65
CA LYS A 142 3.99 -8.19 -12.05
C LYS A 142 3.91 -8.16 -10.53
N LYS A 143 3.17 -9.11 -9.96
CA LYS A 143 3.01 -9.31 -8.53
C LYS A 143 4.34 -9.32 -7.78
N ARG A 144 5.39 -9.94 -8.33
CA ARG A 144 6.69 -10.04 -7.64
C ARG A 144 7.55 -8.78 -7.73
N PHE A 145 7.13 -7.73 -8.45
CA PHE A 145 7.98 -6.59 -8.82
C PHE A 145 7.33 -5.22 -8.57
N ILE A 146 6.50 -5.10 -7.53
CA ILE A 146 5.98 -3.80 -7.06
C ILE A 146 6.34 -3.74 -5.59
N ASP A 147 7.07 -2.71 -5.19
CA ASP A 147 7.84 -2.73 -3.94
C ASP A 147 8.24 -1.34 -3.42
N LYS A 148 7.93 -0.24 -4.12
CA LYS A 148 8.15 1.13 -3.63
C LYS A 148 6.89 1.97 -3.85
N ILE A 149 6.45 2.66 -2.81
CA ILE A 149 5.20 3.40 -2.80
C ILE A 149 5.43 4.66 -2.00
N THR A 150 4.96 5.82 -2.50
CA THR A 150 4.95 7.07 -1.74
C THR A 150 3.57 7.72 -1.84
N ILE A 151 3.26 8.59 -0.89
CA ILE A 151 2.02 9.35 -0.81
C ILE A 151 2.39 10.82 -0.63
N ASP A 152 2.04 11.64 -1.62
CA ASP A 152 2.33 13.06 -1.71
C ASP A 152 1.11 13.85 -1.29
N GLY A 1 -15.17 13.96 18.26
CA GLY A 1 -14.90 12.60 17.79
C GLY A 1 -13.68 12.06 18.48
N GLU A 2 -13.63 10.76 18.64
CA GLU A 2 -12.58 10.04 19.36
C GLU A 2 -12.01 8.95 18.47
N GLU A 3 -12.05 9.15 17.14
CA GLU A 3 -11.47 8.23 16.17
C GLU A 3 -9.95 8.28 16.31
N LYS A 4 -9.44 7.50 17.27
CA LYS A 4 -8.05 7.12 17.42
C LYS A 4 -7.99 5.62 17.28
N MET A 5 -6.82 5.11 16.93
CA MET A 5 -6.55 3.69 16.70
C MET A 5 -5.08 3.48 17.02
N THR A 6 -4.63 2.24 17.20
CA THR A 6 -3.23 1.97 17.51
C THR A 6 -2.46 1.67 16.23
N ASN A 7 -1.14 1.49 16.36
CA ASN A 7 -0.29 1.02 15.26
C ASN A 7 -0.85 -0.25 14.64
N GLY A 8 -1.36 -1.18 15.46
CA GLY A 8 -1.95 -2.44 15.03
C GLY A 8 -3.14 -2.19 14.11
N GLN A 9 -4.13 -1.43 14.60
CA GLN A 9 -5.30 -1.08 13.81
C GLN A 9 -4.90 -0.36 12.53
N LEU A 10 -4.07 0.69 12.61
CA LEU A 10 -3.63 1.47 11.45
C LEU A 10 -3.04 0.55 10.39
N TRP A 11 -2.02 -0.22 10.78
CA TRP A 11 -1.41 -1.20 9.89
C TRP A 11 -2.47 -2.09 9.26
N LYS A 12 -3.35 -2.73 10.05
CA LYS A 12 -4.27 -3.70 9.49
C LYS A 12 -5.37 -3.03 8.64
N LYS A 13 -5.80 -1.80 8.93
CA LYS A 13 -6.71 -1.09 8.02
C LYS A 13 -6.05 -0.92 6.65
N VAL A 14 -4.76 -0.60 6.63
CA VAL A 14 -3.98 -0.57 5.41
C VAL A 14 -3.81 -1.98 4.84
N LYS A 15 -3.57 -3.03 5.64
CA LYS A 15 -3.25 -4.34 5.07
C LYS A 15 -4.50 -4.85 4.34
N ASP A 16 -5.67 -4.70 4.98
CA ASP A 16 -6.97 -5.07 4.45
C ASP A 16 -7.19 -4.35 3.12
N SER A 17 -6.68 -3.12 2.96
CA SER A 17 -6.86 -2.33 1.75
C SER A 17 -6.26 -2.97 0.50
N LEU A 18 -5.42 -4.02 0.61
CA LEU A 18 -4.89 -4.76 -0.53
C LEU A 18 -5.59 -6.10 -0.73
N ILE A 19 -6.11 -6.71 0.34
CA ILE A 19 -6.74 -8.04 0.34
C ILE A 19 -7.80 -8.16 -0.75
N ASP A 20 -8.60 -7.10 -0.92
CA ASP A 20 -9.70 -7.06 -1.88
C ASP A 20 -9.24 -7.20 -3.33
N SER A 21 -7.94 -7.05 -3.60
CA SER A 21 -7.38 -7.05 -4.94
C SER A 21 -6.25 -8.10 -5.02
N ASN A 22 -5.54 -8.16 -6.15
CA ASN A 22 -4.49 -9.13 -6.49
C ASN A 22 -3.07 -8.55 -6.20
N ILE A 23 -2.94 -7.64 -5.25
CA ILE A 23 -1.68 -6.89 -5.06
C ILE A 23 -0.70 -7.74 -4.24
N ILE A 24 -1.17 -8.34 -3.15
CA ILE A 24 -0.40 -9.14 -2.21
C ILE A 24 -0.95 -10.58 -2.15
N SER A 25 -0.13 -11.55 -1.74
CA SER A 25 -0.53 -12.96 -1.60
C SER A 25 -1.17 -13.22 -0.24
N GLY A 26 -1.01 -12.31 0.73
CA GLY A 26 -1.60 -12.45 2.07
C GLY A 26 -0.89 -13.51 2.92
N ASN A 27 0.39 -13.77 2.64
CA ASN A 27 1.20 -14.79 3.30
C ASN A 27 2.35 -14.12 4.03
N GLU A 28 3.09 -14.91 4.80
CA GLU A 28 4.34 -14.58 5.48
C GLU A 28 5.48 -14.23 4.51
N ASN A 29 5.34 -14.56 3.23
CA ASN A 29 6.30 -14.21 2.20
C ASN A 29 6.07 -12.78 1.67
N GLU A 30 5.37 -11.93 2.43
CA GLU A 30 5.26 -10.50 2.21
C GLU A 30 5.32 -9.77 3.55
N GLU A 31 5.75 -8.52 3.53
CA GLU A 31 5.80 -7.56 4.63
C GLU A 31 5.41 -6.19 4.05
N ILE A 32 4.90 -5.30 4.88
CA ILE A 32 4.30 -4.02 4.49
C ILE A 32 4.74 -2.98 5.51
N THR A 33 5.60 -2.03 5.11
CA THR A 33 6.10 -0.88 5.85
C THR A 33 5.26 0.39 5.53
N VAL A 34 4.45 0.87 6.47
CA VAL A 34 3.52 1.99 6.31
C VAL A 34 4.05 3.18 7.11
N THR A 35 4.60 4.18 6.43
CA THR A 35 5.01 5.43 7.06
C THR A 35 3.78 6.35 7.13
N TYR A 36 3.53 6.95 8.28
CA TYR A 36 2.53 8.00 8.43
C TYR A 36 3.06 9.06 9.39
N VAL A 37 2.30 10.15 9.57
CA VAL A 37 2.66 11.25 10.45
C VAL A 37 1.42 11.81 11.16
N ASN A 38 1.45 11.76 12.50
CA ASN A 38 0.48 12.36 13.41
C ASN A 38 0.44 13.89 13.28
N LYS A 39 -0.41 14.50 14.10
CA LYS A 39 -0.55 15.93 14.28
C LYS A 39 0.74 16.63 14.69
N THR A 40 1.53 16.07 15.61
CA THR A 40 2.91 16.52 15.76
C THR A 40 3.69 15.96 14.56
N GLY A 41 4.67 16.71 14.07
CA GLY A 41 5.50 16.38 12.90
C GLY A 41 6.53 15.29 13.17
N TYR A 42 6.09 14.16 13.74
CA TYR A 42 6.90 12.99 13.99
C TYR A 42 6.31 11.86 13.20
N SER A 43 6.98 11.52 12.13
CA SER A 43 6.65 10.36 11.30
C SER A 43 7.03 9.09 12.06
N SER A 44 6.37 7.97 11.77
CA SER A 44 6.86 6.63 12.09
C SER A 44 6.47 5.71 10.95
N SER A 45 7.17 4.60 10.82
CA SER A 45 6.78 3.49 9.97
C SER A 45 6.72 2.25 10.84
N VAL A 46 5.55 1.62 10.88
CA VAL A 46 5.39 0.27 11.41
C VAL A 46 5.85 -0.69 10.31
N SER A 47 6.09 -1.97 10.59
CA SER A 47 6.40 -2.98 9.57
C SER A 47 6.01 -4.36 10.11
N ALA A 48 5.19 -5.13 9.38
CA ALA A 48 4.65 -6.41 9.82
C ALA A 48 4.30 -7.27 8.60
N TYR A 49 4.40 -8.59 8.78
CA TYR A 49 4.26 -9.56 7.70
C TYR A 49 2.80 -9.70 7.29
N GLY A 50 2.57 -10.11 6.04
CA GLY A 50 1.23 -10.24 5.50
C GLY A 50 0.49 -11.50 5.92
N ASN A 51 1.13 -12.39 6.67
CA ASN A 51 0.49 -13.52 7.34
C ASN A 51 -0.24 -13.01 8.59
N ASN A 52 -1.51 -13.38 8.72
CA ASN A 52 -2.41 -13.03 9.81
C ASN A 52 -2.51 -11.52 10.02
N ASN A 53 -2.94 -11.08 11.19
CA ASN A 53 -3.16 -9.69 11.55
C ASN A 53 -2.16 -9.33 12.65
N ASP A 54 -2.21 -8.07 13.08
CA ASP A 54 -1.57 -7.63 14.30
C ASP A 54 -2.48 -6.62 14.98
N ASP A 55 -2.53 -6.67 16.31
CA ASP A 55 -2.65 -5.55 17.21
C ASP A 55 -2.21 -6.06 18.57
N PHE A 56 -1.24 -5.38 19.18
CA PHE A 56 -0.74 -5.66 20.52
C PHE A 56 -0.03 -4.44 21.12
N SER A 57 -0.39 -3.23 20.69
CA SER A 57 0.25 -1.99 21.13
C SER A 57 -0.80 -0.99 21.60
N SER A 58 -0.33 0.09 22.24
CA SER A 58 -1.11 1.19 22.76
C SER A 58 -0.44 2.52 22.42
N THR A 59 0.15 2.65 21.23
CA THR A 59 0.33 3.97 20.62
C THR A 59 -1.06 4.55 20.34
N PRO A 60 -1.23 5.88 20.38
CA PRO A 60 -2.32 6.54 19.68
C PRO A 60 -1.97 6.62 18.20
N SER A 61 -2.96 6.92 17.36
CA SER A 61 -2.74 7.47 16.04
C SER A 61 -2.50 8.96 16.19
N ASN A 62 -3.52 9.69 16.66
CA ASN A 62 -3.66 11.15 16.47
C ASN A 62 -3.42 11.49 14.99
N PHE A 63 -4.05 10.73 14.10
CA PHE A 63 -3.90 10.76 12.66
C PHE A 63 -4.01 12.19 12.13
N SER A 64 -3.15 12.58 11.19
CA SER A 64 -3.21 13.90 10.59
C SER A 64 -2.77 13.86 9.12
N LYS A 65 -1.66 13.18 8.80
CA LYS A 65 -1.17 13.01 7.45
C LYS A 65 -0.64 11.60 7.27
N LEU A 66 -0.30 11.26 6.04
CA LEU A 66 0.33 10.01 5.65
C LEU A 66 1.78 10.28 5.24
N LYS A 67 2.53 9.22 4.96
CA LYS A 67 3.72 9.27 4.13
C LYS A 67 3.80 8.00 3.29
N GLU A 68 4.97 7.79 2.70
CA GLU A 68 5.30 6.75 1.74
C GLU A 68 5.26 5.34 2.33
N ILE A 69 5.30 4.32 1.47
CA ILE A 69 5.12 2.92 1.82
C ILE A 69 6.21 2.12 1.12
N ASP A 70 6.84 1.18 1.82
CA ASP A 70 7.60 0.10 1.20
C ASP A 70 6.84 -1.19 1.48
N LEU A 71 6.90 -2.11 0.52
CA LEU A 71 6.48 -3.49 0.69
C LEU A 71 7.74 -4.35 0.53
N LYS A 72 7.72 -5.52 1.13
CA LYS A 72 8.63 -6.61 0.83
C LYS A 72 7.78 -7.76 0.31
N LYS A 73 8.34 -8.49 -0.64
CA LYS A 73 7.79 -9.68 -1.24
C LYS A 73 8.94 -10.64 -1.45
N ASP A 74 8.65 -11.93 -1.45
CA ASP A 74 9.63 -13.00 -1.46
C ASP A 74 9.21 -14.07 -2.46
N ASN A 75 9.95 -15.16 -2.52
CA ASN A 75 9.69 -16.31 -3.36
C ASN A 75 8.58 -17.12 -2.70
N VAL A 76 7.34 -16.76 -3.03
CA VAL A 76 6.19 -17.61 -2.80
C VAL A 76 6.34 -18.89 -3.64
N PRO A 77 5.60 -19.95 -3.29
CA PRO A 77 5.51 -21.14 -4.10
C PRO A 77 4.73 -20.85 -5.39
N SER A 78 4.63 -21.89 -6.21
CA SER A 78 4.05 -21.97 -7.54
C SER A 78 2.70 -21.26 -7.68
N ASP A 79 1.91 -21.25 -6.61
CA ASP A 79 0.52 -20.82 -6.57
C ASP A 79 0.35 -19.37 -7.04
N ASP A 80 1.31 -18.51 -6.71
CA ASP A 80 1.28 -17.07 -7.06
C ASP A 80 2.62 -16.62 -7.66
N PHE A 81 3.45 -17.60 -8.03
CA PHE A 81 4.85 -17.39 -8.39
C PHE A 81 4.91 -16.52 -9.63
N ASN A 82 4.12 -16.88 -10.64
CA ASN A 82 4.06 -16.24 -11.94
C ASN A 82 2.70 -15.58 -12.09
N THR A 83 2.38 -14.62 -11.23
CA THR A 83 1.15 -13.82 -11.29
C THR A 83 1.49 -12.40 -11.78
N THR A 84 0.53 -11.70 -12.37
CA THR A 84 0.64 -10.34 -12.93
C THR A 84 -0.53 -9.48 -12.44
N VAL A 85 -0.43 -8.18 -12.65
CA VAL A 85 -1.49 -7.20 -12.42
C VAL A 85 -1.46 -6.15 -13.54
N SER A 86 -2.63 -5.67 -13.98
CA SER A 86 -2.72 -4.44 -14.74
C SER A 86 -2.29 -3.29 -13.82
N GLY A 87 -1.39 -2.42 -14.29
CA GLY A 87 -0.84 -1.29 -13.55
C GLY A 87 -1.95 -0.40 -12.99
N GLU A 88 -2.98 -0.14 -13.80
CA GLU A 88 -4.15 0.65 -13.44
C GLU A 88 -4.92 0.03 -12.28
N ASP A 89 -5.24 -1.26 -12.42
CA ASP A 89 -6.01 -2.03 -11.45
C ASP A 89 -5.25 -2.14 -10.13
N SER A 90 -3.93 -2.25 -10.24
CA SER A 90 -2.95 -2.25 -9.16
C SER A 90 -2.90 -0.90 -8.39
N TRP A 91 -3.68 0.12 -8.79
CA TRP A 91 -3.91 1.39 -8.09
C TRP A 91 -5.38 1.61 -7.71
N LYS A 92 -6.33 1.14 -8.54
CA LYS A 92 -7.76 1.37 -8.39
C LYS A 92 -8.29 0.96 -7.02
N THR A 93 -8.21 -0.33 -6.73
CA THR A 93 -8.75 -0.94 -5.54
C THR A 93 -8.10 -0.31 -4.30
N LEU A 94 -6.78 -0.20 -4.32
CA LEU A 94 -5.92 0.34 -3.26
C LEU A 94 -6.47 1.69 -2.82
N THR A 95 -6.58 2.64 -3.75
CA THR A 95 -7.00 3.99 -3.41
C THR A 95 -8.44 4.04 -2.89
N SER A 96 -9.37 3.29 -3.50
CA SER A 96 -10.73 3.24 -3.03
C SER A 96 -10.80 2.65 -1.61
N LYS A 97 -10.11 1.53 -1.38
CA LYS A 97 -10.18 0.79 -0.13
C LYS A 97 -9.58 1.59 1.03
N LEU A 98 -8.53 2.38 0.76
CA LEU A 98 -7.98 3.31 1.74
C LEU A 98 -8.99 4.41 2.08
N LYS A 99 -9.65 4.99 1.08
CA LYS A 99 -10.63 6.06 1.29
C LYS A 99 -11.74 5.53 2.20
N GLU A 100 -12.22 4.31 1.96
CA GLU A 100 -13.28 3.69 2.76
C GLU A 100 -12.95 3.65 4.26
N LYS A 101 -11.66 3.55 4.60
CA LYS A 101 -11.20 3.46 5.98
C LYS A 101 -10.63 4.79 6.48
N GLY A 102 -10.76 5.86 5.70
CA GLY A 102 -10.39 7.22 6.07
C GLY A 102 -8.89 7.42 6.08
N LEU A 103 -8.17 6.98 5.04
CA LEU A 103 -6.71 6.89 4.99
C LEU A 103 -6.08 7.63 3.80
N VAL A 104 -6.82 8.46 3.07
CA VAL A 104 -6.28 9.35 2.04
C VAL A 104 -7.02 10.69 2.05
N THR A 105 -6.53 11.72 1.34
CA THR A 105 -7.22 13.00 1.19
C THR A 105 -7.22 13.48 -0.26
N ASP A 106 -8.26 14.24 -0.63
CA ASP A 106 -8.61 14.72 -1.96
C ASP A 106 -7.52 15.66 -2.49
N GLY A 107 -6.48 15.09 -3.09
CA GLY A 107 -5.38 15.84 -3.68
C GLY A 107 -4.03 15.12 -3.52
N GLN A 108 -3.94 14.04 -2.77
CA GLN A 108 -2.73 13.23 -2.70
C GLN A 108 -2.57 12.46 -4.00
N THR A 109 -1.37 12.41 -4.58
CA THR A 109 -1.14 11.67 -5.82
C THR A 109 -0.40 10.39 -5.46
N VAL A 110 -1.16 9.33 -5.20
CA VAL A 110 -0.61 8.03 -4.82
C VAL A 110 0.14 7.51 -6.04
N THR A 111 1.48 7.45 -5.97
CA THR A 111 2.36 7.15 -7.08
C THR A 111 3.14 5.87 -6.80
N ILE A 112 2.59 4.76 -7.30
CA ILE A 112 3.08 3.41 -7.09
C ILE A 112 4.31 3.25 -7.96
N HIS A 113 5.48 3.11 -7.35
CA HIS A 113 6.73 2.90 -8.03
C HIS A 113 6.96 1.40 -8.18
N CYS A 114 7.21 0.97 -9.42
CA CYS A 114 7.51 -0.41 -9.77
C CYS A 114 9.03 -0.52 -9.89
N ASN A 115 9.65 -1.49 -9.20
CA ASN A 115 11.10 -1.65 -9.12
C ASN A 115 11.40 -3.07 -9.60
N ASP A 116 11.65 -3.25 -10.89
CA ASP A 116 11.52 -4.55 -11.54
C ASP A 116 12.91 -5.14 -11.78
N LYS A 117 13.04 -6.44 -12.05
CA LYS A 117 14.33 -7.07 -12.36
C LYS A 117 14.23 -8.04 -13.55
N SER A 118 13.10 -8.12 -14.25
CA SER A 118 13.03 -9.00 -15.43
C SER A 118 14.03 -8.54 -16.51
N ASP A 119 14.06 -7.24 -16.79
CA ASP A 119 14.63 -6.65 -17.99
C ASP A 119 15.10 -5.20 -17.78
N ASN A 120 15.46 -4.87 -16.54
CA ASN A 120 15.80 -3.54 -16.02
C ASN A 120 14.76 -2.50 -16.46
N THR A 121 13.62 -2.52 -15.78
CA THR A 121 12.51 -1.62 -16.01
C THR A 121 12.18 -0.92 -14.68
N LYS A 122 11.96 0.38 -14.68
CA LYS A 122 11.36 1.13 -13.59
C LYS A 122 10.32 2.04 -14.21
N SER A 123 9.12 1.99 -13.65
CA SER A 123 7.94 2.71 -14.10
C SER A 123 7.07 2.99 -12.88
N SER A 124 5.93 3.65 -13.06
CA SER A 124 5.01 3.92 -11.96
C SER A 124 3.58 4.03 -12.48
N VAL A 125 2.59 4.18 -11.60
CA VAL A 125 1.28 4.68 -11.98
C VAL A 125 0.88 5.77 -11.00
N SER A 126 0.07 6.73 -11.41
CA SER A 126 -0.32 7.84 -10.55
C SER A 126 -1.68 8.44 -10.94
N GLY A 127 -2.49 8.68 -9.93
CA GLY A 127 -3.79 9.32 -10.03
C GLY A 127 -4.06 10.08 -8.74
N LYS A 128 -5.15 10.83 -8.68
CA LYS A 128 -5.65 11.51 -7.49
C LYS A 128 -6.74 10.72 -6.84
N VAL A 129 -6.91 11.02 -5.57
CA VAL A 129 -7.96 10.45 -4.74
C VAL A 129 -9.29 10.88 -5.34
N GLY A 130 -10.04 9.91 -5.86
CA GLY A 130 -11.41 10.05 -6.34
C GLY A 130 -11.55 10.04 -7.86
N ALA A 131 -10.46 10.24 -8.61
CA ALA A 131 -10.46 10.35 -10.07
C ALA A 131 -9.93 9.07 -10.72
N ASP A 132 -9.94 8.97 -12.06
CA ASP A 132 -9.17 7.94 -12.75
C ASP A 132 -7.72 8.41 -12.93
N LEU A 133 -6.88 7.51 -13.42
CA LEU A 133 -5.49 7.72 -13.71
C LEU A 133 -5.39 8.48 -15.02
N THR A 134 -4.31 9.23 -15.16
CA THR A 134 -3.89 9.88 -16.39
C THR A 134 -2.45 9.47 -16.74
N SER A 135 -1.78 8.78 -15.82
CA SER A 135 -0.38 8.40 -15.84
C SER A 135 -0.34 6.98 -15.31
N GLY A 136 0.11 6.02 -16.12
CA GLY A 136 0.38 4.66 -15.65
C GLY A 136 -0.60 3.60 -16.11
N ASN A 137 -1.78 4.00 -16.62
CA ASN A 137 -2.75 3.08 -17.21
C ASN A 137 -2.24 2.47 -18.51
N GLY A 138 -3.06 1.61 -19.12
CA GLY A 138 -2.71 0.90 -20.33
C GLY A 138 -1.58 -0.12 -20.14
N THR A 139 -1.10 -0.32 -18.91
CA THR A 139 0.15 -1.02 -18.64
C THR A 139 -0.14 -2.26 -17.78
N THR A 140 0.75 -3.25 -17.80
CA THR A 140 0.65 -4.45 -16.98
C THR A 140 2.07 -4.76 -16.48
N PHE A 141 2.20 -5.12 -15.22
CA PHE A 141 3.46 -5.45 -14.57
C PHE A 141 3.26 -6.70 -13.71
N LYS A 142 4.36 -7.33 -13.31
CA LYS A 142 4.25 -8.53 -12.51
C LYS A 142 3.88 -8.18 -11.08
N LYS A 143 3.23 -9.15 -10.43
CA LYS A 143 2.79 -9.14 -9.06
C LYS A 143 3.96 -9.32 -8.08
N ARG A 144 5.19 -9.44 -8.60
CA ARG A 144 6.42 -9.55 -7.85
C ARG A 144 7.43 -8.46 -8.20
N PHE A 145 6.98 -7.31 -8.73
CA PHE A 145 7.89 -6.19 -9.05
C PHE A 145 7.36 -4.78 -8.70
N ILE A 146 6.30 -4.65 -7.91
CA ILE A 146 5.60 -3.40 -7.60
C ILE A 146 5.59 -3.27 -6.09
N ASP A 147 6.56 -2.56 -5.53
CA ASP A 147 6.88 -2.68 -4.10
C ASP A 147 6.96 -1.33 -3.39
N LYS A 148 6.86 -0.20 -4.10
CA LYS A 148 7.00 1.12 -3.51
C LYS A 148 5.78 1.97 -3.84
N ILE A 149 5.46 2.90 -2.96
CA ILE A 149 4.52 3.98 -3.17
C ILE A 149 5.18 5.18 -2.52
N THR A 150 5.24 6.29 -3.24
CA THR A 150 5.43 7.60 -2.66
C THR A 150 4.17 8.39 -2.99
N ILE A 151 3.84 9.39 -2.17
CA ILE A 151 2.62 10.16 -2.29
C ILE A 151 3.06 11.58 -2.58
N ASP A 152 2.68 12.08 -3.75
CA ASP A 152 2.90 13.47 -4.13
C ASP A 152 1.96 14.35 -3.36
N GLY A 1 -18.90 9.83 15.37
CA GLY A 1 -18.20 8.64 15.89
C GLY A 1 -16.72 8.94 16.09
N GLU A 2 -15.93 7.92 16.43
CA GLU A 2 -14.50 8.07 16.67
C GLU A 2 -13.74 7.44 15.50
N GLU A 3 -13.45 8.22 14.45
CA GLU A 3 -12.51 7.79 13.41
C GLU A 3 -11.09 7.87 13.97
N LYS A 4 -10.66 6.80 14.66
CA LYS A 4 -9.31 6.56 15.18
C LYS A 4 -9.04 5.05 15.12
N MET A 5 -7.81 4.63 15.42
CA MET A 5 -7.42 3.27 15.78
C MET A 5 -5.97 3.25 16.26
N THR A 6 -5.55 2.13 16.87
CA THR A 6 -4.23 1.92 17.43
C THR A 6 -3.24 1.48 16.32
N ASN A 7 -1.95 1.27 16.65
CA ASN A 7 -0.84 1.06 15.69
C ASN A 7 -1.10 -0.07 14.69
N GLY A 8 -1.22 -1.29 15.22
CA GLY A 8 -1.51 -2.52 14.50
C GLY A 8 -2.77 -2.36 13.67
N GLN A 9 -3.84 -1.85 14.28
CA GLN A 9 -5.11 -1.62 13.59
C GLN A 9 -4.93 -0.66 12.41
N LEU A 10 -4.13 0.42 12.57
CA LEU A 10 -3.91 1.43 11.57
C LEU A 10 -3.25 0.76 10.39
N TRP A 11 -2.10 0.11 10.63
CA TRP A 11 -1.39 -0.55 9.55
C TRP A 11 -2.30 -1.59 8.90
N LYS A 12 -3.09 -2.37 9.67
CA LYS A 12 -4.04 -3.34 9.14
C LYS A 12 -4.99 -2.70 8.15
N LYS A 13 -5.61 -1.57 8.51
CA LYS A 13 -6.51 -0.86 7.60
C LYS A 13 -5.82 -0.36 6.33
N VAL A 14 -4.49 -0.16 6.33
CA VAL A 14 -3.70 0.24 5.15
C VAL A 14 -3.18 -1.02 4.40
N LYS A 15 -3.11 -2.16 5.08
CA LYS A 15 -2.65 -3.45 4.58
C LYS A 15 -3.77 -4.17 3.86
N ASP A 16 -4.93 -4.25 4.49
CA ASP A 16 -6.10 -4.92 3.97
C ASP A 16 -6.54 -4.30 2.64
N SER A 17 -6.18 -3.05 2.42
CA SER A 17 -6.34 -2.35 1.16
C SER A 17 -5.74 -3.09 -0.04
N LEU A 18 -4.76 -3.97 0.18
CA LEU A 18 -4.05 -4.70 -0.86
C LEU A 18 -4.57 -6.13 -1.02
N ILE A 19 -5.38 -6.64 -0.09
CA ILE A 19 -5.98 -7.96 -0.16
C ILE A 19 -6.90 -8.05 -1.39
N ASP A 20 -7.63 -6.96 -1.65
CA ASP A 20 -8.66 -6.94 -2.70
C ASP A 20 -8.04 -6.89 -4.11
N SER A 21 -6.73 -6.62 -4.24
CA SER A 21 -6.02 -6.74 -5.52
C SER A 21 -4.99 -7.88 -5.39
N ASN A 22 -4.29 -8.22 -6.47
CA ASN A 22 -3.28 -9.29 -6.46
C ASN A 22 -1.89 -8.75 -6.05
N ILE A 23 -1.82 -7.66 -5.29
CA ILE A 23 -0.53 -7.04 -4.96
C ILE A 23 0.20 -7.91 -3.92
N ILE A 24 -0.49 -8.37 -2.88
CA ILE A 24 0.11 -9.08 -1.74
C ILE A 24 -0.44 -10.51 -1.65
N SER A 25 0.16 -11.31 -0.77
CA SER A 25 -0.17 -12.70 -0.49
C SER A 25 -0.96 -12.85 0.80
N GLY A 26 -0.74 -11.95 1.77
CA GLY A 26 -1.23 -12.09 3.13
C GLY A 26 -0.64 -13.31 3.81
N ASN A 27 0.66 -13.57 3.62
CA ASN A 27 1.35 -14.74 4.15
C ASN A 27 2.58 -14.28 4.95
N GLU A 28 3.21 -15.20 5.66
CA GLU A 28 4.38 -14.98 6.52
C GLU A 28 5.68 -14.73 5.72
N ASN A 29 5.60 -14.41 4.43
CA ASN A 29 6.71 -14.20 3.52
C ASN A 29 6.64 -12.84 2.82
N GLU A 30 5.93 -11.88 3.41
CA GLU A 30 5.96 -10.49 3.00
C GLU A 30 5.99 -9.62 4.26
N GLU A 31 6.35 -8.35 4.10
CA GLU A 31 6.29 -7.30 5.10
C GLU A 31 5.93 -6.03 4.35
N ILE A 32 5.32 -5.07 5.05
CA ILE A 32 5.09 -3.74 4.54
C ILE A 32 5.44 -2.76 5.64
N THR A 33 6.32 -1.80 5.34
CA THR A 33 6.65 -0.66 6.16
C THR A 33 5.75 0.50 5.74
N VAL A 34 4.63 0.74 6.45
CA VAL A 34 3.76 1.90 6.28
C VAL A 34 4.24 3.00 7.19
N THR A 35 4.60 4.17 6.65
CA THR A 35 4.82 5.37 7.46
C THR A 35 3.55 6.23 7.42
N TYR A 36 3.21 6.86 8.55
CA TYR A 36 2.07 7.76 8.70
C TYR A 36 2.52 8.99 9.50
N VAL A 37 1.64 9.99 9.66
CA VAL A 37 1.94 11.20 10.41
C VAL A 37 0.75 11.53 11.34
N ASN A 38 1.03 11.89 12.61
CA ASN A 38 0.02 12.34 13.57
C ASN A 38 -0.34 13.80 13.27
N LYS A 39 -1.10 14.45 14.15
CA LYS A 39 -1.45 15.88 14.07
C LYS A 39 -0.25 16.83 14.00
N THR A 40 0.97 16.38 14.29
CA THR A 40 2.18 17.19 14.31
C THR A 40 3.17 16.64 13.26
N GLY A 41 4.30 17.30 13.01
CA GLY A 41 5.27 16.95 11.97
C GLY A 41 6.14 15.72 12.27
N TYR A 42 5.63 14.76 13.04
CA TYR A 42 6.36 13.59 13.51
C TYR A 42 5.80 12.36 12.81
N SER A 43 6.63 11.65 12.05
CA SER A 43 6.25 10.41 11.37
C SER A 43 6.77 9.19 12.12
N SER A 44 6.07 8.05 11.99
CA SER A 44 6.50 6.74 12.45
C SER A 44 6.12 5.70 11.40
N SER A 45 6.85 4.58 11.39
CA SER A 45 6.77 3.51 10.41
C SER A 45 6.42 2.22 11.15
N VAL A 46 5.37 1.55 10.68
CA VAL A 46 4.95 0.20 11.04
C VAL A 46 5.35 -0.78 9.96
N SER A 47 6.41 -1.57 10.23
CA SER A 47 6.78 -2.73 9.45
C SER A 47 6.14 -3.94 10.12
N ALA A 48 5.26 -4.64 9.41
CA ALA A 48 4.63 -5.88 9.91
C ALA A 48 4.46 -6.89 8.79
N TYR A 49 4.43 -8.18 9.13
CA TYR A 49 4.39 -9.25 8.15
C TYR A 49 2.96 -9.51 7.69
N GLY A 50 2.81 -10.13 6.50
CA GLY A 50 1.51 -10.24 5.86
C GLY A 50 0.61 -11.35 6.39
N ASN A 51 1.09 -12.24 7.24
CA ASN A 51 0.27 -13.24 7.91
C ASN A 51 -0.67 -12.59 8.94
N ASN A 52 -1.95 -12.49 8.59
CA ASN A 52 -3.08 -12.22 9.49
C ASN A 52 -3.19 -10.77 9.96
N ASN A 53 -3.81 -10.55 11.12
CA ASN A 53 -3.99 -9.24 11.73
C ASN A 53 -2.81 -8.95 12.67
N ASP A 54 -2.75 -7.72 13.17
CA ASP A 54 -1.67 -7.24 14.03
C ASP A 54 -2.25 -6.37 15.15
N ASP A 55 -1.73 -6.50 16.38
CA ASP A 55 -2.01 -5.61 17.49
C ASP A 55 -1.01 -5.86 18.62
N PHE A 56 0.09 -5.09 18.64
CA PHE A 56 1.21 -5.32 19.56
C PHE A 56 1.95 -4.03 19.96
N SER A 57 1.21 -2.94 20.11
CA SER A 57 1.76 -1.63 20.42
C SER A 57 0.68 -0.73 21.02
N SER A 58 1.08 0.18 21.90
CA SER A 58 0.23 1.08 22.68
C SER A 58 0.53 2.57 22.37
N THR A 59 1.03 2.87 21.18
CA THR A 59 1.16 4.22 20.62
C THR A 59 -0.22 4.90 20.53
N PRO A 60 -0.27 6.23 20.44
CA PRO A 60 -1.50 6.99 20.31
C PRO A 60 -2.16 6.75 18.96
N SER A 61 -3.43 7.16 18.88
CA SER A 61 -4.30 7.15 17.72
C SER A 61 -4.49 8.56 17.15
N ASN A 62 -3.54 9.49 17.40
CA ASN A 62 -3.58 10.87 16.91
C ASN A 62 -3.15 10.98 15.43
N PHE A 63 -3.30 9.92 14.65
CA PHE A 63 -3.08 9.91 13.21
C PHE A 63 -3.84 11.10 12.59
N SER A 64 -3.25 11.71 11.56
CA SER A 64 -3.87 12.84 10.86
C SER A 64 -3.54 12.81 9.37
N LYS A 65 -2.55 12.05 8.93
CA LYS A 65 -2.03 12.02 7.58
C LYS A 65 -1.29 10.71 7.38
N LEU A 66 -1.03 10.33 6.13
CA LEU A 66 -0.25 9.16 5.78
C LEU A 66 1.01 9.66 5.07
N LYS A 67 2.05 8.84 5.05
CA LYS A 67 3.33 9.09 4.37
C LYS A 67 3.65 7.88 3.52
N GLU A 68 4.84 7.85 2.96
CA GLU A 68 5.30 6.82 2.03
C GLU A 68 5.29 5.41 2.63
N ILE A 69 5.46 4.40 1.77
CA ILE A 69 5.42 2.99 2.11
C ILE A 69 6.62 2.31 1.44
N ASP A 70 7.19 1.29 2.06
CA ASP A 70 8.16 0.37 1.44
C ASP A 70 7.56 -1.03 1.55
N LEU A 71 7.57 -1.80 0.46
CA LEU A 71 6.94 -3.11 0.33
C LEU A 71 8.03 -4.17 0.16
N LYS A 72 7.84 -5.33 0.78
CA LYS A 72 8.68 -6.51 0.54
C LYS A 72 7.83 -7.74 0.26
N LYS A 73 8.43 -8.74 -0.37
CA LYS A 73 7.89 -10.08 -0.57
C LYS A 73 9.06 -11.03 -0.85
N ASP A 74 8.86 -12.30 -0.57
CA ASP A 74 9.73 -13.39 -0.99
C ASP A 74 9.13 -14.04 -2.23
N ASN A 75 9.63 -15.23 -2.59
CA ASN A 75 8.92 -16.18 -3.41
C ASN A 75 7.78 -16.78 -2.60
N VAL A 76 6.74 -17.11 -3.33
CA VAL A 76 5.47 -17.66 -2.89
C VAL A 76 5.24 -18.97 -3.69
N PRO A 77 4.33 -19.86 -3.22
CA PRO A 77 4.02 -21.13 -3.89
C PRO A 77 3.15 -20.93 -5.13
N SER A 78 2.81 -22.03 -5.80
CA SER A 78 1.95 -22.10 -6.99
C SER A 78 0.57 -21.48 -6.81
N ASP A 79 0.15 -21.25 -5.58
CA ASP A 79 -1.09 -20.56 -5.24
C ASP A 79 -1.10 -19.17 -5.86
N ASP A 80 0.09 -18.53 -6.03
CA ASP A 80 0.20 -17.17 -6.57
C ASP A 80 1.51 -16.96 -7.36
N PHE A 81 2.21 -18.03 -7.71
CA PHE A 81 3.55 -18.02 -8.31
C PHE A 81 3.58 -17.16 -9.57
N ASN A 82 2.56 -17.30 -10.41
CA ASN A 82 2.52 -16.72 -11.75
C ASN A 82 1.70 -15.43 -11.78
N THR A 83 1.33 -14.86 -10.63
CA THR A 83 0.31 -13.82 -10.57
C THR A 83 0.86 -12.46 -11.01
N THR A 84 -0.02 -11.63 -11.58
CA THR A 84 0.27 -10.27 -12.01
C THR A 84 -0.90 -9.34 -11.64
N VAL A 85 -0.69 -8.03 -11.85
CA VAL A 85 -1.69 -6.98 -11.70
C VAL A 85 -1.62 -5.99 -12.88
N SER A 86 -2.75 -5.39 -13.24
CA SER A 86 -2.78 -4.15 -14.00
C SER A 86 -2.05 -3.06 -13.23
N GLY A 87 -1.36 -2.16 -13.92
CA GLY A 87 -0.74 -0.99 -13.28
C GLY A 87 -1.82 -0.06 -12.77
N GLU A 88 -2.91 0.07 -13.54
CA GLU A 88 -4.13 0.80 -13.20
C GLU A 88 -4.71 0.26 -11.90
N ASP A 89 -5.15 -0.99 -11.92
CA ASP A 89 -5.87 -1.56 -10.79
C ASP A 89 -4.98 -1.63 -9.56
N SER A 90 -3.65 -1.75 -9.74
CA SER A 90 -2.69 -1.74 -8.65
C SER A 90 -2.63 -0.37 -7.92
N TRP A 91 -3.40 0.62 -8.37
CA TRP A 91 -3.59 1.92 -7.76
C TRP A 91 -5.06 2.12 -7.38
N LYS A 92 -5.99 1.71 -8.26
CA LYS A 92 -7.43 1.89 -8.07
C LYS A 92 -7.90 1.24 -6.78
N THR A 93 -7.76 -0.07 -6.66
CA THR A 93 -8.25 -0.85 -5.53
C THR A 93 -7.68 -0.25 -4.23
N LEU A 94 -6.36 -0.06 -4.18
CA LEU A 94 -5.59 0.51 -3.06
C LEU A 94 -6.21 1.83 -2.61
N THR A 95 -6.26 2.82 -3.50
CA THR A 95 -6.68 4.18 -3.16
C THR A 95 -8.13 4.22 -2.70
N SER A 96 -9.00 3.42 -3.33
CA SER A 96 -10.38 3.25 -2.93
C SER A 96 -10.37 2.82 -1.45
N LYS A 97 -9.71 1.70 -1.16
CA LYS A 97 -9.79 1.05 0.14
C LYS A 97 -9.26 1.91 1.30
N LEU A 98 -8.42 2.92 1.06
CA LEU A 98 -7.92 3.79 2.12
C LEU A 98 -9.02 4.73 2.62
N LYS A 99 -9.82 5.31 1.72
CA LYS A 99 -10.80 6.34 2.10
C LYS A 99 -11.92 5.73 2.94
N GLU A 100 -12.17 4.43 2.81
CA GLU A 100 -13.11 3.67 3.62
C GLU A 100 -12.90 3.86 5.13
N LYS A 101 -11.65 4.03 5.56
CA LYS A 101 -11.30 4.28 6.97
C LYS A 101 -10.68 5.66 7.14
N GLY A 102 -10.88 6.54 6.15
CA GLY A 102 -10.43 7.93 6.18
C GLY A 102 -8.91 8.06 6.24
N LEU A 103 -8.19 7.14 5.57
CA LEU A 103 -6.73 7.07 5.54
C LEU A 103 -6.13 7.83 4.35
N VAL A 104 -6.90 8.70 3.72
CA VAL A 104 -6.46 9.66 2.70
C VAL A 104 -7.33 10.90 2.86
N THR A 105 -6.95 11.99 2.22
CA THR A 105 -7.80 13.14 2.01
C THR A 105 -8.25 13.16 0.55
N ASP A 106 -9.14 14.09 0.21
CA ASP A 106 -9.37 14.50 -1.16
C ASP A 106 -8.04 14.98 -1.76
N GLY A 107 -7.89 14.87 -3.07
CA GLY A 107 -6.81 15.51 -3.82
C GLY A 107 -5.45 14.80 -3.82
N GLN A 108 -5.08 14.04 -2.78
CA GLN A 108 -3.68 13.58 -2.62
C GLN A 108 -3.20 12.78 -3.82
N THR A 109 -1.90 12.85 -4.11
CA THR A 109 -1.33 12.30 -5.34
C THR A 109 -0.49 11.06 -4.99
N VAL A 110 -1.11 9.88 -4.94
CA VAL A 110 -0.42 8.62 -4.63
C VAL A 110 0.34 8.15 -5.87
N THR A 111 1.63 7.81 -5.74
CA THR A 111 2.50 7.33 -6.80
C THR A 111 3.04 5.94 -6.45
N ILE A 112 3.15 5.03 -7.42
CA ILE A 112 3.61 3.65 -7.23
C ILE A 112 4.72 3.44 -8.24
N HIS A 113 5.82 2.79 -7.84
CA HIS A 113 6.89 2.40 -8.76
C HIS A 113 7.02 0.89 -8.81
N CYS A 114 7.38 0.35 -9.98
CA CYS A 114 7.72 -1.06 -10.15
C CYS A 114 9.21 -1.15 -10.48
N ASN A 115 9.84 -2.27 -10.13
CA ASN A 115 11.24 -2.54 -10.43
C ASN A 115 11.30 -3.98 -10.89
N ASP A 116 11.10 -4.23 -12.19
CA ASP A 116 11.35 -5.55 -12.71
C ASP A 116 12.85 -5.76 -12.73
N LYS A 117 13.27 -7.02 -12.79
CA LYS A 117 14.66 -7.40 -13.00
C LYS A 117 14.74 -8.47 -14.07
N SER A 118 13.75 -8.56 -14.95
CA SER A 118 13.79 -9.50 -16.05
C SER A 118 14.72 -8.94 -17.12
N ASP A 119 14.45 -7.72 -17.61
CA ASP A 119 15.00 -7.24 -18.87
C ASP A 119 15.46 -5.77 -18.83
N ASN A 120 15.51 -5.18 -17.64
CA ASN A 120 15.68 -3.75 -17.39
C ASN A 120 14.46 -2.97 -17.87
N THR A 121 13.41 -2.99 -17.05
CA THR A 121 12.13 -2.33 -17.30
C THR A 121 11.61 -1.86 -15.95
N LYS A 122 11.17 -0.60 -15.89
CA LYS A 122 10.75 0.08 -14.66
C LYS A 122 9.71 1.11 -15.10
N SER A 123 8.63 1.28 -14.35
CA SER A 123 7.56 2.23 -14.64
C SER A 123 7.03 2.80 -13.32
N SER A 124 6.01 3.67 -13.41
CA SER A 124 5.24 4.14 -12.27
C SER A 124 3.81 4.47 -12.69
N VAL A 125 2.90 4.70 -11.73
CA VAL A 125 1.56 5.21 -12.00
C VAL A 125 1.22 6.27 -10.95
N SER A 126 0.24 7.13 -11.22
CA SER A 126 -0.02 8.32 -10.42
C SER A 126 -1.39 8.94 -10.74
N GLY A 127 -2.22 9.20 -9.73
CA GLY A 127 -3.50 9.90 -9.85
C GLY A 127 -3.85 10.67 -8.56
N LYS A 128 -4.98 11.38 -8.54
CA LYS A 128 -5.54 12.11 -7.39
C LYS A 128 -6.68 11.30 -6.76
N VAL A 129 -6.93 11.49 -5.46
CA VAL A 129 -8.03 10.85 -4.75
C VAL A 129 -9.37 11.36 -5.29
N GLY A 130 -10.01 10.52 -6.10
CA GLY A 130 -11.35 10.71 -6.63
C GLY A 130 -11.36 10.74 -8.15
N ALA A 131 -10.26 11.14 -8.80
CA ALA A 131 -10.19 11.19 -10.25
C ALA A 131 -9.70 9.86 -10.82
N ASP A 132 -9.83 9.68 -12.13
CA ASP A 132 -9.16 8.62 -12.87
C ASP A 132 -7.70 9.02 -13.13
N LEU A 133 -6.93 8.10 -13.68
CA LEU A 133 -5.50 8.22 -13.91
C LEU A 133 -5.24 9.03 -15.17
N THR A 134 -4.26 9.93 -15.08
CA THR A 134 -3.75 10.69 -16.23
C THR A 134 -2.36 10.21 -16.66
N SER A 135 -1.67 9.50 -15.76
CA SER A 135 -0.27 9.13 -15.93
C SER A 135 -0.14 7.81 -15.19
N GLY A 136 -0.17 6.70 -15.92
CA GLY A 136 -0.09 5.39 -15.34
C GLY A 136 -0.90 4.36 -16.10
N ASN A 137 -2.22 4.54 -16.19
CA ASN A 137 -3.15 3.57 -16.76
C ASN A 137 -2.72 3.16 -18.17
N GLY A 138 -2.92 1.88 -18.48
CA GLY A 138 -2.52 1.26 -19.75
C GLY A 138 -1.45 0.16 -19.60
N THR A 139 -0.87 -0.05 -18.42
CA THR A 139 0.26 -0.96 -18.20
C THR A 139 -0.13 -2.18 -17.34
N THR A 140 0.74 -3.19 -17.24
CA THR A 140 0.63 -4.40 -16.43
C THR A 140 2.03 -4.76 -15.88
N PHE A 141 2.11 -5.19 -14.61
CA PHE A 141 3.34 -5.60 -13.92
C PHE A 141 3.06 -6.86 -13.08
N LYS A 142 4.10 -7.55 -12.63
CA LYS A 142 3.98 -8.83 -11.96
C LYS A 142 4.03 -8.68 -10.44
N LYS A 143 3.40 -9.63 -9.74
CA LYS A 143 3.42 -9.76 -8.28
C LYS A 143 4.85 -9.79 -7.74
N ARG A 144 5.83 -10.23 -8.52
CA ARG A 144 7.21 -10.45 -8.10
C ARG A 144 8.07 -9.18 -8.21
N PHE A 145 7.49 -8.06 -8.66
CA PHE A 145 8.27 -6.90 -9.13
C PHE A 145 7.76 -5.50 -8.73
N ILE A 146 6.89 -5.33 -7.73
CA ILE A 146 6.37 -4.02 -7.32
C ILE A 146 6.76 -3.81 -5.86
N ASP A 147 7.51 -2.74 -5.55
CA ASP A 147 8.19 -2.61 -4.26
C ASP A 147 8.52 -1.16 -3.87
N LYS A 148 7.78 -0.16 -4.39
CA LYS A 148 7.83 1.22 -3.90
C LYS A 148 6.49 1.94 -4.09
N ILE A 149 6.06 2.74 -3.11
CA ILE A 149 4.94 3.69 -3.19
C ILE A 149 5.34 4.91 -2.37
N THR A 150 5.05 6.11 -2.88
CA THR A 150 5.12 7.36 -2.13
C THR A 150 3.79 8.10 -2.28
N ILE A 151 3.57 9.11 -1.42
CA ILE A 151 2.46 10.04 -1.56
C ILE A 151 3.11 11.41 -1.71
N ASP A 152 2.55 12.21 -2.61
CA ASP A 152 2.88 13.61 -2.83
C ASP A 152 2.33 14.43 -1.67
N GLY A 1 -19.77 7.88 22.50
CA GLY A 1 -18.56 7.20 23.02
C GLY A 1 -17.47 7.29 21.97
N GLU A 2 -16.25 7.56 22.40
CA GLU A 2 -15.09 7.74 21.53
C GLU A 2 -14.70 6.40 20.90
N GLU A 3 -14.10 6.42 19.72
CA GLU A 3 -13.26 5.35 19.19
C GLU A 3 -11.96 6.01 18.73
N LYS A 4 -10.83 5.33 18.91
CA LYS A 4 -9.51 5.75 18.44
C LYS A 4 -8.87 4.68 17.58
N MET A 5 -7.76 5.03 16.92
CA MET A 5 -7.01 4.16 16.04
C MET A 5 -5.54 4.20 16.46
N THR A 6 -4.83 3.09 16.26
CA THR A 6 -3.43 2.87 16.60
C THR A 6 -2.71 2.31 15.37
N ASN A 7 -1.39 2.07 15.44
CA ASN A 7 -0.63 1.31 14.43
C ASN A 7 -1.38 0.01 14.07
N GLY A 8 -1.76 -0.78 15.09
CA GLY A 8 -2.53 -2.02 14.98
C GLY A 8 -3.81 -1.95 14.15
N GLN A 9 -4.44 -0.78 14.05
CA GLN A 9 -5.54 -0.56 13.14
C GLN A 9 -5.01 -0.01 11.81
N LEU A 10 -4.21 1.06 11.83
CA LEU A 10 -3.80 1.78 10.64
C LEU A 10 -3.11 0.92 9.58
N TRP A 11 -2.25 -0.02 9.98
CA TRP A 11 -1.61 -0.94 9.04
C TRP A 11 -2.64 -1.96 8.57
N LYS A 12 -3.29 -2.68 9.50
CA LYS A 12 -4.25 -3.73 9.18
C LYS A 12 -5.33 -3.28 8.21
N LYS A 13 -5.86 -2.07 8.38
CA LYS A 13 -6.80 -1.49 7.42
C LYS A 13 -6.26 -1.61 6.00
N VAL A 14 -5.03 -1.17 5.74
CA VAL A 14 -4.39 -1.27 4.44
C VAL A 14 -4.15 -2.74 4.07
N LYS A 15 -3.61 -3.57 4.97
CA LYS A 15 -3.41 -5.00 4.73
C LYS A 15 -4.68 -5.62 4.14
N ASP A 16 -5.79 -5.54 4.87
CA ASP A 16 -7.07 -6.14 4.49
C ASP A 16 -7.68 -5.45 3.27
N SER A 17 -7.27 -4.22 2.94
CA SER A 17 -7.67 -3.52 1.73
C SER A 17 -6.98 -4.14 0.51
N LEU A 18 -5.66 -4.29 0.57
CA LEU A 18 -4.84 -4.72 -0.56
C LEU A 18 -5.18 -6.14 -1.01
N ILE A 19 -5.79 -6.93 -0.13
CA ILE A 19 -6.31 -8.27 -0.42
C ILE A 19 -7.24 -8.25 -1.64
N ASP A 20 -8.03 -7.19 -1.81
CA ASP A 20 -8.97 -7.05 -2.93
C ASP A 20 -8.25 -6.83 -4.26
N SER A 21 -7.00 -6.34 -4.18
CA SER A 21 -6.12 -6.18 -5.31
C SER A 21 -5.21 -7.42 -5.39
N ASN A 22 -4.33 -7.48 -6.39
CA ASN A 22 -3.33 -8.56 -6.53
C ASN A 22 -1.96 -8.15 -5.97
N ILE A 23 -1.84 -7.00 -5.29
CA ILE A 23 -0.56 -6.41 -4.90
C ILE A 23 0.15 -7.25 -3.83
N ILE A 24 -0.58 -7.91 -2.93
CA ILE A 24 -0.03 -8.68 -1.82
C ILE A 24 -0.48 -10.14 -1.96
N SER A 25 -0.13 -10.97 -0.99
CA SER A 25 -0.29 -12.41 -1.02
C SER A 25 -0.79 -12.97 0.33
N GLY A 26 -0.79 -12.15 1.37
CA GLY A 26 -1.29 -12.50 2.69
C GLY A 26 -0.59 -13.73 3.26
N ASN A 27 0.75 -13.72 3.35
CA ASN A 27 1.54 -14.78 3.98
C ASN A 27 2.85 -14.23 4.51
N GLU A 28 3.58 -15.08 5.21
CA GLU A 28 4.80 -14.76 5.95
C GLU A 28 5.99 -14.48 5.03
N ASN A 29 5.84 -14.61 3.71
CA ASN A 29 6.90 -14.27 2.76
C ASN A 29 6.72 -12.85 2.20
N GLU A 30 5.91 -11.99 2.82
CA GLU A 30 5.82 -10.59 2.45
C GLU A 30 5.81 -9.76 3.72
N GLU A 31 6.15 -8.48 3.57
CA GLU A 31 6.13 -7.47 4.62
C GLU A 31 5.64 -6.17 3.96
N ILE A 32 5.02 -5.32 4.75
CA ILE A 32 4.53 -4.02 4.38
C ILE A 32 4.96 -3.10 5.52
N THR A 33 5.57 -1.97 5.18
CA THR A 33 5.96 -0.92 6.08
C THR A 33 5.22 0.34 5.66
N VAL A 34 4.15 0.73 6.38
CA VAL A 34 3.38 1.94 6.08
C VAL A 34 3.88 3.06 6.99
N THR A 35 4.30 4.20 6.42
CA THR A 35 4.65 5.38 7.20
C THR A 35 3.49 6.39 7.13
N TYR A 36 3.23 7.11 8.21
CA TYR A 36 2.23 8.19 8.29
C TYR A 36 2.74 9.34 9.16
N VAL A 37 2.00 10.45 9.26
CA VAL A 37 2.40 11.61 10.06
C VAL A 37 1.24 12.03 11.00
N ASN A 38 1.60 12.65 12.12
CA ASN A 38 0.76 12.97 13.27
C ASN A 38 0.51 14.49 13.38
N LYS A 39 -0.42 14.91 14.24
CA LYS A 39 -0.66 16.34 14.51
C LYS A 39 0.53 16.94 15.26
N THR A 40 1.25 16.14 16.02
CA THR A 40 2.53 16.49 16.61
C THR A 40 3.64 16.65 15.57
N GLY A 41 3.36 16.48 14.27
CA GLY A 41 4.32 16.68 13.21
C GLY A 41 5.20 15.46 12.96
N TYR A 42 5.32 14.58 13.95
CA TYR A 42 6.10 13.36 13.95
C TYR A 42 5.46 12.29 13.08
N SER A 43 6.15 11.18 12.90
CA SER A 43 5.79 10.08 12.03
C SER A 43 6.03 8.75 12.74
N SER A 44 5.61 7.65 12.13
CA SER A 44 5.90 6.29 12.56
C SER A 44 5.79 5.40 11.31
N SER A 45 6.64 4.38 11.19
CA SER A 45 6.60 3.37 10.15
C SER A 45 6.25 2.04 10.80
N VAL A 46 5.12 1.49 10.39
CA VAL A 46 4.63 0.20 10.90
C VAL A 46 4.94 -0.89 9.89
N SER A 47 6.00 -1.66 10.16
CA SER A 47 6.53 -2.77 9.37
C SER A 47 5.99 -4.10 9.89
N ALA A 48 5.36 -4.93 9.06
CA ALA A 48 4.63 -6.11 9.55
C ALA A 48 4.46 -7.11 8.42
N TYR A 49 4.38 -8.40 8.76
CA TYR A 49 4.34 -9.50 7.80
C TYR A 49 2.90 -9.77 7.36
N GLY A 50 2.73 -10.29 6.15
CA GLY A 50 1.41 -10.44 5.54
C GLY A 50 0.58 -11.59 6.07
N ASN A 51 1.17 -12.58 6.76
CA ASN A 51 0.35 -13.53 7.48
C ASN A 51 -0.22 -12.87 8.72
N ASN A 52 -1.50 -13.15 9.00
CA ASN A 52 -2.18 -12.85 10.26
C ASN A 52 -2.39 -11.35 10.41
N ASN A 53 -2.60 -10.87 11.63
CA ASN A 53 -2.83 -9.47 11.94
C ASN A 53 -1.79 -8.88 12.87
N ASP A 54 -1.71 -7.56 12.76
CA ASP A 54 -0.70 -6.72 13.40
C ASP A 54 -1.29 -6.14 14.69
N ASP A 55 -0.58 -6.32 15.80
CA ASP A 55 -0.97 -5.87 17.13
C ASP A 55 0.26 -6.00 18.02
N PHE A 56 0.88 -4.87 18.39
CA PHE A 56 2.10 -4.84 19.23
C PHE A 56 2.44 -3.41 19.69
N SER A 57 1.50 -2.47 19.59
CA SER A 57 1.86 -1.06 19.61
C SER A 57 0.79 -0.21 20.28
N SER A 58 1.22 0.60 21.24
CA SER A 58 0.41 1.58 21.95
C SER A 58 0.60 3.00 21.40
N THR A 59 0.90 3.13 20.10
CA THR A 59 1.09 4.40 19.40
C THR A 59 -0.16 5.29 19.55
N PRO A 60 0.00 6.62 19.64
CA PRO A 60 -1.13 7.53 19.69
C PRO A 60 -1.91 7.59 18.37
N SER A 61 -3.07 8.24 18.45
CA SER A 61 -4.15 8.33 17.49
C SER A 61 -4.18 9.70 16.78
N ASN A 62 -3.15 10.53 16.97
CA ASN A 62 -3.09 11.90 16.43
C ASN A 62 -2.85 11.91 14.92
N PHE A 63 -3.16 10.85 14.18
CA PHE A 63 -2.87 10.80 12.74
C PHE A 63 -3.49 12.02 12.04
N SER A 64 -2.80 12.57 11.04
CA SER A 64 -3.28 13.73 10.32
C SER A 64 -2.78 13.81 8.86
N LYS A 65 -1.88 12.93 8.44
CA LYS A 65 -1.37 12.89 7.08
C LYS A 65 -0.84 11.49 6.83
N LEU A 66 -0.74 11.12 5.56
CA LEU A 66 -0.16 9.86 5.13
C LEU A 66 1.22 10.15 4.59
N LYS A 67 2.11 9.17 4.71
CA LYS A 67 3.48 9.24 4.21
C LYS A 67 3.72 8.03 3.32
N GLU A 68 4.96 7.73 2.98
CA GLU A 68 5.26 6.71 2.00
C GLU A 68 5.13 5.30 2.59
N ILE A 69 5.27 4.27 1.73
CA ILE A 69 5.18 2.88 2.09
C ILE A 69 6.40 2.19 1.48
N ASP A 70 7.03 1.34 2.25
CA ASP A 70 8.05 0.42 1.80
C ASP A 70 7.38 -0.94 1.81
N LEU A 71 6.99 -1.47 0.65
CA LEU A 71 6.54 -2.86 0.56
C LEU A 71 7.80 -3.71 0.52
N LYS A 72 7.71 -4.97 0.93
CA LYS A 72 8.66 -6.01 0.55
C LYS A 72 7.87 -7.14 -0.08
N LYS A 73 8.55 -8.06 -0.74
CA LYS A 73 8.00 -9.31 -1.25
C LYS A 73 9.13 -10.32 -1.30
N ASP A 74 8.77 -11.57 -1.52
CA ASP A 74 9.71 -12.66 -1.80
C ASP A 74 9.06 -13.63 -2.76
N ASN A 75 9.64 -14.81 -2.94
CA ASN A 75 8.99 -15.92 -3.56
C ASN A 75 7.89 -16.41 -2.62
N VAL A 76 6.85 -16.91 -3.25
CA VAL A 76 5.62 -17.38 -2.67
C VAL A 76 5.34 -18.77 -3.28
N PRO A 77 4.39 -19.55 -2.75
CA PRO A 77 4.01 -20.82 -3.33
C PRO A 77 3.40 -20.67 -4.72
N SER A 78 3.14 -21.82 -5.36
CA SER A 78 2.51 -21.93 -6.68
C SER A 78 1.24 -21.09 -6.77
N ASP A 79 0.54 -20.98 -5.64
CA ASP A 79 -0.71 -20.30 -5.37
C ASP A 79 -0.74 -18.88 -5.95
N ASP A 80 0.37 -18.14 -5.88
CA ASP A 80 0.43 -16.72 -6.25
C ASP A 80 1.71 -16.38 -7.03
N PHE A 81 2.45 -17.42 -7.43
CA PHE A 81 3.75 -17.35 -8.08
C PHE A 81 3.65 -16.62 -9.42
N ASN A 82 2.58 -16.83 -10.20
CA ASN A 82 2.43 -16.25 -11.52
C ASN A 82 1.76 -14.87 -11.51
N THR A 83 1.23 -14.42 -10.38
CA THR A 83 0.37 -13.25 -10.29
C THR A 83 1.02 -11.96 -10.80
N THR A 84 0.27 -11.24 -11.64
CA THR A 84 0.55 -9.88 -12.04
C THR A 84 -0.71 -9.04 -11.78
N VAL A 85 -0.63 -7.75 -12.08
CA VAL A 85 -1.69 -6.80 -11.90
C VAL A 85 -1.62 -5.83 -13.10
N SER A 86 -2.70 -5.14 -13.43
CA SER A 86 -2.73 -4.29 -14.62
C SER A 86 -2.36 -2.84 -14.34
N GLY A 87 -1.27 -2.58 -13.59
CA GLY A 87 -0.59 -1.30 -13.38
C GLY A 87 -1.48 -0.26 -12.73
N GLU A 88 -2.41 0.24 -13.53
CA GLU A 88 -3.64 0.91 -13.16
C GLU A 88 -4.34 0.16 -12.05
N ASP A 89 -4.53 -1.14 -12.21
CA ASP A 89 -5.38 -1.93 -11.31
C ASP A 89 -4.76 -2.01 -9.91
N SER A 90 -3.42 -1.96 -9.88
CA SER A 90 -2.63 -1.86 -8.64
C SER A 90 -2.78 -0.50 -7.93
N TRP A 91 -3.46 0.47 -8.55
CA TRP A 91 -3.64 1.81 -8.03
C TRP A 91 -5.12 2.03 -7.72
N LYS A 92 -6.00 1.61 -8.63
CA LYS A 92 -7.46 1.73 -8.53
C LYS A 92 -8.00 1.14 -7.24
N THR A 93 -7.90 -0.18 -7.03
CA THR A 93 -8.49 -0.86 -5.89
C THR A 93 -7.87 -0.30 -4.60
N LEU A 94 -6.54 -0.20 -4.58
CA LEU A 94 -5.75 0.33 -3.47
C LEU A 94 -6.31 1.67 -3.00
N THR A 95 -6.41 2.64 -3.90
CA THR A 95 -6.78 4.00 -3.51
C THR A 95 -8.24 4.08 -3.06
N SER A 96 -9.16 3.41 -3.78
CA SER A 96 -10.57 3.48 -3.43
C SER A 96 -10.79 2.90 -2.03
N LYS A 97 -10.12 1.78 -1.72
CA LYS A 97 -10.22 1.15 -0.41
C LYS A 97 -9.82 2.08 0.73
N LEU A 98 -8.93 3.05 0.51
CA LEU A 98 -8.44 3.94 1.57
C LEU A 98 -9.43 5.05 1.88
N LYS A 99 -10.15 5.56 0.86
CA LYS A 99 -11.07 6.69 1.05
C LYS A 99 -12.14 6.32 2.09
N GLU A 100 -12.57 5.06 2.09
CA GLU A 100 -13.57 4.51 2.99
C GLU A 100 -13.30 4.75 4.47
N LYS A 101 -12.04 4.74 4.88
CA LYS A 101 -11.65 4.90 6.29
C LYS A 101 -10.94 6.25 6.49
N GLY A 102 -11.06 7.17 5.52
CA GLY A 102 -10.56 8.54 5.61
C GLY A 102 -9.04 8.62 5.47
N LEU A 103 -8.42 7.70 4.73
CA LEU A 103 -6.98 7.45 4.74
C LEU A 103 -6.26 8.00 3.50
N VAL A 104 -6.85 8.95 2.77
CA VAL A 104 -6.24 9.69 1.64
C VAL A 104 -6.88 11.09 1.53
N THR A 105 -6.30 12.02 0.76
CA THR A 105 -6.95 13.32 0.49
C THR A 105 -6.95 13.72 -0.99
N ASP A 106 -7.98 14.47 -1.37
CA ASP A 106 -8.25 15.08 -2.66
C ASP A 106 -7.15 16.06 -3.04
N GLY A 107 -6.41 15.71 -4.08
CA GLY A 107 -5.27 16.40 -4.67
C GLY A 107 -3.94 15.66 -4.49
N GLN A 108 -3.81 14.72 -3.54
CA GLN A 108 -2.55 13.98 -3.36
C GLN A 108 -2.29 12.99 -4.49
N THR A 109 -1.03 12.63 -4.66
CA THR A 109 -0.52 11.87 -5.79
C THR A 109 0.13 10.60 -5.26
N VAL A 110 -0.59 9.47 -5.28
CA VAL A 110 -0.04 8.17 -4.91
C VAL A 110 0.71 7.66 -6.14
N THR A 111 2.03 7.46 -6.03
CA THR A 111 2.88 6.93 -7.10
C THR A 111 3.44 5.57 -6.69
N ILE A 112 3.40 4.58 -7.60
CA ILE A 112 3.68 3.17 -7.33
C ILE A 112 4.77 2.71 -8.29
N HIS A 113 6.01 2.57 -7.82
CA HIS A 113 7.17 2.22 -8.63
C HIS A 113 7.31 0.71 -8.75
N CYS A 114 7.09 0.23 -9.96
CA CYS A 114 7.39 -1.16 -10.33
C CYS A 114 8.83 -1.21 -10.84
N ASN A 115 9.66 -2.07 -10.25
CA ASN A 115 11.05 -2.26 -10.64
C ASN A 115 11.37 -3.75 -10.70
N ASP A 116 11.47 -4.26 -11.92
CA ASP A 116 11.73 -5.67 -12.17
C ASP A 116 13.22 -5.95 -12.06
N LYS A 117 13.56 -7.20 -11.77
CA LYS A 117 14.91 -7.74 -11.85
C LYS A 117 14.96 -9.01 -12.70
N SER A 118 13.90 -9.32 -13.43
CA SER A 118 13.91 -10.27 -14.52
C SER A 118 14.72 -9.69 -15.67
N ASP A 119 14.21 -8.65 -16.33
CA ASP A 119 14.62 -8.29 -17.69
C ASP A 119 14.89 -6.78 -17.86
N ASN A 120 15.31 -6.14 -16.77
CA ASN A 120 15.76 -4.75 -16.72
C ASN A 120 14.61 -3.76 -16.99
N THR A 121 13.38 -4.10 -16.58
CA THR A 121 12.18 -3.34 -16.89
C THR A 121 11.78 -2.55 -15.64
N LYS A 122 11.19 -1.38 -15.86
CA LYS A 122 10.92 -0.38 -14.83
C LYS A 122 9.79 0.52 -15.29
N SER A 123 8.89 0.94 -14.39
CA SER A 123 7.91 1.98 -14.63
C SER A 123 7.25 2.38 -13.31
N SER A 124 6.21 3.20 -13.39
CA SER A 124 5.36 3.55 -12.27
C SER A 124 3.97 3.94 -12.79
N VAL A 125 2.96 4.02 -11.92
CA VAL A 125 1.72 4.73 -12.21
C VAL A 125 1.52 5.80 -11.14
N SER A 126 0.73 6.84 -11.42
CA SER A 126 0.60 8.00 -10.53
C SER A 126 -0.68 8.77 -10.84
N GLY A 127 -1.75 8.63 -10.04
CA GLY A 127 -3.05 9.27 -10.22
C GLY A 127 -3.38 10.20 -9.03
N LYS A 128 -4.62 10.70 -8.93
CA LYS A 128 -5.15 11.47 -7.80
C LYS A 128 -6.46 10.88 -7.28
N VAL A 129 -6.64 10.99 -5.96
CA VAL A 129 -7.74 10.59 -5.11
C VAL A 129 -9.03 11.22 -5.61
N GLY A 130 -9.87 10.37 -6.20
CA GLY A 130 -11.19 10.70 -6.74
C GLY A 130 -11.20 10.66 -8.26
N ALA A 131 -10.08 10.96 -8.91
CA ALA A 131 -10.00 11.06 -10.37
C ALA A 131 -9.51 9.75 -10.98
N ASP A 132 -9.59 9.62 -12.31
CA ASP A 132 -8.90 8.57 -13.03
C ASP A 132 -7.43 8.92 -13.26
N LEU A 133 -6.69 7.96 -13.79
CA LEU A 133 -5.27 8.04 -14.07
C LEU A 133 -5.04 8.88 -15.33
N THR A 134 -3.82 9.38 -15.49
CA THR A 134 -3.34 10.12 -16.66
C THR A 134 -1.87 9.79 -17.00
N SER A 135 -1.18 9.08 -16.11
CA SER A 135 0.24 8.80 -16.09
C SER A 135 0.33 7.43 -15.46
N GLY A 136 0.09 6.40 -16.26
CA GLY A 136 0.16 5.01 -15.83
C GLY A 136 -1.05 4.16 -16.23
N ASN A 137 -2.15 4.77 -16.69
CA ASN A 137 -3.27 3.96 -17.15
C ASN A 137 -2.81 3.18 -18.39
N GLY A 138 -3.18 1.89 -18.52
CA GLY A 138 -2.98 1.16 -19.75
C GLY A 138 -1.79 0.17 -19.72
N THR A 139 -1.31 -0.26 -18.55
CA THR A 139 -0.06 -1.01 -18.42
C THR A 139 -0.25 -2.29 -17.58
N THR A 140 0.80 -3.08 -17.37
CA THR A 140 0.77 -4.31 -16.55
C THR A 140 2.09 -4.43 -15.79
N PHE A 141 2.03 -4.77 -14.49
CA PHE A 141 3.18 -4.90 -13.59
C PHE A 141 3.06 -6.19 -12.78
N LYS A 142 4.17 -6.91 -12.57
CA LYS A 142 4.15 -8.13 -11.78
C LYS A 142 4.20 -7.80 -10.31
N LYS A 143 3.34 -8.43 -9.52
CA LYS A 143 3.16 -8.05 -8.12
C LYS A 143 4.45 -8.20 -7.31
N ARG A 144 5.25 -9.23 -7.58
CA ARG A 144 6.57 -9.48 -6.98
C ARG A 144 7.58 -8.34 -7.19
N PHE A 145 7.32 -7.41 -8.12
CA PHE A 145 8.17 -6.28 -8.45
C PHE A 145 7.50 -4.94 -8.10
N ILE A 146 6.41 -4.95 -7.33
CA ILE A 146 5.77 -3.76 -6.77
C ILE A 146 6.23 -3.71 -5.31
N ASP A 147 7.20 -2.83 -5.03
CA ASP A 147 7.82 -2.74 -3.70
C ASP A 147 8.23 -1.32 -3.30
N LYS A 148 7.89 -0.28 -4.08
CA LYS A 148 8.14 1.12 -3.71
C LYS A 148 6.89 1.94 -4.00
N ILE A 149 6.39 2.67 -3.01
CA ILE A 149 5.24 3.56 -3.15
C ILE A 149 5.53 4.81 -2.32
N THR A 150 5.31 5.99 -2.88
CA THR A 150 5.28 7.24 -2.14
C THR A 150 3.94 7.94 -2.40
N ILE A 151 3.57 8.85 -1.51
CA ILE A 151 2.48 9.79 -1.73
C ILE A 151 3.08 11.17 -1.69
N ASP A 152 2.62 12.01 -2.61
CA ASP A 152 2.91 13.43 -2.68
C ASP A 152 2.29 14.17 -1.49
N GLY A 1 -18.38 10.62 21.17
CA GLY A 1 -18.12 9.47 22.04
C GLY A 1 -16.65 9.07 22.00
N GLU A 2 -16.38 7.78 22.20
CA GLU A 2 -15.04 7.22 22.35
C GLU A 2 -14.61 6.55 21.04
N GLU A 3 -13.60 7.07 20.35
CA GLU A 3 -13.00 6.42 19.20
C GLU A 3 -11.52 6.82 19.15
N LYS A 4 -10.62 5.85 18.99
CA LYS A 4 -9.18 6.06 18.84
C LYS A 4 -8.64 4.95 17.96
N MET A 5 -7.75 5.30 17.04
CA MET A 5 -7.00 4.35 16.23
C MET A 5 -5.62 4.21 16.87
N THR A 6 -4.96 3.09 16.65
CA THR A 6 -3.56 2.83 16.96
C THR A 6 -2.88 2.33 15.68
N ASN A 7 -1.60 1.97 15.74
CA ASN A 7 -0.99 1.09 14.73
C ASN A 7 -1.83 -0.17 14.57
N GLY A 8 -2.14 -0.84 15.68
CA GLY A 8 -3.02 -2.01 15.80
C GLY A 8 -4.41 -1.88 15.15
N GLN A 9 -4.81 -0.72 14.65
CA GLN A 9 -5.96 -0.58 13.77
C GLN A 9 -5.55 0.02 12.42
N LEU A 10 -4.65 1.01 12.37
CA LEU A 10 -4.21 1.69 11.16
C LEU A 10 -3.65 0.71 10.14
N TRP A 11 -2.58 0.02 10.53
CA TRP A 11 -1.89 -0.89 9.62
C TRP A 11 -2.86 -1.98 9.18
N LYS A 12 -3.73 -2.49 10.07
CA LYS A 12 -4.75 -3.45 9.68
C LYS A 12 -5.69 -2.90 8.61
N LYS A 13 -6.25 -1.71 8.81
CA LYS A 13 -7.11 -1.05 7.81
C LYS A 13 -6.43 -1.08 6.44
N VAL A 14 -5.17 -0.63 6.36
CA VAL A 14 -4.38 -0.62 5.13
C VAL A 14 -4.18 -2.05 4.62
N LYS A 15 -3.80 -3.01 5.49
CA LYS A 15 -3.52 -4.40 5.13
C LYS A 15 -4.70 -4.95 4.33
N ASP A 16 -5.88 -4.86 4.92
CA ASP A 16 -7.14 -5.36 4.37
C ASP A 16 -7.47 -4.74 3.02
N SER A 17 -7.01 -3.51 2.74
CA SER A 17 -7.26 -2.83 1.46
C SER A 17 -6.59 -3.52 0.28
N LEU A 18 -5.40 -4.09 0.46
CA LEU A 18 -4.72 -4.75 -0.64
C LEU A 18 -5.39 -6.08 -0.96
N ILE A 19 -6.04 -6.72 0.01
CA ILE A 19 -6.59 -8.08 -0.09
C ILE A 19 -7.61 -8.20 -1.22
N ASP A 20 -8.49 -7.20 -1.37
CA ASP A 20 -9.52 -7.15 -2.40
C ASP A 20 -8.88 -7.18 -3.79
N SER A 21 -7.83 -6.40 -3.94
CA SER A 21 -6.98 -6.42 -5.13
C SER A 21 -5.96 -7.57 -5.05
N ASN A 22 -4.98 -7.63 -5.96
CA ASN A 22 -3.97 -8.68 -6.05
C ASN A 22 -2.56 -8.08 -5.98
N ILE A 23 -2.33 -7.16 -5.05
CA ILE A 23 -1.01 -6.56 -4.85
C ILE A 23 -0.13 -7.54 -4.09
N ILE A 24 -0.64 -8.07 -2.99
CA ILE A 24 0.06 -8.91 -2.03
C ILE A 24 -0.29 -10.37 -2.30
N SER A 25 0.22 -11.26 -1.46
CA SER A 25 -0.23 -12.63 -1.29
C SER A 25 -1.03 -12.80 0.01
N GLY A 26 -0.72 -12.05 1.06
CA GLY A 26 -1.34 -12.16 2.37
C GLY A 26 -0.69 -13.21 3.28
N ASN A 27 0.58 -13.53 3.07
CA ASN A 27 1.24 -14.69 3.70
C ASN A 27 2.39 -14.22 4.59
N GLU A 28 3.13 -15.16 5.19
CA GLU A 28 4.27 -14.87 6.06
C GLU A 28 5.44 -14.30 5.28
N ASN A 29 5.45 -14.54 3.97
CA ASN A 29 6.60 -14.31 3.12
C ASN A 29 6.55 -12.92 2.49
N GLU A 30 5.95 -11.97 3.20
CA GLU A 30 5.87 -10.55 2.86
C GLU A 30 6.07 -9.74 4.12
N GLU A 31 6.28 -8.44 3.98
CA GLU A 31 6.17 -7.48 5.07
C GLU A 31 5.68 -6.16 4.47
N ILE A 32 4.92 -5.40 5.26
CA ILE A 32 4.17 -4.25 4.81
C ILE A 32 4.56 -3.08 5.72
N THR A 33 5.66 -2.41 5.39
CA THR A 33 6.02 -1.17 6.05
C THR A 33 5.10 -0.05 5.56
N VAL A 34 4.42 0.63 6.49
CA VAL A 34 3.50 1.74 6.23
C VAL A 34 3.96 2.96 7.04
N THR A 35 4.64 3.92 6.41
CA THR A 35 5.01 5.16 7.07
C THR A 35 3.83 6.14 7.03
N TYR A 36 3.57 6.89 8.10
CA TYR A 36 2.53 7.92 8.17
C TYR A 36 2.95 9.02 9.14
N VAL A 37 2.12 10.05 9.29
CA VAL A 37 2.42 11.30 9.98
C VAL A 37 1.28 11.66 10.94
N ASN A 38 1.59 12.36 12.03
CA ASN A 38 0.61 12.83 13.02
C ASN A 38 0.24 14.29 12.77
N LYS A 39 -0.61 14.87 13.63
CA LYS A 39 -0.83 16.32 13.70
C LYS A 39 0.47 17.07 13.96
N THR A 40 1.38 16.46 14.71
CA THR A 40 2.73 16.95 14.94
C THR A 40 3.64 16.43 13.82
N GLY A 41 4.83 17.03 13.65
CA GLY A 41 5.81 16.58 12.67
C GLY A 41 6.54 15.31 13.12
N TYR A 42 5.80 14.28 13.51
CA TYR A 42 6.25 13.02 14.05
C TYR A 42 5.62 11.93 13.20
N SER A 43 6.46 11.07 12.66
CA SER A 43 6.14 10.08 11.67
C SER A 43 6.63 8.72 12.14
N SER A 44 5.74 7.73 12.13
CA SER A 44 6.03 6.35 12.49
C SER A 44 5.89 5.49 11.24
N SER A 45 6.51 4.31 11.26
CA SER A 45 6.40 3.30 10.24
C SER A 45 5.97 2.03 10.94
N VAL A 46 4.71 1.61 10.73
CA VAL A 46 4.29 0.28 11.21
C VAL A 46 4.96 -0.72 10.26
N SER A 47 5.23 -1.94 10.74
CA SER A 47 5.80 -3.00 9.94
C SER A 47 5.34 -4.33 10.52
N ALA A 48 4.77 -5.23 9.69
CA ALA A 48 4.21 -6.53 10.08
C ALA A 48 3.99 -7.40 8.83
N TYR A 49 3.90 -8.72 9.03
CA TYR A 49 3.70 -9.71 7.96
C TYR A 49 2.23 -9.74 7.54
N GLY A 50 1.93 -10.30 6.37
CA GLY A 50 0.56 -10.40 5.88
C GLY A 50 -0.25 -11.50 6.56
N ASN A 51 0.37 -12.56 7.09
CA ASN A 51 -0.34 -13.77 7.52
C ASN A 51 -1.08 -13.67 8.85
N ASN A 52 -1.03 -12.54 9.55
CA ASN A 52 -1.52 -12.45 10.92
C ASN A 52 -2.23 -11.14 11.23
N ASN A 53 -2.80 -11.03 12.43
CA ASN A 53 -3.43 -9.85 12.99
C ASN A 53 -2.35 -9.02 13.68
N ASP A 54 -2.69 -7.79 14.05
CA ASP A 54 -1.82 -6.84 14.72
C ASP A 54 -2.53 -6.18 15.89
N ASP A 55 -1.90 -6.22 17.06
CA ASP A 55 -2.24 -5.43 18.25
C ASP A 55 -1.06 -5.63 19.21
N PHE A 56 -0.04 -4.78 19.13
CA PHE A 56 1.29 -5.04 19.70
C PHE A 56 2.10 -3.76 19.97
N SER A 57 1.43 -2.62 20.17
CA SER A 57 2.07 -1.31 20.19
C SER A 57 1.32 -0.36 21.14
N SER A 58 1.89 0.82 21.42
CA SER A 58 1.38 1.83 22.32
C SER A 58 1.27 3.18 21.61
N THR A 59 1.16 3.18 20.27
CA THR A 59 1.20 4.35 19.43
C THR A 59 0.14 5.39 19.83
N PRO A 60 0.39 6.67 19.54
CA PRO A 60 -0.62 7.72 19.62
C PRO A 60 -1.77 7.42 18.64
N SER A 61 -2.82 8.22 18.72
CA SER A 61 -4.01 8.08 17.89
C SER A 61 -4.20 9.24 16.91
N ASN A 62 -3.36 10.26 17.01
CA ASN A 62 -3.39 11.54 16.31
C ASN A 62 -2.70 11.48 14.94
N PHE A 63 -2.94 10.40 14.17
CA PHE A 63 -2.62 10.37 12.73
C PHE A 63 -3.25 11.60 12.07
N SER A 64 -2.56 12.30 11.18
CA SER A 64 -3.14 13.47 10.49
C SER A 64 -2.51 13.78 9.12
N LYS A 65 -1.49 13.04 8.66
CA LYS A 65 -1.06 13.09 7.28
C LYS A 65 -0.53 11.71 6.90
N LEU A 66 -0.48 11.37 5.61
CA LEU A 66 0.06 10.08 5.17
C LEU A 66 1.49 10.26 4.71
N LYS A 67 2.22 9.14 4.60
CA LYS A 67 3.55 9.07 4.03
C LYS A 67 3.68 7.78 3.22
N GLU A 68 4.84 7.59 2.61
CA GLU A 68 5.18 6.47 1.73
C GLU A 68 5.22 5.11 2.45
N ILE A 69 5.34 4.05 1.64
CA ILE A 69 5.02 2.68 2.00
C ILE A 69 6.04 1.79 1.27
N ASP A 70 6.78 0.98 2.01
CA ASP A 70 7.77 0.05 1.47
C ASP A 70 7.20 -1.35 1.62
N LEU A 71 6.86 -2.03 0.53
CA LEU A 71 6.55 -3.47 0.58
C LEU A 71 7.82 -4.28 0.50
N LYS A 72 7.73 -5.49 1.02
CA LYS A 72 8.64 -6.59 0.69
C LYS A 72 7.85 -7.87 0.49
N LYS A 73 8.44 -8.80 -0.24
CA LYS A 73 7.86 -10.09 -0.61
C LYS A 73 8.97 -11.02 -1.05
N ASP A 74 8.69 -12.32 -0.97
CA ASP A 74 9.62 -13.41 -1.22
C ASP A 74 9.18 -14.24 -2.42
N ASN A 75 9.85 -15.37 -2.62
CA ASN A 75 9.60 -16.37 -3.62
C ASN A 75 8.40 -17.21 -3.19
N VAL A 76 7.22 -16.69 -3.53
CA VAL A 76 5.94 -17.38 -3.39
C VAL A 76 5.98 -18.73 -4.17
N PRO A 77 5.14 -19.71 -3.83
CA PRO A 77 5.04 -21.00 -4.51
C PRO A 77 4.27 -20.85 -5.83
N SER A 78 4.04 -21.97 -6.50
CA SER A 78 3.36 -22.08 -7.79
C SER A 78 2.07 -21.26 -7.85
N ASP A 79 1.38 -21.16 -6.71
CA ASP A 79 0.15 -20.44 -6.43
C ASP A 79 0.17 -19.03 -7.02
N ASP A 80 1.31 -18.33 -6.95
CA ASP A 80 1.41 -16.94 -7.37
C ASP A 80 2.76 -16.62 -8.03
N PHE A 81 3.58 -17.66 -8.28
CA PHE A 81 4.91 -17.52 -8.84
C PHE A 81 4.83 -16.73 -10.14
N ASN A 82 3.81 -16.98 -10.96
CA ASN A 82 3.72 -16.50 -12.32
C ASN A 82 2.50 -15.61 -12.43
N THR A 83 2.39 -14.60 -11.57
CA THR A 83 1.24 -13.70 -11.47
C THR A 83 1.58 -12.30 -12.00
N THR A 84 0.56 -11.62 -12.55
CA THR A 84 0.63 -10.26 -13.08
C THR A 84 -0.63 -9.46 -12.68
N VAL A 85 -0.50 -8.13 -12.63
CA VAL A 85 -1.60 -7.19 -12.43
C VAL A 85 -1.42 -6.01 -13.37
N SER A 86 -2.52 -5.55 -13.95
CA SER A 86 -2.59 -4.33 -14.71
C SER A 86 -2.16 -3.16 -13.81
N GLY A 87 -1.53 -2.13 -14.37
CA GLY A 87 -1.02 -1.00 -13.63
C GLY A 87 -2.17 -0.26 -12.94
N GLU A 88 -3.18 0.05 -13.74
CA GLU A 88 -4.40 0.76 -13.35
C GLU A 88 -5.07 0.04 -12.18
N ASP A 89 -5.27 -1.27 -12.34
CA ASP A 89 -6.01 -2.14 -11.43
C ASP A 89 -5.30 -2.28 -10.10
N SER A 90 -3.97 -2.26 -10.15
CA SER A 90 -3.08 -2.27 -8.98
C SER A 90 -3.10 -0.93 -8.22
N TRP A 91 -3.86 0.07 -8.68
CA TRP A 91 -3.99 1.40 -8.09
C TRP A 91 -5.43 1.70 -7.73
N LYS A 92 -6.40 1.28 -8.55
CA LYS A 92 -7.82 1.59 -8.42
C LYS A 92 -8.36 1.17 -7.05
N THR A 93 -8.36 -0.13 -6.77
CA THR A 93 -8.88 -0.75 -5.56
C THR A 93 -8.18 -0.14 -4.35
N LEU A 94 -6.84 -0.11 -4.38
CA LEU A 94 -5.96 0.42 -3.36
C LEU A 94 -6.39 1.83 -2.96
N THR A 95 -6.42 2.77 -3.91
CA THR A 95 -6.72 4.16 -3.57
C THR A 95 -8.14 4.34 -3.05
N SER A 96 -9.10 3.65 -3.66
CA SER A 96 -10.48 3.64 -3.19
C SER A 96 -10.49 3.30 -1.70
N LYS A 97 -9.88 2.16 -1.35
CA LYS A 97 -10.04 1.54 -0.05
C LYS A 97 -9.38 2.31 1.09
N LEU A 98 -8.56 3.32 0.78
CA LEU A 98 -7.98 4.24 1.75
C LEU A 98 -9.04 5.23 2.24
N LYS A 99 -9.81 5.86 1.34
CA LYS A 99 -10.74 6.92 1.72
C LYS A 99 -11.81 6.40 2.67
N GLU A 100 -12.15 5.12 2.63
CA GLU A 100 -13.02 4.46 3.61
C GLU A 100 -12.69 4.82 5.06
N LYS A 101 -11.42 5.01 5.38
CA LYS A 101 -10.93 5.29 6.72
C LYS A 101 -10.25 6.65 6.78
N GLY A 102 -10.63 7.56 5.88
CA GLY A 102 -10.12 8.92 5.81
C GLY A 102 -8.65 8.97 5.41
N LEU A 103 -8.04 7.86 4.97
CA LEU A 103 -6.59 7.73 4.82
C LEU A 103 -6.05 8.41 3.55
N VAL A 104 -6.83 9.26 2.88
CA VAL A 104 -6.33 10.15 1.84
C VAL A 104 -7.11 11.47 1.79
N THR A 105 -6.48 12.50 1.21
CA THR A 105 -7.04 13.82 0.97
C THR A 105 -7.45 13.98 -0.50
N ASP A 106 -8.28 14.99 -0.79
CA ASP A 106 -8.78 15.25 -2.13
C ASP A 106 -7.62 15.67 -3.00
N GLY A 107 -7.41 14.97 -4.12
CA GLY A 107 -6.37 15.33 -5.08
C GLY A 107 -4.97 14.85 -4.69
N GLN A 108 -4.80 14.08 -3.60
CA GLN A 108 -3.54 13.41 -3.30
C GLN A 108 -3.14 12.53 -4.48
N THR A 109 -1.85 12.51 -4.76
CA THR A 109 -1.31 11.78 -5.90
C THR A 109 -0.57 10.54 -5.37
N VAL A 110 -1.28 9.40 -5.32
CA VAL A 110 -0.70 8.15 -4.88
C VAL A 110 0.02 7.59 -6.10
N THR A 111 1.29 7.26 -5.97
CA THR A 111 2.13 6.70 -7.01
C THR A 111 2.66 5.34 -6.56
N ILE A 112 2.81 4.41 -7.49
CA ILE A 112 3.29 3.04 -7.28
C ILE A 112 4.45 2.89 -8.23
N HIS A 113 5.65 2.64 -7.71
CA HIS A 113 6.82 2.42 -8.53
C HIS A 113 6.95 0.92 -8.73
N CYS A 114 7.10 0.49 -9.97
CA CYS A 114 7.58 -0.88 -10.25
C CYS A 114 9.11 -0.85 -10.30
N ASN A 115 9.77 -1.95 -9.94
CA ASN A 115 11.22 -2.11 -9.90
C ASN A 115 11.51 -3.51 -10.45
N ASP A 116 11.68 -3.63 -11.76
CA ASP A 116 11.70 -4.93 -12.43
C ASP A 116 13.04 -5.63 -12.30
N LYS A 117 13.12 -6.89 -12.73
CA LYS A 117 14.38 -7.61 -12.93
C LYS A 117 14.32 -8.60 -14.10
N SER A 118 13.34 -8.46 -14.98
CA SER A 118 13.35 -9.15 -16.26
C SER A 118 14.31 -8.39 -17.18
N ASP A 119 13.94 -7.18 -17.64
CA ASP A 119 14.69 -6.46 -18.68
C ASP A 119 15.06 -5.05 -18.26
N ASN A 120 15.37 -4.90 -16.98
CA ASN A 120 16.01 -3.74 -16.39
C ASN A 120 15.07 -2.55 -16.53
N THR A 121 13.79 -2.76 -16.23
CA THR A 121 12.73 -1.78 -16.42
C THR A 121 12.35 -1.19 -15.06
N LYS A 122 11.93 0.06 -15.08
CA LYS A 122 11.38 0.82 -13.98
C LYS A 122 10.36 1.77 -14.58
N SER A 123 9.11 1.53 -14.28
CA SER A 123 7.98 2.37 -14.65
C SER A 123 7.03 2.37 -13.46
N SER A 124 6.02 3.24 -13.47
CA SER A 124 5.20 3.50 -12.29
C SER A 124 3.76 3.79 -12.74
N VAL A 125 2.82 3.95 -11.81
CA VAL A 125 1.49 4.46 -12.13
C VAL A 125 1.11 5.53 -11.11
N SER A 126 0.28 6.51 -11.50
CA SER A 126 -0.09 7.66 -10.70
C SER A 126 -1.42 8.23 -11.17
N GLY A 127 -2.23 8.73 -10.23
CA GLY A 127 -3.51 9.39 -10.47
C GLY A 127 -3.85 10.19 -9.21
N LYS A 128 -5.00 10.85 -9.17
CA LYS A 128 -5.42 11.64 -8.02
C LYS A 128 -6.68 11.05 -7.39
N VAL A 129 -6.86 11.29 -6.09
CA VAL A 129 -8.05 10.88 -5.35
C VAL A 129 -9.26 11.51 -6.04
N GLY A 130 -10.07 10.67 -6.65
CA GLY A 130 -11.30 11.00 -7.34
C GLY A 130 -11.24 10.63 -8.81
N ALA A 131 -10.09 10.78 -9.45
CA ALA A 131 -9.94 10.79 -10.90
C ALA A 131 -9.04 9.65 -11.39
N ASP A 132 -9.01 9.45 -12.70
CA ASP A 132 -8.27 8.36 -13.31
C ASP A 132 -6.77 8.68 -13.38
N LEU A 133 -6.02 7.67 -13.80
CA LEU A 133 -4.63 7.68 -14.16
C LEU A 133 -4.47 8.36 -15.52
N THR A 134 -4.12 9.64 -15.49
CA THR A 134 -3.54 10.32 -16.64
C THR A 134 -2.12 9.79 -16.94
N SER A 135 -1.48 9.12 -15.98
CA SER A 135 -0.06 8.78 -16.04
C SER A 135 0.16 7.41 -15.41
N GLY A 136 0.00 6.37 -16.22
CA GLY A 136 0.13 4.98 -15.78
C GLY A 136 -1.10 4.15 -16.08
N ASN A 137 -1.95 4.57 -17.02
CA ASN A 137 -3.09 3.78 -17.49
C ASN A 137 -2.60 2.65 -18.40
N GLY A 138 -3.51 1.79 -18.85
CA GLY A 138 -3.33 0.90 -20.00
C GLY A 138 -2.00 0.15 -20.06
N THR A 139 -1.58 -0.52 -18.99
CA THR A 139 -0.28 -1.20 -18.85
C THR A 139 -0.43 -2.34 -17.83
N THR A 140 0.57 -3.21 -17.67
CA THR A 140 0.63 -4.22 -16.63
C THR A 140 2.06 -4.33 -16.10
N PHE A 141 2.21 -4.90 -14.90
CA PHE A 141 3.47 -5.22 -14.24
C PHE A 141 3.30 -6.56 -13.48
N LYS A 142 4.37 -7.06 -12.85
CA LYS A 142 4.36 -8.35 -12.16
C LYS A 142 4.49 -8.19 -10.65
N LYS A 143 3.82 -9.08 -9.93
CA LYS A 143 3.73 -9.03 -8.47
C LYS A 143 5.12 -9.00 -7.85
N ARG A 144 5.97 -9.94 -8.25
CA ARG A 144 7.36 -10.12 -7.82
C ARG A 144 8.31 -8.94 -8.11
N PHE A 145 7.84 -7.83 -8.67
CA PHE A 145 8.66 -6.68 -9.04
C PHE A 145 8.12 -5.36 -8.49
N ILE A 146 7.13 -5.36 -7.59
CA ILE A 146 6.56 -4.15 -7.03
C ILE A 146 6.81 -4.17 -5.52
N ASP A 147 7.62 -3.22 -5.07
CA ASP A 147 8.11 -3.08 -3.69
C ASP A 147 8.12 -1.60 -3.22
N LYS A 148 7.95 -0.59 -4.10
CA LYS A 148 7.94 0.84 -3.74
C LYS A 148 6.60 1.50 -4.01
N ILE A 149 6.06 2.21 -3.02
CA ILE A 149 4.85 3.03 -3.13
C ILE A 149 5.13 4.37 -2.45
N THR A 150 4.72 5.47 -3.08
CA THR A 150 5.15 6.81 -2.70
C THR A 150 3.98 7.76 -2.94
N ILE A 151 3.75 8.72 -2.04
CA ILE A 151 2.57 9.58 -2.06
C ILE A 151 3.05 11.03 -2.13
N ASP A 152 2.29 11.85 -2.85
CA ASP A 152 2.39 13.30 -2.99
C ASP A 152 1.86 13.95 -1.73
N GLY A 1 -15.86 8.19 24.95
CA GLY A 1 -15.79 7.49 23.66
C GLY A 1 -14.34 7.46 23.21
N GLU A 2 -13.85 6.27 22.86
CA GLU A 2 -12.44 6.02 22.64
C GLU A 2 -12.22 5.27 21.32
N GLU A 3 -13.08 5.51 20.33
CA GLU A 3 -12.92 5.18 18.91
C GLU A 3 -11.73 5.90 18.22
N LYS A 4 -10.68 6.20 18.99
CA LYS A 4 -9.34 6.47 18.52
C LYS A 4 -8.84 5.28 17.71
N MET A 5 -7.83 5.51 16.87
CA MET A 5 -7.21 4.50 16.04
C MET A 5 -5.70 4.71 16.11
N THR A 6 -5.04 3.78 16.78
CA THR A 6 -3.59 3.74 16.99
C THR A 6 -2.92 3.13 15.75
N ASN A 7 -1.65 2.71 15.83
CA ASN A 7 -0.99 1.91 14.79
C ASN A 7 -1.79 0.65 14.46
N GLY A 8 -2.08 -0.17 15.48
CA GLY A 8 -2.75 -1.48 15.39
C GLY A 8 -4.18 -1.43 14.88
N GLN A 9 -4.67 -0.23 14.61
CA GLN A 9 -5.98 -0.03 14.06
C GLN A 9 -5.91 0.79 12.77
N LEU A 10 -4.74 1.32 12.38
CA LEU A 10 -4.50 2.07 11.18
C LEU A 10 -4.00 1.10 10.13
N TRP A 11 -2.81 0.50 10.35
CA TRP A 11 -2.17 -0.29 9.30
C TRP A 11 -3.08 -1.44 8.91
N LYS A 12 -3.85 -2.04 9.83
CA LYS A 12 -4.71 -3.16 9.48
C LYS A 12 -5.71 -2.82 8.40
N LYS A 13 -6.30 -1.64 8.46
CA LYS A 13 -7.14 -1.13 7.37
C LYS A 13 -6.35 -1.06 6.07
N VAL A 14 -5.15 -0.48 6.10
CA VAL A 14 -4.33 -0.37 4.89
C VAL A 14 -4.02 -1.80 4.37
N LYS A 15 -3.70 -2.75 5.26
CA LYS A 15 -3.46 -4.15 4.93
C LYS A 15 -4.67 -4.73 4.23
N ASP A 16 -5.82 -4.63 4.88
CA ASP A 16 -7.13 -5.11 4.47
C ASP A 16 -7.55 -4.56 3.12
N SER A 17 -7.08 -3.37 2.78
CA SER A 17 -7.29 -2.74 1.50
C SER A 17 -6.74 -3.69 0.43
N LEU A 18 -5.46 -4.04 0.52
CA LEU A 18 -4.74 -4.78 -0.53
C LEU A 18 -5.13 -6.25 -0.63
N ILE A 19 -5.93 -6.72 0.31
CA ILE A 19 -6.55 -8.04 0.25
C ILE A 19 -7.44 -8.13 -0.99
N ASP A 20 -8.24 -7.08 -1.20
CA ASP A 20 -9.23 -6.98 -2.28
C ASP A 20 -8.51 -7.06 -3.63
N SER A 21 -7.52 -6.19 -3.80
CA SER A 21 -6.66 -6.14 -4.99
C SER A 21 -5.75 -7.38 -5.05
N ASN A 22 -5.26 -7.69 -6.25
CA ASN A 22 -4.38 -8.85 -6.47
C ASN A 22 -2.91 -8.51 -6.20
N ILE A 23 -2.60 -7.78 -5.13
CA ILE A 23 -1.25 -7.29 -4.85
C ILE A 23 -0.54 -8.18 -3.81
N ILE A 24 -1.26 -8.73 -2.83
CA ILE A 24 -0.70 -9.47 -1.71
C ILE A 24 -1.48 -10.77 -1.50
N SER A 25 -0.76 -11.86 -1.28
CA SER A 25 -1.35 -13.17 -0.98
C SER A 25 -1.92 -13.22 0.46
N GLY A 26 -1.60 -12.22 1.28
CA GLY A 26 -1.99 -12.18 2.68
C GLY A 26 -1.14 -13.18 3.47
N ASN A 27 0.12 -13.34 3.09
CA ASN A 27 1.01 -14.43 3.50
C ASN A 27 1.88 -14.02 4.67
N GLU A 28 2.62 -15.01 5.19
CA GLU A 28 3.52 -14.86 6.31
C GLU A 28 4.94 -14.49 5.86
N ASN A 29 5.18 -14.40 4.55
CA ASN A 29 6.43 -13.99 3.90
C ASN A 29 6.23 -12.71 3.08
N GLU A 30 5.22 -11.91 3.43
CA GLU A 30 5.02 -10.55 2.95
C GLU A 30 5.07 -9.66 4.19
N GLU A 31 5.62 -8.46 4.05
CA GLU A 31 5.61 -7.41 5.05
C GLU A 31 5.31 -6.12 4.30
N ILE A 32 4.60 -5.19 4.94
CA ILE A 32 4.30 -3.88 4.37
C ILE A 32 4.59 -2.80 5.40
N THR A 33 5.62 -2.01 5.13
CA THR A 33 6.06 -0.96 6.02
C THR A 33 5.37 0.35 5.62
N VAL A 34 4.30 0.75 6.32
CA VAL A 34 3.46 1.89 5.95
C VAL A 34 3.81 3.07 6.84
N THR A 35 4.38 4.15 6.29
CA THR A 35 4.58 5.38 7.03
C THR A 35 3.32 6.27 6.93
N TYR A 36 3.05 7.05 7.98
CA TYR A 36 1.98 8.04 7.99
C TYR A 36 2.38 9.21 8.91
N VAL A 37 1.59 10.28 8.94
CA VAL A 37 1.74 11.41 9.85
C VAL A 37 0.42 11.65 10.61
N ASN A 38 0.52 12.38 11.71
CA ASN A 38 -0.54 12.77 12.62
C ASN A 38 -0.63 14.29 12.71
N LYS A 39 -1.61 14.80 13.46
CA LYS A 39 -1.87 16.24 13.55
C LYS A 39 -0.78 17.00 14.31
N THR A 40 0.09 16.31 15.04
CA THR A 40 1.26 16.91 15.65
C THR A 40 2.48 16.85 14.72
N GLY A 41 2.32 16.44 13.46
CA GLY A 41 3.35 16.50 12.43
C GLY A 41 4.56 15.60 12.70
N TYR A 42 4.48 14.71 13.69
CA TYR A 42 5.41 13.60 13.83
C TYR A 42 4.91 12.49 12.89
N SER A 43 5.79 11.66 12.35
CA SER A 43 5.41 10.50 11.55
C SER A 43 5.89 9.22 12.25
N SER A 44 5.39 8.05 11.85
CA SER A 44 5.95 6.74 12.21
C SER A 44 5.61 5.77 11.08
N SER A 45 6.42 4.72 10.93
CA SER A 45 6.13 3.57 10.09
C SER A 45 5.57 2.44 10.95
N VAL A 46 4.46 1.85 10.54
CA VAL A 46 4.05 0.53 11.02
C VAL A 46 4.75 -0.49 10.11
N SER A 47 4.85 -1.75 10.54
CA SER A 47 5.52 -2.84 9.83
C SER A 47 4.85 -4.11 10.37
N ALA A 48 4.19 -4.91 9.52
CA ALA A 48 3.49 -6.12 9.92
C ALA A 48 3.26 -7.02 8.70
N TYR A 49 2.85 -8.26 8.95
CA TYR A 49 2.78 -9.31 7.93
C TYR A 49 1.34 -9.60 7.52
N GLY A 50 1.17 -10.13 6.30
CA GLY A 50 -0.15 -10.32 5.71
C GLY A 50 -0.94 -11.42 6.41
N ASN A 51 -0.30 -12.50 6.83
CA ASN A 51 -0.94 -13.58 7.59
C ASN A 51 -0.98 -13.21 9.09
N ASN A 52 -1.24 -11.95 9.46
CA ASN A 52 -1.28 -11.54 10.87
C ASN A 52 -2.17 -10.33 11.17
N ASN A 53 -2.15 -9.89 12.44
CA ASN A 53 -2.64 -8.62 12.93
C ASN A 53 -1.42 -7.68 13.08
N ASP A 54 -1.64 -6.46 13.53
CA ASP A 54 -0.64 -5.38 13.66
C ASP A 54 -0.57 -4.80 15.07
N ASP A 55 -0.82 -5.61 16.09
CA ASP A 55 -1.13 -5.15 17.44
C ASP A 55 0.05 -5.37 18.38
N PHE A 56 0.93 -4.37 18.42
CA PHE A 56 2.15 -4.32 19.23
C PHE A 56 2.76 -2.91 19.43
N SER A 57 2.22 -1.87 18.81
CA SER A 57 2.81 -0.52 18.82
C SER A 57 2.18 0.31 19.94
N SER A 58 2.78 1.44 20.32
CA SER A 58 2.41 2.29 21.47
C SER A 58 2.20 3.77 21.06
N THR A 59 2.08 4.00 19.76
CA THR A 59 1.86 5.28 19.08
C THR A 59 0.51 5.92 19.43
N PRO A 60 0.37 7.24 19.27
CA PRO A 60 -0.87 7.97 19.48
C PRO A 60 -1.87 7.70 18.35
N SER A 61 -3.02 8.37 18.44
CA SER A 61 -4.21 8.11 17.64
C SER A 61 -4.71 9.39 17.01
N ASN A 62 -3.80 10.24 16.55
CA ASN A 62 -4.03 11.56 15.98
C ASN A 62 -3.68 11.58 14.49
N PHE A 63 -3.72 10.42 13.81
CA PHE A 63 -3.41 10.32 12.37
C PHE A 63 -4.13 11.40 11.54
N SER A 64 -3.52 11.90 10.46
CA SER A 64 -4.16 12.91 9.61
C SER A 64 -3.55 13.06 8.20
N LYS A 65 -2.49 12.33 7.85
CA LYS A 65 -1.79 12.42 6.58
C LYS A 65 -1.13 11.07 6.34
N LEU A 66 -0.87 10.68 5.09
CA LEU A 66 -0.07 9.50 4.78
C LEU A 66 1.34 9.91 4.36
N LYS A 67 2.27 8.95 4.41
CA LYS A 67 3.63 9.01 3.87
C LYS A 67 3.91 7.74 3.05
N GLU A 68 5.11 7.66 2.48
CA GLU A 68 5.66 6.58 1.68
C GLU A 68 5.58 5.19 2.35
N ILE A 69 5.76 4.15 1.55
CA ILE A 69 5.57 2.74 1.92
C ILE A 69 6.69 1.93 1.27
N ASP A 70 7.27 0.97 1.99
CA ASP A 70 8.27 0.03 1.50
C ASP A 70 7.61 -1.36 1.55
N LEU A 71 7.12 -1.82 0.39
CA LEU A 71 6.56 -3.16 0.20
C LEU A 71 7.66 -4.21 0.15
N LYS A 72 7.35 -5.47 0.50
CA LYS A 72 8.30 -6.57 0.38
C LYS A 72 7.59 -7.91 0.18
N LYS A 73 8.31 -8.99 -0.15
CA LYS A 73 7.82 -10.37 -0.32
C LYS A 73 8.99 -11.32 -0.57
N ASP A 74 8.75 -12.63 -0.53
CA ASP A 74 9.68 -13.71 -0.93
C ASP A 74 9.22 -14.40 -2.22
N ASN A 75 9.91 -15.47 -2.60
CA ASN A 75 9.67 -16.33 -3.77
C ASN A 75 8.47 -17.23 -3.54
N VAL A 76 7.30 -16.68 -3.81
CA VAL A 76 6.05 -17.37 -3.57
C VAL A 76 5.99 -18.69 -4.35
N PRO A 77 5.27 -19.69 -3.83
CA PRO A 77 5.07 -20.97 -4.49
C PRO A 77 4.23 -20.85 -5.75
N SER A 78 4.06 -22.00 -6.41
CA SER A 78 3.44 -22.17 -7.70
C SER A 78 2.06 -21.51 -7.81
N ASP A 79 1.34 -21.41 -6.69
CA ASP A 79 0.01 -20.83 -6.62
C ASP A 79 0.00 -19.45 -7.27
N ASP A 80 1.01 -18.62 -6.99
CA ASP A 80 1.09 -17.21 -7.39
C ASP A 80 2.39 -16.87 -8.12
N PHE A 81 3.22 -17.88 -8.39
CA PHE A 81 4.58 -17.72 -8.92
C PHE A 81 4.62 -16.96 -10.25
N ASN A 82 3.55 -17.03 -11.04
CA ASN A 82 3.43 -16.44 -12.35
C ASN A 82 2.23 -15.49 -12.43
N THR A 83 1.92 -14.80 -11.35
CA THR A 83 0.86 -13.79 -11.32
C THR A 83 1.38 -12.42 -11.79
N THR A 84 0.53 -11.67 -12.49
CA THR A 84 0.80 -10.35 -13.06
C THR A 84 -0.45 -9.48 -12.95
N VAL A 85 -0.31 -8.19 -12.66
CA VAL A 85 -1.38 -7.25 -12.38
C VAL A 85 -1.36 -6.15 -13.46
N SER A 86 -2.44 -5.40 -13.63
CA SER A 86 -2.43 -4.18 -14.39
C SER A 86 -1.88 -3.07 -13.49
N GLY A 87 -1.02 -2.21 -14.02
CA GLY A 87 -0.42 -1.12 -13.24
C GLY A 87 -1.49 -0.19 -12.69
N GLU A 88 -2.52 0.08 -13.51
CA GLU A 88 -3.72 0.81 -13.15
C GLU A 88 -4.42 0.10 -12.02
N ASP A 89 -4.70 -1.20 -12.21
CA ASP A 89 -5.54 -1.94 -11.29
C ASP A 89 -4.86 -2.00 -9.92
N SER A 90 -3.52 -2.06 -9.92
CA SER A 90 -2.65 -2.02 -8.76
C SER A 90 -2.69 -0.67 -8.00
N TRP A 91 -3.39 0.34 -8.51
CA TRP A 91 -3.60 1.67 -7.92
C TRP A 91 -5.09 1.90 -7.65
N LYS A 92 -5.97 1.43 -8.54
CA LYS A 92 -7.40 1.64 -8.50
C LYS A 92 -8.01 1.07 -7.24
N THR A 93 -8.01 -0.26 -7.07
CA THR A 93 -8.61 -0.91 -5.92
C THR A 93 -8.04 -0.28 -4.65
N LEU A 94 -6.73 -0.02 -4.65
CA LEU A 94 -5.99 0.54 -3.55
C LEU A 94 -6.56 1.89 -3.12
N THR A 95 -6.55 2.89 -4.00
CA THR A 95 -7.04 4.21 -3.63
C THR A 95 -8.55 4.12 -3.27
N SER A 96 -9.31 3.21 -3.91
CA SER A 96 -10.73 3.03 -3.73
C SER A 96 -11.08 2.38 -2.38
N LYS A 97 -10.14 1.72 -1.71
CA LYS A 97 -10.41 0.94 -0.49
C LYS A 97 -9.86 1.62 0.77
N LEU A 98 -9.24 2.79 0.65
CA LEU A 98 -8.55 3.46 1.75
C LEU A 98 -9.38 4.59 2.32
N LYS A 99 -10.15 5.31 1.50
CA LYS A 99 -11.04 6.37 1.99
C LYS A 99 -12.15 5.78 2.86
N GLU A 100 -12.40 4.47 2.76
CA GLU A 100 -13.35 3.68 3.55
C GLU A 100 -13.20 3.97 5.03
N LYS A 101 -11.95 3.97 5.51
CA LYS A 101 -11.60 4.35 6.87
C LYS A 101 -10.83 5.66 6.96
N GLY A 102 -10.50 6.25 5.81
CA GLY A 102 -9.97 7.60 5.74
C GLY A 102 -8.45 7.58 5.80
N LEU A 103 -7.84 6.49 5.36
CA LEU A 103 -6.41 6.27 5.22
C LEU A 103 -5.84 7.06 4.02
N VAL A 104 -6.56 8.07 3.54
CA VAL A 104 -6.13 9.00 2.52
C VAL A 104 -6.67 10.38 2.90
N THR A 105 -6.11 11.41 2.30
CA THR A 105 -6.59 12.78 2.40
C THR A 105 -6.95 13.25 0.98
N ASP A 106 -7.87 14.19 0.87
CA ASP A 106 -8.28 14.75 -0.42
C ASP A 106 -7.04 15.32 -1.13
N GLY A 107 -6.96 15.16 -2.44
CA GLY A 107 -5.92 15.76 -3.27
C GLY A 107 -4.54 15.10 -3.20
N GLN A 108 -4.28 14.18 -2.27
CA GLN A 108 -2.96 13.54 -2.17
C GLN A 108 -2.69 12.61 -3.36
N THR A 109 -1.41 12.35 -3.64
CA THR A 109 -1.03 11.80 -4.93
C THR A 109 -0.11 10.58 -4.74
N VAL A 110 -0.67 9.37 -4.74
CA VAL A 110 0.08 8.12 -4.56
C VAL A 110 0.91 7.86 -5.82
N THR A 111 2.19 7.47 -5.68
CA THR A 111 3.10 7.06 -6.74
C THR A 111 3.71 5.69 -6.41
N ILE A 112 3.22 4.63 -7.06
CA ILE A 112 3.68 3.25 -6.88
C ILE A 112 4.85 3.04 -7.84
N HIS A 113 5.95 2.40 -7.44
CA HIS A 113 7.12 2.22 -8.29
C HIS A 113 7.37 0.73 -8.48
N CYS A 114 7.47 0.29 -9.74
CA CYS A 114 7.60 -1.10 -10.17
C CYS A 114 8.91 -1.23 -10.92
N ASN A 115 9.75 -2.13 -10.46
CA ASN A 115 11.13 -2.20 -10.86
C ASN A 115 11.47 -3.66 -11.09
N ASP A 116 11.15 -4.12 -12.32
CA ASP A 116 11.33 -5.49 -12.79
C ASP A 116 12.79 -5.90 -12.73
N LYS A 117 13.10 -7.17 -13.01
CA LYS A 117 14.47 -7.62 -13.17
C LYS A 117 14.63 -8.61 -14.31
N SER A 118 13.58 -8.89 -15.07
CA SER A 118 13.67 -9.77 -16.21
C SER A 118 14.30 -8.98 -17.37
N ASP A 119 13.50 -8.25 -18.13
CA ASP A 119 13.93 -7.69 -19.42
C ASP A 119 14.49 -6.27 -19.28
N ASN A 120 14.96 -5.91 -18.08
CA ASN A 120 15.53 -4.60 -17.73
C ASN A 120 14.47 -3.51 -17.88
N THR A 121 13.31 -3.69 -17.26
CA THR A 121 12.17 -2.77 -17.37
C THR A 121 11.84 -2.23 -15.99
N LYS A 122 11.32 -1.01 -15.92
CA LYS A 122 10.77 -0.41 -14.69
C LYS A 122 9.89 0.80 -15.06
N SER A 123 8.90 1.10 -14.23
CA SER A 123 7.94 2.17 -14.42
C SER A 123 7.31 2.54 -13.07
N SER A 124 6.28 3.37 -13.09
CA SER A 124 5.51 3.75 -11.91
C SER A 124 4.10 4.13 -12.35
N VAL A 125 3.15 4.27 -11.42
CA VAL A 125 1.83 4.83 -11.72
C VAL A 125 1.50 5.88 -10.65
N SER A 126 0.70 6.90 -10.99
CA SER A 126 0.25 7.90 -10.03
C SER A 126 -1.06 8.58 -10.40
N GLY A 127 -1.79 8.97 -9.36
CA GLY A 127 -3.00 9.81 -9.47
C GLY A 127 -3.35 10.44 -8.13
N LYS A 128 -4.23 11.46 -8.17
CA LYS A 128 -4.83 12.12 -7.00
C LYS A 128 -5.92 11.23 -6.42
N VAL A 129 -6.24 11.43 -5.14
CA VAL A 129 -7.36 10.77 -4.49
C VAL A 129 -8.64 11.29 -5.13
N GLY A 130 -9.31 10.42 -5.88
CA GLY A 130 -10.66 10.60 -6.40
C GLY A 130 -10.71 10.59 -7.92
N ALA A 131 -9.60 10.96 -8.57
CA ALA A 131 -9.53 11.13 -10.02
C ALA A 131 -8.92 9.89 -10.68
N ASP A 132 -8.76 9.89 -12.01
CA ASP A 132 -8.07 8.81 -12.73
C ASP A 132 -6.59 9.14 -12.93
N LEU A 133 -5.86 8.19 -13.47
CA LEU A 133 -4.41 8.20 -13.60
C LEU A 133 -3.99 9.09 -14.76
N THR A 134 -3.27 10.17 -14.45
CA THR A 134 -2.62 11.00 -15.46
C THR A 134 -1.24 10.43 -15.84
N SER A 135 -0.69 9.51 -15.04
CA SER A 135 0.50 8.74 -15.35
C SER A 135 0.25 7.32 -14.84
N GLY A 136 0.22 6.29 -15.69
CA GLY A 136 0.35 4.92 -15.23
C GLY A 136 -0.58 3.95 -15.95
N ASN A 137 -1.87 4.29 -16.06
CA ASN A 137 -2.84 3.53 -16.85
C ASN A 137 -2.32 3.32 -18.28
N GLY A 138 -2.47 2.09 -18.79
CA GLY A 138 -1.98 1.65 -20.09
C GLY A 138 -1.07 0.41 -20.03
N THR A 139 -0.59 0.03 -18.84
CA THR A 139 0.59 -0.83 -18.67
C THR A 139 0.30 -1.97 -17.67
N THR A 140 1.01 -3.09 -17.75
CA THR A 140 0.90 -4.26 -16.89
C THR A 140 2.25 -4.56 -16.21
N PHE A 141 2.23 -5.09 -14.99
CA PHE A 141 3.39 -5.29 -14.11
C PHE A 141 3.32 -6.67 -13.43
N LYS A 142 4.41 -7.11 -12.78
CA LYS A 142 4.47 -8.42 -12.13
C LYS A 142 4.50 -8.30 -10.61
N LYS A 143 3.73 -9.16 -9.91
CA LYS A 143 3.55 -9.10 -8.45
C LYS A 143 4.78 -9.50 -7.62
N ARG A 144 5.90 -9.76 -8.28
CA ARG A 144 7.20 -10.04 -7.67
C ARG A 144 8.14 -8.84 -7.70
N PHE A 145 7.78 -7.75 -8.40
CA PHE A 145 8.71 -6.65 -8.70
C PHE A 145 8.20 -5.26 -8.30
N ILE A 146 7.16 -5.18 -7.46
CA ILE A 146 6.58 -3.94 -7.00
C ILE A 146 6.86 -3.93 -5.50
N ASP A 147 7.98 -3.31 -5.17
CA ASP A 147 8.54 -3.23 -3.81
C ASP A 147 8.92 -1.78 -3.48
N LYS A 148 8.19 -0.79 -4.04
CA LYS A 148 8.34 0.61 -3.69
C LYS A 148 7.08 1.44 -3.91
N ILE A 149 6.81 2.41 -3.03
CA ILE A 149 5.78 3.43 -3.20
C ILE A 149 6.30 4.72 -2.54
N THR A 150 5.87 5.88 -3.01
CA THR A 150 6.00 7.18 -2.35
C THR A 150 4.69 7.94 -2.57
N ILE A 151 4.37 8.95 -1.76
CA ILE A 151 3.16 9.78 -1.89
C ILE A 151 3.61 11.23 -1.87
N ASP A 152 3.02 12.03 -2.76
CA ASP A 152 3.25 13.47 -2.89
C ASP A 152 2.67 14.22 -1.70
N GLY A 1 -14.44 11.24 9.26
CA GLY A 1 -14.64 10.26 10.33
C GLY A 1 -13.37 10.17 11.17
N GLU A 2 -13.49 10.52 12.45
CA GLU A 2 -12.45 10.50 13.46
C GLU A 2 -12.19 9.05 13.94
N GLU A 3 -11.92 8.14 13.00
CA GLU A 3 -11.50 6.80 13.34
C GLU A 3 -10.13 6.89 14.01
N LYS A 4 -10.11 6.71 15.32
CA LYS A 4 -8.91 6.66 16.13
C LYS A 4 -8.66 5.20 16.44
N MET A 5 -7.40 4.77 16.40
CA MET A 5 -6.98 3.40 16.68
C MET A 5 -5.48 3.40 16.94
N THR A 6 -4.97 2.36 17.58
CA THR A 6 -3.55 2.23 17.90
C THR A 6 -2.74 1.79 16.68
N ASN A 7 -1.42 1.74 16.83
CA ASN A 7 -0.44 1.45 15.77
C ASN A 7 -0.82 0.25 14.92
N GLY A 8 -1.09 -0.88 15.57
CA GLY A 8 -1.46 -2.13 14.95
C GLY A 8 -2.81 -2.01 14.27
N GLN A 9 -3.82 -1.59 15.04
CA GLN A 9 -5.17 -1.40 14.54
C GLN A 9 -5.21 -0.44 13.34
N LEU A 10 -4.28 0.53 13.22
CA LEU A 10 -4.06 1.39 12.09
C LEU A 10 -3.49 0.57 10.96
N TRP A 11 -2.31 -0.03 11.15
CA TRP A 11 -1.60 -0.76 10.12
C TRP A 11 -2.48 -1.83 9.48
N LYS A 12 -3.24 -2.61 10.28
CA LYS A 12 -4.17 -3.63 9.78
C LYS A 12 -5.10 -3.10 8.70
N LYS A 13 -5.64 -1.90 8.88
CA LYS A 13 -6.52 -1.31 7.85
C LYS A 13 -5.74 -1.12 6.55
N VAL A 14 -4.48 -0.70 6.62
CA VAL A 14 -3.58 -0.59 5.46
C VAL A 14 -3.14 -1.97 4.94
N LYS A 15 -3.14 -3.01 5.78
CA LYS A 15 -2.93 -4.38 5.32
C LYS A 15 -4.08 -4.74 4.40
N ASP A 16 -5.30 -4.70 4.94
CA ASP A 16 -6.45 -5.38 4.35
C ASP A 16 -7.01 -4.71 3.11
N SER A 17 -6.59 -3.49 2.77
CA SER A 17 -6.89 -2.88 1.48
C SER A 17 -6.28 -3.70 0.35
N LEU A 18 -4.96 -3.94 0.42
CA LEU A 18 -4.21 -4.66 -0.60
C LEU A 18 -4.65 -6.11 -0.76
N ILE A 19 -5.30 -6.70 0.25
CA ILE A 19 -5.90 -8.04 0.18
C ILE A 19 -6.93 -8.12 -0.95
N ASP A 20 -7.67 -7.05 -1.21
CA ASP A 20 -8.64 -7.03 -2.31
C ASP A 20 -7.95 -7.11 -3.67
N SER A 21 -6.66 -6.76 -3.73
CA SER A 21 -5.87 -6.76 -4.94
C SER A 21 -4.96 -8.00 -5.01
N ASN A 22 -4.47 -8.27 -6.22
CA ASN A 22 -3.35 -9.19 -6.46
C ASN A 22 -2.00 -8.55 -6.13
N ILE A 23 -1.93 -7.48 -5.33
CA ILE A 23 -0.69 -6.79 -5.03
C ILE A 23 0.13 -7.59 -4.01
N ILE A 24 -0.51 -8.32 -3.10
CA ILE A 24 0.12 -9.07 -2.02
C ILE A 24 -0.52 -10.45 -1.88
N SER A 25 0.18 -11.41 -1.27
CA SER A 25 -0.41 -12.66 -0.81
C SER A 25 -1.27 -12.41 0.43
N GLY A 26 -0.68 -11.70 1.39
CA GLY A 26 -1.09 -11.77 2.78
C GLY A 26 -0.65 -13.10 3.42
N ASN A 27 0.59 -13.53 3.19
CA ASN A 27 1.19 -14.68 3.87
C ASN A 27 2.40 -14.21 4.66
N GLU A 28 3.05 -15.14 5.37
CA GLU A 28 4.22 -14.94 6.23
C GLU A 28 5.50 -14.62 5.45
N ASN A 29 5.38 -14.34 4.15
CA ASN A 29 6.47 -14.16 3.20
C ASN A 29 6.35 -12.83 2.45
N GLU A 30 5.56 -11.89 2.97
CA GLU A 30 5.49 -10.50 2.52
C GLU A 30 5.36 -9.61 3.77
N GLU A 31 5.86 -8.37 3.73
CA GLU A 31 5.79 -7.39 4.82
C GLU A 31 5.39 -6.03 4.23
N ILE A 32 4.81 -5.18 5.07
CA ILE A 32 4.38 -3.82 4.77
C ILE A 32 4.87 -2.94 5.93
N THR A 33 5.76 -2.01 5.63
CA THR A 33 6.12 -0.89 6.49
C THR A 33 5.26 0.30 6.08
N VAL A 34 4.46 0.84 7.00
CA VAL A 34 3.66 2.06 6.78
C VAL A 34 4.24 3.19 7.62
N THR A 35 4.78 4.25 7.01
CA THR A 35 5.03 5.50 7.71
C THR A 35 3.72 6.32 7.71
N TYR A 36 3.29 6.81 8.88
CA TYR A 36 2.18 7.75 9.01
C TYR A 36 2.59 8.87 9.97
N VAL A 37 1.74 9.90 10.12
CA VAL A 37 2.01 11.05 10.97
C VAL A 37 0.73 11.52 11.69
N ASN A 38 0.93 12.15 12.86
CA ASN A 38 -0.13 12.62 13.75
C ASN A 38 -0.46 14.10 13.51
N LYS A 39 -1.31 14.67 14.36
CA LYS A 39 -1.65 16.10 14.29
C LYS A 39 -0.40 16.95 14.54
N THR A 40 0.44 16.51 15.47
CA THR A 40 1.77 17.08 15.71
C THR A 40 2.70 16.73 14.53
N GLY A 41 3.93 17.24 14.49
CA GLY A 41 4.84 17.01 13.39
C GLY A 41 5.60 15.69 13.51
N TYR A 42 5.02 14.65 14.13
CA TYR A 42 5.76 13.45 14.48
C TYR A 42 5.22 12.26 13.70
N SER A 43 6.00 11.84 12.73
CA SER A 43 5.76 10.61 12.00
C SER A 43 6.29 9.42 12.80
N SER A 44 5.83 8.22 12.47
CA SER A 44 6.43 6.95 12.84
C SER A 44 6.13 5.95 11.73
N SER A 45 6.86 4.84 11.70
CA SER A 45 6.64 3.72 10.80
C SER A 45 6.27 2.48 11.61
N VAL A 46 5.48 1.59 11.02
CA VAL A 46 4.97 0.38 11.63
C VAL A 46 5.08 -0.75 10.59
N SER A 47 5.82 -1.83 10.90
CA SER A 47 6.09 -2.91 9.97
C SER A 47 5.53 -4.24 10.49
N ALA A 48 4.92 -5.07 9.65
CA ALA A 48 4.35 -6.36 10.06
C ALA A 48 4.16 -7.24 8.82
N TYR A 49 3.99 -8.54 9.06
CA TYR A 49 3.97 -9.56 8.01
C TYR A 49 2.53 -9.84 7.58
N GLY A 50 2.36 -10.38 6.38
CA GLY A 50 1.05 -10.53 5.78
C GLY A 50 0.26 -11.72 6.34
N ASN A 51 0.88 -12.63 7.06
CA ASN A 51 0.19 -13.67 7.81
C ASN A 51 -0.36 -13.05 9.09
N ASN A 52 -1.67 -13.21 9.32
CA ASN A 52 -2.42 -12.80 10.50
C ASN A 52 -2.60 -11.28 10.58
N ASN A 53 -3.18 -10.81 11.67
CA ASN A 53 -3.04 -9.43 12.11
C ASN A 53 -1.63 -9.19 12.60
N ASP A 54 -1.40 -7.93 12.91
CA ASP A 54 -0.36 -7.50 13.81
C ASP A 54 -1.03 -7.15 15.13
N ASP A 55 -0.26 -7.20 16.22
CA ASP A 55 -0.38 -6.29 17.35
C ASP A 55 0.96 -6.40 18.07
N PHE A 56 1.74 -5.31 18.07
CA PHE A 56 3.11 -5.35 18.62
C PHE A 56 3.55 -4.02 19.26
N SER A 57 2.62 -3.10 19.51
CA SER A 57 2.91 -1.70 19.79
C SER A 57 1.74 -1.10 20.58
N SER A 58 1.93 0.12 21.12
CA SER A 58 0.86 0.96 21.66
C SER A 58 1.25 2.46 21.56
N THR A 59 1.76 2.93 20.43
CA THR A 59 1.75 4.37 20.14
C THR A 59 0.32 4.95 20.23
N PRO A 60 0.19 6.28 20.39
CA PRO A 60 -1.09 6.93 20.55
C PRO A 60 -1.88 6.84 19.25
N SER A 61 -3.18 7.14 19.31
CA SER A 61 -4.12 6.95 18.22
C SER A 61 -4.40 8.25 17.47
N ASN A 62 -3.65 9.31 17.80
CA ASN A 62 -3.57 10.66 17.25
C ASN A 62 -3.27 10.77 15.74
N PHE A 63 -3.53 9.73 14.95
CA PHE A 63 -3.41 9.77 13.49
C PHE A 63 -4.03 11.05 12.89
N SER A 64 -3.44 11.56 11.82
CA SER A 64 -3.96 12.68 11.05
C SER A 64 -3.63 12.53 9.55
N LYS A 65 -2.44 12.04 9.19
CA LYS A 65 -1.95 12.01 7.84
C LYS A 65 -1.17 10.72 7.59
N LEU A 66 -1.00 10.38 6.32
CA LEU A 66 -0.14 9.29 5.89
C LEU A 66 1.17 9.89 5.41
N LYS A 67 2.21 9.06 5.38
CA LYS A 67 3.46 9.29 4.65
C LYS A 67 3.64 8.10 3.70
N GLU A 68 4.87 7.76 3.29
CA GLU A 68 5.11 6.69 2.34
C GLU A 68 4.88 5.29 2.94
N ILE A 69 4.91 4.27 2.07
CA ILE A 69 4.73 2.85 2.40
C ILE A 69 5.83 2.09 1.66
N ASP A 70 6.54 1.21 2.36
CA ASP A 70 7.59 0.37 1.81
C ASP A 70 7.09 -1.06 1.90
N LEU A 71 6.99 -1.74 0.77
CA LEU A 71 6.54 -3.13 0.66
C LEU A 71 7.72 -4.06 0.44
N LYS A 72 7.54 -5.33 0.81
CA LYS A 72 8.49 -6.42 0.62
C LYS A 72 7.78 -7.65 0.08
N LYS A 73 8.52 -8.58 -0.54
CA LYS A 73 7.99 -9.85 -1.03
C LYS A 73 9.06 -10.93 -1.10
N ASP A 74 8.63 -12.18 -0.99
CA ASP A 74 9.43 -13.39 -1.15
C ASP A 74 8.99 -14.16 -2.41
N ASN A 75 9.45 -15.40 -2.58
CA ASN A 75 9.15 -16.30 -3.67
C ASN A 75 7.89 -17.09 -3.31
N VAL A 76 6.73 -16.57 -3.70
CA VAL A 76 5.49 -17.27 -3.45
C VAL A 76 5.47 -18.59 -4.26
N PRO A 77 4.73 -19.61 -3.79
CA PRO A 77 4.53 -20.88 -4.46
C PRO A 77 3.55 -20.74 -5.63
N SER A 78 3.21 -21.87 -6.25
CA SER A 78 2.36 -22.03 -7.43
C SER A 78 1.07 -21.22 -7.35
N ASP A 79 0.53 -21.12 -6.14
CA ASP A 79 -0.69 -20.48 -5.70
C ASP A 79 -0.79 -19.11 -6.38
N ASP A 80 0.30 -18.33 -6.27
CA ASP A 80 0.36 -16.95 -6.70
C ASP A 80 1.57 -16.69 -7.61
N PHE A 81 2.21 -17.75 -8.12
CA PHE A 81 3.49 -17.62 -8.79
C PHE A 81 3.32 -16.81 -10.08
N ASN A 82 2.22 -17.05 -10.80
CA ASN A 82 1.97 -16.43 -12.10
C ASN A 82 1.23 -15.09 -11.98
N THR A 83 0.87 -14.66 -10.78
CA THR A 83 0.02 -13.51 -10.53
C THR A 83 0.66 -12.21 -11.06
N THR A 84 -0.11 -11.45 -11.85
CA THR A 84 0.27 -10.16 -12.41
C THR A 84 -0.93 -9.21 -12.33
N VAL A 85 -0.67 -7.92 -12.57
CA VAL A 85 -1.67 -6.85 -12.54
C VAL A 85 -1.37 -5.82 -13.64
N SER A 86 -2.37 -5.15 -14.19
CA SER A 86 -2.18 -3.82 -14.76
C SER A 86 -1.79 -2.87 -13.63
N GLY A 87 -0.86 -1.95 -13.90
CA GLY A 87 -0.46 -0.91 -12.97
C GLY A 87 -1.64 -0.05 -12.55
N GLU A 88 -2.56 0.18 -13.49
CA GLU A 88 -3.81 0.88 -13.26
C GLU A 88 -4.67 0.14 -12.22
N ASP A 89 -4.96 -1.15 -12.46
CA ASP A 89 -5.68 -2.00 -11.50
C ASP A 89 -5.00 -2.00 -10.14
N SER A 90 -3.67 -2.02 -10.16
CA SER A 90 -2.76 -1.99 -9.01
C SER A 90 -2.73 -0.62 -8.29
N TRP A 91 -3.52 0.36 -8.74
CA TRP A 91 -3.72 1.67 -8.12
C TRP A 91 -5.22 1.87 -7.79
N LYS A 92 -6.11 1.41 -8.67
CA LYS A 92 -7.55 1.58 -8.57
C LYS A 92 -8.14 0.98 -7.30
N THR A 93 -8.01 -0.33 -7.12
CA THR A 93 -8.60 -1.06 -6.00
C THR A 93 -8.10 -0.46 -4.68
N LEU A 94 -6.78 -0.26 -4.59
CA LEU A 94 -6.03 0.32 -3.49
C LEU A 94 -6.66 1.64 -3.07
N THR A 95 -6.78 2.59 -3.98
CA THR A 95 -7.19 3.95 -3.63
C THR A 95 -8.64 3.98 -3.13
N SER A 96 -9.55 3.18 -3.71
CA SER A 96 -10.89 3.03 -3.18
C SER A 96 -10.88 2.42 -1.78
N LYS A 97 -10.10 1.36 -1.55
CA LYS A 97 -10.06 0.69 -0.24
C LYS A 97 -9.47 1.58 0.85
N LEU A 98 -8.78 2.69 0.52
CA LEU A 98 -8.26 3.61 1.51
C LEU A 98 -9.32 4.61 1.99
N LYS A 99 -10.06 5.26 1.07
CA LYS A 99 -10.99 6.32 1.47
C LYS A 99 -12.12 5.79 2.35
N GLU A 100 -12.36 4.47 2.30
CA GLU A 100 -13.21 3.72 3.23
C GLU A 100 -12.96 4.14 4.68
N LYS A 101 -11.69 4.16 5.09
CA LYS A 101 -11.30 4.50 6.46
C LYS A 101 -10.76 5.93 6.54
N GLY A 102 -11.02 6.75 5.53
CA GLY A 102 -10.49 8.10 5.39
C GLY A 102 -8.97 8.09 5.26
N LEU A 103 -8.35 6.99 4.87
CA LEU A 103 -6.90 6.84 4.79
C LEU A 103 -6.32 7.53 3.54
N VAL A 104 -7.09 8.40 2.88
CA VAL A 104 -6.64 9.34 1.88
C VAL A 104 -7.47 10.63 2.01
N THR A 105 -6.99 11.71 1.39
CA THR A 105 -7.69 12.96 1.21
C THR A 105 -7.79 13.28 -0.28
N ASP A 106 -8.88 13.95 -0.65
CA ASP A 106 -9.16 14.38 -2.02
C ASP A 106 -8.01 15.24 -2.53
N GLY A 107 -7.37 14.81 -3.61
CA GLY A 107 -6.30 15.53 -4.28
C GLY A 107 -4.90 14.98 -3.98
N GLN A 108 -4.74 14.00 -3.08
CA GLN A 108 -3.42 13.40 -2.88
C GLN A 108 -2.95 12.73 -4.16
N THR A 109 -1.64 12.78 -4.41
CA THR A 109 -1.00 12.06 -5.48
C THR A 109 -0.33 10.82 -4.85
N VAL A 110 -1.04 9.69 -4.80
CA VAL A 110 -0.55 8.37 -4.41
C VAL A 110 0.22 7.77 -5.61
N THR A 111 1.55 7.71 -5.54
CA THR A 111 2.41 7.17 -6.58
C THR A 111 2.76 5.73 -6.20
N ILE A 112 2.84 4.82 -7.17
CA ILE A 112 3.22 3.41 -6.96
C ILE A 112 4.35 3.13 -7.93
N HIS A 113 5.46 2.57 -7.50
CA HIS A 113 6.56 2.17 -8.36
C HIS A 113 6.52 0.65 -8.52
N CYS A 114 7.00 0.14 -9.66
CA CYS A 114 7.12 -1.28 -9.93
C CYS A 114 8.53 -1.52 -10.46
N ASN A 115 9.36 -2.12 -9.62
CA ASN A 115 10.80 -2.21 -9.80
C ASN A 115 11.09 -3.59 -10.39
N ASP A 116 10.81 -3.80 -11.67
CA ASP A 116 10.83 -5.12 -12.29
C ASP A 116 12.22 -5.45 -12.78
N LYS A 117 12.45 -6.71 -13.12
CA LYS A 117 13.76 -7.27 -13.42
C LYS A 117 13.68 -8.41 -14.42
N SER A 118 12.55 -8.58 -15.10
CA SER A 118 12.37 -9.50 -16.21
C SER A 118 12.87 -8.81 -17.48
N ASP A 119 12.01 -8.02 -18.12
CA ASP A 119 12.18 -7.29 -19.38
C ASP A 119 12.74 -5.87 -19.17
N ASN A 120 13.39 -5.65 -18.03
CA ASN A 120 14.13 -4.49 -17.62
C ASN A 120 13.21 -3.27 -17.42
N THR A 121 12.07 -3.40 -16.73
CA THR A 121 11.07 -2.33 -16.66
C THR A 121 11.06 -1.74 -15.25
N LYS A 122 11.13 -0.41 -15.18
CA LYS A 122 11.14 0.35 -13.93
C LYS A 122 10.31 1.61 -14.11
N SER A 123 9.04 1.53 -13.72
CA SER A 123 7.99 2.50 -14.03
C SER A 123 7.20 2.85 -12.76
N SER A 124 6.19 3.72 -12.88
CA SER A 124 5.27 4.07 -11.80
C SER A 124 3.87 4.40 -12.29
N VAL A 125 2.96 4.59 -11.34
CA VAL A 125 1.58 4.85 -11.63
C VAL A 125 1.15 5.94 -10.66
N SER A 126 0.45 6.95 -11.18
CA SER A 126 0.10 8.17 -10.48
C SER A 126 -1.20 8.73 -11.07
N GLY A 127 -2.09 9.14 -10.17
CA GLY A 127 -3.40 9.74 -10.41
C GLY A 127 -3.67 10.86 -9.40
N LYS A 128 -4.90 10.95 -8.89
CA LYS A 128 -5.38 11.85 -7.85
C LYS A 128 -6.58 11.20 -7.19
N VAL A 129 -6.75 11.39 -5.87
CA VAL A 129 -7.82 10.71 -5.13
C VAL A 129 -9.17 11.32 -5.52
N GLY A 130 -9.84 10.65 -6.46
CA GLY A 130 -11.13 11.03 -6.99
C GLY A 130 -11.19 10.80 -8.50
N ALA A 131 -10.09 11.04 -9.22
CA ALA A 131 -10.08 11.05 -10.69
C ALA A 131 -9.60 9.71 -11.25
N ASP A 132 -9.60 9.53 -12.58
CA ASP A 132 -8.84 8.45 -13.22
C ASP A 132 -7.36 8.82 -13.20
N LEU A 133 -6.51 7.89 -13.61
CA LEU A 133 -5.07 8.06 -13.61
C LEU A 133 -4.73 9.02 -14.75
N THR A 134 -3.68 9.81 -14.55
CA THR A 134 -3.14 10.67 -15.60
C THR A 134 -1.73 10.22 -15.98
N SER A 135 -1.00 9.57 -15.07
CA SER A 135 0.46 9.48 -15.12
C SER A 135 0.86 8.09 -14.66
N GLY A 136 0.33 7.07 -15.32
CA GLY A 136 0.49 5.70 -14.84
C GLY A 136 -0.30 4.67 -15.61
N ASN A 137 -1.55 5.00 -15.95
CA ASN A 137 -2.40 4.06 -16.66
C ASN A 137 -1.71 3.74 -17.97
N GLY A 138 -1.65 2.48 -18.37
CA GLY A 138 -1.04 2.08 -19.63
C GLY A 138 0.00 0.95 -19.53
N THR A 139 0.21 0.34 -18.37
CA THR A 139 1.34 -0.57 -18.15
C THR A 139 0.89 -1.76 -17.26
N THR A 140 1.59 -2.89 -17.27
CA THR A 140 1.31 -4.07 -16.45
C THR A 140 2.63 -4.65 -15.91
N PHE A 141 2.57 -5.23 -14.72
CA PHE A 141 3.71 -5.74 -13.96
C PHE A 141 3.34 -7.01 -13.20
N LYS A 142 4.33 -7.78 -12.74
CA LYS A 142 4.08 -8.91 -11.84
C LYS A 142 4.13 -8.45 -10.38
N LYS A 143 3.24 -8.96 -9.51
CA LYS A 143 3.21 -8.59 -8.09
C LYS A 143 4.56 -8.68 -7.38
N ARG A 144 5.38 -9.68 -7.74
CA ARG A 144 6.72 -9.94 -7.18
C ARG A 144 7.75 -8.84 -7.49
N PHE A 145 7.34 -7.80 -8.21
CA PHE A 145 8.15 -6.63 -8.53
C PHE A 145 7.46 -5.32 -8.11
N ILE A 146 6.38 -5.39 -7.33
CA ILE A 146 5.65 -4.23 -6.82
C ILE A 146 6.04 -4.13 -5.35
N ASP A 147 6.95 -3.21 -5.03
CA ASP A 147 7.66 -3.12 -3.76
C ASP A 147 8.11 -1.66 -3.45
N LYS A 148 7.34 -0.65 -3.87
CA LYS A 148 7.62 0.77 -3.58
C LYS A 148 6.37 1.65 -3.77
N ILE A 149 5.95 2.43 -2.77
CA ILE A 149 4.81 3.37 -2.86
C ILE A 149 5.18 4.66 -2.12
N THR A 150 4.84 5.82 -2.66
CA THR A 150 4.98 7.11 -2.01
C THR A 150 3.71 7.94 -2.20
N ILE A 151 3.59 9.03 -1.45
CA ILE A 151 2.60 10.06 -1.68
C ILE A 151 3.38 11.35 -1.92
N ASP A 152 2.84 12.23 -2.75
CA ASP A 152 3.37 13.57 -3.01
C ASP A 152 3.29 14.43 -1.76
N GLY A 1 -16.56 12.43 17.97
CA GLY A 1 -15.53 11.44 17.71
C GLY A 1 -15.07 10.84 19.03
N GLU A 2 -15.26 9.54 19.17
CA GLU A 2 -14.75 8.71 20.26
C GLU A 2 -14.29 7.34 19.76
N GLU A 3 -14.13 7.19 18.45
CA GLU A 3 -13.37 6.10 17.86
C GLU A 3 -11.90 6.57 17.86
N LYS A 4 -11.04 5.80 18.52
CA LYS A 4 -9.58 5.91 18.44
C LYS A 4 -9.00 4.60 17.97
N MET A 5 -7.79 4.63 17.40
CA MET A 5 -7.12 3.45 16.87
C MET A 5 -5.60 3.60 17.09
N THR A 6 -4.84 2.54 16.87
CA THR A 6 -3.39 2.47 17.08
C THR A 6 -2.77 1.90 15.82
N ASN A 7 -1.47 1.62 15.81
CA ASN A 7 -0.79 0.89 14.75
C ASN A 7 -1.53 -0.41 14.40
N GLY A 8 -1.84 -1.25 15.39
CA GLY A 8 -2.52 -2.53 15.22
C GLY A 8 -3.88 -2.43 14.54
N GLN A 9 -4.47 -1.24 14.51
CA GLN A 9 -5.58 -0.93 13.64
C GLN A 9 -5.05 -0.33 12.34
N LEU A 10 -4.40 0.84 12.38
CA LEU A 10 -4.01 1.68 11.24
C LEU A 10 -3.27 0.91 10.16
N TRP A 11 -2.11 0.33 10.50
CA TRP A 11 -1.33 -0.47 9.56
C TRP A 11 -2.23 -1.55 8.96
N LYS A 12 -3.04 -2.21 9.78
CA LYS A 12 -3.94 -3.26 9.34
C LYS A 12 -4.92 -2.74 8.29
N LYS A 13 -5.56 -1.59 8.51
CA LYS A 13 -6.44 -0.94 7.52
C LYS A 13 -5.73 -0.69 6.18
N VAL A 14 -4.41 -0.51 6.21
CA VAL A 14 -3.57 -0.24 5.05
C VAL A 14 -2.97 -1.53 4.47
N LYS A 15 -2.89 -2.63 5.24
CA LYS A 15 -2.57 -3.98 4.76
C LYS A 15 -3.76 -4.53 3.98
N ASP A 16 -4.95 -4.40 4.56
CA ASP A 16 -6.18 -5.03 4.10
C ASP A 16 -6.55 -4.57 2.69
N SER A 17 -6.19 -3.35 2.27
CA SER A 17 -6.56 -2.80 0.98
C SER A 17 -6.05 -3.68 -0.17
N LEU A 18 -4.83 -4.19 -0.01
CA LEU A 18 -4.17 -5.05 -0.97
C LEU A 18 -4.78 -6.46 -1.02
N ILE A 19 -5.63 -6.85 -0.06
CA ILE A 19 -6.36 -8.11 -0.06
C ILE A 19 -7.53 -8.01 -1.04
N ASP A 20 -8.22 -6.87 -1.05
CA ASP A 20 -9.33 -6.60 -1.96
C ASP A 20 -8.86 -6.63 -3.41
N SER A 21 -7.55 -6.48 -3.66
CA SER A 21 -6.90 -6.46 -4.95
C SER A 21 -5.98 -7.68 -5.09
N ASN A 22 -5.32 -7.83 -6.24
CA ASN A 22 -4.45 -8.98 -6.53
C ASN A 22 -2.98 -8.68 -6.21
N ILE A 23 -2.73 -7.87 -5.17
CA ILE A 23 -1.45 -7.20 -4.98
C ILE A 23 -0.51 -7.98 -4.06
N ILE A 24 -1.05 -8.74 -3.10
CA ILE A 24 -0.33 -9.58 -2.16
C ILE A 24 -1.10 -10.91 -2.01
N SER A 25 -0.41 -11.97 -1.59
CA SER A 25 -0.97 -13.24 -1.13
C SER A 25 -1.27 -13.20 0.38
N GLY A 26 -0.58 -12.34 1.14
CA GLY A 26 -0.85 -12.16 2.55
C GLY A 26 -0.33 -13.29 3.44
N ASN A 27 0.76 -13.93 3.05
CA ASN A 27 1.32 -15.09 3.76
C ASN A 27 2.42 -14.64 4.71
N GLU A 28 3.11 -15.60 5.32
CA GLU A 28 4.20 -15.43 6.30
C GLU A 28 5.48 -14.81 5.70
N ASN A 29 5.41 -14.24 4.48
CA ASN A 29 6.56 -13.89 3.68
C ASN A 29 6.39 -12.63 2.83
N GLU A 30 5.37 -11.83 3.12
CA GLU A 30 5.22 -10.50 2.54
C GLU A 30 5.09 -9.51 3.69
N GLU A 31 5.85 -8.42 3.66
CA GLU A 31 5.83 -7.38 4.67
C GLU A 31 5.30 -6.11 4.03
N ILE A 32 4.66 -5.25 4.81
CA ILE A 32 4.23 -3.94 4.39
C ILE A 32 4.73 -2.95 5.43
N THR A 33 5.43 -1.91 4.97
CA THR A 33 6.20 -0.98 5.78
C THR A 33 5.55 0.40 5.66
N VAL A 34 4.60 0.71 6.53
CA VAL A 34 3.61 1.75 6.35
C VAL A 34 4.03 2.99 7.11
N THR A 35 4.58 4.00 6.43
CA THR A 35 4.93 5.27 7.07
C THR A 35 3.70 6.20 7.04
N TYR A 36 3.36 6.78 8.19
CA TYR A 36 2.38 7.85 8.31
C TYR A 36 2.93 8.95 9.23
N VAL A 37 2.20 10.05 9.39
CA VAL A 37 2.55 11.12 10.30
C VAL A 37 1.34 11.73 11.05
N ASN A 38 1.64 12.35 12.20
CA ASN A 38 0.70 12.86 13.20
C ASN A 38 0.28 14.30 12.89
N LYS A 39 -0.44 14.93 13.82
CA LYS A 39 -0.56 16.40 13.85
C LYS A 39 0.83 17.02 13.92
N THR A 40 1.72 16.41 14.70
CA THR A 40 3.08 16.85 14.87
C THR A 40 3.91 16.34 13.70
N GLY A 41 5.10 16.91 13.47
CA GLY A 41 6.01 16.52 12.40
C GLY A 41 6.70 15.19 12.66
N TYR A 42 6.06 14.29 13.42
CA TYR A 42 6.63 13.07 13.96
C TYR A 42 5.97 11.90 13.24
N SER A 43 6.77 11.29 12.40
CA SER A 43 6.44 10.18 11.51
C SER A 43 6.69 8.87 12.25
N SER A 44 6.05 7.78 11.83
CA SER A 44 6.36 6.42 12.25
C SER A 44 6.15 5.52 11.03
N SER A 45 7.04 4.55 10.80
CA SER A 45 6.65 3.37 10.05
C SER A 45 6.02 2.37 11.02
N VAL A 46 5.22 1.45 10.49
CA VAL A 46 4.93 0.19 11.15
C VAL A 46 5.35 -0.90 10.15
N SER A 47 5.83 -2.05 10.61
CA SER A 47 6.26 -3.16 9.77
C SER A 47 5.76 -4.49 10.34
N ALA A 48 5.05 -5.29 9.55
CA ALA A 48 4.57 -6.60 9.94
C ALA A 48 4.24 -7.41 8.69
N TYR A 49 3.97 -8.70 8.87
CA TYR A 49 3.75 -9.60 7.75
C TYR A 49 2.27 -9.66 7.43
N GLY A 50 1.96 -9.99 6.18
CA GLY A 50 0.58 -10.10 5.74
C GLY A 50 -0.16 -11.19 6.50
N ASN A 51 0.52 -12.28 6.83
CA ASN A 51 -0.02 -13.34 7.67
C ASN A 51 -0.55 -12.77 8.99
N ASN A 52 -1.82 -13.07 9.24
CA ASN A 52 -2.54 -12.92 10.51
C ASN A 52 -2.91 -11.46 10.80
N ASN A 53 -3.55 -11.20 11.93
CA ASN A 53 -3.60 -9.86 12.50
C ASN A 53 -2.31 -9.59 13.24
N ASP A 54 -2.16 -8.35 13.65
CA ASP A 54 -1.18 -7.92 14.63
C ASP A 54 -1.76 -6.70 15.33
N ASP A 55 -1.42 -6.54 16.61
CA ASP A 55 -1.89 -5.51 17.53
C ASP A 55 -1.23 -5.78 18.88
N PHE A 56 -0.34 -4.88 19.29
CA PHE A 56 0.36 -4.89 20.58
C PHE A 56 0.93 -3.50 20.91
N SER A 57 0.68 -2.51 20.06
CA SER A 57 1.43 -1.28 20.00
C SER A 57 0.56 -0.21 20.65
N SER A 58 1.10 0.39 21.72
CA SER A 58 0.42 1.43 22.48
C SER A 58 0.52 2.79 21.80
N THR A 59 0.47 2.83 20.46
CA THR A 59 0.59 4.04 19.66
C THR A 59 -0.72 4.86 19.75
N PRO A 60 -0.65 6.20 19.60
CA PRO A 60 -1.81 7.08 19.67
C PRO A 60 -2.65 7.02 18.40
N SER A 61 -3.81 7.70 18.39
CA SER A 61 -4.46 8.21 17.19
C SER A 61 -4.31 9.72 17.15
N ASN A 62 -3.08 10.23 17.03
CA ASN A 62 -2.86 11.60 16.61
C ASN A 62 -2.32 11.70 15.19
N PHE A 63 -2.50 10.64 14.41
CA PHE A 63 -2.39 10.63 12.95
C PHE A 63 -3.12 11.86 12.37
N SER A 64 -2.61 12.37 11.25
CA SER A 64 -3.25 13.48 10.56
C SER A 64 -2.86 13.51 9.07
N LYS A 65 -1.76 12.87 8.66
CA LYS A 65 -1.32 12.78 7.28
C LYS A 65 -0.83 11.37 6.99
N LEU A 66 -0.79 11.01 5.71
CA LEU A 66 -0.11 9.80 5.26
C LEU A 66 1.30 10.16 4.79
N LYS A 67 2.13 9.14 4.63
CA LYS A 67 3.43 9.21 3.99
C LYS A 67 3.61 8.00 3.06
N GLU A 68 4.84 7.69 2.67
CA GLU A 68 5.15 6.65 1.70
C GLU A 68 5.15 5.24 2.33
N ILE A 69 5.24 4.19 1.50
CA ILE A 69 5.16 2.79 1.91
C ILE A 69 6.20 1.99 1.12
N ASP A 70 6.82 1.00 1.75
CA ASP A 70 7.51 -0.09 1.07
C ASP A 70 6.68 -1.35 1.18
N LEU A 71 6.70 -2.16 0.13
CA LEU A 71 6.34 -3.57 0.16
C LEU A 71 7.61 -4.39 0.13
N LYS A 72 7.50 -5.59 0.70
CA LYS A 72 8.43 -6.69 0.43
C LYS A 72 7.67 -7.98 0.23
N LYS A 73 8.36 -8.95 -0.35
CA LYS A 73 7.80 -10.24 -0.75
C LYS A 73 8.93 -11.24 -0.98
N ASP A 74 8.55 -12.51 -1.10
CA ASP A 74 9.44 -13.66 -1.15
C ASP A 74 8.98 -14.64 -2.23
N ASN A 75 9.58 -15.83 -2.28
CA ASN A 75 9.19 -16.88 -3.21
C ASN A 75 8.06 -17.67 -2.61
N VAL A 76 6.86 -17.16 -2.88
CA VAL A 76 5.59 -17.83 -2.69
C VAL A 76 5.60 -19.21 -3.37
N PRO A 77 4.66 -20.11 -3.02
CA PRO A 77 4.43 -21.37 -3.71
C PRO A 77 3.83 -21.11 -5.10
N SER A 78 3.58 -22.21 -5.82
CA SER A 78 3.01 -22.21 -7.16
C SER A 78 1.72 -21.40 -7.26
N ASP A 79 0.99 -21.28 -6.15
CA ASP A 79 -0.27 -20.57 -5.96
C ASP A 79 -0.22 -19.21 -6.62
N ASP A 80 0.84 -18.44 -6.36
CA ASP A 80 0.96 -17.02 -6.73
C ASP A 80 2.25 -16.74 -7.50
N PHE A 81 2.99 -17.81 -7.85
CA PHE A 81 4.29 -17.71 -8.50
C PHE A 81 4.18 -16.95 -9.84
N ASN A 82 3.02 -17.03 -10.49
CA ASN A 82 2.76 -16.58 -11.85
C ASN A 82 1.87 -15.34 -11.87
N THR A 83 1.58 -14.75 -10.71
CA THR A 83 0.63 -13.66 -10.63
C THR A 83 1.22 -12.37 -11.19
N THR A 84 0.39 -11.66 -11.94
CA THR A 84 0.67 -10.38 -12.58
C THR A 84 -0.54 -9.47 -12.36
N VAL A 85 -0.36 -8.16 -12.57
CA VAL A 85 -1.42 -7.18 -12.37
C VAL A 85 -1.37 -6.10 -13.44
N SER A 86 -2.53 -5.63 -13.89
CA SER A 86 -2.62 -4.36 -14.58
C SER A 86 -2.18 -3.27 -13.61
N GLY A 87 -1.24 -2.42 -14.04
CA GLY A 87 -0.68 -1.37 -13.22
C GLY A 87 -1.76 -0.38 -12.81
N GLU A 88 -2.67 -0.07 -13.73
CA GLU A 88 -3.85 0.76 -13.49
C GLU A 88 -4.74 0.09 -12.44
N ASP A 89 -5.15 -1.15 -12.68
CA ASP A 89 -6.09 -1.89 -11.84
C ASP A 89 -5.55 -2.09 -10.41
N SER A 90 -4.23 -2.13 -10.28
CA SER A 90 -3.55 -2.15 -8.99
C SER A 90 -3.86 -0.89 -8.17
N TRP A 91 -3.96 0.27 -8.83
CA TRP A 91 -4.16 1.56 -8.19
C TRP A 91 -5.60 1.75 -7.77
N LYS A 92 -6.55 1.30 -8.60
CA LYS A 92 -7.97 1.43 -8.39
C LYS A 92 -8.38 1.01 -6.97
N THR A 93 -8.33 -0.29 -6.69
CA THR A 93 -8.79 -0.86 -5.43
C THR A 93 -7.99 -0.23 -4.27
N LEU A 94 -6.66 -0.27 -4.36
CA LEU A 94 -5.71 0.28 -3.40
C LEU A 94 -6.09 1.69 -2.96
N THR A 95 -6.53 2.58 -3.85
CA THR A 95 -6.91 3.93 -3.48
C THR A 95 -8.30 3.98 -2.86
N SER A 96 -9.29 3.32 -3.48
CA SER A 96 -10.67 3.33 -3.01
C SER A 96 -10.75 2.81 -1.57
N LYS A 97 -9.94 1.80 -1.24
CA LYS A 97 -9.88 1.20 0.10
C LYS A 97 -9.35 2.15 1.18
N LEU A 98 -8.79 3.31 0.85
CA LEU A 98 -8.25 4.25 1.84
C LEU A 98 -9.24 5.36 2.16
N LYS A 99 -9.93 5.89 1.15
CA LYS A 99 -10.87 7.00 1.34
C LYS A 99 -11.98 6.58 2.30
N GLU A 100 -12.31 5.27 2.33
CA GLU A 100 -13.20 4.65 3.31
C GLU A 100 -12.90 5.11 4.73
N LYS A 101 -11.75 4.67 5.24
CA LYS A 101 -11.33 4.84 6.62
C LYS A 101 -10.79 6.24 6.90
N GLY A 102 -10.97 7.18 5.97
CA GLY A 102 -10.52 8.55 6.14
C GLY A 102 -8.99 8.62 6.09
N LEU A 103 -8.37 7.90 5.14
CA LEU A 103 -6.91 7.73 5.05
C LEU A 103 -6.33 8.28 3.74
N VAL A 104 -7.05 9.15 3.03
CA VAL A 104 -6.48 10.00 1.98
C VAL A 104 -7.28 11.29 1.93
N THR A 105 -6.74 12.32 1.29
CA THR A 105 -7.45 13.55 1.00
C THR A 105 -7.91 13.53 -0.46
N ASP A 106 -8.94 14.30 -0.78
CA ASP A 106 -9.23 14.74 -2.14
C ASP A 106 -7.95 15.27 -2.77
N GLY A 107 -7.69 14.90 -4.02
CA GLY A 107 -6.59 15.45 -4.81
C GLY A 107 -5.21 14.88 -4.49
N GLN A 108 -5.04 14.01 -3.48
CA GLN A 108 -3.73 13.39 -3.22
C GLN A 108 -3.29 12.62 -4.45
N THR A 109 -1.99 12.63 -4.76
CA THR A 109 -1.46 11.92 -5.92
C THR A 109 -0.70 10.70 -5.39
N VAL A 110 -1.36 9.54 -5.39
CA VAL A 110 -0.78 8.28 -4.94
C VAL A 110 -0.04 7.69 -6.14
N THR A 111 1.24 7.39 -5.97
CA THR A 111 2.15 6.98 -7.02
C THR A 111 2.75 5.61 -6.64
N ILE A 112 2.53 4.59 -7.46
CA ILE A 112 3.05 3.21 -7.28
C ILE A 112 4.26 3.10 -8.21
N HIS A 113 5.33 2.38 -7.83
CA HIS A 113 6.48 2.12 -8.70
C HIS A 113 6.69 0.63 -8.92
N CYS A 114 6.99 0.23 -10.16
CA CYS A 114 7.51 -1.09 -10.51
C CYS A 114 9.02 -0.99 -10.65
N ASN A 115 9.74 -2.03 -10.22
CA ASN A 115 11.18 -2.06 -9.98
C ASN A 115 11.79 -3.30 -10.64
N ASP A 116 11.40 -3.58 -11.89
CA ASP A 116 11.50 -4.88 -12.55
C ASP A 116 12.96 -5.29 -12.77
N LYS A 117 13.29 -6.55 -12.49
CA LYS A 117 14.66 -7.06 -12.62
C LYS A 117 14.85 -7.88 -13.89
N SER A 118 13.80 -8.11 -14.68
CA SER A 118 13.89 -9.00 -15.83
C SER A 118 14.73 -8.34 -16.92
N ASP A 119 14.45 -7.08 -17.30
CA ASP A 119 15.26 -6.38 -18.31
C ASP A 119 15.50 -4.91 -17.98
N ASN A 120 15.84 -4.62 -16.71
CA ASN A 120 16.20 -3.27 -16.26
C ASN A 120 15.10 -2.25 -16.64
N THR A 121 13.85 -2.48 -16.20
CA THR A 121 12.71 -1.65 -16.57
C THR A 121 12.08 -1.08 -15.29
N LYS A 122 11.81 0.22 -15.26
CA LYS A 122 11.21 0.90 -14.12
C LYS A 122 10.26 1.97 -14.62
N SER A 123 9.06 1.93 -14.06
CA SER A 123 7.91 2.73 -14.44
C SER A 123 7.02 2.90 -13.21
N SER A 124 5.97 3.71 -13.30
CA SER A 124 5.07 3.97 -12.19
C SER A 124 3.63 4.07 -12.69
N VAL A 125 2.65 4.24 -11.79
CA VAL A 125 1.38 4.86 -12.15
C VAL A 125 1.03 5.89 -11.10
N SER A 126 0.29 6.92 -11.48
CA SER A 126 -0.30 7.87 -10.55
C SER A 126 -1.60 8.49 -11.10
N GLY A 127 -2.44 8.91 -10.16
CA GLY A 127 -3.74 9.52 -10.37
C GLY A 127 -4.15 10.21 -9.09
N LYS A 128 -5.34 10.81 -9.04
CA LYS A 128 -5.78 11.66 -7.93
C LYS A 128 -7.06 11.12 -7.31
N VAL A 129 -7.21 11.37 -6.00
CA VAL A 129 -8.26 10.77 -5.18
C VAL A 129 -9.62 11.30 -5.58
N GLY A 130 -10.37 10.49 -6.33
CA GLY A 130 -11.70 10.78 -6.83
C GLY A 130 -11.73 10.92 -8.35
N ALA A 131 -10.56 10.94 -9.00
CA ALA A 131 -10.35 10.99 -10.43
C ALA A 131 -9.70 9.68 -10.89
N ASP A 132 -9.43 9.55 -12.18
CA ASP A 132 -8.63 8.46 -12.73
C ASP A 132 -7.14 8.78 -12.75
N LEU A 133 -6.35 7.84 -13.24
CA LEU A 133 -4.93 7.96 -13.55
C LEU A 133 -4.79 8.72 -14.86
N THR A 134 -3.73 9.51 -14.96
CA THR A 134 -3.34 10.21 -16.18
C THR A 134 -1.82 10.15 -16.41
N SER A 135 -1.08 9.64 -15.44
CA SER A 135 0.36 9.49 -15.48
C SER A 135 0.52 8.00 -15.21
N GLY A 136 0.64 7.16 -16.24
CA GLY A 136 0.87 5.74 -16.00
C GLY A 136 -0.20 4.80 -16.51
N ASN A 137 -1.42 5.30 -16.78
CA ASN A 137 -2.56 4.50 -17.19
C ASN A 137 -2.23 3.76 -18.49
N GLY A 138 -2.49 2.45 -18.58
CA GLY A 138 -2.42 1.69 -19.83
C GLY A 138 -1.28 0.68 -19.91
N THR A 139 -0.62 0.33 -18.79
CA THR A 139 0.56 -0.55 -18.73
C THR A 139 0.34 -1.63 -17.66
N THR A 140 0.96 -2.81 -17.82
CA THR A 140 0.82 -3.92 -16.88
C THR A 140 2.18 -4.28 -16.26
N PHE A 141 2.17 -4.89 -15.07
CA PHE A 141 3.34 -5.16 -14.22
C PHE A 141 3.12 -6.51 -13.53
N LYS A 142 4.02 -6.93 -12.63
CA LYS A 142 3.90 -8.26 -12.00
C LYS A 142 3.84 -8.20 -10.48
N LYS A 143 3.21 -9.19 -9.87
CA LYS A 143 3.04 -9.32 -8.43
C LYS A 143 4.37 -9.62 -7.71
N ARG A 144 5.43 -9.93 -8.46
CA ARG A 144 6.77 -10.19 -7.96
C ARG A 144 7.81 -9.14 -8.36
N PHE A 145 7.41 -7.94 -8.81
CA PHE A 145 8.35 -6.88 -9.24
C PHE A 145 8.01 -5.45 -8.76
N ILE A 146 6.96 -5.23 -7.97
CA ILE A 146 6.48 -3.93 -7.55
C ILE A 146 6.72 -3.85 -6.03
N ASP A 147 7.72 -3.06 -5.63
CA ASP A 147 8.19 -2.91 -4.25
C ASP A 147 8.63 -1.45 -4.02
N LYS A 148 7.67 -0.52 -4.20
CA LYS A 148 7.67 0.86 -3.70
C LYS A 148 6.29 1.50 -3.88
N ILE A 149 5.87 2.40 -2.98
CA ILE A 149 4.81 3.41 -3.19
C ILE A 149 5.33 4.70 -2.55
N THR A 150 4.91 5.84 -3.09
CA THR A 150 5.14 7.17 -2.54
C THR A 150 3.88 7.99 -2.89
N ILE A 151 3.60 9.06 -2.15
CA ILE A 151 2.41 9.89 -2.36
C ILE A 151 2.90 11.32 -2.35
N ASP A 152 2.36 12.16 -3.23
CA ASP A 152 2.71 13.57 -3.37
C ASP A 152 2.13 14.40 -2.23
N GLY A 1 -16.17 13.34 10.85
CA GLY A 1 -16.08 11.98 11.38
C GLY A 1 -14.60 11.65 11.52
N GLU A 2 -14.13 11.44 12.74
CA GLU A 2 -12.72 11.31 13.06
C GLU A 2 -12.44 9.83 13.30
N GLU A 3 -11.78 9.18 12.36
CA GLU A 3 -11.21 7.85 12.48
C GLU A 3 -9.86 8.01 13.16
N LYS A 4 -9.70 7.37 14.32
CA LYS A 4 -8.45 7.32 15.07
C LYS A 4 -8.24 5.89 15.55
N MET A 5 -7.03 5.36 15.39
CA MET A 5 -6.67 4.04 15.87
C MET A 5 -5.15 3.96 16.07
N THR A 6 -4.67 2.94 16.79
CA THR A 6 -3.26 2.77 17.16
C THR A 6 -2.46 2.19 15.97
N ASN A 7 -1.15 1.98 16.13
CA ASN A 7 -0.20 1.64 15.06
C ASN A 7 -0.66 0.41 14.28
N GLY A 8 -0.76 -0.73 14.96
CA GLY A 8 -1.14 -2.00 14.38
C GLY A 8 -2.53 -1.94 13.79
N GLN A 9 -3.47 -1.32 14.51
CA GLN A 9 -4.84 -1.14 14.04
C GLN A 9 -4.84 -0.40 12.70
N LEU A 10 -4.07 0.69 12.59
CA LEU A 10 -3.99 1.58 11.45
C LEU A 10 -3.43 0.81 10.28
N TRP A 11 -2.27 0.19 10.49
CA TRP A 11 -1.64 -0.61 9.46
C TRP A 11 -2.63 -1.67 8.98
N LYS A 12 -3.40 -2.30 9.87
CA LYS A 12 -4.43 -3.25 9.47
C LYS A 12 -5.42 -2.65 8.49
N LYS A 13 -5.98 -1.47 8.80
CA LYS A 13 -6.87 -0.79 7.85
C LYS A 13 -6.19 -0.67 6.49
N VAL A 14 -4.94 -0.21 6.45
CA VAL A 14 -4.19 -0.05 5.20
C VAL A 14 -3.96 -1.41 4.54
N LYS A 15 -3.64 -2.46 5.28
CA LYS A 15 -3.41 -3.81 4.80
C LYS A 15 -4.62 -4.29 4.01
N ASP A 16 -5.82 -4.09 4.55
CA ASP A 16 -7.04 -4.53 3.88
C ASP A 16 -7.24 -3.82 2.54
N SER A 17 -6.54 -2.72 2.23
CA SER A 17 -6.65 -2.04 0.94
C SER A 17 -6.32 -3.00 -0.20
N LEU A 18 -5.26 -3.78 -0.04
CA LEU A 18 -4.74 -4.67 -1.07
C LEU A 18 -5.45 -6.00 -1.16
N ILE A 19 -6.32 -6.35 -0.21
CA ILE A 19 -7.02 -7.64 -0.25
C ILE A 19 -7.84 -7.72 -1.53
N ASP A 20 -8.47 -6.62 -1.94
CA ASP A 20 -9.34 -6.61 -3.09
C ASP A 20 -8.55 -6.60 -4.40
N SER A 21 -7.21 -6.42 -4.41
CA SER A 21 -6.41 -6.44 -5.64
C SER A 21 -5.39 -7.59 -5.62
N ASN A 22 -4.84 -7.95 -6.78
CA ASN A 22 -3.90 -9.07 -6.96
C ASN A 22 -2.47 -8.74 -6.46
N ILE A 23 -2.34 -7.74 -5.58
CA ILE A 23 -1.07 -7.26 -5.04
C ILE A 23 -0.55 -8.22 -3.97
N ILE A 24 -1.43 -8.84 -3.19
CA ILE A 24 -1.06 -9.73 -2.11
C ILE A 24 -1.82 -11.06 -2.26
N SER A 25 -1.35 -12.09 -1.56
CA SER A 25 -1.94 -13.41 -1.52
C SER A 25 -2.87 -13.49 -0.31
N GLY A 26 -2.44 -12.92 0.83
CA GLY A 26 -3.08 -13.08 2.11
C GLY A 26 -2.22 -13.89 3.10
N ASN A 27 -0.89 -14.01 2.91
CA ASN A 27 -0.05 -14.98 3.63
C ASN A 27 1.20 -14.35 4.22
N GLU A 28 1.97 -15.15 4.94
CA GLU A 28 3.11 -14.70 5.74
C GLU A 28 4.34 -14.28 4.91
N ASN A 29 4.23 -14.26 3.57
CA ASN A 29 5.36 -13.96 2.69
C ASN A 29 5.21 -12.63 1.95
N GLU A 30 4.56 -11.66 2.58
CA GLU A 30 4.33 -10.33 2.03
C GLU A 30 4.44 -9.37 3.20
N GLU A 31 5.44 -8.50 3.22
CA GLU A 31 5.58 -7.51 4.28
C GLU A 31 5.23 -6.16 3.68
N ILE A 32 4.59 -5.34 4.49
CA ILE A 32 4.20 -3.99 4.15
C ILE A 32 4.63 -3.14 5.32
N THR A 33 5.41 -2.12 5.05
CA THR A 33 5.86 -1.12 5.99
C THR A 33 5.08 0.16 5.69
N VAL A 34 4.06 0.45 6.50
CA VAL A 34 3.20 1.62 6.31
C VAL A 34 3.72 2.74 7.19
N THR A 35 4.31 3.78 6.60
CA THR A 35 4.67 4.98 7.32
C THR A 35 3.47 5.93 7.31
N TYR A 36 3.23 6.61 8.44
CA TYR A 36 2.20 7.64 8.57
C TYR A 36 2.65 8.66 9.61
N VAL A 37 1.96 9.80 9.72
CA VAL A 37 2.32 10.90 10.60
C VAL A 37 1.06 11.44 11.30
N ASN A 38 1.24 11.96 12.53
CA ASN A 38 0.16 12.47 13.36
C ASN A 38 -0.07 13.96 13.13
N LYS A 39 -0.93 14.59 13.95
CA LYS A 39 -1.17 16.04 13.92
C LYS A 39 0.10 16.78 14.28
N THR A 40 0.84 16.31 15.29
CA THR A 40 2.20 16.79 15.54
C THR A 40 3.11 16.30 14.40
N GLY A 41 4.35 16.75 14.31
CA GLY A 41 5.19 16.44 13.16
C GLY A 41 5.72 14.99 13.12
N TYR A 42 5.29 14.12 14.04
CA TYR A 42 5.96 12.87 14.36
C TYR A 42 5.44 11.74 13.49
N SER A 43 6.32 11.16 12.67
CA SER A 43 6.00 9.99 11.89
C SER A 43 6.22 8.71 12.69
N SER A 44 5.78 7.58 12.16
CA SER A 44 6.16 6.23 12.53
C SER A 44 5.92 5.32 11.33
N SER A 45 6.51 4.12 11.35
CA SER A 45 6.35 3.08 10.35
C SER A 45 5.93 1.77 11.03
N VAL A 46 4.95 1.07 10.48
CA VAL A 46 4.45 -0.20 11.01
C VAL A 46 4.87 -1.25 9.98
N SER A 47 5.77 -2.18 10.28
CA SER A 47 6.06 -3.31 9.39
C SER A 47 5.31 -4.54 9.90
N ALA A 48 4.76 -5.39 9.03
CA ALA A 48 4.13 -6.65 9.44
C ALA A 48 3.88 -7.52 8.21
N TYR A 49 3.76 -8.85 8.42
CA TYR A 49 3.52 -9.79 7.33
C TYR A 49 2.02 -9.97 7.07
N GLY A 50 1.69 -10.66 5.99
CA GLY A 50 0.34 -10.72 5.48
C GLY A 50 -0.54 -11.81 6.05
N ASN A 51 -0.02 -12.74 6.85
CA ASN A 51 -0.85 -13.64 7.63
C ASN A 51 -1.44 -12.88 8.81
N ASN A 52 -2.77 -12.98 8.99
CA ASN A 52 -3.44 -12.72 10.27
C ASN A 52 -3.52 -11.21 10.56
N ASN A 53 -3.67 -10.85 11.84
CA ASN A 53 -3.61 -9.46 12.31
C ASN A 53 -2.32 -9.18 13.05
N ASP A 54 -2.14 -7.88 13.28
CA ASP A 54 -0.97 -7.29 13.93
C ASP A 54 -1.43 -6.55 15.18
N ASP A 55 -0.58 -6.53 16.21
CA ASP A 55 -0.58 -5.53 17.26
C ASP A 55 0.75 -5.64 18.00
N PHE A 56 1.69 -4.66 17.90
CA PHE A 56 3.02 -4.77 18.54
C PHE A 56 3.69 -3.45 18.96
N SER A 57 2.95 -2.33 19.07
CA SER A 57 3.52 -1.00 19.26
C SER A 57 2.61 -0.15 20.15
N SER A 58 3.17 0.86 20.83
CA SER A 58 2.46 1.74 21.77
C SER A 58 2.21 3.15 21.22
N THR A 59 2.38 3.36 19.90
CA THR A 59 2.17 4.68 19.30
C THR A 59 0.68 5.09 19.37
N PRO A 60 0.38 6.41 19.34
CA PRO A 60 -0.94 6.95 19.63
C PRO A 60 -1.96 6.73 18.51
N SER A 61 -3.18 7.23 18.73
CA SER A 61 -4.26 7.36 17.77
C SER A 61 -4.41 8.86 17.52
N ASN A 62 -3.35 9.46 16.98
CA ASN A 62 -3.29 10.88 16.60
C ASN A 62 -3.03 11.01 15.10
N PHE A 63 -3.21 9.92 14.35
CA PHE A 63 -3.09 9.88 12.89
C PHE A 63 -3.80 11.07 12.25
N SER A 64 -3.09 11.80 11.40
CA SER A 64 -3.58 12.99 10.70
C SER A 64 -3.10 13.05 9.26
N LYS A 65 -2.23 12.13 8.82
CA LYS A 65 -1.57 12.13 7.52
C LYS A 65 -1.00 10.75 7.26
N LEU A 66 -0.63 10.52 6.00
CA LEU A 66 0.06 9.34 5.54
C LEU A 66 1.49 9.76 5.15
N LYS A 67 2.41 8.81 5.18
CA LYS A 67 3.72 8.92 4.54
C LYS A 67 3.84 7.73 3.58
N GLU A 68 5.01 7.54 2.99
CA GLU A 68 5.25 6.49 2.02
C GLU A 68 5.08 5.07 2.60
N ILE A 69 5.12 4.06 1.73
CA ILE A 69 4.99 2.67 2.11
C ILE A 69 6.17 1.93 1.48
N ASP A 70 6.71 0.96 2.19
CA ASP A 70 7.70 0.03 1.69
C ASP A 70 6.99 -1.31 1.49
N LEU A 71 7.21 -1.95 0.33
CA LEU A 71 6.77 -3.31 0.08
C LEU A 71 7.96 -4.25 0.04
N LYS A 72 7.76 -5.45 0.56
CA LYS A 72 8.62 -6.61 0.33
C LYS A 72 7.78 -7.87 0.16
N LYS A 73 8.40 -8.96 -0.27
CA LYS A 73 7.85 -10.31 -0.29
C LYS A 73 9.02 -11.30 -0.34
N ASP A 74 8.76 -12.57 -0.04
CA ASP A 74 9.71 -13.66 -0.27
C ASP A 74 9.24 -14.51 -1.45
N ASN A 75 9.89 -15.66 -1.68
CA ASN A 75 9.51 -16.62 -2.72
C ASN A 75 8.36 -17.47 -2.20
N VAL A 76 7.15 -16.99 -2.40
CA VAL A 76 5.94 -17.74 -2.16
C VAL A 76 5.91 -19.01 -3.03
N PRO A 77 5.21 -20.06 -2.59
CA PRO A 77 5.01 -21.28 -3.35
C PRO A 77 3.99 -21.02 -4.47
N SER A 78 3.59 -22.08 -5.17
CA SER A 78 2.74 -22.06 -6.35
C SER A 78 1.50 -21.16 -6.22
N ASP A 79 0.95 -21.05 -5.02
CA ASP A 79 -0.29 -20.36 -4.68
C ASP A 79 -0.39 -19.00 -5.35
N ASP A 80 0.67 -18.19 -5.25
CA ASP A 80 0.76 -16.86 -5.88
C ASP A 80 2.19 -16.65 -6.40
N PHE A 81 2.81 -17.72 -6.91
CA PHE A 81 4.15 -17.63 -7.45
C PHE A 81 4.13 -16.79 -8.75
N ASN A 82 3.04 -16.85 -9.51
CA ASN A 82 2.95 -16.31 -10.87
C ASN A 82 2.08 -15.06 -10.93
N THR A 83 1.81 -14.42 -9.79
CA THR A 83 0.88 -13.33 -9.66
C THR A 83 1.43 -12.08 -10.36
N THR A 84 0.56 -11.41 -11.12
CA THR A 84 0.86 -10.18 -11.84
C THR A 84 -0.37 -9.27 -11.74
N VAL A 85 -0.15 -7.95 -11.74
CA VAL A 85 -1.18 -6.93 -11.53
C VAL A 85 -1.40 -6.07 -12.77
N SER A 86 -2.61 -5.57 -12.94
CA SER A 86 -3.07 -4.74 -14.01
C SER A 86 -2.80 -3.24 -13.75
N GLY A 87 -1.60 -2.91 -13.23
CA GLY A 87 -0.95 -1.60 -13.07
C GLY A 87 -1.83 -0.53 -12.47
N GLU A 88 -2.73 -0.02 -13.30
CA GLU A 88 -3.84 0.84 -12.95
C GLU A 88 -4.61 0.23 -11.78
N ASP A 89 -4.92 -1.05 -11.88
CA ASP A 89 -5.76 -1.74 -10.91
C ASP A 89 -5.05 -1.97 -9.59
N SER A 90 -3.71 -1.96 -9.66
CA SER A 90 -2.81 -1.91 -8.50
C SER A 90 -2.84 -0.52 -7.80
N TRP A 91 -3.60 0.44 -8.32
CA TRP A 91 -3.84 1.76 -7.72
C TRP A 91 -5.33 1.96 -7.44
N LYS A 92 -6.21 1.68 -8.41
CA LYS A 92 -7.64 1.89 -8.33
C LYS A 92 -8.22 1.29 -7.06
N THR A 93 -8.06 -0.01 -6.91
CA THR A 93 -8.68 -0.83 -5.89
C THR A 93 -8.09 -0.39 -4.54
N LEU A 94 -6.76 -0.30 -4.41
CA LEU A 94 -6.08 0.25 -3.25
C LEU A 94 -6.68 1.59 -2.82
N THR A 95 -6.80 2.57 -3.72
CA THR A 95 -7.28 3.90 -3.34
C THR A 95 -8.77 3.85 -2.95
N SER A 96 -9.57 3.03 -3.65
CA SER A 96 -10.96 2.77 -3.32
C SER A 96 -11.08 2.18 -1.91
N LYS A 97 -10.16 1.31 -1.49
CA LYS A 97 -10.27 0.52 -0.27
C LYS A 97 -9.45 1.17 0.86
N LEU A 98 -9.27 2.48 0.85
CA LEU A 98 -8.59 3.26 1.88
C LEU A 98 -9.50 4.34 2.44
N LYS A 99 -10.38 4.94 1.62
CA LYS A 99 -11.17 6.09 2.06
C LYS A 99 -12.19 5.69 3.15
N GLU A 100 -12.55 4.40 3.26
CA GLU A 100 -13.36 3.81 4.31
C GLU A 100 -12.84 4.28 5.66
N LYS A 101 -11.67 3.80 6.07
CA LYS A 101 -11.13 4.06 7.40
C LYS A 101 -10.37 5.38 7.42
N GLY A 102 -10.25 6.04 6.26
CA GLY A 102 -9.84 7.44 6.16
C GLY A 102 -8.37 7.55 5.79
N LEU A 103 -7.77 6.49 5.27
CA LEU A 103 -6.36 6.32 5.01
C LEU A 103 -5.93 6.97 3.70
N VAL A 104 -6.80 7.78 3.09
CA VAL A 104 -6.47 8.75 2.06
C VAL A 104 -7.26 10.03 2.40
N THR A 105 -6.87 11.16 1.81
CA THR A 105 -7.54 12.43 2.02
C THR A 105 -7.93 12.99 0.66
N ASP A 106 -8.91 13.91 0.62
CA ASP A 106 -9.36 14.46 -0.66
C ASP A 106 -8.20 15.17 -1.35
N GLY A 107 -7.85 14.74 -2.56
CA GLY A 107 -6.78 15.32 -3.36
C GLY A 107 -5.39 14.79 -3.04
N GLN A 108 -5.23 13.77 -2.18
CA GLN A 108 -3.92 13.15 -1.98
C GLN A 108 -3.45 12.44 -3.24
N THR A 109 -2.12 12.27 -3.38
CA THR A 109 -1.48 12.08 -4.66
C THR A 109 -0.53 10.86 -4.57
N VAL A 110 -1.10 9.67 -4.74
CA VAL A 110 -0.50 8.36 -4.46
C VAL A 110 0.23 7.87 -5.71
N THR A 111 1.54 7.63 -5.61
CA THR A 111 2.36 7.04 -6.68
C THR A 111 2.86 5.63 -6.28
N ILE A 112 3.00 4.74 -7.26
CA ILE A 112 3.47 3.36 -7.08
C ILE A 112 4.53 3.13 -8.16
N HIS A 113 5.72 2.63 -7.80
CA HIS A 113 6.81 2.37 -8.74
C HIS A 113 7.05 0.86 -8.87
N CYS A 114 7.53 0.46 -10.04
CA CYS A 114 7.88 -0.91 -10.36
C CYS A 114 9.31 -0.92 -10.92
N ASN A 115 10.06 -1.99 -10.65
CA ASN A 115 11.50 -2.05 -10.91
C ASN A 115 11.80 -3.37 -11.62
N ASP A 116 11.35 -3.51 -12.87
CA ASP A 116 11.37 -4.80 -13.56
C ASP A 116 12.80 -5.20 -13.90
N LYS A 117 13.41 -6.03 -13.04
CA LYS A 117 14.73 -6.60 -13.30
C LYS A 117 14.60 -7.80 -14.25
N SER A 118 13.76 -7.70 -15.28
CA SER A 118 13.92 -8.51 -16.46
C SER A 118 14.62 -7.63 -17.48
N ASP A 119 13.96 -6.80 -18.29
CA ASP A 119 14.58 -6.24 -19.50
C ASP A 119 14.98 -4.77 -19.36
N ASN A 120 15.23 -4.32 -18.13
CA ASN A 120 15.62 -2.98 -17.77
C ASN A 120 14.48 -2.02 -18.11
N THR A 121 13.36 -2.19 -17.41
CA THR A 121 12.18 -1.38 -17.59
C THR A 121 11.67 -0.95 -16.21
N LYS A 122 11.35 0.32 -16.04
CA LYS A 122 10.78 0.89 -14.81
C LYS A 122 9.67 1.84 -15.24
N SER A 123 8.51 1.68 -14.62
CA SER A 123 7.33 2.53 -14.82
C SER A 123 6.81 2.99 -13.45
N SER A 124 5.66 3.65 -13.43
CA SER A 124 4.89 3.93 -12.24
C SER A 124 3.41 4.00 -12.60
N VAL A 125 2.53 4.14 -11.61
CA VAL A 125 1.16 4.60 -11.81
C VAL A 125 0.88 5.66 -10.73
N SER A 126 0.09 6.68 -11.05
CA SER A 126 -0.30 7.73 -10.12
C SER A 126 -1.57 8.46 -10.56
N GLY A 127 -2.37 8.89 -9.59
CA GLY A 127 -3.61 9.67 -9.72
C GLY A 127 -3.95 10.29 -8.36
N LYS A 128 -5.15 10.88 -8.21
CA LYS A 128 -5.59 11.53 -6.96
C LYS A 128 -6.90 10.97 -6.43
N VAL A 129 -7.14 11.17 -5.14
CA VAL A 129 -8.24 10.56 -4.39
C VAL A 129 -9.57 11.11 -4.91
N GLY A 130 -10.31 10.24 -5.60
CA GLY A 130 -11.58 10.52 -6.27
C GLY A 130 -11.41 10.49 -7.78
N ALA A 131 -10.28 10.98 -8.29
CA ALA A 131 -9.99 11.04 -9.72
C ALA A 131 -9.41 9.72 -10.23
N ASP A 132 -9.18 9.67 -11.54
CA ASP A 132 -8.51 8.59 -12.24
C ASP A 132 -7.00 8.87 -12.33
N LEU A 133 -6.27 8.00 -13.02
CA LEU A 133 -4.84 8.00 -13.16
C LEU A 133 -4.39 8.84 -14.34
N THR A 134 -3.94 10.07 -14.08
CA THR A 134 -3.21 10.84 -15.08
C THR A 134 -1.90 10.12 -15.49
N SER A 135 -1.31 9.30 -14.60
CA SER A 135 0.07 8.85 -14.73
C SER A 135 0.20 7.32 -14.72
N GLY A 136 -0.78 6.58 -15.25
CA GLY A 136 -0.56 5.18 -15.58
C GLY A 136 -1.84 4.38 -15.70
N ASN A 137 -2.54 4.52 -16.83
CA ASN A 137 -3.97 4.21 -16.91
C ASN A 137 -4.35 3.02 -17.75
N GLY A 138 -3.37 2.19 -18.08
CA GLY A 138 -3.54 1.04 -18.95
C GLY A 138 -2.27 0.20 -19.00
N THR A 139 -1.70 -0.12 -17.84
CA THR A 139 -0.41 -0.81 -17.74
C THR A 139 -0.57 -2.11 -16.95
N THR A 140 0.44 -2.99 -17.01
CA THR A 140 0.51 -4.19 -16.18
C THR A 140 1.94 -4.34 -15.68
N PHE A 141 2.11 -4.91 -14.49
CA PHE A 141 3.41 -5.26 -13.93
C PHE A 141 3.28 -6.58 -13.19
N LYS A 142 4.38 -7.22 -12.85
CA LYS A 142 4.35 -8.39 -11.99
C LYS A 142 4.04 -7.99 -10.54
N LYS A 143 3.73 -8.98 -9.70
CA LYS A 143 3.72 -8.80 -8.25
C LYS A 143 5.15 -8.60 -7.74
N ARG A 144 6.07 -9.42 -8.26
CA ARG A 144 7.43 -9.62 -7.73
C ARG A 144 8.28 -8.35 -7.77
N PHE A 145 8.21 -7.57 -8.85
CA PHE A 145 9.09 -6.42 -9.05
C PHE A 145 8.47 -5.09 -8.56
N ILE A 146 7.38 -5.11 -7.77
CA ILE A 146 6.83 -3.91 -7.16
C ILE A 146 7.32 -3.86 -5.71
N ASP A 147 8.01 -2.78 -5.36
CA ASP A 147 8.74 -2.65 -4.10
C ASP A 147 9.05 -1.19 -3.72
N LYS A 148 8.49 -0.18 -4.41
CA LYS A 148 8.63 1.23 -4.05
C LYS A 148 7.30 1.94 -4.26
N ILE A 149 6.88 2.74 -3.28
CA ILE A 149 5.64 3.50 -3.27
C ILE A 149 5.95 4.80 -2.52
N THR A 150 5.34 5.92 -2.90
CA THR A 150 5.37 7.17 -2.14
C THR A 150 4.04 7.90 -2.38
N ILE A 151 3.62 8.74 -1.44
CA ILE A 151 2.53 9.68 -1.63
C ILE A 151 3.16 11.08 -1.62
N ASP A 152 2.47 12.02 -2.25
CA ASP A 152 2.86 13.43 -2.22
C ASP A 152 2.26 14.13 -1.00
N GLY A 1 -18.16 12.12 13.98
CA GLY A 1 -17.25 11.14 13.35
C GLY A 1 -15.90 11.18 14.05
N GLU A 2 -15.58 10.12 14.80
CA GLU A 2 -14.30 9.93 15.46
C GLU A 2 -13.97 8.46 15.36
N GLU A 3 -12.71 8.11 15.13
CA GLU A 3 -12.22 6.75 15.06
C GLU A 3 -10.84 6.79 15.74
N LYS A 4 -10.80 6.56 17.05
CA LYS A 4 -9.52 6.43 17.73
C LYS A 4 -8.94 5.09 17.33
N MET A 5 -7.74 5.08 16.80
CA MET A 5 -7.00 3.87 16.46
C MET A 5 -5.59 4.00 17.00
N THR A 6 -4.79 2.95 16.91
CA THR A 6 -3.35 3.02 17.14
C THR A 6 -2.67 2.40 15.92
N ASN A 7 -1.34 2.31 15.92
CA ASN A 7 -0.63 1.66 14.81
C ASN A 7 -1.18 0.24 14.64
N GLY A 8 -1.41 -0.45 15.76
CA GLY A 8 -1.91 -1.81 15.84
C GLY A 8 -3.35 -1.98 15.40
N GLN A 9 -4.02 -0.91 14.95
CA GLN A 9 -5.22 -1.00 14.16
C GLN A 9 -5.00 -0.46 12.73
N LEU A 10 -4.20 0.60 12.59
CA LEU A 10 -3.93 1.32 11.36
C LEU A 10 -3.33 0.43 10.28
N TRP A 11 -2.22 -0.25 10.61
CA TRP A 11 -1.53 -1.09 9.65
C TRP A 11 -2.49 -2.12 9.08
N LYS A 12 -3.22 -2.84 9.96
CA LYS A 12 -4.11 -3.88 9.47
C LYS A 12 -5.17 -3.32 8.50
N LYS A 13 -5.61 -2.06 8.63
CA LYS A 13 -6.45 -1.44 7.61
C LYS A 13 -5.76 -1.51 6.26
N VAL A 14 -4.53 -1.01 6.15
CA VAL A 14 -3.78 -1.02 4.90
C VAL A 14 -3.65 -2.47 4.42
N LYS A 15 -3.17 -3.39 5.26
CA LYS A 15 -2.97 -4.79 4.86
C LYS A 15 -4.26 -5.38 4.30
N ASP A 16 -5.33 -5.38 5.10
CA ASP A 16 -6.59 -6.00 4.74
C ASP A 16 -7.20 -5.29 3.51
N SER A 17 -6.98 -3.99 3.31
CA SER A 17 -7.44 -3.27 2.11
C SER A 17 -6.82 -3.78 0.82
N LEU A 18 -5.58 -4.28 0.86
CA LEU A 18 -4.91 -4.76 -0.33
C LEU A 18 -5.33 -6.19 -0.69
N ILE A 19 -5.99 -6.91 0.22
CA ILE A 19 -6.50 -8.26 0.01
C ILE A 19 -7.61 -8.25 -1.05
N ASP A 20 -8.39 -7.18 -1.11
CA ASP A 20 -9.43 -6.98 -2.12
C ASP A 20 -8.86 -6.96 -3.54
N SER A 21 -7.55 -6.76 -3.66
CA SER A 21 -6.83 -6.65 -4.91
C SER A 21 -5.78 -7.76 -5.00
N ASN A 22 -5.13 -7.87 -6.16
CA ASN A 22 -4.00 -8.77 -6.35
C ASN A 22 -2.67 -8.06 -6.00
N ILE A 23 -2.72 -6.96 -5.23
CA ILE A 23 -1.55 -6.11 -4.95
C ILE A 23 -0.57 -6.82 -4.01
N ILE A 24 -0.99 -7.88 -3.31
CA ILE A 24 -0.27 -8.62 -2.28
C ILE A 24 -0.68 -10.09 -2.36
N SER A 25 -0.01 -10.95 -1.60
CA SER A 25 -0.48 -12.30 -1.32
C SER A 25 -1.20 -12.41 0.03
N GLY A 26 -0.78 -11.69 1.08
CA GLY A 26 -1.25 -12.00 2.44
C GLY A 26 -0.66 -13.31 2.96
N ASN A 27 0.51 -13.71 2.44
CA ASN A 27 1.29 -14.83 2.97
C ASN A 27 2.07 -14.37 4.19
N GLU A 28 2.79 -15.28 4.83
CA GLU A 28 3.86 -14.97 5.76
C GLU A 28 4.95 -14.21 4.99
N ASN A 29 5.26 -14.67 3.78
CA ASN A 29 6.37 -14.21 2.95
C ASN A 29 6.05 -12.91 2.18
N GLU A 30 5.28 -12.02 2.83
CA GLU A 30 4.78 -10.75 2.38
C GLU A 30 4.89 -9.84 3.61
N GLU A 31 5.53 -8.69 3.48
CA GLU A 31 5.71 -7.72 4.56
C GLU A 31 5.48 -6.32 4.00
N ILE A 32 4.84 -5.46 4.79
CA ILE A 32 4.28 -4.18 4.36
C ILE A 32 4.68 -3.13 5.41
N THR A 33 5.80 -2.44 5.20
CA THR A 33 6.20 -1.31 6.03
C THR A 33 5.42 -0.07 5.59
N VAL A 34 4.50 0.42 6.44
CA VAL A 34 3.64 1.56 6.16
C VAL A 34 4.17 2.76 6.95
N THR A 35 4.51 3.86 6.27
CA THR A 35 4.88 5.09 6.94
C THR A 35 3.67 6.06 6.92
N TYR A 36 3.48 6.82 8.00
CA TYR A 36 2.46 7.87 8.09
C TYR A 36 2.98 9.05 8.92
N VAL A 37 2.17 10.09 9.14
CA VAL A 37 2.62 11.32 9.80
C VAL A 37 1.60 11.80 10.88
N ASN A 38 2.10 12.29 12.02
CA ASN A 38 1.31 12.81 13.15
C ASN A 38 1.16 14.33 13.06
N LYS A 39 0.26 14.91 13.88
CA LYS A 39 0.10 16.38 14.01
C LYS A 39 1.37 17.08 14.48
N THR A 40 2.21 16.43 15.28
CA THR A 40 3.48 16.99 15.73
C THR A 40 4.59 16.76 14.69
N GLY A 41 4.24 16.41 13.45
CA GLY A 41 5.16 16.32 12.32
C GLY A 41 6.01 15.05 12.32
N TYR A 42 5.94 14.27 13.39
CA TYR A 42 6.63 13.00 13.53
C TYR A 42 6.08 11.97 12.55
N SER A 43 6.79 10.87 12.41
CA SER A 43 6.41 9.71 11.63
C SER A 43 6.71 8.45 12.44
N SER A 44 6.17 7.33 11.97
CA SER A 44 6.51 5.97 12.33
C SER A 44 6.34 5.14 11.06
N SER A 45 7.15 4.09 10.91
CA SER A 45 7.08 3.15 9.80
C SER A 45 6.88 1.78 10.42
N VAL A 46 5.62 1.36 10.46
CA VAL A 46 5.19 0.15 11.12
C VAL A 46 5.31 -1.00 10.13
N SER A 47 5.94 -2.10 10.55
CA SER A 47 6.28 -3.25 9.74
C SER A 47 5.60 -4.49 10.33
N ALA A 48 5.03 -5.32 9.46
CA ALA A 48 4.21 -6.46 9.84
C ALA A 48 3.92 -7.33 8.62
N TYR A 49 3.64 -8.61 8.89
CA TYR A 49 3.56 -9.64 7.89
C TYR A 49 2.12 -9.92 7.52
N GLY A 50 1.88 -10.17 6.24
CA GLY A 50 0.56 -10.30 5.66
C GLY A 50 -0.32 -11.32 6.38
N ASN A 51 0.26 -12.43 6.82
CA ASN A 51 -0.42 -13.56 7.45
C ASN A 51 -0.46 -13.47 8.98
N ASN A 52 -0.08 -12.34 9.58
CA ASN A 52 -0.07 -12.15 11.03
C ASN A 52 -0.73 -10.82 11.38
N ASN A 53 -0.82 -10.54 12.68
CA ASN A 53 -1.57 -9.44 13.26
C ASN A 53 -0.61 -8.44 13.89
N ASP A 54 -1.17 -7.46 14.60
CA ASP A 54 -0.48 -6.24 14.98
C ASP A 54 -1.01 -5.62 16.27
N ASP A 55 -1.67 -6.40 17.12
CA ASP A 55 -2.31 -5.94 18.36
C ASP A 55 -1.30 -5.92 19.50
N PHE A 56 -0.67 -4.77 19.66
CA PHE A 56 0.25 -4.42 20.75
C PHE A 56 0.63 -2.94 20.79
N SER A 57 0.80 -2.29 19.64
CA SER A 57 1.34 -0.93 19.59
C SER A 57 0.31 0.08 20.11
N SER A 58 0.40 0.40 21.39
CA SER A 58 -0.27 1.46 22.14
C SER A 58 0.22 2.87 21.72
N THR A 59 0.41 3.12 20.43
CA THR A 59 0.79 4.42 19.88
C THR A 59 -0.45 5.33 19.81
N PRO A 60 -0.29 6.66 19.77
CA PRO A 60 -1.39 7.62 19.76
C PRO A 60 -2.22 7.56 18.47
N SER A 61 -3.41 8.18 18.48
CA SER A 61 -4.32 8.40 17.37
C SER A 61 -4.10 9.81 16.78
N ASN A 62 -2.94 10.44 17.01
CA ASN A 62 -2.60 11.79 16.57
C ASN A 62 -2.14 11.86 15.10
N PHE A 63 -2.56 10.91 14.28
CA PHE A 63 -2.35 10.95 12.83
C PHE A 63 -2.86 12.27 12.23
N SER A 64 -2.29 12.70 11.11
CA SER A 64 -2.74 13.90 10.41
C SER A 64 -2.36 13.92 8.93
N LYS A 65 -1.44 13.07 8.45
CA LYS A 65 -1.15 12.86 7.05
C LYS A 65 -0.67 11.43 6.88
N LEU A 66 -0.59 10.97 5.63
CA LEU A 66 0.05 9.71 5.27
C LEU A 66 1.44 10.02 4.72
N LYS A 67 2.25 8.98 4.59
CA LYS A 67 3.55 9.00 3.92
C LYS A 67 3.67 7.70 3.10
N GLU A 68 4.85 7.45 2.54
CA GLU A 68 5.17 6.31 1.69
C GLU A 68 5.11 4.94 2.39
N ILE A 69 5.28 3.89 1.61
CA ILE A 69 5.19 2.48 1.97
C ILE A 69 6.35 1.75 1.27
N ASP A 70 7.05 0.90 2.00
CA ASP A 70 8.13 0.05 1.51
C ASP A 70 7.64 -1.40 1.66
N LEU A 71 7.39 -2.09 0.54
CA LEU A 71 6.88 -3.46 0.51
C LEU A 71 8.03 -4.46 0.47
N LYS A 72 7.72 -5.71 0.79
CA LYS A 72 8.57 -6.88 0.58
C LYS A 72 7.67 -8.05 0.24
N LYS A 73 8.18 -8.96 -0.57
CA LYS A 73 7.67 -10.31 -0.71
C LYS A 73 8.86 -11.21 -1.03
N ASP A 74 8.68 -12.52 -0.85
CA ASP A 74 9.69 -13.51 -1.16
C ASP A 74 9.27 -14.32 -2.39
N ASN A 75 9.93 -15.45 -2.66
CA ASN A 75 9.60 -16.30 -3.81
C ASN A 75 8.38 -17.12 -3.46
N VAL A 76 7.20 -16.56 -3.74
CA VAL A 76 5.93 -17.21 -3.53
C VAL A 76 5.85 -18.51 -4.37
N PRO A 77 5.01 -19.48 -3.97
CA PRO A 77 4.77 -20.72 -4.69
C PRO A 77 3.88 -20.50 -5.93
N SER A 78 3.52 -21.62 -6.56
CA SER A 78 2.81 -21.75 -7.81
C SER A 78 1.46 -21.04 -7.89
N ASP A 79 0.88 -20.66 -6.74
CA ASP A 79 -0.37 -19.89 -6.68
C ASP A 79 -0.17 -18.62 -7.48
N ASP A 80 0.96 -17.94 -7.29
CA ASP A 80 1.10 -16.53 -7.64
C ASP A 80 2.45 -16.20 -8.28
N PHE A 81 3.31 -17.21 -8.43
CA PHE A 81 4.66 -17.11 -8.97
C PHE A 81 4.67 -16.28 -10.26
N ASN A 82 3.70 -16.58 -11.15
CA ASN A 82 3.65 -16.09 -12.51
C ASN A 82 2.49 -15.10 -12.70
N THR A 83 1.77 -14.71 -11.64
CA THR A 83 0.65 -13.78 -11.76
C THR A 83 1.13 -12.40 -12.26
N THR A 84 0.18 -11.62 -12.76
CA THR A 84 0.36 -10.25 -13.23
C THR A 84 -0.73 -9.36 -12.64
N VAL A 85 -0.46 -8.07 -12.54
CA VAL A 85 -1.35 -7.04 -12.00
C VAL A 85 -1.44 -5.87 -12.99
N SER A 86 -2.65 -5.46 -13.36
CA SER A 86 -2.88 -4.26 -14.14
C SER A 86 -2.32 -3.10 -13.31
N GLY A 87 -1.55 -2.20 -13.92
CA GLY A 87 -0.99 -1.05 -13.23
C GLY A 87 -2.14 -0.23 -12.67
N GLU A 88 -3.07 0.09 -13.54
CA GLU A 88 -4.29 0.83 -13.29
C GLU A 88 -5.04 0.20 -12.11
N ASP A 89 -5.45 -1.08 -12.20
CA ASP A 89 -6.23 -1.68 -11.11
C ASP A 89 -5.44 -1.79 -9.82
N SER A 90 -4.13 -2.04 -9.94
CA SER A 90 -3.23 -2.09 -8.77
C SER A 90 -3.18 -0.76 -8.00
N TRP A 91 -3.76 0.33 -8.54
CA TRP A 91 -3.93 1.61 -7.87
C TRP A 91 -5.39 1.84 -7.46
N LYS A 92 -6.34 1.39 -8.29
CA LYS A 92 -7.77 1.58 -8.13
C LYS A 92 -8.25 1.04 -6.79
N THR A 93 -8.07 -0.24 -6.50
CA THR A 93 -8.60 -0.88 -5.30
C THR A 93 -7.98 -0.21 -4.07
N LEU A 94 -6.65 -0.05 -4.06
CA LEU A 94 -5.90 0.58 -2.98
C LEU A 94 -6.54 1.92 -2.59
N THR A 95 -6.74 2.82 -3.55
CA THR A 95 -7.32 4.12 -3.24
C THR A 95 -8.82 4.03 -2.92
N SER A 96 -9.55 3.12 -3.57
CA SER A 96 -10.97 2.84 -3.34
C SER A 96 -11.21 2.31 -1.92
N LYS A 97 -10.20 1.76 -1.25
CA LYS A 97 -10.34 1.11 0.05
C LYS A 97 -9.87 1.98 1.22
N LEU A 98 -9.23 3.13 0.97
CA LEU A 98 -8.62 3.96 2.00
C LEU A 98 -9.46 5.18 2.36
N LYS A 99 -10.12 5.82 1.38
CA LYS A 99 -10.94 7.01 1.69
C LYS A 99 -12.12 6.56 2.58
N GLU A 100 -12.50 5.29 2.56
CA GLU A 100 -13.49 4.68 3.45
C GLU A 100 -13.25 5.12 4.90
N LYS A 101 -12.14 4.67 5.51
CA LYS A 101 -11.78 5.02 6.88
C LYS A 101 -11.17 6.41 7.02
N GLY A 102 -11.19 7.23 5.97
CA GLY A 102 -10.62 8.56 6.02
C GLY A 102 -9.10 8.47 6.16
N LEU A 103 -8.44 7.64 5.34
CA LEU A 103 -7.01 7.36 5.42
C LEU A 103 -6.24 7.91 4.21
N VAL A 104 -6.84 8.85 3.45
CA VAL A 104 -6.17 9.63 2.38
C VAL A 104 -6.71 11.07 2.38
N THR A 105 -6.30 11.94 1.46
CA THR A 105 -6.83 13.28 1.27
C THR A 105 -7.09 13.59 -0.22
N ASP A 106 -8.00 14.54 -0.47
CA ASP A 106 -8.48 14.87 -1.81
C ASP A 106 -7.43 15.77 -2.45
N GLY A 107 -6.89 15.36 -3.60
CA GLY A 107 -5.82 16.04 -4.29
C GLY A 107 -4.43 15.46 -4.01
N GLN A 108 -4.26 14.44 -3.14
CA GLN A 108 -2.97 13.72 -3.07
C GLN A 108 -2.63 13.07 -4.42
N THR A 109 -1.39 12.63 -4.64
CA THR A 109 -1.02 11.81 -5.79
C THR A 109 -0.29 10.57 -5.25
N VAL A 110 -0.94 9.41 -5.25
CA VAL A 110 -0.36 8.16 -4.77
C VAL A 110 0.45 7.58 -5.95
N THR A 111 1.77 7.38 -5.81
CA THR A 111 2.66 6.89 -6.85
C THR A 111 3.18 5.49 -6.48
N ILE A 112 2.70 4.46 -7.16
CA ILE A 112 3.14 3.07 -6.97
C ILE A 112 4.37 2.89 -7.85
N HIS A 113 5.40 2.19 -7.38
CA HIS A 113 6.63 1.95 -8.11
C HIS A 113 6.85 0.45 -8.28
N CYS A 114 7.01 0.06 -9.53
CA CYS A 114 7.54 -1.24 -9.90
C CYS A 114 9.07 -1.13 -9.91
N ASN A 115 9.75 -2.19 -9.47
CA ASN A 115 11.20 -2.31 -9.49
C ASN A 115 11.48 -3.67 -10.13
N ASP A 116 11.24 -3.79 -11.44
CA ASP A 116 11.32 -5.08 -12.11
C ASP A 116 12.77 -5.52 -12.18
N LYS A 117 13.00 -6.83 -12.06
CA LYS A 117 14.34 -7.42 -12.19
C LYS A 117 14.29 -8.46 -13.31
N SER A 118 13.83 -8.08 -14.50
CA SER A 118 13.82 -8.97 -15.67
C SER A 118 14.66 -8.42 -16.82
N ASP A 119 14.54 -7.13 -17.15
CA ASP A 119 15.30 -6.53 -18.25
C ASP A 119 15.64 -5.06 -17.97
N ASN A 120 15.93 -4.78 -16.69
CA ASN A 120 16.16 -3.44 -16.14
C ASN A 120 15.08 -2.45 -16.58
N THR A 121 13.92 -2.60 -15.96
CA THR A 121 12.75 -1.77 -16.19
C THR A 121 12.33 -1.25 -14.81
N LYS A 122 11.98 0.03 -14.74
CA LYS A 122 11.26 0.62 -13.62
C LYS A 122 10.19 1.49 -14.24
N SER A 123 8.98 1.40 -13.70
CA SER A 123 7.83 2.18 -14.10
C SER A 123 7.02 2.43 -12.83
N SER A 124 5.99 3.26 -12.95
CA SER A 124 5.14 3.63 -11.84
C SER A 124 3.75 3.94 -12.37
N VAL A 125 2.75 4.02 -11.48
CA VAL A 125 1.44 4.55 -11.83
C VAL A 125 1.05 5.55 -10.75
N SER A 126 0.27 6.57 -11.08
CA SER A 126 -0.11 7.62 -10.14
C SER A 126 -1.46 8.23 -10.43
N GLY A 127 -2.27 8.33 -9.38
CA GLY A 127 -3.60 8.88 -9.44
C GLY A 127 -3.96 9.64 -8.17
N LYS A 128 -5.09 10.33 -8.23
CA LYS A 128 -5.73 11.13 -7.20
C LYS A 128 -6.99 10.43 -6.72
N VAL A 129 -7.13 10.47 -5.42
CA VAL A 129 -8.19 10.04 -4.56
C VAL A 129 -9.51 10.64 -5.05
N GLY A 130 -10.32 9.79 -5.68
CA GLY A 130 -11.62 10.11 -6.24
C GLY A 130 -11.66 10.06 -7.77
N ALA A 131 -10.53 10.21 -8.47
CA ALA A 131 -10.47 10.25 -9.93
C ALA A 131 -9.79 9.01 -10.50
N ASP A 132 -9.75 8.88 -11.83
CA ASP A 132 -8.92 7.88 -12.51
C ASP A 132 -7.59 8.50 -12.88
N LEU A 133 -6.68 7.67 -13.38
CA LEU A 133 -5.27 7.99 -13.50
C LEU A 133 -5.04 9.03 -14.59
N THR A 134 -3.86 9.65 -14.59
CA THR A 134 -3.35 10.38 -15.75
C THR A 134 -1.94 9.92 -16.11
N SER A 135 -1.17 9.39 -15.16
CA SER A 135 0.19 8.92 -15.38
C SER A 135 0.17 7.48 -14.90
N GLY A 136 -0.13 6.52 -15.76
CA GLY A 136 -0.14 5.11 -15.37
C GLY A 136 -1.49 4.43 -15.43
N ASN A 137 -2.43 4.92 -16.24
CA ASN A 137 -3.51 4.08 -16.75
C ASN A 137 -2.95 3.14 -17.82
N GLY A 138 -3.69 2.10 -18.18
CA GLY A 138 -3.49 1.37 -19.43
C GLY A 138 -2.37 0.34 -19.45
N THR A 139 -1.66 0.08 -18.35
CA THR A 139 -0.51 -0.82 -18.29
C THR A 139 -0.80 -2.05 -17.43
N THR A 140 0.15 -2.98 -17.37
CA THR A 140 0.20 -4.11 -16.46
C THR A 140 1.68 -4.37 -16.14
N PHE A 141 1.96 -4.92 -14.98
CA PHE A 141 3.27 -5.30 -14.46
C PHE A 141 3.16 -6.67 -13.77
N LYS A 142 4.27 -7.31 -13.42
CA LYS A 142 4.23 -8.63 -12.79
C LYS A 142 3.94 -8.54 -11.30
N LYS A 143 3.24 -9.56 -10.80
CA LYS A 143 2.87 -9.71 -9.39
C LYS A 143 4.08 -9.93 -8.49
N ARG A 144 5.26 -10.29 -9.02
CA ARG A 144 6.48 -10.39 -8.22
C ARG A 144 7.23 -9.07 -8.01
N PHE A 145 7.06 -8.03 -8.86
CA PHE A 145 8.10 -7.00 -9.02
C PHE A 145 7.78 -5.59 -8.48
N ILE A 146 6.64 -5.37 -7.81
CA ILE A 146 6.18 -4.06 -7.33
C ILE A 146 6.38 -4.04 -5.83
N ASP A 147 7.21 -3.13 -5.31
CA ASP A 147 7.69 -3.17 -3.93
C ASP A 147 7.79 -1.78 -3.29
N LYS A 148 7.24 -0.73 -3.93
CA LYS A 148 7.29 0.64 -3.41
C LYS A 148 6.00 1.35 -3.70
N ILE A 149 5.57 2.23 -2.80
CA ILE A 149 4.52 3.22 -3.05
C ILE A 149 4.95 4.49 -2.31
N THR A 150 4.88 5.65 -2.94
CA THR A 150 5.03 6.95 -2.29
C THR A 150 3.71 7.71 -2.39
N ILE A 151 3.58 8.79 -1.63
CA ILE A 151 2.49 9.74 -1.77
C ILE A 151 3.09 11.14 -1.90
N ASP A 152 2.52 11.89 -2.83
CA ASP A 152 2.77 13.30 -3.13
C ASP A 152 2.08 14.17 -2.09
N GLY A 1 -17.58 9.03 21.07
CA GLY A 1 -16.38 8.88 20.24
C GLY A 1 -15.46 7.90 20.92
N GLU A 2 -15.57 6.62 20.57
CA GLU A 2 -15.13 5.49 21.39
C GLU A 2 -14.27 4.53 20.57
N GLU A 3 -13.66 5.04 19.51
CA GLU A 3 -12.66 4.34 18.73
C GLU A 3 -11.40 5.20 18.70
N LYS A 4 -10.27 4.57 18.41
CA LYS A 4 -8.93 5.13 18.22
C LYS A 4 -8.18 4.16 17.32
N MET A 5 -7.17 4.62 16.58
CA MET A 5 -6.47 3.79 15.60
C MET A 5 -4.95 3.87 15.80
N THR A 6 -4.44 2.89 16.54
CA THR A 6 -3.01 2.69 16.80
C THR A 6 -2.27 2.23 15.53
N ASN A 7 -0.94 2.11 15.60
CA ASN A 7 -0.11 1.78 14.44
C ASN A 7 -0.49 0.43 13.85
N GLY A 8 -0.45 -0.63 14.67
CA GLY A 8 -0.95 -1.95 14.31
C GLY A 8 -2.33 -1.87 13.65
N GLN A 9 -3.28 -1.20 14.31
CA GLN A 9 -4.66 -1.05 13.84
C GLN A 9 -4.74 -0.40 12.45
N LEU A 10 -4.09 0.74 12.28
CA LEU A 10 -4.07 1.59 11.11
C LEU A 10 -3.55 0.77 9.95
N TRP A 11 -2.37 0.18 10.15
CA TRP A 11 -1.74 -0.62 9.12
C TRP A 11 -2.70 -1.71 8.69
N LYS A 12 -3.42 -2.34 9.63
CA LYS A 12 -4.36 -3.41 9.31
C LYS A 12 -5.46 -2.93 8.37
N LYS A 13 -6.03 -1.75 8.61
CA LYS A 13 -6.98 -1.13 7.66
C LYS A 13 -6.35 -1.06 6.26
N VAL A 14 -5.09 -0.62 6.17
CA VAL A 14 -4.39 -0.53 4.89
C VAL A 14 -4.20 -1.95 4.30
N LYS A 15 -3.74 -2.94 5.08
CA LYS A 15 -3.58 -4.33 4.61
C LYS A 15 -4.88 -4.82 3.99
N ASP A 16 -6.00 -4.61 4.70
CA ASP A 16 -7.33 -5.09 4.31
C ASP A 16 -7.74 -4.51 2.96
N SER A 17 -7.23 -3.33 2.63
CA SER A 17 -7.45 -2.63 1.38
C SER A 17 -6.79 -3.38 0.21
N LEU A 18 -5.62 -4.00 0.42
CA LEU A 18 -4.87 -4.67 -0.63
C LEU A 18 -5.30 -6.11 -0.83
N ILE A 19 -6.13 -6.66 0.04
CA ILE A 19 -6.84 -7.90 -0.18
C ILE A 19 -7.58 -7.80 -1.53
N ASP A 20 -8.21 -6.65 -1.78
CA ASP A 20 -9.16 -6.47 -2.86
C ASP A 20 -8.49 -6.37 -4.23
N SER A 21 -7.17 -6.17 -4.30
CA SER A 21 -6.47 -6.24 -5.57
C SER A 21 -5.48 -7.41 -5.56
N ASN A 22 -4.94 -7.73 -6.73
CA ASN A 22 -4.08 -8.89 -6.95
C ASN A 22 -2.64 -8.62 -6.46
N ILE A 23 -2.50 -7.97 -5.30
CA ILE A 23 -1.24 -7.39 -4.80
C ILE A 23 -0.71 -8.21 -3.63
N ILE A 24 -1.57 -8.73 -2.76
CA ILE A 24 -1.23 -9.61 -1.66
C ILE A 24 -2.23 -10.78 -1.68
N SER A 25 -1.99 -11.81 -0.88
CA SER A 25 -2.99 -12.84 -0.57
C SER A 25 -3.24 -12.95 0.94
N GLY A 26 -2.37 -12.35 1.76
CA GLY A 26 -2.45 -12.42 3.20
C GLY A 26 -1.59 -13.57 3.74
N ASN A 27 -0.42 -13.81 3.16
CA ASN A 27 0.42 -14.93 3.57
C ASN A 27 1.50 -14.47 4.55
N GLU A 28 2.22 -15.41 5.15
CA GLU A 28 3.28 -15.15 6.13
C GLU A 28 4.64 -14.87 5.45
N ASN A 29 4.69 -14.69 4.13
CA ASN A 29 5.90 -14.41 3.36
C ASN A 29 5.76 -13.07 2.60
N GLU A 30 4.95 -12.14 3.09
CA GLU A 30 4.72 -10.84 2.48
C GLU A 30 4.53 -9.83 3.60
N GLU A 31 5.26 -8.71 3.54
CA GLU A 31 5.33 -7.71 4.60
C GLU A 31 5.39 -6.31 3.98
N ILE A 32 4.84 -5.35 4.71
CA ILE A 32 4.59 -3.99 4.25
C ILE A 32 4.92 -3.05 5.39
N THR A 33 5.75 -2.03 5.14
CA THR A 33 6.10 -0.98 6.08
C THR A 33 5.39 0.30 5.66
N VAL A 34 4.31 0.66 6.34
CA VAL A 34 3.44 1.78 5.95
C VAL A 34 3.77 2.96 6.84
N THR A 35 4.18 4.10 6.27
CA THR A 35 4.40 5.33 7.02
C THR A 35 3.14 6.19 6.95
N TYR A 36 2.81 6.90 8.03
CA TYR A 36 1.82 7.98 8.03
C TYR A 36 2.31 9.14 8.90
N VAL A 37 1.53 10.23 9.02
CA VAL A 37 1.86 11.36 9.86
C VAL A 37 0.61 11.91 10.60
N ASN A 38 0.79 12.26 11.88
CA ASN A 38 -0.23 12.75 12.81
C ASN A 38 -0.46 14.25 12.60
N LYS A 39 -1.50 14.82 13.22
CA LYS A 39 -1.71 16.29 13.22
C LYS A 39 -0.53 17.07 13.83
N THR A 40 0.19 16.50 14.79
CA THR A 40 1.40 17.11 15.33
C THR A 40 2.55 17.10 14.30
N GLY A 41 2.36 16.62 13.07
CA GLY A 41 3.41 16.58 12.05
C GLY A 41 4.52 15.59 12.34
N TYR A 42 4.42 14.78 13.39
CA TYR A 42 5.32 13.67 13.66
C TYR A 42 4.83 12.47 12.88
N SER A 43 5.77 11.73 12.31
CA SER A 43 5.61 10.65 11.34
C SER A 43 5.97 9.34 12.03
N SER A 44 5.38 8.22 11.59
CA SER A 44 5.73 6.90 12.08
C SER A 44 5.53 5.85 10.99
N SER A 45 6.43 4.88 10.89
CA SER A 45 6.37 3.74 9.99
C SER A 45 6.07 2.46 10.77
N VAL A 46 5.25 1.59 10.19
CA VAL A 46 4.81 0.35 10.84
C VAL A 46 4.90 -0.81 9.84
N SER A 47 5.82 -1.76 10.08
CA SER A 47 5.98 -3.01 9.36
C SER A 47 5.02 -4.08 9.90
N ALA A 48 4.56 -5.03 9.09
CA ALA A 48 3.88 -6.23 9.56
C ALA A 48 3.72 -7.21 8.40
N TYR A 49 3.50 -8.48 8.73
CA TYR A 49 3.34 -9.55 7.75
C TYR A 49 1.85 -9.67 7.42
N GLY A 50 1.54 -10.15 6.22
CA GLY A 50 0.19 -10.15 5.69
C GLY A 50 -0.73 -11.20 6.30
N ASN A 51 -0.18 -12.32 6.76
CA ASN A 51 -0.93 -13.30 7.53
C ASN A 51 -1.28 -12.72 8.89
N ASN A 52 -2.56 -12.81 9.25
CA ASN A 52 -3.12 -12.53 10.58
C ASN A 52 -3.18 -11.02 10.84
N ASN A 53 -3.24 -10.61 12.11
CA ASN A 53 -3.07 -9.25 12.56
C ASN A 53 -2.10 -9.20 13.72
N ASP A 54 -1.57 -8.00 13.90
CA ASP A 54 -0.29 -7.77 14.58
C ASP A 54 -0.30 -6.47 15.38
N ASP A 55 0.75 -6.25 16.17
CA ASP A 55 0.91 -5.13 17.08
C ASP A 55 2.33 -5.19 17.64
N PHE A 56 3.05 -4.09 17.47
CA PHE A 56 4.40 -3.95 18.05
C PHE A 56 4.74 -2.50 18.41
N SER A 57 3.77 -1.59 18.45
CA SER A 57 4.03 -0.15 18.57
C SER A 57 3.06 0.49 19.57
N SER A 58 3.50 1.55 20.26
CA SER A 58 2.88 2.25 21.39
C SER A 58 2.56 3.72 21.05
N THR A 59 2.58 4.03 19.77
CA THR A 59 2.26 5.29 19.11
C THR A 59 0.78 5.69 19.34
N PRO A 60 0.46 6.99 19.26
CA PRO A 60 -0.89 7.50 19.43
C PRO A 60 -1.75 7.36 18.16
N SER A 61 -3.04 7.59 18.33
CA SER A 61 -4.13 7.47 17.40
C SER A 61 -4.39 8.76 16.62
N ASN A 62 -3.45 9.72 16.69
CA ASN A 62 -3.56 11.06 16.12
C ASN A 62 -3.45 11.05 14.59
N PHE A 63 -3.67 9.91 13.91
CA PHE A 63 -3.63 9.77 12.45
C PHE A 63 -4.35 10.94 11.79
N SER A 64 -3.71 11.60 10.82
CA SER A 64 -4.35 12.70 10.13
C SER A 64 -3.90 12.92 8.69
N LYS A 65 -2.75 12.37 8.29
CA LYS A 65 -2.17 12.51 6.99
C LYS A 65 -1.41 11.22 6.70
N LEU A 66 -1.09 10.97 5.42
CA LEU A 66 -0.37 9.78 5.01
C LEU A 66 1.05 10.16 4.63
N LYS A 67 1.90 9.15 4.55
CA LYS A 67 3.28 9.21 4.12
C LYS A 67 3.55 7.95 3.33
N GLU A 68 4.80 7.82 2.93
CA GLU A 68 5.32 6.81 2.02
C GLU A 68 5.27 5.37 2.59
N ILE A 69 5.56 4.36 1.76
CA ILE A 69 5.53 2.95 2.11
C ILE A 69 6.75 2.25 1.48
N ASP A 70 7.36 1.31 2.21
CA ASP A 70 8.40 0.42 1.72
C ASP A 70 7.77 -0.96 1.65
N LEU A 71 7.80 -1.58 0.47
CA LEU A 71 7.17 -2.85 0.21
C LEU A 71 8.18 -3.97 0.07
N LYS A 72 7.76 -5.16 0.49
CA LYS A 72 8.51 -6.41 0.29
C LYS A 72 7.56 -7.59 0.08
N LYS A 73 8.11 -8.70 -0.41
CA LYS A 73 7.47 -10.00 -0.53
C LYS A 73 8.57 -11.04 -0.73
N ASP A 74 8.23 -12.30 -0.54
CA ASP A 74 9.13 -13.44 -0.62
C ASP A 74 8.68 -14.40 -1.72
N ASN A 75 9.32 -15.57 -1.80
CA ASN A 75 8.85 -16.65 -2.65
C ASN A 75 7.69 -17.33 -1.94
N VAL A 76 6.49 -16.90 -2.27
CA VAL A 76 5.25 -17.54 -1.87
C VAL A 76 5.10 -18.89 -2.58
N PRO A 77 4.17 -19.74 -2.14
CA PRO A 77 3.78 -20.97 -2.83
C PRO A 77 3.07 -20.67 -4.16
N SER A 78 2.71 -21.74 -4.86
CA SER A 78 2.05 -21.73 -6.17
C SER A 78 0.74 -20.92 -6.15
N ASP A 79 0.16 -20.72 -4.97
CA ASP A 79 -1.01 -19.90 -4.67
C ASP A 79 -0.89 -18.53 -5.35
N ASP A 80 0.33 -17.96 -5.41
CA ASP A 80 0.55 -16.63 -5.94
C ASP A 80 1.91 -16.45 -6.64
N PHE A 81 2.72 -17.51 -6.77
CA PHE A 81 4.10 -17.42 -7.26
C PHE A 81 4.13 -16.69 -8.62
N ASN A 82 3.14 -16.92 -9.48
CA ASN A 82 3.16 -16.43 -10.86
C ASN A 82 2.22 -15.25 -11.08
N THR A 83 1.62 -14.67 -10.02
CA THR A 83 0.65 -13.59 -10.12
C THR A 83 1.25 -12.34 -10.83
N THR A 84 0.42 -11.64 -11.62
CA THR A 84 0.73 -10.35 -12.24
C THR A 84 -0.49 -9.43 -12.16
N VAL A 85 -0.31 -8.13 -12.38
CA VAL A 85 -1.37 -7.14 -12.23
C VAL A 85 -1.19 -6.05 -13.29
N SER A 86 -2.27 -5.38 -13.68
CA SER A 86 -2.24 -4.13 -14.41
C SER A 86 -1.64 -3.06 -13.49
N GLY A 87 -0.75 -2.22 -14.02
CA GLY A 87 -0.13 -1.13 -13.26
C GLY A 87 -1.18 -0.16 -12.76
N GLU A 88 -2.14 0.14 -13.65
CA GLU A 88 -3.33 0.94 -13.43
C GLU A 88 -4.16 0.33 -12.31
N ASP A 89 -4.56 -0.93 -12.48
CA ASP A 89 -5.44 -1.60 -11.54
C ASP A 89 -4.79 -1.75 -10.17
N SER A 90 -3.46 -1.83 -10.16
CA SER A 90 -2.60 -1.80 -8.99
C SER A 90 -2.64 -0.47 -8.21
N TRP A 91 -3.32 0.56 -8.74
CA TRP A 91 -3.54 1.84 -8.11
C TRP A 91 -5.04 2.09 -7.93
N LYS A 92 -5.86 1.72 -8.92
CA LYS A 92 -7.30 1.93 -8.92
C LYS A 92 -7.97 1.25 -7.72
N THR A 93 -7.83 -0.06 -7.53
CA THR A 93 -8.53 -0.75 -6.44
C THR A 93 -8.02 -0.21 -5.11
N LEU A 94 -6.69 -0.08 -5.01
CA LEU A 94 -5.96 0.34 -3.83
C LEU A 94 -6.46 1.71 -3.37
N THR A 95 -6.55 2.71 -4.24
CA THR A 95 -7.01 4.02 -3.80
C THR A 95 -8.50 3.94 -3.42
N SER A 96 -9.33 3.21 -4.17
CA SER A 96 -10.76 3.06 -3.92
C SER A 96 -11.12 2.33 -2.63
N LYS A 97 -10.16 1.70 -1.95
CA LYS A 97 -10.42 0.91 -0.74
C LYS A 97 -9.86 1.55 0.54
N LEU A 98 -9.22 2.72 0.44
CA LEU A 98 -8.54 3.37 1.58
C LEU A 98 -9.38 4.45 2.23
N LYS A 99 -10.10 5.27 1.46
CA LYS A 99 -10.96 6.33 1.98
C LYS A 99 -12.04 5.71 2.89
N GLU A 100 -12.36 4.42 2.70
CA GLU A 100 -13.21 3.59 3.55
C GLU A 100 -12.95 3.82 5.05
N LYS A 101 -11.70 3.64 5.49
CA LYS A 101 -11.31 3.88 6.89
C LYS A 101 -10.51 5.17 7.07
N GLY A 102 -10.31 5.91 5.98
CA GLY A 102 -9.93 7.32 5.97
C GLY A 102 -8.49 7.51 5.51
N LEU A 103 -7.86 6.44 5.06
CA LEU A 103 -6.43 6.28 4.82
C LEU A 103 -5.98 6.96 3.51
N VAL A 104 -6.76 7.87 2.95
CA VAL A 104 -6.29 8.78 1.90
C VAL A 104 -6.86 10.17 2.16
N THR A 105 -6.19 11.21 1.64
CA THR A 105 -6.64 12.59 1.70
C THR A 105 -6.93 13.09 0.30
N ASP A 106 -8.12 13.63 0.11
CA ASP A 106 -8.60 14.25 -1.11
C ASP A 106 -7.52 15.21 -1.62
N GLY A 107 -6.93 14.92 -2.79
CA GLY A 107 -5.90 15.74 -3.40
C GLY A 107 -4.44 15.35 -3.09
N GLN A 108 -4.17 14.33 -2.26
CA GLN A 108 -2.84 13.69 -2.25
C GLN A 108 -2.61 12.96 -3.57
N THR A 109 -1.34 12.65 -3.89
CA THR A 109 -0.96 12.05 -5.17
C THR A 109 -0.05 10.83 -4.89
N VAL A 110 -0.61 9.63 -5.05
CA VAL A 110 0.01 8.33 -4.76
C VAL A 110 0.83 7.91 -5.98
N THR A 111 2.17 7.77 -5.86
CA THR A 111 3.03 7.22 -6.90
C THR A 111 3.51 5.84 -6.48
N ILE A 112 3.32 4.83 -7.33
CA ILE A 112 3.74 3.44 -7.10
C ILE A 112 4.86 3.16 -8.10
N HIS A 113 5.97 2.58 -7.65
CA HIS A 113 7.18 2.41 -8.44
C HIS A 113 7.39 0.93 -8.72
N CYS A 114 7.19 0.56 -9.98
CA CYS A 114 7.11 -0.82 -10.43
C CYS A 114 8.41 -1.14 -11.15
N ASN A 115 9.36 -1.72 -10.42
CA ASN A 115 10.75 -1.89 -10.84
C ASN A 115 11.05 -3.37 -11.07
N ASP A 116 11.01 -3.77 -12.35
CA ASP A 116 11.24 -5.12 -12.87
C ASP A 116 12.71 -5.52 -12.70
N LYS A 117 13.06 -6.80 -12.94
CA LYS A 117 14.46 -7.22 -13.06
C LYS A 117 14.68 -8.20 -14.20
N SER A 118 13.69 -8.43 -15.05
CA SER A 118 13.77 -9.39 -16.15
C SER A 118 14.68 -8.81 -17.24
N ASP A 119 14.28 -7.70 -17.89
CA ASP A 119 14.95 -7.22 -19.11
C ASP A 119 15.38 -5.74 -19.00
N ASN A 120 15.72 -5.31 -17.80
CA ASN A 120 16.17 -3.96 -17.47
C ASN A 120 15.05 -2.93 -17.62
N THR A 121 13.82 -3.27 -17.26
CA THR A 121 12.64 -2.44 -17.46
C THR A 121 12.09 -1.99 -16.09
N LYS A 122 11.18 -1.01 -16.12
CA LYS A 122 10.39 -0.47 -15.01
C LYS A 122 9.55 0.72 -15.48
N SER A 123 8.59 1.14 -14.66
CA SER A 123 7.85 2.39 -14.75
C SER A 123 7.32 2.75 -13.36
N SER A 124 6.37 3.69 -13.28
CA SER A 124 5.60 3.99 -12.10
C SER A 124 4.19 4.41 -12.52
N VAL A 125 3.24 4.53 -11.59
CA VAL A 125 1.92 5.08 -11.90
C VAL A 125 1.57 6.14 -10.86
N SER A 126 0.75 7.15 -11.19
CA SER A 126 0.54 8.30 -10.33
C SER A 126 -0.81 9.01 -10.57
N GLY A 127 -1.77 8.93 -9.65
CA GLY A 127 -3.02 9.69 -9.74
C GLY A 127 -3.25 10.50 -8.45
N LYS A 128 -4.17 11.47 -8.44
CA LYS A 128 -4.72 12.13 -7.24
C LYS A 128 -5.72 11.21 -6.55
N VAL A 129 -6.09 11.55 -5.33
CA VAL A 129 -7.25 10.94 -4.67
C VAL A 129 -8.48 11.57 -5.26
N GLY A 130 -9.22 10.77 -6.03
CA GLY A 130 -10.57 11.07 -6.47
C GLY A 130 -10.68 11.16 -7.98
N ALA A 131 -9.57 11.49 -8.65
CA ALA A 131 -9.52 11.57 -10.10
C ALA A 131 -9.00 10.25 -10.68
N ASP A 132 -8.93 10.15 -12.01
CA ASP A 132 -8.37 8.99 -12.68
C ASP A 132 -6.88 9.18 -12.99
N LEU A 133 -6.25 8.14 -13.50
CA LEU A 133 -4.81 8.10 -13.74
C LEU A 133 -4.52 8.97 -14.97
N THR A 134 -3.37 9.65 -14.98
CA THR A 134 -2.98 10.47 -16.14
C THR A 134 -1.54 10.26 -16.61
N SER A 135 -0.80 9.36 -15.98
CA SER A 135 0.65 9.23 -16.05
C SER A 135 0.97 7.88 -15.41
N GLY A 136 0.69 6.79 -16.12
CA GLY A 136 0.77 5.45 -15.54
C GLY A 136 -0.44 4.56 -15.79
N ASN A 137 -1.27 4.87 -16.78
CA ASN A 137 -2.29 3.95 -17.28
C ASN A 137 -1.63 2.90 -18.18
N GLY A 138 -2.39 1.91 -18.63
CA GLY A 138 -2.03 1.08 -19.77
C GLY A 138 -0.80 0.18 -19.61
N THR A 139 -0.33 -0.09 -18.39
CA THR A 139 0.87 -0.89 -18.13
C THR A 139 0.50 -2.16 -17.33
N THR A 140 1.45 -3.06 -17.12
CA THR A 140 1.25 -4.37 -16.49
C THR A 140 2.58 -4.80 -15.88
N PHE A 141 2.60 -5.09 -14.58
CA PHE A 141 3.80 -5.45 -13.84
C PHE A 141 3.53 -6.66 -12.94
N LYS A 142 4.56 -7.44 -12.64
CA LYS A 142 4.37 -8.67 -11.87
C LYS A 142 4.24 -8.35 -10.40
N LYS A 143 3.54 -9.22 -9.69
CA LYS A 143 3.34 -9.20 -8.24
C LYS A 143 4.64 -9.35 -7.43
N ARG A 144 5.81 -9.49 -8.07
CA ARG A 144 7.11 -9.62 -7.40
C ARG A 144 8.02 -8.41 -7.70
N PHE A 145 7.57 -7.48 -8.54
CA PHE A 145 8.38 -6.39 -9.09
C PHE A 145 7.81 -4.99 -8.79
N ILE A 146 7.06 -4.82 -7.70
CA ILE A 146 6.54 -3.53 -7.24
C ILE A 146 6.88 -3.49 -5.76
N ASP A 147 7.86 -2.66 -5.39
CA ASP A 147 8.48 -2.70 -4.07
C ASP A 147 8.71 -1.30 -3.49
N LYS A 148 8.08 -0.24 -4.06
CA LYS A 148 8.21 1.14 -3.59
C LYS A 148 6.96 1.95 -3.87
N ILE A 149 6.64 2.89 -2.98
CA ILE A 149 5.61 3.93 -3.13
C ILE A 149 6.15 5.19 -2.46
N THR A 150 5.86 6.37 -3.01
CA THR A 150 5.88 7.61 -2.26
C THR A 150 4.64 8.42 -2.59
N ILE A 151 4.20 9.26 -1.65
CA ILE A 151 3.00 10.07 -1.80
C ILE A 151 3.41 11.51 -1.62
N ASP A 152 2.97 12.34 -2.55
CA ASP A 152 3.06 13.80 -2.62
C ASP A 152 2.66 14.42 -1.29
N GLY A 1 -13.04 15.08 11.04
CA GLY A 1 -12.07 13.98 11.02
C GLY A 1 -11.95 13.40 12.40
N GLU A 2 -12.21 12.10 12.58
CA GLU A 2 -12.21 11.43 13.89
C GLU A 2 -11.67 10.01 13.79
N GLU A 3 -10.81 9.73 12.81
CA GLU A 3 -10.00 8.52 12.80
C GLU A 3 -8.85 8.70 13.80
N LYS A 4 -8.95 8.07 14.97
CA LYS A 4 -7.80 7.76 15.80
C LYS A 4 -7.76 6.24 15.96
N MET A 5 -6.56 5.68 16.05
CA MET A 5 -6.26 4.27 16.36
C MET A 5 -4.75 4.15 16.54
N THR A 6 -4.28 3.06 17.13
CA THR A 6 -2.86 2.77 17.32
C THR A 6 -2.28 2.12 16.05
N ASN A 7 -1.00 1.77 16.06
CA ASN A 7 -0.29 1.11 14.95
C ASN A 7 -1.04 -0.08 14.39
N GLY A 8 -1.20 -1.16 15.16
CA GLY A 8 -1.70 -2.43 14.64
C GLY A 8 -3.09 -2.26 14.03
N GLN A 9 -3.93 -1.48 14.72
CA GLN A 9 -5.26 -1.12 14.26
C GLN A 9 -5.20 -0.43 12.89
N LEU A 10 -4.41 0.64 12.74
CA LEU A 10 -4.21 1.37 11.49
C LEU A 10 -3.72 0.44 10.39
N TRP A 11 -2.66 -0.30 10.70
CA TRP A 11 -2.02 -1.23 9.79
C TRP A 11 -3.02 -2.25 9.27
N LYS A 12 -3.89 -2.80 10.11
CA LYS A 12 -4.90 -3.78 9.69
C LYS A 12 -5.81 -3.22 8.62
N LYS A 13 -6.29 -1.98 8.80
CA LYS A 13 -7.06 -1.27 7.76
C LYS A 13 -6.32 -1.36 6.40
N VAL A 14 -5.03 -1.02 6.38
CA VAL A 14 -4.23 -1.05 5.16
C VAL A 14 -4.01 -2.48 4.67
N LYS A 15 -3.75 -3.47 5.54
CA LYS A 15 -3.58 -4.88 5.15
C LYS A 15 -4.79 -5.26 4.32
N ASP A 16 -5.97 -5.15 4.93
CA ASP A 16 -7.24 -5.57 4.36
C ASP A 16 -7.57 -4.77 3.10
N SER A 17 -7.01 -3.56 2.92
CA SER A 17 -7.11 -2.83 1.66
C SER A 17 -6.46 -3.64 0.54
N LEU A 18 -5.22 -4.11 0.72
CA LEU A 18 -4.50 -4.86 -0.31
C LEU A 18 -5.02 -6.29 -0.44
N ILE A 19 -5.80 -6.80 0.51
CA ILE A 19 -6.49 -8.08 0.36
C ILE A 19 -7.46 -8.01 -0.82
N ASP A 20 -8.16 -6.87 -0.95
CA ASP A 20 -9.20 -6.67 -1.95
C ASP A 20 -8.63 -6.64 -3.37
N SER A 21 -7.30 -6.66 -3.56
CA SER A 21 -6.68 -6.64 -4.89
C SER A 21 -5.57 -7.70 -4.96
N ASN A 22 -5.21 -8.19 -6.15
CA ASN A 22 -4.18 -9.23 -6.30
C ASN A 22 -2.74 -8.69 -6.08
N ILE A 23 -2.56 -7.56 -5.40
CA ILE A 23 -1.26 -6.92 -5.19
C ILE A 23 -0.39 -7.72 -4.23
N ILE A 24 -1.00 -8.34 -3.20
CA ILE A 24 -0.27 -9.15 -2.23
C ILE A 24 -0.82 -10.57 -2.25
N SER A 25 -0.05 -11.53 -1.75
CA SER A 25 -0.38 -12.96 -1.75
C SER A 25 -1.07 -13.40 -0.46
N GLY A 26 -1.16 -12.53 0.56
CA GLY A 26 -1.85 -12.79 1.81
C GLY A 26 -1.24 -13.92 2.64
N ASN A 27 0.01 -14.31 2.35
CA ASN A 27 0.75 -15.34 3.04
C ASN A 27 1.87 -14.70 3.86
N GLU A 28 2.60 -15.54 4.59
CA GLU A 28 3.61 -15.08 5.54
C GLU A 28 4.81 -14.42 4.85
N ASN A 29 4.91 -14.61 3.54
CA ASN A 29 5.97 -14.08 2.70
C ASN A 29 5.69 -12.64 2.24
N GLU A 30 4.52 -12.06 2.50
CA GLU A 30 4.28 -10.64 2.28
C GLU A 30 4.62 -9.90 3.57
N GLU A 31 5.14 -8.66 3.48
CA GLU A 31 5.24 -7.72 4.60
C GLU A 31 4.77 -6.34 4.12
N ILE A 32 4.26 -5.50 5.03
CA ILE A 32 3.75 -4.16 4.75
C ILE A 32 4.27 -3.18 5.81
N THR A 33 5.31 -2.41 5.48
CA THR A 33 5.80 -1.32 6.31
C THR A 33 5.01 -0.04 5.98
N VAL A 34 4.05 0.37 6.82
CA VAL A 34 3.22 1.55 6.57
C VAL A 34 3.86 2.72 7.28
N THR A 35 4.26 3.80 6.61
CA THR A 35 4.72 5.00 7.30
C THR A 35 3.56 6.00 7.32
N TYR A 36 3.30 6.64 8.46
CA TYR A 36 2.27 7.68 8.61
C TYR A 36 2.73 8.71 9.65
N VAL A 37 1.99 9.79 9.84
CA VAL A 37 2.38 10.88 10.72
C VAL A 37 1.23 11.23 11.67
N ASN A 38 1.57 11.70 12.87
CA ASN A 38 0.60 12.23 13.82
C ASN A 38 0.47 13.74 13.65
N LYS A 39 -0.30 14.37 14.56
CA LYS A 39 -0.51 15.82 14.62
C LYS A 39 0.83 16.54 14.72
N THR A 40 1.73 16.02 15.56
CA THR A 40 3.06 16.60 15.73
C THR A 40 3.94 16.15 14.57
N GLY A 41 5.10 16.78 14.38
CA GLY A 41 6.09 16.39 13.40
C GLY A 41 6.87 15.16 13.84
N TYR A 42 6.15 14.07 14.14
CA TYR A 42 6.68 12.76 14.43
C TYR A 42 5.95 11.78 13.52
N SER A 43 6.71 11.08 12.71
CA SER A 43 6.25 9.95 11.93
C SER A 43 6.48 8.66 12.72
N SER A 44 5.83 7.58 12.31
CA SER A 44 6.19 6.23 12.70
C SER A 44 5.85 5.31 11.53
N SER A 45 6.39 4.09 11.55
CA SER A 45 5.96 3.02 10.66
C SER A 45 5.37 1.91 11.53
N VAL A 46 4.35 1.22 11.03
CA VAL A 46 4.05 -0.14 11.46
C VAL A 46 4.81 -1.06 10.50
N SER A 47 4.91 -2.34 10.83
CA SER A 47 5.48 -3.37 9.97
C SER A 47 4.95 -4.71 10.50
N ALA A 48 4.54 -5.61 9.61
CA ALA A 48 4.05 -6.96 9.92
C ALA A 48 3.78 -7.74 8.64
N TYR A 49 3.80 -9.05 8.79
CA TYR A 49 3.58 -9.99 7.70
C TYR A 49 2.10 -10.07 7.34
N GLY A 50 1.80 -10.75 6.23
CA GLY A 50 0.49 -10.74 5.59
C GLY A 50 -0.48 -11.86 5.98
N ASN A 51 -0.18 -12.71 6.97
CA ASN A 51 -0.87 -13.99 7.24
C ASN A 51 -1.42 -14.07 8.68
N ASN A 52 -1.67 -12.92 9.30
CA ASN A 52 -1.81 -12.78 10.76
C ASN A 52 -2.66 -11.55 11.12
N ASN A 53 -3.01 -11.40 12.40
CA ASN A 53 -3.40 -10.10 12.96
C ASN A 53 -2.15 -9.24 13.13
N ASP A 54 -2.36 -8.02 13.62
CA ASP A 54 -1.27 -7.21 14.16
C ASP A 54 -1.77 -6.24 15.21
N ASP A 55 -1.09 -6.18 16.36
CA ASP A 55 -1.35 -5.28 17.47
C ASP A 55 -0.28 -5.47 18.54
N PHE A 56 0.83 -4.73 18.44
CA PHE A 56 1.99 -4.91 19.31
C PHE A 56 2.78 -3.62 19.51
N SER A 57 2.08 -2.49 19.64
CA SER A 57 2.75 -1.19 19.53
C SER A 57 1.96 -0.15 20.31
N SER A 58 2.51 0.26 21.45
CA SER A 58 2.11 1.37 22.31
C SER A 58 2.30 2.75 21.63
N THR A 59 2.26 2.84 20.31
CA THR A 59 2.43 4.09 19.57
C THR A 59 1.23 5.02 19.84
N PRO A 60 1.43 6.34 19.70
CA PRO A 60 0.35 7.31 19.89
C PRO A 60 -0.74 7.15 18.82
N SER A 61 -1.96 7.55 19.16
CA SER A 61 -3.15 7.43 18.33
C SER A 61 -3.51 8.74 17.63
N ASN A 62 -2.71 9.80 17.84
CA ASN A 62 -2.89 11.16 17.31
C ASN A 62 -2.60 11.26 15.80
N PHE A 63 -2.90 10.22 15.03
CA PHE A 63 -2.87 10.17 13.56
C PHE A 63 -3.49 11.44 12.95
N SER A 64 -2.79 12.11 12.03
CA SER A 64 -3.34 13.26 11.29
C SER A 64 -2.70 13.50 9.90
N LYS A 65 -1.73 12.71 9.42
CA LYS A 65 -1.29 12.74 8.04
C LYS A 65 -0.79 11.35 7.65
N LEU A 66 -0.72 11.04 6.37
CA LEU A 66 -0.11 9.82 5.86
C LEU A 66 1.30 10.13 5.36
N LYS A 67 2.09 9.09 5.17
CA LYS A 67 3.38 9.12 4.49
C LYS A 67 3.48 7.87 3.58
N GLU A 68 4.65 7.58 3.03
CA GLU A 68 4.83 6.50 2.07
C GLU A 68 4.76 5.10 2.72
N ILE A 69 4.74 4.05 1.90
CA ILE A 69 4.61 2.65 2.29
C ILE A 69 5.70 1.88 1.57
N ASP A 70 6.38 0.97 2.27
CA ASP A 70 7.17 -0.07 1.61
C ASP A 70 6.32 -1.33 1.66
N LEU A 71 6.25 -2.04 0.54
CA LEU A 71 5.82 -3.42 0.51
C LEU A 71 7.04 -4.28 0.36
N LYS A 72 6.90 -5.49 0.90
CA LYS A 72 7.86 -6.56 0.70
C LYS A 72 7.20 -7.69 -0.06
N LYS A 73 8.03 -8.50 -0.71
CA LYS A 73 7.69 -9.75 -1.32
C LYS A 73 8.88 -10.69 -1.14
N ASP A 74 8.65 -11.98 -1.36
CA ASP A 74 9.61 -13.07 -1.17
C ASP A 74 9.33 -14.12 -2.25
N ASN A 75 10.01 -15.26 -2.15
CA ASN A 75 9.81 -16.42 -3.02
C ASN A 75 8.65 -17.27 -2.49
N VAL A 76 7.43 -16.90 -2.88
CA VAL A 76 6.24 -17.73 -2.73
C VAL A 76 6.30 -18.91 -3.71
N PRO A 77 5.53 -19.99 -3.48
CA PRO A 77 5.34 -21.09 -4.43
C PRO A 77 4.47 -20.64 -5.61
N SER A 78 4.23 -21.55 -6.55
CA SER A 78 3.47 -21.32 -7.79
C SER A 78 2.04 -20.79 -7.57
N ASP A 79 1.55 -20.77 -6.33
CA ASP A 79 0.33 -20.08 -5.93
C ASP A 79 0.32 -18.66 -6.49
N ASP A 80 1.46 -17.96 -6.42
CA ASP A 80 1.55 -16.57 -6.87
C ASP A 80 2.88 -16.26 -7.57
N PHE A 81 3.77 -17.24 -7.69
CA PHE A 81 5.16 -17.02 -8.08
C PHE A 81 5.29 -16.30 -9.43
N ASN A 82 4.39 -16.59 -10.36
CA ASN A 82 4.38 -16.08 -11.71
C ASN A 82 3.34 -14.97 -11.90
N THR A 83 2.62 -14.55 -10.86
CA THR A 83 1.44 -13.72 -11.06
C THR A 83 1.83 -12.28 -11.44
N THR A 84 0.97 -11.64 -12.22
CA THR A 84 1.14 -10.29 -12.73
C THR A 84 -0.24 -9.63 -12.70
N VAL A 85 -0.29 -8.30 -12.78
CA VAL A 85 -1.50 -7.53 -12.58
C VAL A 85 -1.53 -6.41 -13.62
N SER A 86 -2.68 -5.78 -13.87
CA SER A 86 -2.73 -4.49 -14.54
C SER A 86 -2.17 -3.45 -13.57
N GLY A 87 -1.38 -2.49 -14.06
CA GLY A 87 -0.84 -1.43 -13.24
C GLY A 87 -1.95 -0.46 -12.81
N GLU A 88 -2.98 -0.28 -13.64
CA GLU A 88 -4.20 0.44 -13.32
C GLU A 88 -4.93 -0.23 -12.17
N ASP A 89 -5.27 -1.51 -12.35
CA ASP A 89 -6.06 -2.24 -11.36
C ASP A 89 -5.32 -2.30 -10.02
N SER A 90 -3.98 -2.33 -10.09
CA SER A 90 -3.08 -2.24 -8.95
C SER A 90 -3.16 -0.90 -8.18
N TRP A 91 -3.90 0.11 -8.66
CA TRP A 91 -4.09 1.42 -8.02
C TRP A 91 -5.55 1.68 -7.66
N LYS A 92 -6.48 1.23 -8.50
CA LYS A 92 -7.91 1.52 -8.40
C LYS A 92 -8.48 1.07 -7.07
N THR A 93 -8.31 -0.20 -6.76
CA THR A 93 -8.76 -0.82 -5.53
C THR A 93 -8.13 -0.06 -4.36
N LEU A 94 -6.80 0.07 -4.36
CA LEU A 94 -5.97 0.64 -3.31
C LEU A 94 -6.56 1.97 -2.85
N THR A 95 -6.68 2.92 -3.76
CA THR A 95 -7.21 4.24 -3.43
C THR A 95 -8.63 4.13 -2.87
N SER A 96 -9.52 3.37 -3.52
CA SER A 96 -10.90 3.27 -3.06
C SER A 96 -11.05 2.61 -1.68
N LYS A 97 -10.08 1.78 -1.27
CA LYS A 97 -10.11 1.08 0.01
C LYS A 97 -9.44 1.92 1.12
N LEU A 98 -8.55 2.85 0.78
CA LEU A 98 -8.04 3.82 1.75
C LEU A 98 -9.08 4.91 2.00
N LYS A 99 -9.75 5.38 0.94
CA LYS A 99 -10.77 6.44 1.02
C LYS A 99 -11.90 6.03 1.97
N GLU A 100 -12.24 4.75 2.03
CA GLU A 100 -13.24 4.18 2.94
C GLU A 100 -13.05 4.72 4.37
N LYS A 101 -11.90 4.42 4.99
CA LYS A 101 -11.65 4.77 6.38
C LYS A 101 -10.94 6.13 6.47
N GLY A 102 -11.18 7.03 5.52
CA GLY A 102 -10.66 8.39 5.57
C GLY A 102 -9.13 8.46 5.64
N LEU A 103 -8.44 7.50 5.02
CA LEU A 103 -6.98 7.36 5.06
C LEU A 103 -6.31 8.00 3.84
N VAL A 104 -7.03 8.79 3.06
CA VAL A 104 -6.51 9.68 2.02
C VAL A 104 -7.40 10.93 1.99
N THR A 105 -6.99 11.94 1.21
CA THR A 105 -7.64 13.23 1.09
C THR A 105 -7.75 13.62 -0.40
N ASP A 106 -8.72 14.48 -0.72
CA ASP A 106 -9.19 14.75 -2.08
C ASP A 106 -8.11 15.49 -2.87
N GLY A 107 -7.34 14.75 -3.67
CA GLY A 107 -6.34 15.29 -4.58
C GLY A 107 -4.99 14.59 -4.47
N GLN A 108 -4.73 13.80 -3.42
CA GLN A 108 -3.40 13.23 -3.20
C GLN A 108 -2.97 12.38 -4.38
N THR A 109 -1.75 12.61 -4.83
CA THR A 109 -1.09 11.90 -5.92
C THR A 109 -0.44 10.66 -5.26
N VAL A 110 -1.23 9.59 -5.12
CA VAL A 110 -0.90 8.27 -4.60
C VAL A 110 -0.21 7.51 -5.75
N THR A 111 1.12 7.47 -5.77
CA THR A 111 1.93 6.93 -6.85
C THR A 111 2.46 5.56 -6.42
N ILE A 112 2.52 4.62 -7.36
CA ILE A 112 2.93 3.24 -7.13
C ILE A 112 4.09 3.01 -8.08
N HIS A 113 5.28 2.76 -7.55
CA HIS A 113 6.43 2.43 -8.36
C HIS A 113 6.42 0.92 -8.63
N CYS A 114 7.15 0.50 -9.64
CA CYS A 114 7.45 -0.89 -9.89
C CYS A 114 8.92 -0.93 -10.31
N ASN A 115 9.66 -1.85 -9.71
CA ASN A 115 11.11 -1.81 -9.57
C ASN A 115 11.63 -3.14 -10.13
N ASP A 116 11.39 -3.41 -11.42
CA ASP A 116 11.53 -4.76 -11.93
C ASP A 116 13.00 -5.10 -12.13
N LYS A 117 13.29 -6.39 -12.15
CA LYS A 117 14.57 -6.94 -12.59
C LYS A 117 14.30 -7.93 -13.72
N SER A 118 13.36 -7.62 -14.62
CA SER A 118 12.97 -8.47 -15.72
C SER A 118 13.73 -8.06 -16.98
N ASP A 119 13.74 -6.77 -17.36
CA ASP A 119 14.64 -6.31 -18.41
C ASP A 119 15.05 -4.85 -18.24
N ASN A 120 15.63 -4.53 -17.09
CA ASN A 120 16.10 -3.18 -16.77
C ASN A 120 15.00 -2.13 -16.97
N THR A 121 13.84 -2.42 -16.40
CA THR A 121 12.64 -1.62 -16.44
C THR A 121 12.32 -1.18 -15.01
N LYS A 122 11.95 0.10 -14.84
CA LYS A 122 11.37 0.65 -13.62
C LYS A 122 10.30 1.63 -14.08
N SER A 123 9.10 1.60 -13.50
CA SER A 123 7.99 2.46 -13.91
C SER A 123 7.22 2.98 -12.68
N SER A 124 6.16 3.76 -12.88
CA SER A 124 5.17 4.04 -11.85
C SER A 124 3.79 4.26 -12.50
N VAL A 125 2.71 4.33 -11.70
CA VAL A 125 1.41 4.83 -12.15
C VAL A 125 0.94 5.88 -11.14
N SER A 126 0.00 6.73 -11.51
CA SER A 126 -0.35 7.91 -10.74
C SER A 126 -1.69 8.47 -11.24
N GLY A 127 -2.55 8.81 -10.30
CA GLY A 127 -3.84 9.46 -10.48
C GLY A 127 -4.00 10.59 -9.44
N LYS A 128 -5.23 10.91 -9.05
CA LYS A 128 -5.61 11.64 -7.84
C LYS A 128 -6.79 10.95 -7.21
N VAL A 129 -6.92 11.10 -5.89
CA VAL A 129 -8.02 10.57 -5.12
C VAL A 129 -9.32 11.06 -5.74
N GLY A 130 -10.10 10.11 -6.25
CA GLY A 130 -11.46 10.33 -6.73
C GLY A 130 -11.58 10.32 -8.24
N ALA A 131 -10.49 10.46 -9.01
CA ALA A 131 -10.51 10.57 -10.47
C ALA A 131 -9.82 9.37 -11.12
N ASP A 132 -9.68 9.36 -12.46
CA ASP A 132 -8.97 8.31 -13.17
C ASP A 132 -7.49 8.64 -13.42
N LEU A 133 -6.76 7.68 -13.96
CA LEU A 133 -5.30 7.55 -13.93
C LEU A 133 -4.69 8.28 -15.10
N THR A 134 -4.76 9.62 -15.05
CA THR A 134 -4.15 10.48 -16.06
C THR A 134 -2.64 10.25 -16.22
N SER A 135 -1.98 9.53 -15.31
CA SER A 135 -0.53 9.45 -15.25
C SER A 135 -0.10 7.99 -15.07
N GLY A 136 -0.83 7.05 -15.68
CA GLY A 136 -0.36 5.67 -15.78
C GLY A 136 -1.34 4.66 -16.37
N ASN A 137 -2.59 5.02 -16.68
CA ASN A 137 -3.60 4.02 -17.06
C ASN A 137 -3.14 3.24 -18.29
N GLY A 138 -3.44 1.95 -18.36
CA GLY A 138 -3.13 1.09 -19.49
C GLY A 138 -1.74 0.48 -19.38
N THR A 139 -1.44 -0.27 -18.31
CA THR A 139 -0.15 -0.95 -18.20
C THR A 139 -0.33 -2.30 -17.49
N THR A 140 0.76 -3.06 -17.33
CA THR A 140 0.81 -4.25 -16.49
C THR A 140 2.14 -4.25 -15.78
N PHE A 141 2.14 -4.76 -14.53
CA PHE A 141 3.29 -4.88 -13.66
C PHE A 141 3.27 -6.27 -13.01
N LYS A 142 4.44 -6.84 -12.70
CA LYS A 142 4.48 -8.09 -11.94
C LYS A 142 4.29 -7.83 -10.46
N LYS A 143 3.53 -8.71 -9.82
CA LYS A 143 3.25 -8.72 -8.39
C LYS A 143 4.55 -8.58 -7.59
N ARG A 144 5.48 -9.51 -7.78
CA ARG A 144 6.80 -9.56 -7.14
C ARG A 144 7.78 -8.41 -7.43
N PHE A 145 7.39 -7.35 -8.14
CA PHE A 145 8.26 -6.19 -8.37
C PHE A 145 7.60 -4.85 -8.02
N ILE A 146 6.34 -4.86 -7.55
CA ILE A 146 5.72 -3.68 -6.96
C ILE A 146 6.22 -3.62 -5.52
N ASP A 147 7.29 -2.86 -5.25
CA ASP A 147 7.89 -2.74 -3.91
C ASP A 147 8.39 -1.32 -3.62
N LYS A 148 7.67 -0.28 -4.06
CA LYS A 148 7.76 1.09 -3.53
C LYS A 148 6.48 1.85 -3.84
N ILE A 149 5.88 2.56 -2.87
CA ILE A 149 4.58 3.23 -3.00
C ILE A 149 4.68 4.55 -2.22
N THR A 150 4.41 5.71 -2.84
CA THR A 150 4.59 7.02 -2.21
C THR A 150 3.35 7.90 -2.39
N ILE A 151 3.08 8.79 -1.43
CA ILE A 151 1.89 9.64 -1.43
C ILE A 151 2.36 11.09 -1.42
N ASP A 152 2.05 11.84 -2.49
CA ASP A 152 2.50 13.21 -2.72
C ASP A 152 2.09 14.13 -1.59
N GLY A 1 -17.57 10.99 17.80
CA GLY A 1 -16.30 11.22 17.11
C GLY A 1 -15.18 10.60 17.91
N GLU A 2 -14.63 9.48 17.44
CA GLU A 2 -13.56 8.75 18.10
C GLU A 2 -12.55 8.31 17.04
N GLU A 3 -12.22 9.22 16.13
CA GLU A 3 -11.35 9.06 14.97
C GLU A 3 -9.89 8.87 15.40
N LYS A 4 -9.61 7.72 16.01
CA LYS A 4 -8.30 7.24 16.44
C LYS A 4 -8.30 5.71 16.32
N MET A 5 -7.17 5.09 16.05
CA MET A 5 -6.94 3.65 16.29
C MET A 5 -5.42 3.41 16.36
N THR A 6 -5.01 2.27 16.92
CA THR A 6 -3.61 2.01 17.27
C THR A 6 -2.75 1.77 16.02
N ASN A 7 -1.42 1.61 16.19
CA ASN A 7 -0.48 1.27 15.11
C ASN A 7 -0.97 0.08 14.31
N GLY A 8 -1.22 -1.05 14.99
CA GLY A 8 -1.63 -2.29 14.37
C GLY A 8 -2.94 -2.10 13.63
N GLN A 9 -3.94 -1.49 14.29
CA GLN A 9 -5.22 -1.21 13.64
C GLN A 9 -5.03 -0.35 12.39
N LEU A 10 -4.15 0.65 12.43
CA LEU A 10 -3.90 1.59 11.34
C LEU A 10 -3.28 0.83 10.17
N TRP A 11 -2.09 0.26 10.40
CA TRP A 11 -1.31 -0.39 9.36
C TRP A 11 -2.18 -1.47 8.72
N LYS A 12 -2.91 -2.24 9.53
CA LYS A 12 -3.68 -3.36 9.04
C LYS A 12 -4.81 -2.90 8.13
N LYS A 13 -5.45 -1.74 8.33
CA LYS A 13 -6.42 -1.25 7.35
C LYS A 13 -5.73 -1.03 6.01
N VAL A 14 -4.57 -0.37 6.02
CA VAL A 14 -3.77 -0.10 4.82
C VAL A 14 -3.37 -1.43 4.14
N LYS A 15 -3.05 -2.48 4.91
CA LYS A 15 -2.82 -3.85 4.42
C LYS A 15 -4.10 -4.42 3.79
N ASP A 16 -5.20 -4.48 4.55
CA ASP A 16 -6.47 -5.09 4.13
C ASP A 16 -6.96 -4.48 2.80
N SER A 17 -6.58 -3.24 2.50
CA SER A 17 -6.86 -2.59 1.23
C SER A 17 -6.41 -3.45 0.04
N LEU A 18 -5.18 -3.98 0.07
CA LEU A 18 -4.56 -4.67 -1.05
C LEU A 18 -5.17 -6.04 -1.29
N ILE A 19 -5.79 -6.65 -0.28
CA ILE A 19 -6.39 -7.98 -0.34
C ILE A 19 -7.33 -8.07 -1.54
N ASP A 20 -8.06 -6.98 -1.80
CA ASP A 20 -9.04 -6.91 -2.87
C ASP A 20 -8.42 -6.84 -4.27
N SER A 21 -7.14 -6.47 -4.41
CA SER A 21 -6.44 -6.56 -5.68
C SER A 21 -5.43 -7.70 -5.60
N ASN A 22 -4.61 -7.82 -6.63
CA ASN A 22 -3.60 -8.85 -6.77
C ASN A 22 -2.22 -8.30 -6.36
N ILE A 23 -2.12 -7.33 -5.45
CA ILE A 23 -0.85 -6.64 -5.18
C ILE A 23 0.01 -7.46 -4.20
N ILE A 24 -0.61 -8.18 -3.27
CA ILE A 24 0.04 -8.91 -2.19
C ILE A 24 -0.39 -10.38 -2.28
N SER A 25 -0.12 -11.17 -1.25
CA SER A 25 -0.42 -12.59 -1.20
C SER A 25 -0.89 -13.01 0.19
N GLY A 26 -0.87 -12.08 1.15
CA GLY A 26 -1.51 -12.23 2.44
C GLY A 26 -0.90 -13.34 3.27
N ASN A 27 0.42 -13.54 3.16
CA ASN A 27 1.14 -14.58 3.88
C ASN A 27 2.46 -14.03 4.37
N GLU A 28 3.27 -14.88 5.00
CA GLU A 28 4.53 -14.49 5.63
C GLU A 28 5.63 -14.15 4.62
N ASN A 29 5.35 -14.24 3.33
CA ASN A 29 6.31 -13.98 2.26
C ASN A 29 6.16 -12.53 1.77
N GLU A 30 5.64 -11.64 2.61
CA GLU A 30 5.54 -10.20 2.40
C GLU A 30 5.72 -9.50 3.74
N GLU A 31 6.18 -8.25 3.71
CA GLU A 31 6.22 -7.31 4.82
C GLU A 31 5.89 -5.96 4.21
N ILE A 32 5.26 -5.07 4.96
CA ILE A 32 5.02 -3.71 4.54
C ILE A 32 5.39 -2.83 5.72
N THR A 33 6.25 -1.85 5.47
CA THR A 33 6.49 -0.73 6.35
C THR A 33 5.58 0.40 5.88
N VAL A 34 4.53 0.74 6.65
CA VAL A 34 3.71 1.92 6.38
C VAL A 34 4.24 3.04 7.24
N THR A 35 4.55 4.19 6.65
CA THR A 35 4.83 5.42 7.38
C THR A 35 3.53 6.21 7.46
N TYR A 36 3.22 6.78 8.63
CA TYR A 36 2.10 7.69 8.81
C TYR A 36 2.53 8.82 9.76
N VAL A 37 1.67 9.82 9.93
CA VAL A 37 1.89 10.99 10.77
C VAL A 37 0.67 11.37 11.61
N ASN A 38 0.94 11.85 12.83
CA ASN A 38 -0.04 12.25 13.85
C ASN A 38 -0.33 13.74 13.71
N LYS A 39 -1.40 14.24 14.36
CA LYS A 39 -1.73 15.68 14.40
C LYS A 39 -0.57 16.59 14.83
N THR A 40 0.37 16.15 15.67
CA THR A 40 1.52 16.96 16.07
C THR A 40 2.54 17.12 14.95
N GLY A 41 2.52 16.29 13.90
CA GLY A 41 3.50 16.33 12.81
C GLY A 41 4.58 15.25 12.92
N TYR A 42 4.62 14.53 14.05
CA TYR A 42 5.47 13.35 14.23
C TYR A 42 5.00 12.25 13.29
N SER A 43 5.90 11.75 12.45
CA SER A 43 5.67 10.52 11.70
C SER A 43 6.22 9.31 12.49
N SER A 44 5.84 8.11 12.07
CA SER A 44 6.43 6.83 12.45
C SER A 44 6.28 5.88 11.26
N SER A 45 7.15 4.86 11.16
CA SER A 45 7.05 3.76 10.20
C SER A 45 6.86 2.45 10.97
N VAL A 46 5.96 1.60 10.48
CA VAL A 46 5.52 0.36 11.13
C VAL A 46 5.60 -0.78 10.12
N SER A 47 6.54 -1.71 10.30
CA SER A 47 6.60 -2.96 9.55
C SER A 47 5.55 -3.91 10.12
N ALA A 48 5.01 -4.81 9.30
CA ALA A 48 4.49 -6.09 9.76
C ALA A 48 4.46 -7.04 8.57
N TYR A 49 4.54 -8.34 8.86
CA TYR A 49 4.41 -9.36 7.84
C TYR A 49 2.93 -9.56 7.55
N GLY A 50 2.65 -10.17 6.40
CA GLY A 50 1.29 -10.26 5.88
C GLY A 50 0.52 -11.52 6.27
N ASN A 51 1.05 -12.41 7.12
CA ASN A 51 0.37 -13.65 7.45
C ASN A 51 -0.65 -13.38 8.56
N ASN A 52 -1.91 -13.23 8.18
CA ASN A 52 -2.98 -12.82 9.08
C ASN A 52 -2.68 -11.44 9.71
N ASN A 53 -3.33 -11.12 10.82
CA ASN A 53 -3.25 -9.82 11.48
C ASN A 53 -2.38 -9.87 12.73
N ASP A 54 -2.17 -8.70 13.33
CA ASP A 54 -1.44 -8.43 14.55
C ASP A 54 -1.92 -7.11 15.16
N ASP A 55 -1.47 -6.78 16.37
CA ASP A 55 -1.30 -5.42 16.88
C ASP A 55 -0.50 -5.53 18.17
N PHE A 56 0.62 -4.80 18.22
CA PHE A 56 1.73 -5.06 19.14
C PHE A 56 2.59 -3.81 19.39
N SER A 57 1.98 -2.64 19.62
CA SER A 57 2.73 -1.42 19.91
C SER A 57 1.96 -0.46 20.83
N SER A 58 2.70 0.41 21.52
CA SER A 58 2.20 1.51 22.35
C SER A 58 2.29 2.87 21.63
N THR A 59 2.62 2.90 20.34
CA THR A 59 2.59 4.10 19.52
C THR A 59 1.18 4.72 19.56
N PRO A 60 1.07 6.05 19.46
CA PRO A 60 -0.19 6.74 19.68
C PRO A 60 -1.13 6.58 18.47
N SER A 61 -2.42 6.74 18.77
CA SER A 61 -3.54 6.44 17.90
C SER A 61 -4.10 7.70 17.24
N ASN A 62 -3.49 8.86 17.54
CA ASN A 62 -3.77 10.20 17.02
C ASN A 62 -3.25 10.38 15.59
N PHE A 63 -3.35 9.33 14.76
CA PHE A 63 -3.06 9.39 13.34
C PHE A 63 -3.85 10.55 12.71
N SER A 64 -3.30 11.25 11.71
CA SER A 64 -3.99 12.35 11.06
C SER A 64 -3.56 12.60 9.60
N LYS A 65 -2.46 12.02 9.14
CA LYS A 65 -2.07 11.97 7.75
C LYS A 65 -1.34 10.66 7.49
N LEU A 66 -1.20 10.31 6.22
CA LEU A 66 -0.32 9.24 5.78
C LEU A 66 1.04 9.83 5.45
N LYS A 67 2.01 8.93 5.30
CA LYS A 67 3.28 9.15 4.65
C LYS A 67 3.54 7.92 3.79
N GLU A 68 4.78 7.80 3.35
CA GLU A 68 5.24 6.83 2.36
C GLU A 68 5.29 5.38 2.89
N ILE A 69 5.53 4.42 2.00
CA ILE A 69 5.34 2.99 2.26
C ILE A 69 6.44 2.19 1.53
N ASP A 70 7.15 1.32 2.25
CA ASP A 70 8.10 0.36 1.69
C ASP A 70 7.43 -1.02 1.72
N LEU A 71 7.08 -1.56 0.54
CA LEU A 71 6.66 -2.95 0.40
C LEU A 71 7.90 -3.84 0.32
N LYS A 72 7.87 -5.02 0.91
CA LYS A 72 8.82 -6.11 0.67
C LYS A 72 8.02 -7.36 0.29
N LYS A 73 8.60 -8.24 -0.52
CA LYS A 73 8.00 -9.53 -0.85
C LYS A 73 9.05 -10.47 -1.40
N ASP A 74 8.79 -11.77 -1.30
CA ASP A 74 9.72 -12.89 -1.49
C ASP A 74 9.28 -13.77 -2.66
N ASN A 75 9.68 -15.05 -2.70
CA ASN A 75 9.07 -16.05 -3.53
C ASN A 75 7.86 -16.58 -2.78
N VAL A 76 6.99 -17.26 -3.50
CA VAL A 76 5.79 -17.91 -3.03
C VAL A 76 5.55 -19.17 -3.88
N PRO A 77 4.70 -20.09 -3.43
CA PRO A 77 4.20 -21.21 -4.23
C PRO A 77 3.23 -20.75 -5.33
N SER A 78 2.79 -21.69 -6.15
CA SER A 78 1.94 -21.47 -7.32
C SER A 78 0.65 -20.68 -7.07
N ASP A 79 0.19 -20.59 -5.82
CA ASP A 79 -0.90 -19.75 -5.35
C ASP A 79 -0.76 -18.36 -5.95
N ASP A 80 0.45 -17.78 -5.85
CA ASP A 80 0.70 -16.40 -6.27
C ASP A 80 2.01 -16.28 -7.05
N PHE A 81 2.62 -17.40 -7.44
CA PHE A 81 3.86 -17.41 -8.20
C PHE A 81 3.72 -16.67 -9.53
N ASN A 82 2.58 -16.80 -10.21
CA ASN A 82 2.33 -16.24 -11.51
C ASN A 82 1.36 -15.06 -11.49
N THR A 83 0.88 -14.62 -10.32
CA THR A 83 0.00 -13.46 -10.24
C THR A 83 0.68 -12.21 -10.81
N THR A 84 -0.11 -11.43 -11.54
CA THR A 84 0.23 -10.10 -12.03
C THR A 84 -0.93 -9.15 -11.68
N VAL A 85 -0.70 -7.86 -11.83
CA VAL A 85 -1.67 -6.78 -11.66
C VAL A 85 -1.79 -6.06 -13.00
N SER A 86 -2.91 -5.42 -13.28
CA SER A 86 -2.90 -4.26 -14.14
C SER A 86 -2.46 -3.09 -13.27
N GLY A 87 -1.61 -2.21 -13.79
CA GLY A 87 -1.17 -1.03 -13.06
C GLY A 87 -2.34 -0.15 -12.66
N GLU A 88 -3.35 -0.08 -13.53
CA GLU A 88 -4.57 0.65 -13.28
C GLU A 88 -5.28 0.01 -12.10
N ASP A 89 -5.67 -1.26 -12.22
CA ASP A 89 -6.37 -2.06 -11.22
C ASP A 89 -5.68 -1.99 -9.86
N SER A 90 -4.36 -2.00 -9.87
CA SER A 90 -3.49 -1.86 -8.70
C SER A 90 -3.87 -0.57 -7.96
N TRP A 91 -3.65 0.59 -8.61
CA TRP A 91 -3.90 1.90 -8.03
C TRP A 91 -5.39 2.11 -7.73
N LYS A 92 -6.26 1.69 -8.64
CA LYS A 92 -7.71 1.78 -8.56
C LYS A 92 -8.18 1.14 -7.27
N THR A 93 -8.00 -0.16 -7.12
CA THR A 93 -8.54 -0.91 -6.00
C THR A 93 -7.93 -0.39 -4.70
N LEU A 94 -6.60 -0.17 -4.65
CA LEU A 94 -5.89 0.36 -3.50
C LEU A 94 -6.53 1.67 -3.04
N THR A 95 -6.61 2.69 -3.89
CA THR A 95 -7.18 3.97 -3.49
C THR A 95 -8.67 3.84 -3.14
N SER A 96 -9.40 2.95 -3.84
CA SER A 96 -10.80 2.63 -3.62
C SER A 96 -11.04 1.98 -2.25
N LYS A 97 -10.00 1.50 -1.55
CA LYS A 97 -10.14 0.94 -0.20
C LYS A 97 -9.73 1.91 0.91
N LEU A 98 -9.16 3.08 0.60
CA LEU A 98 -8.54 3.92 1.64
C LEU A 98 -9.45 5.05 2.11
N LYS A 99 -10.24 5.67 1.22
CA LYS A 99 -11.11 6.79 1.59
C LYS A 99 -12.15 6.33 2.61
N GLU A 100 -12.56 5.06 2.55
CA GLU A 100 -13.49 4.36 3.43
C GLU A 100 -13.21 4.64 4.91
N LYS A 101 -11.94 4.58 5.31
CA LYS A 101 -11.50 4.75 6.69
C LYS A 101 -10.73 6.06 6.87
N GLY A 102 -10.81 6.97 5.90
CA GLY A 102 -10.17 8.28 5.96
C GLY A 102 -8.66 8.13 5.97
N LEU A 103 -8.12 7.26 5.12
CA LEU A 103 -6.70 6.94 5.00
C LEU A 103 -6.08 7.57 3.75
N VAL A 104 -6.78 8.50 3.09
CA VAL A 104 -6.29 9.42 2.07
C VAL A 104 -7.04 10.73 2.23
N THR A 105 -6.60 11.78 1.52
CA THR A 105 -7.28 13.07 1.43
C THR A 105 -7.70 13.33 -0.01
N ASP A 106 -8.46 14.39 -0.29
CA ASP A 106 -8.57 14.94 -1.65
C ASP A 106 -7.15 15.27 -2.14
N GLY A 107 -6.94 15.21 -3.46
CA GLY A 107 -5.79 15.81 -4.14
C GLY A 107 -4.45 15.14 -3.86
N GLN A 108 -4.41 14.04 -3.10
CA GLN A 108 -3.18 13.28 -2.90
C GLN A 108 -2.80 12.55 -4.18
N THR A 109 -1.50 12.40 -4.41
CA THR A 109 -0.94 11.77 -5.59
C THR A 109 -0.20 10.55 -5.06
N VAL A 110 -0.83 9.37 -5.09
CA VAL A 110 -0.32 8.10 -4.57
C VAL A 110 0.44 7.40 -5.71
N THR A 111 1.76 7.59 -5.83
CA THR A 111 2.51 6.98 -6.93
C THR A 111 2.94 5.56 -6.53
N ILE A 112 2.80 4.60 -7.45
CA ILE A 112 3.18 3.19 -7.25
C ILE A 112 4.26 2.87 -8.27
N HIS A 113 5.48 2.58 -7.83
CA HIS A 113 6.59 2.19 -8.71
C HIS A 113 6.70 0.66 -8.73
N CYS A 114 7.14 0.13 -9.87
CA CYS A 114 7.45 -1.28 -10.07
C CYS A 114 8.90 -1.37 -10.47
N ASN A 115 9.67 -2.18 -9.74
CA ASN A 115 11.12 -2.22 -9.82
C ASN A 115 11.48 -3.65 -10.18
N ASP A 116 11.40 -3.97 -11.46
CA ASP A 116 11.51 -5.34 -11.93
C ASP A 116 12.98 -5.67 -12.14
N LYS A 117 13.33 -6.95 -12.04
CA LYS A 117 14.68 -7.46 -12.28
C LYS A 117 14.67 -8.59 -13.31
N SER A 118 13.64 -8.62 -14.18
CA SER A 118 13.54 -9.60 -15.25
C SER A 118 14.36 -9.11 -16.44
N ASP A 119 14.15 -7.87 -16.90
CA ASP A 119 14.68 -7.36 -18.16
C ASP A 119 15.01 -5.87 -18.06
N ASN A 120 15.50 -5.43 -16.90
CA ASN A 120 16.02 -4.11 -16.62
C ASN A 120 14.95 -3.03 -16.86
N THR A 121 13.73 -3.27 -16.37
CA THR A 121 12.55 -2.45 -16.56
C THR A 121 12.13 -1.82 -15.24
N LYS A 122 11.69 -0.57 -15.28
CA LYS A 122 10.88 0.08 -14.25
C LYS A 122 9.70 0.75 -14.89
N SER A 123 8.66 1.03 -14.10
CA SER A 123 7.50 1.81 -14.48
C SER A 123 6.89 2.41 -13.20
N SER A 124 5.84 3.23 -13.34
CA SER A 124 5.01 3.63 -12.22
C SER A 124 3.58 3.89 -12.69
N VAL A 125 2.64 4.08 -11.77
CA VAL A 125 1.33 4.64 -12.11
C VAL A 125 1.06 5.79 -11.14
N SER A 126 0.28 6.75 -11.59
CA SER A 126 0.10 8.02 -10.91
C SER A 126 -1.20 8.70 -11.37
N GLY A 127 -2.10 8.88 -10.41
CA GLY A 127 -3.46 9.37 -10.50
C GLY A 127 -3.68 10.58 -9.57
N LYS A 128 -4.86 10.71 -8.99
CA LYS A 128 -5.27 11.60 -7.90
C LYS A 128 -6.54 11.04 -7.28
N VAL A 129 -6.73 11.23 -5.97
CA VAL A 129 -7.80 10.58 -5.22
C VAL A 129 -9.18 10.89 -5.82
N GLY A 130 -9.77 9.88 -6.47
CA GLY A 130 -11.08 9.91 -7.10
C GLY A 130 -10.99 10.02 -8.62
N ALA A 131 -9.91 10.59 -9.18
CA ALA A 131 -9.77 10.81 -10.62
C ALA A 131 -9.38 9.52 -11.35
N ASP A 132 -9.29 9.59 -12.68
CA ASP A 132 -8.62 8.59 -13.48
C ASP A 132 -7.11 8.81 -13.53
N LEU A 133 -6.42 7.87 -14.14
CA LEU A 133 -4.96 7.82 -14.23
C LEU A 133 -4.49 8.52 -15.50
N THR A 134 -4.04 9.78 -15.45
CA THR A 134 -3.36 10.38 -16.60
C THR A 134 -2.01 9.67 -16.89
N SER A 135 -1.47 8.91 -15.93
CA SER A 135 -0.21 8.20 -16.05
C SER A 135 -0.39 6.80 -15.46
N GLY A 136 -0.26 5.74 -16.28
CA GLY A 136 -0.05 4.40 -15.76
C GLY A 136 -1.10 3.38 -16.18
N ASN A 137 -2.31 3.82 -16.54
CA ASN A 137 -3.29 2.89 -17.10
C ASN A 137 -2.77 2.36 -18.44
N GLY A 138 -3.15 1.15 -18.81
CA GLY A 138 -2.63 0.44 -19.98
C GLY A 138 -1.42 -0.46 -19.68
N THR A 139 -0.80 -0.34 -18.51
CA THR A 139 0.39 -1.11 -18.13
C THR A 139 -0.02 -2.33 -17.27
N THR A 140 0.83 -3.34 -17.16
CA THR A 140 0.66 -4.45 -16.21
C THR A 140 2.04 -4.74 -15.57
N PHE A 141 2.03 -5.33 -14.37
CA PHE A 141 3.22 -5.61 -13.55
C PHE A 141 3.03 -6.93 -12.82
N LYS A 142 4.07 -7.49 -12.21
CA LYS A 142 3.97 -8.69 -11.39
C LYS A 142 4.06 -8.30 -9.93
N LYS A 143 3.23 -8.93 -9.09
CA LYS A 143 3.20 -8.70 -7.64
C LYS A 143 4.60 -8.68 -7.03
N ARG A 144 5.41 -9.70 -7.37
CA ARG A 144 6.77 -9.90 -6.88
C ARG A 144 7.69 -8.69 -7.06
N PHE A 145 7.41 -7.75 -7.98
CA PHE A 145 8.30 -6.63 -8.28
C PHE A 145 7.80 -5.26 -7.76
N ILE A 146 6.70 -5.24 -7.00
CA ILE A 146 6.07 -4.00 -6.52
C ILE A 146 6.62 -3.72 -5.12
N ASP A 147 7.58 -2.79 -5.00
CA ASP A 147 8.31 -2.50 -3.74
C ASP A 147 8.59 -1.01 -3.54
N LYS A 148 7.68 -0.12 -3.94
CA LYS A 148 7.79 1.33 -3.66
C LYS A 148 6.46 2.06 -3.82
N ILE A 149 5.88 2.61 -2.75
CA ILE A 149 4.75 3.54 -2.83
C ILE A 149 5.13 4.80 -2.06
N THR A 150 4.87 5.96 -2.66
CA THR A 150 5.02 7.25 -2.01
C THR A 150 3.74 8.04 -2.27
N ILE A 151 3.48 9.04 -1.44
CA ILE A 151 2.27 9.85 -1.49
C ILE A 151 2.71 11.30 -1.55
N ASP A 152 1.95 12.12 -2.28
CA ASP A 152 2.24 13.52 -2.54
C ASP A 152 1.02 14.35 -2.21
N GLY A 1 -12.41 13.83 10.97
CA GLY A 1 -13.36 12.88 11.56
C GLY A 1 -12.67 12.04 12.63
N GLU A 2 -13.33 10.99 13.12
CA GLU A 2 -12.81 10.11 14.17
C GLU A 2 -11.84 9.07 13.58
N GLU A 3 -10.82 9.55 12.87
CA GLU A 3 -9.73 8.72 12.37
C GLU A 3 -8.78 8.43 13.54
N LYS A 4 -9.14 7.50 14.42
CA LYS A 4 -8.37 7.08 15.60
C LYS A 4 -8.38 5.55 15.66
N MET A 5 -7.26 4.93 16.09
CA MET A 5 -7.01 3.49 16.21
C MET A 5 -5.59 3.23 16.77
N THR A 6 -5.24 2.01 17.19
CA THR A 6 -3.90 1.65 17.68
C THR A 6 -2.98 1.22 16.52
N ASN A 7 -1.70 0.90 16.78
CA ASN A 7 -0.77 0.29 15.82
C ASN A 7 -1.42 -0.91 15.13
N GLY A 8 -1.79 -1.91 15.93
CA GLY A 8 -2.32 -3.20 15.48
C GLY A 8 -3.69 -3.10 14.82
N GLN A 9 -4.21 -1.89 14.65
CA GLN A 9 -5.42 -1.58 13.93
C GLN A 9 -5.09 -0.74 12.70
N LEU A 10 -4.25 0.30 12.82
CA LEU A 10 -3.82 1.18 11.76
C LEU A 10 -3.12 0.37 10.70
N TRP A 11 -2.08 -0.37 11.07
CA TRP A 11 -1.34 -1.14 10.10
C TRP A 11 -2.30 -2.13 9.42
N LYS A 12 -3.16 -2.78 10.22
CA LYS A 12 -4.15 -3.76 9.78
C LYS A 12 -5.05 -3.21 8.68
N LYS A 13 -5.57 -1.98 8.83
CA LYS A 13 -6.40 -1.33 7.80
C LYS A 13 -5.70 -1.29 6.44
N VAL A 14 -4.38 -1.10 6.40
CA VAL A 14 -3.62 -1.13 5.14
C VAL A 14 -3.33 -2.58 4.73
N LYS A 15 -3.06 -3.51 5.67
CA LYS A 15 -2.87 -4.91 5.31
C LYS A 15 -4.11 -5.41 4.57
N ASP A 16 -5.30 -5.06 5.08
CA ASP A 16 -6.57 -5.39 4.45
C ASP A 16 -6.70 -4.73 3.08
N SER A 17 -6.29 -3.47 2.91
CA SER A 17 -6.65 -2.71 1.70
C SER A 17 -6.12 -3.42 0.46
N LEU A 18 -4.85 -3.83 0.54
CA LEU A 18 -4.15 -4.55 -0.52
C LEU A 18 -4.70 -5.97 -0.77
N ILE A 19 -5.56 -6.55 0.08
CA ILE A 19 -6.16 -7.87 -0.14
C ILE A 19 -7.05 -7.87 -1.37
N ASP A 20 -7.84 -6.81 -1.54
CA ASP A 20 -8.80 -6.73 -2.63
C ASP A 20 -8.07 -6.58 -3.97
N SER A 21 -6.81 -6.16 -3.95
CA SER A 21 -5.96 -6.22 -5.12
C SER A 21 -5.11 -7.50 -5.10
N ASN A 22 -4.42 -7.80 -6.20
CA ASN A 22 -3.36 -8.80 -6.20
C ASN A 22 -2.00 -8.20 -5.80
N ILE A 23 -1.97 -7.02 -5.16
CA ILE A 23 -0.75 -6.33 -4.78
C ILE A 23 0.00 -7.16 -3.73
N ILE A 24 -0.72 -7.71 -2.76
CA ILE A 24 -0.19 -8.72 -1.86
C ILE A 24 -0.94 -10.02 -2.06
N SER A 25 -0.39 -11.03 -1.41
CA SER A 25 -0.81 -12.40 -1.43
C SER A 25 -1.57 -12.73 -0.14
N GLY A 26 -1.11 -12.24 1.01
CA GLY A 26 -1.69 -12.52 2.31
C GLY A 26 -1.00 -13.67 3.04
N ASN A 27 0.33 -13.76 3.04
CA ASN A 27 1.07 -14.75 3.84
C ASN A 27 2.28 -14.10 4.48
N GLU A 28 2.92 -14.77 5.45
CA GLU A 28 4.07 -14.26 6.20
C GLU A 28 5.27 -13.95 5.29
N ASN A 29 5.29 -14.50 4.08
CA ASN A 29 6.25 -14.19 3.01
C ASN A 29 6.06 -12.79 2.39
N GLU A 30 5.45 -11.82 3.09
CA GLU A 30 5.47 -10.41 2.71
C GLU A 30 5.55 -9.54 3.97
N GLU A 31 5.90 -8.26 3.81
CA GLU A 31 5.93 -7.27 4.85
C GLU A 31 5.41 -5.97 4.22
N ILE A 32 4.80 -5.12 5.05
CA ILE A 32 4.15 -3.89 4.65
C ILE A 32 4.57 -2.82 5.64
N THR A 33 5.40 -1.89 5.18
CA THR A 33 5.90 -0.78 5.98
C THR A 33 4.98 0.43 5.74
N VAL A 34 4.11 0.75 6.69
CA VAL A 34 3.21 1.91 6.61
C VAL A 34 3.84 3.06 7.39
N THR A 35 4.41 4.04 6.70
CA THR A 35 4.80 5.29 7.31
C THR A 35 3.55 6.18 7.38
N TYR A 36 3.26 6.77 8.54
CA TYR A 36 2.20 7.76 8.71
C TYR A 36 2.69 8.87 9.64
N VAL A 37 1.93 9.98 9.73
CA VAL A 37 2.34 11.16 10.49
C VAL A 37 1.22 11.55 11.45
N ASN A 38 1.61 12.16 12.57
CA ASN A 38 0.68 12.59 13.61
C ASN A 38 0.33 14.08 13.48
N LYS A 39 -0.48 14.60 14.41
CA LYS A 39 -0.79 16.03 14.55
C LYS A 39 0.45 16.93 14.65
N THR A 40 1.62 16.40 14.97
CA THR A 40 2.87 17.16 14.94
C THR A 40 3.77 16.59 13.84
N GLY A 41 4.75 17.38 13.37
CA GLY A 41 5.55 17.09 12.19
C GLY A 41 6.61 16.01 12.43
N TYR A 42 6.16 14.79 12.77
CA TYR A 42 6.96 13.63 13.09
C TYR A 42 6.24 12.41 12.51
N SER A 43 6.95 11.57 11.76
CA SER A 43 6.40 10.36 11.19
C SER A 43 6.76 9.17 12.07
N SER A 44 6.06 8.06 11.92
CA SER A 44 6.52 6.75 12.35
C SER A 44 6.13 5.73 11.29
N SER A 45 6.83 4.60 11.26
CA SER A 45 6.50 3.47 10.41
C SER A 45 6.26 2.22 11.27
N VAL A 46 5.41 1.36 10.73
CA VAL A 46 5.15 -0.01 11.15
C VAL A 46 5.48 -0.92 10.01
N SER A 47 6.46 -1.80 10.19
CA SER A 47 6.92 -2.78 9.23
C SER A 47 6.55 -4.16 9.75
N ALA A 48 5.48 -4.77 9.23
CA ALA A 48 4.93 -6.02 9.75
C ALA A 48 4.50 -6.96 8.64
N TYR A 49 4.55 -8.26 8.95
CA TYR A 49 4.41 -9.33 7.99
C TYR A 49 2.94 -9.56 7.62
N GLY A 50 2.68 -10.00 6.39
CA GLY A 50 1.35 -10.06 5.80
C GLY A 50 0.68 -11.41 5.87
N ASN A 51 1.04 -12.19 6.88
CA ASN A 51 0.14 -13.14 7.52
C ASN A 51 -1.04 -12.40 8.18
N ASN A 52 -1.62 -13.04 9.20
CA ASN A 52 -3.00 -12.89 9.66
C ASN A 52 -3.12 -11.69 10.58
N ASN A 53 -4.26 -11.55 11.27
CA ASN A 53 -4.45 -10.56 12.31
C ASN A 53 -3.52 -10.86 13.49
N ASP A 54 -3.44 -9.88 14.38
CA ASP A 54 -2.63 -9.72 15.58
C ASP A 54 -2.95 -8.30 16.04
N ASP A 55 -2.82 -7.96 17.33
CA ASP A 55 -2.95 -6.58 17.80
C ASP A 55 -2.53 -6.55 19.27
N PHE A 56 -1.54 -5.72 19.61
CA PHE A 56 -0.84 -5.79 20.90
C PHE A 56 -0.03 -4.52 21.24
N SER A 57 -0.39 -3.34 20.72
CA SER A 57 0.50 -2.17 20.80
C SER A 57 -0.29 -0.88 21.08
N SER A 58 -0.32 -0.46 22.35
CA SER A 58 -0.86 0.81 22.81
C SER A 58 0.02 1.98 22.34
N THR A 59 -0.22 2.45 21.14
CA THR A 59 0.40 3.60 20.50
C THR A 59 -0.71 4.63 20.29
N PRO A 60 -0.39 5.94 20.32
CA PRO A 60 -1.39 6.98 20.38
C PRO A 60 -2.16 7.08 19.06
N SER A 61 -3.45 7.42 19.17
CA SER A 61 -4.24 7.98 18.08
C SER A 61 -3.91 9.46 17.97
N ASN A 62 -2.63 9.79 17.78
CA ASN A 62 -2.24 11.12 17.34
C ASN A 62 -2.24 11.17 15.81
N PHE A 63 -2.64 10.09 15.11
CA PHE A 63 -2.62 10.02 13.65
C PHE A 63 -3.42 11.21 13.11
N SER A 64 -2.92 11.82 12.04
CA SER A 64 -3.63 12.89 11.35
C SER A 64 -3.26 12.99 9.87
N LYS A 65 -2.17 12.37 9.40
CA LYS A 65 -1.72 12.43 8.02
C LYS A 65 -1.05 11.12 7.65
N LEU A 66 -0.81 10.86 6.36
CA LEU A 66 -0.07 9.69 5.91
C LEU A 66 1.32 10.09 5.44
N LYS A 67 2.10 9.07 5.13
CA LYS A 67 3.35 9.18 4.41
C LYS A 67 3.46 7.94 3.53
N GLU A 68 4.64 7.82 2.94
CA GLU A 68 5.03 6.80 1.98
C GLU A 68 5.02 5.39 2.59
N ILE A 69 5.08 4.37 1.71
CA ILE A 69 4.81 2.99 2.04
C ILE A 69 5.86 2.12 1.36
N ASP A 70 6.41 1.16 2.09
CA ASP A 70 7.54 0.32 1.70
C ASP A 70 7.13 -1.14 1.80
N LEU A 71 6.60 -1.70 0.70
CA LEU A 71 6.21 -3.11 0.65
C LEU A 71 7.43 -4.00 0.45
N LYS A 72 7.26 -5.29 0.75
CA LYS A 72 8.21 -6.35 0.46
C LYS A 72 7.44 -7.56 -0.09
N LYS A 73 8.13 -8.64 -0.44
CA LYS A 73 7.55 -9.95 -0.79
C LYS A 73 8.70 -10.96 -0.89
N ASP A 74 8.41 -12.24 -0.73
CA ASP A 74 9.36 -13.34 -0.86
C ASP A 74 8.86 -14.35 -1.90
N ASN A 75 9.44 -15.56 -1.95
CA ASN A 75 9.10 -16.59 -2.93
C ASN A 75 7.84 -17.31 -2.50
N VAL A 76 6.69 -16.71 -2.82
CA VAL A 76 5.36 -17.24 -2.59
C VAL A 76 5.16 -18.60 -3.30
N PRO A 77 4.15 -19.39 -2.94
CA PRO A 77 3.82 -20.65 -3.58
C PRO A 77 3.26 -20.49 -5.00
N SER A 78 2.98 -21.63 -5.63
CA SER A 78 2.33 -21.74 -6.94
C SER A 78 0.93 -21.09 -6.98
N ASP A 79 0.41 -20.61 -5.85
CA ASP A 79 -0.80 -19.80 -5.80
C ASP A 79 -0.60 -18.54 -6.63
N ASP A 80 0.57 -17.90 -6.56
CA ASP A 80 0.78 -16.54 -7.11
C ASP A 80 2.20 -16.34 -7.70
N PHE A 81 2.97 -17.43 -7.87
CA PHE A 81 4.41 -17.39 -8.16
C PHE A 81 4.77 -16.65 -9.45
N ASN A 82 3.86 -16.56 -10.42
CA ASN A 82 4.12 -15.98 -11.74
C ASN A 82 3.17 -14.82 -12.07
N THR A 83 2.31 -14.41 -11.14
CA THR A 83 1.20 -13.54 -11.46
C THR A 83 1.66 -12.16 -11.96
N THR A 84 0.91 -11.59 -12.90
CA THR A 84 1.00 -10.21 -13.32
C THR A 84 -0.28 -9.49 -12.90
N VAL A 85 -0.21 -8.17 -12.73
CA VAL A 85 -1.32 -7.33 -12.31
C VAL A 85 -1.33 -6.14 -13.27
N SER A 86 -2.51 -5.59 -13.55
CA SER A 86 -2.65 -4.36 -14.28
C SER A 86 -2.12 -3.21 -13.43
N GLY A 87 -1.42 -2.27 -14.03
CA GLY A 87 -0.84 -1.10 -13.38
C GLY A 87 -1.94 -0.16 -12.90
N GLU A 88 -3.00 -0.01 -13.70
CA GLU A 88 -4.19 0.73 -13.30
C GLU A 88 -4.79 0.02 -12.08
N ASP A 89 -5.08 -1.27 -12.24
CA ASP A 89 -5.72 -2.09 -11.22
C ASP A 89 -4.90 -2.04 -9.92
N SER A 90 -3.57 -2.07 -10.02
CA SER A 90 -2.60 -1.99 -8.92
C SER A 90 -2.62 -0.63 -8.18
N TRP A 91 -3.48 0.29 -8.57
CA TRP A 91 -3.72 1.59 -7.97
C TRP A 91 -5.20 1.74 -7.60
N LYS A 92 -6.12 1.29 -8.47
CA LYS A 92 -7.56 1.45 -8.34
C LYS A 92 -8.14 0.85 -7.06
N THR A 93 -7.82 -0.39 -6.71
CA THR A 93 -8.32 -0.99 -5.48
C THR A 93 -7.64 -0.29 -4.29
N LEU A 94 -6.31 -0.19 -4.34
CA LEU A 94 -5.41 0.33 -3.31
C LEU A 94 -5.92 1.67 -2.80
N THR A 95 -6.21 2.59 -3.72
CA THR A 95 -6.64 3.93 -3.38
C THR A 95 -8.05 3.90 -2.80
N SER A 96 -8.98 3.20 -3.46
CA SER A 96 -10.36 3.15 -2.99
C SER A 96 -10.42 2.62 -1.55
N LYS A 97 -9.62 1.60 -1.26
CA LYS A 97 -9.56 0.89 0.02
C LYS A 97 -8.78 1.64 1.11
N LEU A 98 -8.40 2.90 0.89
CA LEU A 98 -7.90 3.79 1.94
C LEU A 98 -8.99 4.73 2.44
N LYS A 99 -9.75 5.36 1.54
CA LYS A 99 -10.71 6.40 1.93
C LYS A 99 -11.83 5.82 2.82
N GLU A 100 -12.10 4.52 2.69
CA GLU A 100 -13.00 3.76 3.54
C GLU A 100 -12.73 3.94 5.04
N LYS A 101 -11.47 4.13 5.42
CA LYS A 101 -11.01 4.30 6.79
C LYS A 101 -10.41 5.69 6.99
N GLY A 102 -10.68 6.62 6.07
CA GLY A 102 -10.22 8.00 6.14
C GLY A 102 -8.71 8.14 5.93
N LEU A 103 -8.04 7.10 5.41
CA LEU A 103 -6.58 7.03 5.32
C LEU A 103 -6.02 7.77 4.09
N VAL A 104 -6.80 8.64 3.45
CA VAL A 104 -6.38 9.59 2.42
C VAL A 104 -7.24 10.85 2.56
N THR A 105 -6.96 11.90 1.79
CA THR A 105 -7.91 12.98 1.52
C THR A 105 -8.27 12.93 0.03
N ASP A 106 -9.37 13.58 -0.36
CA ASP A 106 -9.59 13.98 -1.76
C ASP A 106 -8.38 14.78 -2.27
N GLY A 107 -8.16 14.78 -3.59
CA GLY A 107 -7.12 15.51 -4.29
C GLY A 107 -5.73 14.91 -4.17
N GLN A 108 -5.42 14.21 -3.08
CA GLN A 108 -4.13 13.58 -2.86
C GLN A 108 -3.76 12.65 -4.00
N THR A 109 -2.46 12.47 -4.21
CA THR A 109 -1.94 11.99 -5.47
C THR A 109 -0.96 10.86 -5.17
N VAL A 110 -1.43 9.62 -5.28
CA VAL A 110 -0.68 8.42 -4.89
C VAL A 110 0.12 7.94 -6.09
N THR A 111 1.45 7.86 -5.96
CA THR A 111 2.38 7.36 -6.98
C THR A 111 2.89 5.97 -6.58
N ILE A 112 2.86 5.00 -7.49
CA ILE A 112 3.34 3.62 -7.27
C ILE A 112 4.50 3.39 -8.22
N HIS A 113 5.57 2.75 -7.78
CA HIS A 113 6.70 2.39 -8.63
C HIS A 113 6.81 0.87 -8.77
N CYS A 114 7.35 0.44 -9.90
CA CYS A 114 7.71 -0.93 -10.20
C CYS A 114 9.21 -0.93 -10.53
N ASN A 115 9.96 -1.87 -9.96
CA ASN A 115 11.40 -1.99 -10.13
C ASN A 115 11.69 -3.40 -10.66
N ASP A 116 11.31 -3.69 -11.91
CA ASP A 116 11.46 -5.03 -12.48
C ASP A 116 12.94 -5.32 -12.71
N LYS A 117 13.30 -6.60 -12.77
CA LYS A 117 14.63 -7.09 -13.17
C LYS A 117 14.51 -8.30 -14.10
N SER A 118 13.33 -8.63 -14.61
CA SER A 118 13.22 -9.51 -15.77
C SER A 118 13.94 -8.84 -16.94
N ASP A 119 13.38 -7.78 -17.52
CA ASP A 119 13.87 -7.22 -18.78
C ASP A 119 14.18 -5.72 -18.70
N ASN A 120 14.75 -5.30 -17.57
CA ASN A 120 15.27 -3.93 -17.40
C ASN A 120 14.13 -2.89 -17.43
N THR A 121 12.91 -3.31 -17.11
CA THR A 121 11.72 -2.48 -17.19
C THR A 121 11.51 -1.84 -15.82
N LYS A 122 11.25 -0.54 -15.81
CA LYS A 122 10.74 0.18 -14.66
C LYS A 122 9.71 1.18 -15.17
N SER A 123 8.68 1.41 -14.37
CA SER A 123 7.57 2.31 -14.65
C SER A 123 6.97 2.75 -13.30
N SER A 124 6.04 3.70 -13.36
CA SER A 124 5.23 4.12 -12.22
C SER A 124 3.85 4.53 -12.72
N VAL A 125 2.85 4.57 -11.84
CA VAL A 125 1.53 5.10 -12.19
C VAL A 125 1.16 6.14 -11.12
N SER A 126 0.26 7.06 -11.43
CA SER A 126 -0.19 8.09 -10.49
C SER A 126 -1.49 8.73 -10.99
N GLY A 127 -2.40 8.98 -10.05
CA GLY A 127 -3.73 9.54 -10.24
C GLY A 127 -4.20 10.28 -8.98
N LYS A 128 -5.46 10.70 -8.93
CA LYS A 128 -6.05 11.50 -7.85
C LYS A 128 -7.10 10.72 -7.06
N VAL A 129 -7.23 11.01 -5.76
CA VAL A 129 -8.20 10.35 -4.91
C VAL A 129 -9.60 10.63 -5.42
N GLY A 130 -10.28 9.55 -5.82
CA GLY A 130 -11.67 9.54 -6.28
C GLY A 130 -11.79 9.58 -7.80
N ALA A 131 -10.67 9.74 -8.50
CA ALA A 131 -10.56 10.07 -9.92
C ALA A 131 -9.72 9.01 -10.65
N ASP A 132 -9.51 9.20 -11.95
CA ASP A 132 -8.71 8.31 -12.78
C ASP A 132 -7.21 8.61 -12.63
N LEU A 133 -6.39 7.87 -13.36
CA LEU A 133 -4.96 7.98 -13.47
C LEU A 133 -4.65 8.82 -14.70
N THR A 134 -3.92 9.92 -14.57
CA THR A 134 -3.39 10.61 -15.74
C THR A 134 -2.12 9.92 -16.27
N SER A 135 -1.48 9.06 -15.47
CA SER A 135 -0.25 8.35 -15.80
C SER A 135 -0.45 6.90 -15.37
N GLY A 136 -0.46 5.97 -16.32
CA GLY A 136 -0.43 4.54 -16.02
C GLY A 136 -1.79 3.92 -15.74
N ASN A 137 -2.87 4.50 -16.26
CA ASN A 137 -4.01 3.70 -16.64
C ASN A 137 -3.58 2.85 -17.84
N GLY A 138 -3.86 1.56 -17.78
CA GLY A 138 -3.71 0.61 -18.89
C GLY A 138 -2.47 -0.29 -18.82
N THR A 139 -1.42 0.04 -18.08
CA THR A 139 -0.18 -0.72 -18.03
C THR A 139 -0.37 -2.09 -17.35
N THR A 140 0.64 -2.96 -17.35
CA THR A 140 0.61 -4.29 -16.73
C THR A 140 2.02 -4.69 -16.28
N PHE A 141 2.25 -4.98 -14.99
CA PHE A 141 3.54 -5.33 -14.41
C PHE A 141 3.41 -6.58 -13.52
N LYS A 142 4.50 -7.12 -12.97
CA LYS A 142 4.48 -8.39 -12.24
C LYS A 142 4.30 -8.20 -10.73
N LYS A 143 3.61 -9.14 -10.11
CA LYS A 143 3.36 -9.27 -8.67
C LYS A 143 4.63 -9.47 -7.84
N ARG A 144 5.78 -9.70 -8.46
CA ARG A 144 7.03 -9.92 -7.74
C ARG A 144 8.01 -8.76 -7.91
N PHE A 145 7.57 -7.63 -8.47
CA PHE A 145 8.46 -6.51 -8.81
C PHE A 145 7.85 -5.12 -8.55
N ILE A 146 6.79 -5.02 -7.75
CA ILE A 146 6.13 -3.77 -7.39
C ILE A 146 6.24 -3.60 -5.87
N ASP A 147 7.05 -2.63 -5.44
CA ASP A 147 7.45 -2.43 -4.05
C ASP A 147 8.16 -1.08 -3.93
N LYS A 148 7.39 0.02 -4.06
CA LYS A 148 7.69 1.37 -3.58
C LYS A 148 6.46 2.24 -3.84
N ILE A 149 5.89 2.88 -2.82
CA ILE A 149 4.75 3.78 -2.98
C ILE A 149 5.05 5.06 -2.22
N THR A 150 4.78 6.20 -2.85
CA THR A 150 4.85 7.51 -2.22
C THR A 150 3.52 8.23 -2.49
N ILE A 151 3.18 9.20 -1.64
CA ILE A 151 1.99 10.02 -1.77
C ILE A 151 2.47 11.47 -1.83
N ASP A 152 1.70 12.31 -2.53
CA ASP A 152 1.86 13.77 -2.54
C ASP A 152 1.97 14.36 -1.14
N GLY A 1 -17.90 11.83 14.85
CA GLY A 1 -17.03 10.75 14.37
C GLY A 1 -15.56 11.07 14.62
N GLU A 2 -14.79 10.04 14.90
CA GLU A 2 -13.34 10.01 15.11
C GLU A 2 -12.98 8.53 15.08
N GLU A 3 -11.95 8.16 14.33
CA GLU A 3 -11.66 6.77 13.95
C GLU A 3 -10.21 6.53 14.37
N LYS A 4 -10.04 6.07 15.61
CA LYS A 4 -8.84 6.18 16.44
C LYS A 4 -8.26 4.80 16.73
N MET A 5 -6.94 4.63 16.64
CA MET A 5 -6.32 3.30 16.67
C MET A 5 -4.86 3.31 17.14
N THR A 6 -4.32 2.12 17.47
CA THR A 6 -2.91 1.86 17.75
C THR A 6 -2.15 1.56 16.44
N ASN A 7 -0.83 1.33 16.51
CA ASN A 7 0.01 1.06 15.33
C ASN A 7 -0.51 -0.12 14.51
N GLY A 8 -0.48 -1.34 15.05
CA GLY A 8 -1.02 -2.54 14.38
C GLY A 8 -2.42 -2.32 13.80
N GLN A 9 -3.32 -1.65 14.53
CA GLN A 9 -4.68 -1.38 14.05
C GLN A 9 -4.71 -0.34 12.90
N LEU A 10 -3.81 0.66 12.88
CA LEU A 10 -3.64 1.58 11.77
C LEU A 10 -3.17 0.76 10.58
N TRP A 11 -2.06 0.04 10.77
CA TRP A 11 -1.45 -0.74 9.72
C TRP A 11 -2.45 -1.73 9.13
N LYS A 12 -3.21 -2.47 9.96
CA LYS A 12 -4.20 -3.43 9.48
C LYS A 12 -5.22 -2.82 8.55
N LYS A 13 -5.70 -1.60 8.82
CA LYS A 13 -6.64 -0.94 7.91
C LYS A 13 -6.01 -0.81 6.52
N VAL A 14 -4.74 -0.43 6.44
CA VAL A 14 -4.01 -0.37 5.18
C VAL A 14 -3.77 -1.79 4.66
N LYS A 15 -3.45 -2.77 5.51
CA LYS A 15 -3.23 -4.14 5.10
C LYS A 15 -4.45 -4.65 4.35
N ASP A 16 -5.57 -4.73 5.06
CA ASP A 16 -6.84 -5.24 4.57
C ASP A 16 -7.47 -4.35 3.48
N SER A 17 -6.89 -3.18 3.14
CA SER A 17 -7.26 -2.54 1.87
C SER A 17 -6.82 -3.41 0.71
N LEU A 18 -5.50 -3.57 0.57
CA LEU A 18 -4.84 -4.26 -0.53
C LEU A 18 -5.31 -5.71 -0.67
N ILE A 19 -5.76 -6.32 0.43
CA ILE A 19 -6.40 -7.65 0.43
C ILE A 19 -7.54 -7.70 -0.59
N ASP A 20 -8.28 -6.61 -0.74
CA ASP A 20 -9.40 -6.50 -1.66
C ASP A 20 -8.98 -6.72 -3.11
N SER A 21 -7.70 -6.52 -3.43
CA SER A 21 -7.20 -6.48 -4.79
C SER A 21 -6.07 -7.48 -4.99
N ASN A 22 -5.68 -7.69 -6.26
CA ASN A 22 -4.57 -8.55 -6.66
C ASN A 22 -3.20 -7.89 -6.43
N ILE A 23 -3.05 -7.08 -5.38
CA ILE A 23 -1.87 -6.23 -5.19
C ILE A 23 -0.85 -6.94 -4.31
N ILE A 24 -1.28 -7.62 -3.24
CA ILE A 24 -0.43 -8.36 -2.32
C ILE A 24 -1.04 -9.75 -2.16
N SER A 25 -0.20 -10.79 -2.08
CA SER A 25 -0.67 -12.16 -1.89
C SER A 25 -1.28 -12.34 -0.50
N GLY A 26 -0.74 -11.65 0.52
CA GLY A 26 -1.13 -11.80 1.90
C GLY A 26 -0.53 -13.08 2.46
N ASN A 27 0.81 -13.21 2.43
CA ASN A 27 1.54 -14.35 2.99
C ASN A 27 2.71 -13.87 3.84
N GLU A 28 3.29 -14.81 4.58
CA GLU A 28 4.49 -14.67 5.41
C GLU A 28 5.77 -14.40 4.60
N ASN A 29 5.65 -14.36 3.28
CA ASN A 29 6.72 -14.08 2.33
C ASN A 29 6.61 -12.63 1.82
N GLU A 30 5.78 -11.80 2.44
CA GLU A 30 5.57 -10.41 2.03
C GLU A 30 5.51 -9.56 3.28
N GLU A 31 5.89 -8.29 3.17
CA GLU A 31 5.90 -7.36 4.29
C GLU A 31 5.53 -5.96 3.76
N ILE A 32 4.94 -5.13 4.62
CA ILE A 32 4.57 -3.75 4.33
C ILE A 32 5.01 -2.87 5.49
N THR A 33 5.86 -1.87 5.22
CA THR A 33 6.19 -0.76 6.09
C THR A 33 5.25 0.42 5.77
N VAL A 34 4.24 0.70 6.59
CA VAL A 34 3.41 1.91 6.45
C VAL A 34 4.10 3.04 7.19
N THR A 35 4.56 4.06 6.47
CA THR A 35 4.93 5.32 7.10
C THR A 35 3.68 6.22 7.18
N TYR A 36 3.47 6.88 8.31
CA TYR A 36 2.43 7.87 8.50
C TYR A 36 2.91 8.96 9.46
N VAL A 37 2.14 10.03 9.58
CA VAL A 37 2.46 11.22 10.34
C VAL A 37 1.28 11.67 11.21
N ASN A 38 1.60 12.02 12.46
CA ASN A 38 0.61 12.37 13.48
C ASN A 38 0.28 13.85 13.35
N LYS A 39 -0.50 14.41 14.27
CA LYS A 39 -0.84 15.84 14.26
C LYS A 39 0.39 16.76 14.21
N THR A 40 1.54 16.34 14.74
CA THR A 40 2.75 17.18 14.72
C THR A 40 3.57 16.82 13.47
N GLY A 41 4.71 17.48 13.25
CA GLY A 41 5.63 17.18 12.18
C GLY A 41 6.46 15.92 12.45
N TYR A 42 5.84 14.86 12.98
CA TYR A 42 6.48 13.65 13.45
C TYR A 42 5.83 12.47 12.76
N SER A 43 6.67 11.61 12.22
CA SER A 43 6.30 10.44 11.44
C SER A 43 6.61 9.21 12.27
N SER A 44 6.11 8.06 11.84
CA SER A 44 6.57 6.74 12.25
C SER A 44 6.38 5.79 11.08
N SER A 45 7.13 4.70 11.04
CA SER A 45 7.00 3.63 10.05
C SER A 45 6.82 2.30 10.78
N VAL A 46 5.81 1.53 10.39
CA VAL A 46 5.40 0.29 11.05
C VAL A 46 5.36 -0.83 10.01
N SER A 47 6.15 -1.89 10.24
CA SER A 47 6.38 -2.99 9.30
C SER A 47 5.75 -4.27 9.83
N ALA A 48 5.07 -5.06 8.99
CA ALA A 48 4.48 -6.34 9.39
C ALA A 48 4.29 -7.26 8.20
N TYR A 49 4.39 -8.58 8.44
CA TYR A 49 4.27 -9.59 7.39
C TYR A 49 2.82 -9.74 6.93
N GLY A 50 2.60 -10.38 5.79
CA GLY A 50 1.31 -10.41 5.13
C GLY A 50 0.48 -11.63 5.40
N ASN A 51 1.02 -12.66 6.05
CA ASN A 51 0.20 -13.67 6.67
C ASN A 51 -0.61 -13.00 7.77
N ASN A 52 -1.87 -13.40 7.93
CA ASN A 52 -2.53 -13.33 9.23
C ASN A 52 -2.74 -11.88 9.64
N ASN A 53 -2.78 -11.63 10.94
CA ASN A 53 -2.80 -10.31 11.55
C ASN A 53 -1.47 -9.97 12.24
N ASP A 54 -1.39 -8.77 12.80
CA ASP A 54 -0.19 -8.17 13.40
C ASP A 54 -0.41 -7.81 14.87
N ASP A 55 0.67 -7.83 15.67
CA ASP A 55 0.77 -7.45 17.07
C ASP A 55 1.19 -5.99 17.16
N PHE A 56 0.19 -5.14 17.33
CA PHE A 56 0.25 -3.70 17.60
C PHE A 56 1.12 -3.31 18.81
N SER A 57 1.20 -2.01 19.05
CA SER A 57 1.95 -1.35 20.12
C SER A 57 1.19 -0.16 20.73
N SER A 58 1.60 0.27 21.94
CA SER A 58 1.06 1.37 22.75
C SER A 58 1.26 2.79 22.15
N THR A 59 1.30 2.93 20.83
CA THR A 59 1.38 4.21 20.13
C THR A 59 -0.02 4.89 20.11
N PRO A 60 -0.08 6.23 20.16
CA PRO A 60 -1.31 6.97 20.37
C PRO A 60 -2.15 7.08 19.10
N SER A 61 -3.42 7.49 19.23
CA SER A 61 -4.35 7.81 18.17
C SER A 61 -4.17 9.28 17.75
N ASN A 62 -2.93 9.74 17.71
CA ASN A 62 -2.59 11.09 17.25
C ASN A 62 -2.53 11.16 15.72
N PHE A 63 -2.89 10.09 14.99
CA PHE A 63 -2.88 10.06 13.53
C PHE A 63 -3.56 11.31 12.95
N SER A 64 -2.99 11.87 11.88
CA SER A 64 -3.57 13.01 11.19
C SER A 64 -3.15 13.13 9.72
N LYS A 65 -2.18 12.36 9.23
CA LYS A 65 -1.70 12.43 7.87
C LYS A 65 -0.99 11.12 7.51
N LEU A 66 -0.66 10.91 6.24
CA LEU A 66 0.07 9.76 5.78
C LEU A 66 1.45 10.17 5.28
N LYS A 67 2.28 9.18 5.05
CA LYS A 67 3.51 9.25 4.29
C LYS A 67 3.50 7.99 3.42
N GLU A 68 4.63 7.73 2.81
CA GLU A 68 4.87 6.65 1.89
C GLU A 68 4.73 5.24 2.50
N ILE A 69 4.95 4.23 1.67
CA ILE A 69 4.92 2.82 2.02
C ILE A 69 6.15 2.17 1.39
N ASP A 70 6.82 1.31 2.13
CA ASP A 70 7.80 0.38 1.58
C ASP A 70 7.16 -1.00 1.64
N LEU A 71 7.41 -1.84 0.63
CA LEU A 71 6.93 -3.22 0.56
C LEU A 71 8.14 -4.15 0.47
N LYS A 72 7.92 -5.44 0.76
CA LYS A 72 8.80 -6.54 0.36
C LYS A 72 7.97 -7.74 -0.07
N LYS A 73 8.55 -8.61 -0.89
CA LYS A 73 8.02 -9.91 -1.27
C LYS A 73 9.17 -10.88 -1.51
N ASP A 74 8.87 -12.16 -1.44
CA ASP A 74 9.80 -13.27 -1.59
C ASP A 74 9.34 -14.21 -2.70
N ASN A 75 10.00 -15.36 -2.86
CA ASN A 75 9.60 -16.41 -3.80
C ASN A 75 8.42 -17.18 -3.24
N VAL A 76 7.23 -16.56 -3.28
CA VAL A 76 6.00 -17.21 -2.86
C VAL A 76 5.77 -18.52 -3.66
N PRO A 77 5.09 -19.52 -3.08
CA PRO A 77 4.82 -20.78 -3.74
C PRO A 77 3.75 -20.59 -4.83
N SER A 78 3.43 -21.69 -5.52
CA SER A 78 2.65 -21.75 -6.74
C SER A 78 1.36 -20.95 -6.69
N ASP A 79 0.75 -20.81 -5.51
CA ASP A 79 -0.51 -20.12 -5.28
C ASP A 79 -0.51 -18.68 -5.84
N ASP A 80 0.63 -17.98 -5.79
CA ASP A 80 0.79 -16.63 -6.36
C ASP A 80 2.10 -16.46 -7.13
N PHE A 81 2.84 -17.56 -7.34
CA PHE A 81 4.22 -17.50 -7.82
C PHE A 81 4.33 -16.72 -9.14
N ASN A 82 3.33 -16.80 -10.01
CA ASN A 82 3.34 -16.28 -11.36
C ASN A 82 2.31 -15.14 -11.55
N THR A 83 1.82 -14.54 -10.47
CA THR A 83 0.75 -13.54 -10.55
C THR A 83 1.15 -12.23 -11.25
N THR A 84 0.15 -11.55 -11.81
CA THR A 84 0.24 -10.45 -12.77
C THR A 84 -0.90 -9.46 -12.53
N VAL A 85 -0.67 -8.16 -12.80
CA VAL A 85 -1.65 -7.08 -12.61
C VAL A 85 -1.43 -5.94 -13.63
N SER A 86 -2.49 -5.28 -14.10
CA SER A 86 -2.36 -4.01 -14.82
C SER A 86 -1.88 -2.92 -13.85
N GLY A 87 -1.09 -1.96 -14.35
CA GLY A 87 -0.54 -0.87 -13.56
C GLY A 87 -1.66 -0.05 -12.93
N GLU A 88 -2.67 0.25 -13.75
CA GLU A 88 -3.90 0.95 -13.40
C GLU A 88 -4.65 0.20 -12.31
N ASP A 89 -4.84 -1.11 -12.53
CA ASP A 89 -5.66 -1.96 -11.68
C ASP A 89 -5.07 -2.04 -10.27
N SER A 90 -3.74 -1.98 -10.24
CA SER A 90 -2.92 -1.93 -9.03
C SER A 90 -3.04 -0.58 -8.31
N TRP A 91 -3.69 0.44 -8.87
CA TRP A 91 -3.92 1.74 -8.25
C TRP A 91 -5.39 1.96 -7.90
N LYS A 92 -6.29 1.44 -8.72
CA LYS A 92 -7.74 1.57 -8.62
C LYS A 92 -8.21 1.17 -7.24
N THR A 93 -8.36 -0.14 -6.99
CA THR A 93 -8.99 -0.70 -5.80
C THR A 93 -8.34 -0.16 -4.53
N LEU A 94 -7.01 0.03 -4.55
CA LEU A 94 -6.22 0.63 -3.48
C LEU A 94 -6.83 1.96 -3.06
N THR A 95 -6.93 2.92 -4.00
CA THR A 95 -7.46 4.23 -3.66
C THR A 95 -8.93 4.13 -3.22
N SER A 96 -9.72 3.25 -3.85
CA SER A 96 -11.11 3.02 -3.52
C SER A 96 -11.34 2.43 -2.14
N LYS A 97 -10.28 1.98 -1.45
CA LYS A 97 -10.36 1.23 -0.21
C LYS A 97 -9.63 1.93 0.94
N LEU A 98 -9.03 3.11 0.72
CA LEU A 98 -8.38 3.89 1.79
C LEU A 98 -9.29 4.99 2.33
N LYS A 99 -10.12 5.62 1.48
CA LYS A 99 -11.04 6.68 1.91
C LYS A 99 -12.06 6.11 2.92
N GLU A 100 -12.26 4.80 2.90
CA GLU A 100 -13.03 3.97 3.81
C GLU A 100 -12.74 4.31 5.28
N LYS A 101 -11.46 4.38 5.63
CA LYS A 101 -11.01 4.63 7.00
C LYS A 101 -10.45 6.06 7.14
N GLY A 102 -10.70 6.92 6.14
CA GLY A 102 -10.19 8.28 6.08
C GLY A 102 -8.66 8.27 6.10
N LEU A 103 -8.05 7.35 5.34
CA LEU A 103 -6.60 7.17 5.23
C LEU A 103 -6.06 7.75 3.91
N VAL A 104 -6.85 8.60 3.25
CA VAL A 104 -6.46 9.51 2.18
C VAL A 104 -7.30 10.77 2.33
N THR A 105 -6.89 11.87 1.68
CA THR A 105 -7.73 13.03 1.45
C THR A 105 -8.20 12.99 0.00
N ASP A 106 -9.23 13.75 -0.35
CA ASP A 106 -9.43 14.11 -1.77
C ASP A 106 -8.18 14.87 -2.20
N GLY A 107 -7.78 14.71 -3.47
CA GLY A 107 -6.74 15.54 -4.07
C GLY A 107 -5.33 15.30 -3.53
N GLN A 108 -5.11 14.22 -2.75
CA GLN A 108 -3.79 13.60 -2.70
C GLN A 108 -3.51 12.96 -4.05
N THR A 109 -2.26 12.56 -4.26
CA THR A 109 -1.83 11.89 -5.49
C THR A 109 -0.99 10.70 -5.04
N VAL A 110 -1.36 9.48 -5.44
CA VAL A 110 -0.70 8.24 -4.98
C VAL A 110 0.14 7.68 -6.13
N THR A 111 1.46 7.55 -5.93
CA THR A 111 2.40 7.03 -6.93
C THR A 111 2.88 5.62 -6.56
N ILE A 112 2.80 4.65 -7.47
CA ILE A 112 3.06 3.21 -7.23
C ILE A 112 4.13 2.74 -8.20
N HIS A 113 5.38 2.56 -7.80
CA HIS A 113 6.45 2.15 -8.70
C HIS A 113 6.37 0.65 -9.01
N CYS A 114 7.12 0.19 -10.02
CA CYS A 114 7.47 -1.21 -10.24
C CYS A 114 8.98 -1.27 -10.48
N ASN A 115 9.60 -2.37 -10.06
CA ASN A 115 11.03 -2.51 -9.85
C ASN A 115 11.47 -3.88 -10.41
N ASP A 116 11.25 -4.13 -11.70
CA ASP A 116 11.43 -5.45 -12.31
C ASP A 116 12.86 -5.96 -12.18
N LYS A 117 12.99 -7.27 -11.97
CA LYS A 117 14.27 -7.98 -11.95
C LYS A 117 14.34 -9.06 -13.03
N SER A 118 13.38 -9.08 -13.96
CA SER A 118 13.50 -9.85 -15.19
C SER A 118 14.48 -9.12 -16.10
N ASP A 119 14.08 -7.96 -16.60
CA ASP A 119 14.71 -7.28 -17.74
C ASP A 119 15.01 -5.81 -17.43
N ASN A 120 15.36 -5.52 -16.18
CA ASN A 120 15.98 -4.28 -15.73
C ASN A 120 15.14 -3.06 -16.07
N THR A 121 13.83 -3.10 -15.79
CA THR A 121 12.91 -2.03 -16.11
C THR A 121 12.48 -1.39 -14.80
N LYS A 122 11.99 -0.15 -14.84
CA LYS A 122 11.27 0.51 -13.76
C LYS A 122 10.26 1.44 -14.39
N SER A 123 9.10 1.57 -13.76
CA SER A 123 8.08 2.55 -14.08
C SER A 123 7.26 2.81 -12.81
N SER A 124 6.14 3.50 -12.93
CA SER A 124 5.19 3.71 -11.86
C SER A 124 3.82 4.03 -12.47
N VAL A 125 2.78 4.20 -11.66
CA VAL A 125 1.55 4.86 -12.07
C VAL A 125 1.21 5.96 -11.10
N SER A 126 0.30 6.86 -11.50
CA SER A 126 -0.07 7.98 -10.64
C SER A 126 -1.40 8.63 -11.05
N GLY A 127 -2.23 8.92 -10.06
CA GLY A 127 -3.50 9.63 -10.22
C GLY A 127 -3.92 10.31 -8.92
N LYS A 128 -4.85 11.26 -9.01
CA LYS A 128 -5.44 11.96 -7.87
C LYS A 128 -6.45 11.05 -7.19
N VAL A 129 -6.55 11.16 -5.86
CA VAL A 129 -7.63 10.52 -5.12
C VAL A 129 -8.93 11.15 -5.59
N GLY A 130 -9.75 10.34 -6.26
CA GLY A 130 -11.07 10.67 -6.76
C GLY A 130 -11.13 10.50 -8.28
N ALA A 131 -10.05 10.82 -8.98
CA ALA A 131 -10.00 10.80 -10.44
C ALA A 131 -9.75 9.37 -10.96
N ASP A 132 -9.63 9.27 -12.28
CA ASP A 132 -8.86 8.23 -12.96
C ASP A 132 -7.35 8.46 -12.75
N LEU A 133 -6.51 7.78 -13.52
CA LEU A 133 -5.09 8.06 -13.59
C LEU A 133 -4.85 9.12 -14.67
N THR A 134 -3.68 9.75 -14.67
CA THR A 134 -3.21 10.66 -15.72
C THR A 134 -1.84 10.19 -16.25
N SER A 135 -1.27 9.14 -15.65
CA SER A 135 0.06 8.64 -15.89
C SER A 135 0.06 7.19 -15.41
N GLY A 136 0.76 6.31 -16.12
CA GLY A 136 0.96 4.93 -15.68
C GLY A 136 -0.04 3.92 -16.22
N ASN A 137 -1.29 4.34 -16.36
CA ASN A 137 -2.41 3.48 -16.71
C ASN A 137 -2.33 3.03 -18.16
N GLY A 138 -2.86 1.83 -18.42
CA GLY A 138 -2.75 1.11 -19.68
C GLY A 138 -1.83 -0.10 -19.52
N THR A 139 -0.74 0.08 -18.77
CA THR A 139 0.40 -0.82 -18.60
C THR A 139 0.00 -2.14 -17.88
N THR A 140 0.90 -3.12 -17.83
CA THR A 140 0.84 -4.21 -16.87
C THR A 140 2.24 -4.60 -16.39
N PHE A 141 2.31 -5.21 -15.21
CA PHE A 141 3.49 -5.72 -14.54
C PHE A 141 3.13 -6.96 -13.70
N LYS A 142 4.13 -7.68 -13.23
CA LYS A 142 3.97 -8.82 -12.35
C LYS A 142 3.76 -8.34 -10.91
N LYS A 143 2.78 -8.92 -10.20
CA LYS A 143 2.50 -8.67 -8.79
C LYS A 143 3.80 -8.71 -7.98
N ARG A 144 4.65 -9.71 -8.26
CA ARG A 144 5.87 -9.90 -7.49
C ARG A 144 6.88 -8.74 -7.57
N PHE A 145 6.84 -7.85 -8.57
CA PHE A 145 7.88 -6.83 -8.78
C PHE A 145 7.48 -5.40 -8.34
N ILE A 146 6.29 -5.20 -7.79
CA ILE A 146 5.78 -3.86 -7.41
C ILE A 146 6.13 -3.59 -5.95
N ASP A 147 7.26 -2.94 -5.65
CA ASP A 147 7.70 -2.67 -4.27
C ASP A 147 8.38 -1.29 -4.15
N LYS A 148 7.58 -0.22 -4.37
CA LYS A 148 7.78 1.12 -3.81
C LYS A 148 6.49 1.90 -4.01
N ILE A 149 5.96 2.58 -2.99
CA ILE A 149 4.79 3.46 -3.13
C ILE A 149 5.09 4.73 -2.34
N THR A 150 4.63 5.89 -2.81
CA THR A 150 4.71 7.16 -2.11
C THR A 150 3.38 7.89 -2.32
N ILE A 151 3.10 8.88 -1.49
CA ILE A 151 1.95 9.77 -1.65
C ILE A 151 2.53 11.16 -1.77
N ASP A 152 1.87 11.99 -2.57
CA ASP A 152 2.34 13.33 -2.86
C ASP A 152 1.99 14.29 -1.74
N GLY A 1 -17.91 10.49 12.81
CA GLY A 1 -16.50 10.49 12.41
C GLY A 1 -15.70 9.62 13.35
N GLU A 2 -14.92 8.67 12.84
CA GLU A 2 -14.17 7.75 13.68
C GLU A 2 -12.82 7.35 13.05
N GLU A 3 -12.17 8.29 12.40
CA GLU A 3 -10.76 8.20 12.00
C GLU A 3 -9.88 8.29 13.26
N LYS A 4 -9.86 7.23 14.06
CA LYS A 4 -9.06 7.07 15.26
C LYS A 4 -8.61 5.61 15.36
N MET A 5 -7.33 5.37 15.67
CA MET A 5 -6.73 4.07 15.88
C MET A 5 -5.34 4.21 16.52
N THR A 6 -4.58 3.11 16.51
CA THR A 6 -3.19 2.95 16.91
C THR A 6 -2.45 2.23 15.76
N ASN A 7 -1.13 2.05 15.85
CA ASN A 7 -0.28 1.48 14.80
C ASN A 7 -0.88 0.23 14.13
N GLY A 8 -1.08 -0.84 14.89
CA GLY A 8 -1.52 -2.12 14.35
C GLY A 8 -2.88 -1.99 13.68
N GLN A 9 -3.77 -1.19 14.26
CA GLN A 9 -5.10 -0.95 13.72
C GLN A 9 -4.96 -0.18 12.40
N LEU A 10 -4.29 0.98 12.38
CA LEU A 10 -3.96 1.78 11.22
C LEU A 10 -3.45 0.89 10.11
N TRP A 11 -2.34 0.20 10.37
CA TRP A 11 -1.67 -0.58 9.35
C TRP A 11 -2.61 -1.69 8.87
N LYS A 12 -3.32 -2.38 9.77
CA LYS A 12 -4.27 -3.40 9.35
C LYS A 12 -5.41 -2.86 8.49
N LYS A 13 -5.82 -1.60 8.66
CA LYS A 13 -6.83 -1.02 7.76
C LYS A 13 -6.28 -0.94 6.34
N VAL A 14 -4.97 -0.76 6.17
CA VAL A 14 -4.31 -0.88 4.89
C VAL A 14 -4.20 -2.37 4.51
N LYS A 15 -3.56 -3.20 5.33
CA LYS A 15 -3.30 -4.61 5.03
C LYS A 15 -4.58 -5.31 4.61
N ASP A 16 -5.59 -5.40 5.48
CA ASP A 16 -6.82 -6.10 5.12
C ASP A 16 -7.62 -5.40 3.99
N SER A 17 -7.31 -4.15 3.59
CA SER A 17 -7.85 -3.55 2.37
C SER A 17 -7.16 -4.09 1.12
N LEU A 18 -5.84 -4.23 1.14
CA LEU A 18 -5.00 -4.70 0.05
C LEU A 18 -5.19 -6.18 -0.23
N ILE A 19 -6.03 -6.87 0.55
CA ILE A 19 -6.58 -8.19 0.23
C ILE A 19 -7.50 -8.11 -0.99
N ASP A 20 -8.29 -7.03 -1.12
CA ASP A 20 -9.30 -6.90 -2.17
C ASP A 20 -8.66 -6.80 -3.55
N SER A 21 -7.39 -6.39 -3.63
CA SER A 21 -6.63 -6.40 -4.89
C SER A 21 -5.51 -7.44 -4.72
N ASN A 22 -4.97 -8.02 -5.79
CA ASN A 22 -3.82 -8.93 -5.65
C ASN A 22 -2.49 -8.16 -5.52
N ILE A 23 -2.51 -7.05 -4.78
CA ILE A 23 -1.32 -6.23 -4.49
C ILE A 23 -0.38 -7.00 -3.55
N ILE A 24 -0.88 -8.04 -2.86
CA ILE A 24 -0.18 -8.82 -1.86
C ILE A 24 -0.56 -10.29 -2.02
N SER A 25 0.28 -11.21 -1.52
CA SER A 25 -0.14 -12.61 -1.43
C SER A 25 -1.05 -12.80 -0.22
N GLY A 26 -0.84 -12.02 0.85
CA GLY A 26 -1.47 -12.27 2.13
C GLY A 26 -0.76 -13.42 2.85
N ASN A 27 0.52 -13.67 2.55
CA ASN A 27 1.26 -14.79 3.09
C ASN A 27 2.44 -14.27 3.88
N GLU A 28 3.13 -15.15 4.61
CA GLU A 28 4.18 -14.79 5.57
C GLU A 28 5.47 -14.26 4.91
N ASN A 29 5.50 -14.24 3.59
CA ASN A 29 6.67 -13.87 2.80
C ASN A 29 6.41 -12.60 1.98
N GLU A 30 5.74 -11.64 2.60
CA GLU A 30 5.70 -10.22 2.22
C GLU A 30 5.96 -9.42 3.49
N GLU A 31 6.19 -8.13 3.35
CA GLU A 31 6.09 -7.16 4.44
C GLU A 31 5.43 -5.93 3.84
N ILE A 32 4.81 -5.13 4.70
CA ILE A 32 4.43 -3.77 4.41
C ILE A 32 4.95 -2.94 5.56
N THR A 33 5.70 -1.89 5.25
CA THR A 33 5.97 -0.76 6.10
C THR A 33 5.07 0.41 5.63
N VAL A 34 4.13 0.85 6.48
CA VAL A 34 3.33 2.05 6.27
C VAL A 34 3.92 3.16 7.13
N THR A 35 4.59 4.14 6.52
CA THR A 35 4.94 5.36 7.21
C THR A 35 3.74 6.31 7.19
N TYR A 36 3.50 7.00 8.30
CA TYR A 36 2.53 8.07 8.40
C TYR A 36 3.11 9.17 9.28
N VAL A 37 2.38 10.28 9.43
CA VAL A 37 2.79 11.37 10.31
C VAL A 37 1.56 11.79 11.11
N ASN A 38 1.81 12.47 12.22
CA ASN A 38 0.80 12.78 13.22
C ASN A 38 0.44 14.27 13.18
N LYS A 39 -0.49 14.68 14.04
CA LYS A 39 -0.73 16.07 14.41
C LYS A 39 0.57 16.67 14.94
N THR A 40 1.23 15.93 15.83
CA THR A 40 2.60 16.22 16.21
C THR A 40 3.50 15.88 15.02
N GLY A 41 4.57 16.66 14.83
CA GLY A 41 5.55 16.47 13.78
C GLY A 41 6.53 15.36 14.15
N TYR A 42 6.04 14.13 14.27
CA TYR A 42 6.82 12.92 14.37
C TYR A 42 6.30 12.01 13.26
N SER A 43 7.19 11.39 12.49
CA SER A 43 6.89 10.31 11.57
C SER A 43 7.04 8.98 12.31
N SER A 44 6.29 7.95 11.91
CA SER A 44 6.47 6.58 12.39
C SER A 44 6.06 5.63 11.28
N SER A 45 6.65 4.44 11.24
CA SER A 45 6.41 3.44 10.21
C SER A 45 6.06 2.11 10.86
N VAL A 46 4.79 1.71 10.78
CA VAL A 46 4.37 0.37 11.22
C VAL A 46 4.94 -0.61 10.20
N SER A 47 5.56 -1.72 10.61
CA SER A 47 5.84 -2.84 9.73
C SER A 47 5.19 -4.12 10.26
N ALA A 48 4.82 -5.06 9.36
CA ALA A 48 4.40 -6.42 9.73
C ALA A 48 4.38 -7.30 8.47
N TYR A 49 4.43 -8.61 8.66
CA TYR A 49 4.30 -9.60 7.58
C TYR A 49 2.83 -9.93 7.34
N GLY A 50 2.55 -10.53 6.18
CA GLY A 50 1.23 -10.50 5.59
C GLY A 50 0.35 -11.70 5.87
N ASN A 51 0.85 -12.69 6.62
CA ASN A 51 -0.01 -13.73 7.16
C ASN A 51 -0.85 -13.16 8.30
N ASN A 52 -2.14 -13.48 8.31
CA ASN A 52 -3.03 -13.29 9.45
C ASN A 52 -3.02 -11.87 10.00
N ASN A 53 -3.37 -11.69 11.28
CA ASN A 53 -3.33 -10.40 11.97
C ASN A 53 -2.16 -10.31 12.94
N ASP A 54 -2.00 -9.08 13.44
CA ASP A 54 -0.90 -8.58 14.25
C ASP A 54 -1.40 -7.29 14.94
N ASP A 55 -0.75 -6.84 16.02
CA ASP A 55 -0.89 -5.56 16.74
C ASP A 55 -0.01 -5.56 18.00
N PHE A 56 0.89 -4.59 18.16
CA PHE A 56 1.80 -4.44 19.32
C PHE A 56 2.39 -3.01 19.46
N SER A 57 1.60 -2.00 19.82
CA SER A 57 2.16 -0.64 19.95
C SER A 57 1.28 0.24 20.84
N SER A 58 1.87 1.32 21.37
CA SER A 58 1.21 2.27 22.26
C SER A 58 1.14 3.66 21.59
N THR A 59 1.15 3.70 20.26
CA THR A 59 1.14 4.92 19.47
C THR A 59 -0.24 5.60 19.54
N PRO A 60 -0.32 6.93 19.42
CA PRO A 60 -1.56 7.66 19.56
C PRO A 60 -2.40 7.66 18.29
N SER A 61 -3.64 8.09 18.41
CA SER A 61 -4.59 8.37 17.34
C SER A 61 -4.39 9.79 16.82
N ASN A 62 -3.13 10.25 16.79
CA ASN A 62 -2.79 11.56 16.26
C ASN A 62 -2.73 11.54 14.73
N PHE A 63 -3.15 10.47 14.05
CA PHE A 63 -2.98 10.41 12.59
C PHE A 63 -3.62 11.64 11.95
N SER A 64 -2.85 12.39 11.16
CA SER A 64 -3.30 13.63 10.51
C SER A 64 -2.51 13.86 9.21
N LYS A 65 -1.78 12.87 8.71
CA LYS A 65 -0.93 13.01 7.55
C LYS A 65 -0.49 11.62 7.11
N LEU A 66 -0.07 11.50 5.88
CA LEU A 66 0.56 10.31 5.35
C LEU A 66 2.01 10.62 4.99
N LYS A 67 2.78 9.55 4.96
CA LYS A 67 4.15 9.52 4.49
C LYS A 67 4.25 8.29 3.59
N GLU A 68 5.46 7.90 3.23
CA GLU A 68 5.71 6.95 2.17
C GLU A 68 5.68 5.50 2.68
N ILE A 69 5.71 4.57 1.72
CA ILE A 69 5.38 3.17 1.94
C ILE A 69 6.51 2.34 1.34
N ASP A 70 6.94 1.34 2.10
CA ASP A 70 7.99 0.41 1.74
C ASP A 70 7.34 -0.97 1.76
N LEU A 71 7.12 -1.59 0.59
CA LEU A 71 6.58 -2.95 0.50
C LEU A 71 7.72 -3.94 0.31
N LYS A 72 7.48 -5.22 0.58
CA LYS A 72 8.38 -6.30 0.17
C LYS A 72 7.57 -7.48 -0.35
N LYS A 73 8.27 -8.37 -1.05
CA LYS A 73 7.84 -9.72 -1.42
C LYS A 73 9.03 -10.66 -1.33
N ASP A 74 8.77 -11.95 -1.41
CA ASP A 74 9.75 -13.02 -1.45
C ASP A 74 9.36 -13.98 -2.58
N ASN A 75 10.02 -15.13 -2.68
CA ASN A 75 9.76 -16.21 -3.63
C ASN A 75 8.50 -16.93 -3.21
N VAL A 76 7.39 -16.48 -3.78
CA VAL A 76 6.07 -17.06 -3.64
C VAL A 76 6.12 -18.45 -4.29
N PRO A 77 5.39 -19.45 -3.76
CA PRO A 77 5.23 -20.75 -4.38
C PRO A 77 4.39 -20.63 -5.65
N SER A 78 4.09 -21.76 -6.27
CA SER A 78 3.38 -21.85 -7.55
C SER A 78 1.98 -21.24 -7.51
N ASP A 79 1.46 -21.01 -6.31
CA ASP A 79 0.15 -20.54 -5.92
C ASP A 79 -0.33 -19.38 -6.79
N ASP A 80 0.55 -18.43 -7.02
CA ASP A 80 0.24 -17.24 -7.81
C ASP A 80 1.55 -16.67 -8.36
N PHE A 81 2.55 -17.51 -8.58
CA PHE A 81 3.89 -17.07 -8.98
C PHE A 81 3.83 -16.27 -10.29
N ASN A 82 3.15 -16.84 -11.28
CA ASN A 82 3.03 -16.30 -12.64
C ASN A 82 2.08 -15.09 -12.71
N THR A 83 1.52 -14.66 -11.59
CA THR A 83 0.46 -13.66 -11.57
C THR A 83 1.04 -12.24 -11.69
N THR A 84 0.29 -11.38 -12.38
CA THR A 84 0.61 -10.00 -12.68
C THR A 84 -0.66 -9.19 -12.43
N VAL A 85 -0.51 -7.98 -11.90
CA VAL A 85 -1.59 -7.05 -11.56
C VAL A 85 -1.65 -5.95 -12.61
N SER A 86 -2.84 -5.55 -13.04
CA SER A 86 -3.04 -4.33 -13.80
C SER A 86 -2.52 -3.17 -12.96
N GLY A 87 -1.59 -2.36 -13.48
CA GLY A 87 -1.11 -1.14 -12.86
C GLY A 87 -2.27 -0.24 -12.50
N GLU A 88 -3.28 -0.23 -13.37
CA GLU A 88 -4.49 0.51 -13.19
C GLU A 88 -5.18 0.03 -11.92
N ASP A 89 -5.60 -1.23 -11.88
CA ASP A 89 -6.40 -1.74 -10.77
C ASP A 89 -5.63 -1.72 -9.46
N SER A 90 -4.34 -2.07 -9.53
CA SER A 90 -3.47 -2.06 -8.35
C SER A 90 -3.28 -0.64 -7.76
N TRP A 91 -3.82 0.41 -8.40
CA TRP A 91 -4.02 1.75 -7.85
C TRP A 91 -5.51 2.02 -7.55
N LYS A 92 -6.43 1.61 -8.43
CA LYS A 92 -7.88 1.83 -8.30
C LYS A 92 -8.45 1.17 -7.04
N THR A 93 -8.26 -0.14 -6.83
CA THR A 93 -8.80 -0.81 -5.65
C THR A 93 -8.23 -0.14 -4.39
N LEU A 94 -6.91 0.05 -4.40
CA LEU A 94 -6.13 0.58 -3.30
C LEU A 94 -6.71 1.89 -2.80
N THR A 95 -6.94 2.86 -3.68
CA THR A 95 -7.41 4.19 -3.28
C THR A 95 -8.85 4.13 -2.73
N SER A 96 -9.74 3.39 -3.40
CA SER A 96 -11.11 3.19 -3.00
C SER A 96 -11.19 2.63 -1.59
N LYS A 97 -10.39 1.61 -1.29
CA LYS A 97 -10.41 0.87 -0.03
C LYS A 97 -9.78 1.64 1.15
N LEU A 98 -9.47 2.93 1.00
CA LEU A 98 -8.85 3.76 2.03
C LEU A 98 -9.74 4.91 2.47
N LYS A 99 -10.42 5.59 1.55
CA LYS A 99 -11.13 6.82 1.87
C LYS A 99 -12.23 6.55 2.90
N GLU A 100 -12.75 5.32 2.89
CA GLU A 100 -13.73 4.76 3.80
C GLU A 100 -13.40 5.13 5.25
N LYS A 101 -12.28 4.63 5.76
CA LYS A 101 -11.83 4.81 7.14
C LYS A 101 -11.15 6.15 7.39
N GLY A 102 -11.12 7.05 6.40
CA GLY A 102 -10.39 8.31 6.49
C GLY A 102 -8.89 8.03 6.47
N LEU A 103 -8.39 7.54 5.34
CA LEU A 103 -7.00 7.14 5.15
C LEU A 103 -6.37 7.74 3.90
N VAL A 104 -7.01 8.68 3.21
CA VAL A 104 -6.36 9.54 2.23
C VAL A 104 -7.04 10.90 2.21
N THR A 105 -6.34 11.93 1.73
CA THR A 105 -6.90 13.27 1.60
C THR A 105 -7.38 13.51 0.17
N ASP A 106 -8.33 14.42 -0.02
CA ASP A 106 -8.94 14.68 -1.32
C ASP A 106 -7.89 15.26 -2.26
N GLY A 107 -7.57 14.53 -3.33
CA GLY A 107 -6.57 14.93 -4.30
C GLY A 107 -5.14 14.43 -4.03
N GLN A 108 -4.87 13.61 -3.02
CA GLN A 108 -3.52 13.07 -2.78
C GLN A 108 -3.04 12.26 -3.98
N THR A 109 -1.74 12.29 -4.27
CA THR A 109 -1.15 11.64 -5.43
C THR A 109 -0.44 10.39 -4.92
N VAL A 110 -1.19 9.30 -4.77
CA VAL A 110 -0.57 8.01 -4.52
C VAL A 110 0.18 7.67 -5.81
N THR A 111 1.49 7.51 -5.73
CA THR A 111 2.30 7.06 -6.86
C THR A 111 2.93 5.71 -6.46
N ILE A 112 2.88 4.76 -7.38
CA ILE A 112 3.30 3.36 -7.20
C ILE A 112 4.41 3.10 -8.22
N HIS A 113 5.61 2.71 -7.80
CA HIS A 113 6.66 2.27 -8.70
C HIS A 113 6.71 0.74 -8.71
N CYS A 114 7.18 0.18 -9.82
CA CYS A 114 7.60 -1.20 -9.93
C CYS A 114 9.09 -1.21 -10.26
N ASN A 115 9.75 -2.28 -9.85
CA ASN A 115 11.19 -2.45 -9.96
C ASN A 115 11.41 -3.90 -10.44
N ASP A 116 11.02 -4.20 -11.69
CA ASP A 116 11.15 -5.55 -12.22
C ASP A 116 12.65 -5.84 -12.40
N LYS A 117 13.03 -7.11 -12.21
CA LYS A 117 14.37 -7.63 -12.51
C LYS A 117 14.21 -8.85 -13.40
N SER A 118 13.71 -8.64 -14.60
CA SER A 118 13.70 -9.65 -15.65
C SER A 118 14.37 -9.12 -16.92
N ASP A 119 14.10 -7.87 -17.29
CA ASP A 119 14.52 -7.29 -18.57
C ASP A 119 14.84 -5.80 -18.47
N ASN A 120 15.33 -5.39 -17.30
CA ASN A 120 15.74 -4.03 -16.99
C ASN A 120 14.58 -3.04 -17.22
N THR A 121 13.43 -3.32 -16.61
CA THR A 121 12.17 -2.61 -16.75
C THR A 121 11.76 -2.00 -15.41
N LYS A 122 11.46 -0.69 -15.41
CA LYS A 122 11.12 0.10 -14.24
C LYS A 122 10.14 1.17 -14.68
N SER A 123 8.87 1.00 -14.31
CA SER A 123 7.81 1.98 -14.56
C SER A 123 6.98 2.18 -13.30
N SER A 124 5.97 3.05 -13.36
CA SER A 124 5.28 3.61 -12.20
C SER A 124 3.93 4.16 -12.64
N VAL A 125 2.95 4.30 -11.72
CA VAL A 125 1.63 4.81 -12.05
C VAL A 125 1.18 5.78 -10.95
N SER A 126 0.22 6.66 -11.25
CA SER A 126 -0.38 7.58 -10.29
C SER A 126 -1.67 8.17 -10.84
N GLY A 127 -2.58 8.50 -9.93
CA GLY A 127 -3.81 9.24 -10.20
C GLY A 127 -3.94 10.39 -9.21
N LYS A 128 -5.16 10.75 -8.79
CA LYS A 128 -5.42 11.41 -7.50
C LYS A 128 -6.66 10.79 -6.88
N VAL A 129 -6.85 10.99 -5.58
CA VAL A 129 -7.96 10.41 -4.83
C VAL A 129 -9.27 10.84 -5.49
N GLY A 130 -10.01 9.86 -6.00
CA GLY A 130 -11.32 10.05 -6.61
C GLY A 130 -11.24 10.29 -8.11
N ALA A 131 -10.14 10.89 -8.59
CA ALA A 131 -9.79 10.95 -9.99
C ALA A 131 -9.38 9.56 -10.48
N ASP A 132 -8.84 9.50 -11.70
CA ASP A 132 -8.25 8.32 -12.29
C ASP A 132 -6.77 8.60 -12.59
N LEU A 133 -6.11 7.69 -13.28
CA LEU A 133 -4.67 7.61 -13.46
C LEU A 133 -4.18 8.63 -14.50
N THR A 134 -3.70 9.77 -14.03
CA THR A 134 -2.97 10.72 -14.87
C THR A 134 -1.73 10.06 -15.49
N SER A 135 -1.14 9.06 -14.80
CA SER A 135 0.05 8.33 -15.18
C SER A 135 -0.24 6.83 -15.14
N GLY A 136 -0.35 6.19 -16.29
CA GLY A 136 -0.30 4.75 -16.44
C GLY A 136 -1.48 4.35 -17.31
N ASN A 137 -2.58 4.14 -16.60
CA ASN A 137 -3.92 3.87 -17.11
C ASN A 137 -3.94 2.87 -18.26
N GLY A 138 -3.28 1.73 -18.03
CA GLY A 138 -3.15 0.64 -19.01
C GLY A 138 -1.89 -0.21 -18.86
N THR A 139 -1.28 -0.24 -17.68
CA THR A 139 -0.04 -0.96 -17.43
C THR A 139 -0.36 -2.32 -16.77
N THR A 140 0.58 -3.27 -16.76
CA THR A 140 0.51 -4.46 -15.91
C THR A 140 1.93 -4.78 -15.43
N PHE A 141 2.11 -5.10 -14.15
CA PHE A 141 3.39 -5.44 -13.51
C PHE A 141 3.28 -6.76 -12.75
N LYS A 142 4.39 -7.46 -12.51
CA LYS A 142 4.29 -8.69 -11.71
C LYS A 142 4.05 -8.38 -10.26
N LYS A 143 3.24 -9.21 -9.61
CA LYS A 143 2.78 -8.97 -8.26
C LYS A 143 3.89 -9.26 -7.22
N ARG A 144 5.10 -9.61 -7.68
CA ARG A 144 6.30 -9.83 -6.87
C ARG A 144 7.26 -8.63 -6.90
N PHE A 145 7.05 -7.61 -7.74
CA PHE A 145 8.07 -6.60 -8.05
C PHE A 145 7.61 -5.15 -7.75
N ILE A 146 6.47 -4.93 -7.10
CA ILE A 146 5.88 -3.61 -6.92
C ILE A 146 6.05 -3.31 -5.44
N ASP A 147 7.23 -2.77 -5.12
CA ASP A 147 7.72 -2.64 -3.75
C ASP A 147 7.91 -1.18 -3.31
N LYS A 148 7.84 -0.20 -4.22
CA LYS A 148 8.00 1.22 -3.89
C LYS A 148 6.70 1.97 -4.05
N ILE A 149 6.20 2.59 -2.99
CA ILE A 149 4.93 3.33 -3.02
C ILE A 149 5.10 4.60 -2.18
N THR A 150 4.49 5.70 -2.61
CA THR A 150 4.66 7.04 -2.02
C THR A 150 3.35 7.82 -2.20
N ILE A 151 3.07 8.80 -1.33
CA ILE A 151 1.81 9.54 -1.26
C ILE A 151 2.12 11.04 -1.23
N ASP A 152 1.47 11.81 -2.09
CA ASP A 152 1.73 13.25 -2.28
C ASP A 152 0.48 14.10 -2.13
#